data_8OHA
#
_entry.id   8OHA
#
_cell.length_a   79.804
_cell.length_b   82.039
_cell.length_c   123.182
_cell.angle_alpha   94.02
_cell.angle_beta   95.15
_cell.angle_gamma   112.52
#
_symmetry.space_group_name_H-M   'P 1'
#
loop_
_entity.id
_entity.type
_entity.pdbx_description
1 polymer 'Glyceraldehyde-3-phosphate dehydrogenase'
2 polymer 'Glyceraldehyde-3-phosphate dehydrogenase'
3 non-polymer DI(HYDROXYETHYL)ETHER
4 non-polymer GLYCEROL
5 non-polymer 'PHOSPHATE ION'
6 non-polymer NICOTINAMIDE-ADENINE-DINUCLEOTIDE
7 water water
#
loop_
_entity_poly.entity_id
_entity_poly.type
_entity_poly.pdbx_seq_one_letter_code
_entity_poly.pdbx_strand_id
1 'polypeptide(L)'
;GAMTRIAINGFGRIGRLVFRAGIKDPNLEFVAINDLVTPDNLAYLLKYDSTHGRFQGTVEHTEKELIVDGKKILCVSERD
PEKLPWKDLKVDYVIESTGLFTDRVGAEKHIKAGAKKVVISAPAKDKDIPTFVMGVNNEKYNPSNDHIVSNAS(CSD)TT
NCLAPIVKVVLDNWGIEEGLMTTIHATTATQPTVDGPSKKDFRGGRGAMQNIIPASTGAAKAVGLCIPEVNGKLTGMSFR
VPTPDVSVVDLTVRTTKETSLKEISAKMKAASEGAMKGILGYTEDMVVSNDFVSSTLSSIFDMDACIELNSRFFKLVSWY
DNEMGYSNRVLDLIRYMAKKG
;
A,B,C,D,F,G,H
2 'polypeptide(L)'
;GAMTRIAINGFGRIGRLVFRAGIKDPNLEFVAINDLVTPDNLAYLLKYDSTHGRFQGTVEHTEKELIVDGKKILCVSERD
PEKLPWKDLKVDYVIESTGLFTDRVGAEKHIKAGAKKVVISAPAKDKDIPTFVMGVNNEKYNPSNDHIVSNASCTTNCLA
PIVKVVLDNWGIEEGLMTTIHATTATQPTVDGPSKKDFRGGRGAMQNIIPASTGAAKAVGLCIPEVNGKLTGMSFRVPTP
DVSVVDLTVRTTKETSLKEISAKMKAASEGAMKGILGYTEDMVVSNDFVSSTLSSIFDMDACIELNSRFFKLVSWYDNEM
GYSNRVLDLIRYMAKKG
;
E
#
# COMPACT_ATOMS: atom_id res chain seq x y z
N MET A 3 -7.82 48.00 28.91
CA MET A 3 -7.84 46.68 29.50
C MET A 3 -9.28 46.30 29.80
N THR A 4 -9.72 45.13 29.36
CA THR A 4 -11.09 44.67 29.57
C THR A 4 -11.25 43.88 30.86
N ARG A 5 -12.23 44.28 31.69
CA ARG A 5 -12.43 43.69 33.01
C ARG A 5 -13.43 42.54 32.89
N ILE A 6 -13.01 41.36 33.35
CA ILE A 6 -13.77 40.14 33.18
C ILE A 6 -13.99 39.54 34.56
N ALA A 7 -15.21 39.05 34.81
CA ALA A 7 -15.51 38.26 36.00
C ALA A 7 -16.01 36.86 35.59
N ILE A 8 -15.68 35.85 36.39
CA ILE A 8 -16.04 34.47 36.10
C ILE A 8 -17.04 34.02 37.16
N ASN A 9 -18.22 33.59 36.72
CA ASN A 9 -19.23 33.00 37.60
C ASN A 9 -19.28 31.49 37.35
N GLY A 10 -18.76 30.71 38.31
CA GLY A 10 -18.64 29.28 38.14
C GLY A 10 -17.23 28.92 37.73
N PHE A 11 -16.37 28.63 38.71
CA PHE A 11 -14.96 28.31 38.47
C PHE A 11 -14.76 26.82 38.23
N GLY A 12 -15.52 26.25 37.29
CA GLY A 12 -15.51 24.83 36.99
C GLY A 12 -14.52 24.47 35.92
N ARG A 13 -14.81 23.37 35.22
CA ARG A 13 -13.96 22.95 34.11
C ARG A 13 -13.79 24.10 33.12
N ILE A 14 -14.91 24.70 32.69
CA ILE A 14 -14.80 25.80 31.73
C ILE A 14 -14.23 27.05 32.39
N GLY A 15 -14.74 27.41 33.58
CA GLY A 15 -14.29 28.65 34.20
C GLY A 15 -12.79 28.71 34.43
N ARG A 16 -12.24 27.61 34.96
CA ARG A 16 -10.81 27.52 35.20
C ARG A 16 -10.01 27.51 33.89
N LEU A 17 -10.56 26.91 32.84
CA LEU A 17 -9.81 26.88 31.59
C LEU A 17 -9.84 28.23 30.86
N VAL A 18 -10.97 28.94 30.84
CA VAL A 18 -10.92 30.31 30.32
C VAL A 18 -9.94 31.14 31.14
N PHE A 19 -9.92 30.96 32.47
CA PHE A 19 -8.98 31.71 33.32
C PHE A 19 -7.54 31.36 32.99
N ARG A 20 -7.25 30.07 32.84
CA ARG A 20 -5.89 29.63 32.50
C ARG A 20 -5.47 30.19 31.16
N ALA A 21 -6.37 30.16 30.17
CA ALA A 21 -6.06 30.65 28.82
C ALA A 21 -5.93 32.16 28.80
N GLY A 22 -6.69 32.85 29.65
CA GLY A 22 -6.80 34.31 29.57
C GLY A 22 -5.84 35.10 30.44
N ILE A 23 -5.37 34.51 31.54
CA ILE A 23 -4.45 35.20 32.45
C ILE A 23 -3.16 35.56 31.73
N LYS A 24 -2.89 34.91 30.60
CA LYS A 24 -1.71 35.17 29.78
C LYS A 24 -1.82 36.47 28.98
N ASP A 25 -3.03 36.99 28.78
CA ASP A 25 -3.26 38.12 27.88
C ASP A 25 -3.20 39.46 28.60
N PRO A 26 -2.27 40.35 28.25
CA PRO A 26 -2.22 41.66 28.92
C PRO A 26 -3.40 42.54 28.61
N ASN A 27 -4.14 42.23 27.55
CA ASN A 27 -5.32 43.02 27.18
C ASN A 27 -6.53 42.72 28.05
N LEU A 28 -6.51 41.61 28.76
CA LEU A 28 -7.61 41.21 29.62
C LEU A 28 -7.22 41.42 31.07
N GLU A 29 -8.23 41.74 31.90
CA GLU A 29 -8.06 41.82 33.35
C GLU A 29 -9.19 41.06 34.04
N PHE A 30 -8.85 39.94 34.67
CA PHE A 30 -9.80 39.23 35.52
C PHE A 30 -9.84 39.89 36.89
N VAL A 31 -11.05 40.31 37.29
CA VAL A 31 -11.24 41.08 38.50
C VAL A 31 -11.93 40.30 39.61
N ALA A 32 -12.71 39.26 39.29
CA ALA A 32 -13.40 38.49 40.32
C ALA A 32 -13.70 37.07 39.84
N ILE A 33 -13.78 36.16 40.81
CA ILE A 33 -14.22 34.80 40.58
C ILE A 33 -15.29 34.51 41.62
N ASN A 34 -16.39 33.93 41.17
CA ASN A 34 -17.49 33.57 42.05
C ASN A 34 -17.71 32.07 41.97
N ASP A 35 -17.80 31.43 43.12
CA ASP A 35 -18.09 30.01 43.18
C ASP A 35 -18.59 29.71 44.59
N LEU A 36 -18.97 28.46 44.86
CA LEU A 36 -19.59 28.05 46.14
C LEU A 36 -18.54 27.52 47.10
N VAL A 37 -17.27 27.77 46.80
CA VAL A 37 -16.18 27.26 47.67
C VAL A 37 -15.19 28.37 48.02
N THR A 38 -14.35 28.12 49.01
CA THR A 38 -13.36 29.10 49.50
C THR A 38 -12.19 29.24 48.52
N PRO A 39 -11.47 30.38 48.54
CA PRO A 39 -10.35 30.59 47.65
C PRO A 39 -9.30 29.46 47.74
N ASP A 40 -9.18 28.83 48.90
CA ASP A 40 -8.21 27.72 49.07
C ASP A 40 -8.49 26.61 48.05
N ASN A 41 -9.74 26.19 47.91
CA ASN A 41 -10.12 25.08 47.00
C ASN A 41 -10.03 25.58 45.55
N LEU A 42 -10.31 26.85 45.35
CA LEU A 42 -10.25 27.42 43.99
C LEU A 42 -8.78 27.46 43.58
N ALA A 43 -7.89 27.81 44.51
CA ALA A 43 -6.46 27.82 44.24
C ALA A 43 -5.92 26.42 43.99
N TYR A 44 -6.39 25.44 44.75
CA TYR A 44 -6.01 24.04 44.52
C TYR A 44 -6.46 23.56 43.12
N LEU A 45 -7.72 23.82 42.78
CA LEU A 45 -8.23 23.37 41.49
C LEU A 45 -7.56 24.09 40.33
N LEU A 46 -7.12 25.34 40.55
CA LEU A 46 -6.41 26.01 39.48
C LEU A 46 -5.04 25.39 39.22
N LYS A 47 -4.24 25.15 40.27
CA LYS A 47 -2.90 24.67 39.96
C LYS A 47 -2.88 23.23 39.49
N TYR A 48 -3.77 22.37 39.99
CA TYR A 48 -3.73 20.95 39.64
C TYR A 48 -4.90 20.62 38.73
N ASP A 49 -4.62 20.08 37.55
CA ASP A 49 -5.66 19.70 36.59
C ASP A 49 -5.38 18.28 36.10
N SER A 50 -6.30 17.36 36.39
CA SER A 50 -6.12 15.95 36.03
C SER A 50 -6.03 15.76 34.54
N THR A 51 -6.53 16.72 33.78
CA THR A 51 -6.58 16.63 32.33
C THR A 51 -5.55 17.50 31.66
N HIS A 52 -5.36 18.74 32.12
CA HIS A 52 -4.51 19.67 31.40
C HIS A 52 -3.22 20.00 32.13
N GLY A 53 -2.90 19.26 33.22
CA GLY A 53 -1.61 19.40 33.88
C GLY A 53 -1.58 20.56 34.86
N ARG A 54 -0.41 20.78 35.44
CA ARG A 54 -0.27 21.80 36.47
C ARG A 54 -0.28 23.20 35.87
N PHE A 55 -0.83 24.14 36.62
CA PHE A 55 -0.79 25.52 36.18
C PHE A 55 0.64 25.98 36.05
N GLN A 56 0.98 26.51 34.87
CA GLN A 56 2.35 26.95 34.58
C GLN A 56 2.49 28.39 35.11
N GLY A 57 2.69 28.49 36.41
CA GLY A 57 2.80 29.77 37.10
C GLY A 57 2.62 29.59 38.59
N THR A 58 2.64 30.71 39.29
CA THR A 58 2.48 30.75 40.74
C THR A 58 1.04 31.03 41.15
N VAL A 59 0.55 30.27 42.13
CA VAL A 59 -0.80 30.40 42.66
C VAL A 59 -0.73 30.49 44.17
N GLU A 60 -1.33 31.56 44.70
CA GLU A 60 -1.43 31.79 46.13
C GLU A 60 -2.88 32.12 46.42
N HIS A 61 -3.24 32.16 47.69
CA HIS A 61 -4.61 32.51 48.06
C HIS A 61 -4.62 33.21 49.42
N THR A 62 -5.66 34.00 49.61
CA THR A 62 -6.01 34.67 50.85
C THR A 62 -7.42 34.25 51.26
N GLU A 63 -7.90 34.76 52.38
CA GLU A 63 -9.29 34.50 52.72
C GLU A 63 -10.22 35.12 51.71
N LYS A 64 -9.75 36.13 50.98
CA LYS A 64 -10.64 36.91 50.13
C LYS A 64 -10.19 36.95 48.66
N GLU A 65 -9.07 36.32 48.31
CA GLU A 65 -8.61 36.43 46.94
C GLU A 65 -7.66 35.30 46.56
N LEU A 66 -7.51 35.12 45.24
CA LEU A 66 -6.46 34.34 44.61
C LEU A 66 -5.34 35.30 44.21
N ILE A 67 -4.12 34.80 44.19
CA ILE A 67 -2.97 35.58 43.74
C ILE A 67 -2.24 34.75 42.71
N VAL A 68 -2.47 35.06 41.44
CA VAL A 68 -1.95 34.27 40.33
C VAL A 68 -0.91 35.12 39.64
N ASP A 69 0.35 34.67 39.70
CA ASP A 69 1.45 35.38 39.07
C ASP A 69 1.52 36.83 39.56
N GLY A 70 1.25 37.02 40.85
CA GLY A 70 1.29 38.33 41.45
C GLY A 70 0.01 39.14 41.31
N LYS A 71 -0.80 38.85 40.28
CA LYS A 71 -2.04 39.57 40.04
C LYS A 71 -3.09 39.13 41.04
N LYS A 72 -3.82 40.08 41.62
CA LYS A 72 -4.84 39.74 42.61
C LYS A 72 -6.22 39.70 41.97
N ILE A 73 -6.95 38.63 42.28
CA ILE A 73 -8.32 38.45 41.79
C ILE A 73 -9.21 38.23 43.01
N LEU A 74 -10.28 39.00 43.08
CA LEU A 74 -11.22 38.85 44.17
C LEU A 74 -11.99 37.53 44.07
N CYS A 75 -12.17 36.87 45.20
CA CYS A 75 -12.94 35.63 45.26
C CYS A 75 -14.17 35.87 46.13
N VAL A 76 -15.35 35.68 45.56
CA VAL A 76 -16.59 35.81 46.31
C VAL A 76 -17.34 34.50 46.21
N SER A 77 -18.31 34.33 47.11
CA SER A 77 -19.12 33.12 47.16
C SER A 77 -20.58 33.48 47.42
N GLU A 78 -21.32 33.72 46.36
CA GLU A 78 -22.72 34.10 46.45
C GLU A 78 -23.52 33.25 45.47
N ARG A 79 -24.51 32.52 46.00
CA ARG A 79 -25.32 31.67 45.13
C ARG A 79 -26.14 32.50 44.15
N ASP A 80 -26.66 33.66 44.59
CA ASP A 80 -27.50 34.51 43.75
C ASP A 80 -26.67 35.56 43.02
N PRO A 81 -26.62 35.56 41.67
CA PRO A 81 -25.80 36.55 40.96
C PRO A 81 -26.19 37.98 41.27
N GLU A 82 -27.45 38.27 41.61
CA GLU A 82 -27.85 39.65 41.88
C GLU A 82 -27.08 40.27 43.04
N LYS A 83 -26.65 39.45 44.01
CA LYS A 83 -25.89 39.93 45.15
C LYS A 83 -24.40 40.00 44.88
N LEU A 84 -24.02 39.98 43.69
CA LEU A 84 -22.60 40.04 43.33
C LEU A 84 -22.16 41.50 43.19
N PRO A 85 -20.91 41.85 43.53
CA PRO A 85 -20.47 43.25 43.48
C PRO A 85 -19.99 43.70 42.11
N TRP A 86 -20.80 43.48 41.07
CA TRP A 86 -20.34 43.76 39.71
C TRP A 86 -20.20 45.26 39.45
N LYS A 87 -21.13 46.06 39.97
CA LYS A 87 -21.03 47.50 39.82
C LYS A 87 -19.79 48.07 40.50
N ASP A 88 -19.52 47.69 41.76
CA ASP A 88 -18.31 48.17 42.43
C ASP A 88 -17.04 47.75 41.70
N LEU A 89 -17.00 46.54 41.19
CA LEU A 89 -15.84 46.14 40.40
C LEU A 89 -15.96 46.59 38.95
N LYS A 90 -17.08 47.15 38.54
CA LYS A 90 -17.24 47.68 37.18
C LYS A 90 -16.83 46.64 36.15
N VAL A 91 -17.49 45.50 36.26
CA VAL A 91 -17.21 44.39 35.36
C VAL A 91 -17.77 44.68 33.99
N ASP A 92 -16.90 44.61 32.98
CA ASP A 92 -17.37 44.70 31.59
C ASP A 92 -18.06 43.40 31.17
N TYR A 93 -17.40 42.25 31.36
CA TYR A 93 -17.91 40.96 30.90
C TYR A 93 -17.97 39.95 32.04
N VAL A 94 -19.10 39.26 32.15
CA VAL A 94 -19.23 38.15 33.09
C VAL A 94 -19.38 36.88 32.27
N ILE A 95 -18.49 35.92 32.54
CA ILE A 95 -18.58 34.60 31.93
C ILE A 95 -19.50 33.76 32.81
N GLU A 96 -20.71 33.47 32.32
CA GLU A 96 -21.63 32.65 33.07
C GLU A 96 -21.34 31.18 32.77
N SER A 97 -20.64 30.50 33.70
CA SER A 97 -20.18 29.14 33.48
C SER A 97 -20.56 28.22 34.63
N THR A 98 -21.65 28.53 35.32
CA THR A 98 -22.20 27.63 36.33
C THR A 98 -23.13 26.57 35.74
N GLY A 99 -23.72 26.82 34.58
CA GLY A 99 -24.73 25.93 34.06
C GLY A 99 -26.13 26.14 34.61
N LEU A 100 -26.33 27.09 35.52
CA LEU A 100 -27.62 27.29 36.17
C LEU A 100 -28.35 28.54 35.73
N PHE A 101 -27.76 29.37 34.87
CA PHE A 101 -28.35 30.64 34.47
C PHE A 101 -28.27 30.80 32.96
N THR A 102 -28.74 29.79 32.24
CA THR A 102 -28.70 29.82 30.79
C THR A 102 -29.97 30.42 30.19
N ASP A 103 -30.92 30.79 31.02
CA ASP A 103 -32.09 31.55 30.60
C ASP A 103 -31.88 33.04 30.85
N ARG A 104 -32.71 33.87 30.20
CA ARG A 104 -32.51 35.31 30.27
C ARG A 104 -32.79 35.85 31.68
N VAL A 105 -33.86 35.37 32.32
CA VAL A 105 -34.17 35.85 33.67
C VAL A 105 -33.00 35.59 34.64
N GLY A 106 -32.35 34.43 34.54
CA GLY A 106 -31.22 34.16 35.40
C GLY A 106 -29.98 34.93 34.98
N ALA A 107 -29.67 34.90 33.69
CA ALA A 107 -28.53 35.66 33.18
C ALA A 107 -28.73 37.16 33.29
N GLU A 108 -29.99 37.67 33.30
CA GLU A 108 -30.18 39.11 33.50
C GLU A 108 -29.74 39.56 34.88
N LYS A 109 -29.60 38.63 35.82
CA LYS A 109 -29.21 39.00 37.18
C LYS A 109 -27.82 39.61 37.23
N HIS A 110 -26.94 39.18 36.32
CA HIS A 110 -25.60 39.76 36.30
C HIS A 110 -25.62 41.22 35.86
N ILE A 111 -26.50 41.57 34.93
CA ILE A 111 -26.58 42.97 34.53
C ILE A 111 -27.17 43.81 35.64
N LYS A 112 -28.16 43.28 36.36
CA LYS A 112 -28.68 43.98 37.52
C LYS A 112 -27.60 44.22 38.55
N ALA A 113 -26.63 43.32 38.65
CA ALA A 113 -25.55 43.48 39.62
C ALA A 113 -24.53 44.52 39.18
N GLY A 114 -24.54 44.93 37.92
CA GLY A 114 -23.65 45.99 37.47
C GLY A 114 -22.80 45.62 36.28
N ALA A 115 -22.85 44.35 35.86
CA ALA A 115 -22.06 43.88 34.73
C ALA A 115 -22.61 44.46 33.44
N LYS A 116 -21.73 44.75 32.48
CA LYS A 116 -22.13 45.35 31.21
C LYS A 116 -22.54 44.30 30.19
N LYS A 117 -21.84 43.18 30.14
CA LYS A 117 -22.09 42.13 29.18
C LYS A 117 -22.05 40.79 29.92
N VAL A 118 -22.87 39.85 29.46
CA VAL A 118 -22.91 38.52 30.04
C VAL A 118 -22.69 37.52 28.91
N VAL A 119 -21.70 36.66 29.07
CA VAL A 119 -21.44 35.59 28.12
C VAL A 119 -21.80 34.27 28.79
N ILE A 120 -22.84 33.61 28.28
CA ILE A 120 -23.27 32.31 28.77
C ILE A 120 -22.44 31.26 28.04
N SER A 121 -21.72 30.44 28.79
CA SER A 121 -20.85 29.41 28.23
C SER A 121 -21.62 28.12 27.95
N ALA A 122 -22.77 28.25 27.32
CA ALA A 122 -23.66 27.13 27.03
C ALA A 122 -24.78 27.61 26.12
N PRO A 123 -25.51 26.70 25.46
CA PRO A 123 -26.71 27.11 24.75
C PRO A 123 -27.71 27.76 25.71
N ALA A 124 -28.35 28.82 25.22
CA ALA A 124 -29.37 29.52 25.99
C ALA A 124 -30.70 28.76 25.97
N LYS A 125 -31.44 28.83 27.08
CA LYS A 125 -32.78 28.22 27.12
C LYS A 125 -33.83 29.08 26.42
N ASP A 126 -33.57 30.36 26.17
CA ASP A 126 -34.52 31.25 25.51
C ASP A 126 -34.07 31.61 24.09
N LYS A 127 -35.01 31.61 23.15
CA LYS A 127 -34.64 31.88 21.77
C LYS A 127 -34.23 33.34 21.56
N ASP A 128 -34.58 34.26 22.47
CA ASP A 128 -34.24 35.68 22.31
C ASP A 128 -32.81 36.04 22.74
N ILE A 129 -31.96 35.07 23.08
CA ILE A 129 -30.56 35.32 23.39
C ILE A 129 -29.73 34.92 22.16
N PRO A 130 -29.01 35.84 21.55
CA PRO A 130 -28.25 35.46 20.35
C PRO A 130 -27.13 34.49 20.66
N THR A 131 -26.91 33.57 19.73
CA THR A 131 -25.88 32.56 19.83
C THR A 131 -24.85 32.78 18.73
N PHE A 132 -23.58 32.71 19.12
CA PHE A 132 -22.48 32.97 18.21
C PHE A 132 -21.47 31.84 18.28
N VAL A 133 -20.96 31.50 17.09
CA VAL A 133 -19.84 30.60 16.91
C VAL A 133 -18.74 31.39 16.18
N MET A 134 -17.58 31.52 16.83
CA MET A 134 -16.48 32.22 16.20
C MET A 134 -16.14 31.57 14.87
N GLY A 135 -15.96 32.40 13.85
CA GLY A 135 -15.67 31.93 12.53
C GLY A 135 -16.86 31.47 11.73
N VAL A 136 -18.09 31.55 12.27
CA VAL A 136 -19.30 31.17 11.56
C VAL A 136 -20.29 32.33 11.48
N ASN A 137 -20.62 32.94 12.62
CA ASN A 137 -21.61 34.01 12.62
C ASN A 137 -21.31 35.12 13.61
N ASN A 138 -20.09 35.17 14.17
CA ASN A 138 -19.79 36.16 15.18
C ASN A 138 -19.84 37.57 14.62
N GLU A 139 -19.77 37.72 13.29
CA GLU A 139 -19.85 39.06 12.75
C GLU A 139 -21.27 39.61 12.83
N LYS A 140 -22.26 38.75 13.07
CA LYS A 140 -23.62 39.20 13.27
C LYS A 140 -23.86 39.79 14.67
N TYR A 141 -22.83 39.81 15.52
CA TYR A 141 -22.96 40.39 16.84
C TYR A 141 -23.19 41.90 16.75
N ASN A 142 -24.13 42.38 17.59
CA ASN A 142 -24.55 43.78 17.66
C ASN A 142 -24.08 44.41 18.96
N PRO A 143 -23.01 45.22 18.96
CA PRO A 143 -22.52 45.78 20.23
C PRO A 143 -23.54 46.65 20.93
N SER A 144 -24.42 47.32 20.18
CA SER A 144 -25.40 48.21 20.79
C SER A 144 -26.60 47.49 21.39
N ASN A 145 -26.86 46.24 21.00
CA ASN A 145 -28.06 45.56 21.48
C ASN A 145 -27.79 44.23 22.17
N ASP A 146 -26.73 43.50 21.82
CA ASP A 146 -26.52 42.14 22.37
C ASP A 146 -25.71 42.22 23.67
N HIS A 147 -26.42 42.35 24.80
CA HIS A 147 -25.78 42.46 26.11
C HIS A 147 -25.68 41.13 26.85
N ILE A 148 -26.53 40.18 26.49
CA ILE A 148 -26.45 38.81 26.97
C ILE A 148 -26.37 37.93 25.73
N VAL A 149 -25.28 37.16 25.61
CA VAL A 149 -25.03 36.32 24.46
C VAL A 149 -24.70 34.91 24.91
N SER A 150 -24.79 33.99 23.97
CA SER A 150 -24.44 32.61 24.21
C SER A 150 -23.33 32.21 23.26
N ASN A 151 -22.37 31.44 23.75
CA ASN A 151 -21.30 30.92 22.92
C ASN A 151 -21.60 29.52 22.39
N ALA A 152 -22.88 29.11 22.42
CA ALA A 152 -23.31 27.79 21.95
C ALA A 152 -22.72 26.65 22.79
N SER A 153 -22.62 25.44 22.21
CA SER A 153 -22.04 24.28 22.89
C SER A 153 -20.68 23.93 22.25
N THR A 155 -20.04 21.07 21.09
CA THR A 155 -20.34 20.33 19.88
C THR A 155 -20.74 21.27 18.74
N THR A 156 -21.56 22.26 19.05
CA THR A 156 -21.89 23.21 18.01
C THR A 156 -20.62 23.84 17.44
N ASN A 157 -19.69 24.20 18.31
CA ASN A 157 -18.48 24.84 17.85
C ASN A 157 -17.63 23.89 17.01
N CYS A 158 -17.80 22.57 17.17
CA CYS A 158 -17.08 21.58 16.37
C CYS A 158 -17.73 21.32 15.01
N LEU A 159 -19.06 21.17 15.02
CA LEU A 159 -19.86 20.84 13.86
C LEU A 159 -20.05 22.05 12.92
N ALA A 160 -20.33 23.25 13.46
CA ALA A 160 -20.70 24.36 12.57
C ALA A 160 -19.60 24.69 11.58
N PRO A 161 -18.31 24.80 11.97
CA PRO A 161 -17.28 25.09 10.97
C PRO A 161 -17.20 24.02 9.86
N ILE A 162 -17.37 22.75 10.19
CA ILE A 162 -17.38 21.71 9.14
C ILE A 162 -18.56 21.93 8.20
N VAL A 163 -19.75 22.13 8.78
CA VAL A 163 -20.96 22.38 7.99
C VAL A 163 -20.77 23.59 7.10
N LYS A 164 -20.15 24.65 7.63
CA LYS A 164 -19.99 25.87 6.86
C LYS A 164 -19.18 25.63 5.58
N VAL A 165 -18.04 24.93 5.68
CA VAL A 165 -17.24 24.62 4.48
C VAL A 165 -18.01 23.73 3.52
N VAL A 166 -18.70 22.71 4.02
CA VAL A 166 -19.43 21.86 3.09
C VAL A 166 -20.54 22.67 2.42
N LEU A 167 -21.29 23.41 3.23
CA LEU A 167 -22.43 24.18 2.71
C LEU A 167 -21.98 25.20 1.69
N ASP A 168 -20.89 25.90 1.97
CA ASP A 168 -20.43 26.95 1.08
C ASP A 168 -20.03 26.43 -0.28
N ASN A 169 -19.59 25.18 -0.36
CA ASN A 169 -19.02 24.66 -1.58
C ASN A 169 -19.91 23.69 -2.33
N TRP A 170 -20.73 22.90 -1.65
CA TRP A 170 -21.52 21.93 -2.39
C TRP A 170 -22.97 21.87 -1.98
N GLY A 171 -23.40 22.68 -1.02
CA GLY A 171 -24.75 22.64 -0.52
C GLY A 171 -24.94 21.42 0.35
N ILE A 172 -26.01 21.44 1.14
CA ILE A 172 -26.41 20.33 1.99
C ILE A 172 -27.89 20.11 1.78
N GLU A 173 -28.26 18.90 1.38
CA GLU A 173 -29.67 18.54 1.36
C GLU A 173 -30.13 17.99 2.71
N GLU A 174 -29.35 17.10 3.29
CA GLU A 174 -29.71 16.49 4.56
C GLU A 174 -28.45 16.18 5.32
N GLY A 175 -28.57 16.15 6.64
CA GLY A 175 -27.47 15.82 7.49
C GLY A 175 -27.88 15.29 8.85
N LEU A 176 -27.28 14.17 9.26
CA LEU A 176 -27.45 13.55 10.57
C LEU A 176 -26.08 13.44 11.21
N MET A 177 -25.99 13.91 12.44
CA MET A 177 -24.73 13.97 13.14
C MET A 177 -24.78 13.07 14.37
N THR A 178 -23.65 12.45 14.67
CA THR A 178 -23.46 11.83 15.97
C THR A 178 -22.18 12.38 16.59
N THR A 179 -22.27 12.76 17.86
CA THR A 179 -21.07 13.06 18.63
C THR A 179 -20.81 11.90 19.60
N ILE A 180 -19.58 11.41 19.60
CA ILE A 180 -19.09 10.53 20.65
C ILE A 180 -18.38 11.43 21.64
N HIS A 181 -19.02 11.67 22.76
CA HIS A 181 -18.64 12.75 23.66
C HIS A 181 -18.05 12.20 24.97
N ALA A 182 -17.00 12.89 25.43
CA ALA A 182 -16.37 12.63 26.71
C ALA A 182 -17.33 12.88 27.85
N THR A 183 -17.08 12.18 28.97
CA THR A 183 -17.85 12.39 30.18
C THR A 183 -17.65 13.80 30.69
N THR A 184 -18.70 14.37 31.26
CA THR A 184 -18.60 15.70 31.86
C THR A 184 -19.14 15.63 33.28
N ALA A 185 -19.10 16.78 33.96
CA ALA A 185 -19.50 16.86 35.36
C ALA A 185 -20.97 16.61 35.62
N THR A 186 -21.84 16.74 34.62
CA THR A 186 -23.26 16.46 34.84
C THR A 186 -23.55 14.98 35.03
N GLN A 187 -22.60 14.09 34.74
CA GLN A 187 -22.86 12.67 34.91
C GLN A 187 -22.22 12.16 36.20
N PRO A 188 -22.90 11.24 36.88
CA PRO A 188 -22.34 10.64 38.10
C PRO A 188 -21.39 9.50 37.78
N THR A 189 -20.62 9.15 38.80
CA THR A 189 -19.69 8.04 38.68
C THR A 189 -20.41 6.70 38.70
N VAL A 190 -21.55 6.61 39.40
CA VAL A 190 -22.33 5.38 39.51
C VAL A 190 -23.80 5.68 39.36
N ASP A 191 -24.59 4.64 39.06
CA ASP A 191 -25.99 4.82 38.72
C ASP A 191 -26.66 5.67 39.78
N GLY A 192 -27.35 6.72 39.32
CA GLY A 192 -28.05 7.64 40.18
C GLY A 192 -29.22 8.35 39.53
N PRO A 193 -29.92 9.16 40.33
CA PRO A 193 -31.14 9.85 39.87
C PRO A 193 -30.84 10.89 38.79
N SER A 194 -31.85 11.17 37.99
CA SER A 194 -31.66 12.14 36.91
C SER A 194 -33.05 12.57 36.44
N LYS A 195 -33.50 13.74 36.91
CA LYS A 195 -34.88 14.15 36.79
C LYS A 195 -35.38 14.14 35.35
N LYS A 196 -34.58 14.64 34.40
CA LYS A 196 -35.13 14.83 33.07
C LYS A 196 -34.38 14.04 31.99
N ASP A 197 -33.42 13.20 32.37
CA ASP A 197 -32.85 12.24 31.43
C ASP A 197 -32.33 11.07 32.26
N PHE A 198 -33.11 9.99 32.29
CA PHE A 198 -32.78 8.82 33.11
C PHE A 198 -31.42 8.24 32.74
N ARG A 199 -31.12 8.15 31.45
CA ARG A 199 -29.83 7.60 31.02
C ARG A 199 -28.67 8.43 31.56
N GLY A 200 -28.84 9.74 31.64
CA GLY A 200 -27.79 10.63 32.10
C GLY A 200 -27.35 10.38 33.52
N GLY A 201 -28.17 9.69 34.30
CA GLY A 201 -27.80 9.31 35.65
C GLY A 201 -27.07 8.00 35.77
N ARG A 202 -26.94 7.23 34.68
CA ARG A 202 -26.26 5.95 34.73
C ARG A 202 -24.75 6.15 34.85
N GLY A 203 -24.06 5.19 35.45
CA GLY A 203 -22.65 5.36 35.77
C GLY A 203 -21.82 5.71 34.55
N ALA A 204 -21.10 6.82 34.59
CA ALA A 204 -20.37 7.18 33.38
C ALA A 204 -19.11 6.36 33.20
N MET A 205 -18.57 5.76 34.26
CA MET A 205 -17.36 4.95 34.12
C MET A 205 -17.63 3.65 33.39
N GLN A 206 -18.88 3.17 33.40
CA GLN A 206 -19.18 1.83 32.92
C GLN A 206 -19.79 1.79 31.51
N ASN A 207 -20.47 2.85 31.05
CA ASN A 207 -21.46 2.68 29.99
C ASN A 207 -21.16 3.56 28.78
N ILE A 208 -21.61 3.08 27.62
CA ILE A 208 -21.91 3.98 26.51
C ILE A 208 -23.35 4.47 26.73
N ILE A 209 -23.53 5.79 26.73
CA ILE A 209 -24.81 6.35 27.18
C ILE A 209 -25.43 7.26 26.11
N PRO A 210 -26.53 6.86 25.47
CA PRO A 210 -27.17 7.78 24.52
C PRO A 210 -27.61 9.04 25.22
N ALA A 211 -27.44 10.17 24.53
CA ALA A 211 -27.75 11.47 25.09
C ALA A 211 -28.34 12.38 24.02
N SER A 212 -29.14 13.34 24.44
CA SER A 212 -29.62 14.35 23.53
C SER A 212 -28.58 15.43 23.38
N THR A 213 -28.56 16.02 22.20
CA THR A 213 -27.68 17.14 21.93
C THR A 213 -28.52 18.19 21.22
N GLY A 214 -28.29 19.45 21.54
CA GLY A 214 -28.90 20.52 20.78
C GLY A 214 -27.98 21.07 19.71
N ALA A 215 -26.85 20.43 19.48
CA ALA A 215 -25.84 21.01 18.60
C ALA A 215 -26.37 21.19 17.19
N ALA A 216 -27.17 20.23 16.70
CA ALA A 216 -27.57 20.26 15.29
C ALA A 216 -28.38 21.51 14.96
N LYS A 217 -29.51 21.70 15.62
CA LYS A 217 -30.31 22.88 15.37
C LYS A 217 -29.58 24.14 15.82
N ALA A 218 -28.86 24.08 16.93
CA ALA A 218 -28.08 25.25 17.30
C ALA A 218 -27.24 25.67 16.10
N VAL A 219 -26.69 24.69 15.38
CA VAL A 219 -26.01 24.98 14.13
C VAL A 219 -26.98 25.62 13.14
N GLY A 220 -28.26 25.19 13.15
CA GLY A 220 -29.28 25.86 12.35
C GLY A 220 -29.44 27.35 12.70
N LEU A 221 -29.18 27.71 13.97
CA LEU A 221 -29.19 29.10 14.38
C LEU A 221 -27.99 29.84 13.80
N CYS A 222 -26.80 29.26 13.95
CA CYS A 222 -25.60 29.90 13.47
C CYS A 222 -25.48 29.83 11.95
N ILE A 223 -25.98 28.75 11.35
CA ILE A 223 -25.94 28.59 9.87
C ILE A 223 -27.39 28.40 9.44
N PRO A 224 -28.15 29.49 9.26
CA PRO A 224 -29.58 29.37 8.95
C PRO A 224 -29.81 28.54 7.69
N GLU A 225 -28.87 28.59 6.76
CA GLU A 225 -29.01 27.88 5.47
C GLU A 225 -29.17 26.37 5.70
N VAL A 226 -28.84 25.88 6.89
CA VAL A 226 -28.88 24.42 7.15
C VAL A 226 -30.05 24.14 8.11
N ASN A 227 -30.80 25.18 8.45
CA ASN A 227 -31.96 25.02 9.35
C ASN A 227 -32.96 24.03 8.76
N GLY A 228 -33.49 23.16 9.59
CA GLY A 228 -34.42 22.14 9.18
C GLY A 228 -33.79 20.94 8.48
N LYS A 229 -32.49 20.98 8.18
CA LYS A 229 -31.85 19.92 7.41
C LYS A 229 -30.90 19.04 8.21
N LEU A 230 -30.71 19.30 9.49
CA LEU A 230 -29.75 18.55 10.30
C LEU A 230 -30.33 18.22 11.66
N THR A 231 -30.10 17.00 12.09
CA THR A 231 -30.40 16.64 13.44
C THR A 231 -29.20 15.84 13.92
N GLY A 232 -29.23 15.47 15.19
CA GLY A 232 -28.10 14.76 15.75
C GLY A 232 -28.43 14.17 17.10
N MET A 233 -27.53 13.30 17.56
CA MET A 233 -27.62 12.73 18.90
C MET A 233 -26.21 12.54 19.44
N SER A 234 -26.13 11.98 20.63
CA SER A 234 -24.85 11.87 21.30
C SER A 234 -24.75 10.52 21.99
N PHE A 235 -23.52 10.06 22.14
CA PHE A 235 -23.19 8.90 22.95
C PHE A 235 -22.08 9.36 23.86
N ARG A 236 -22.36 9.44 25.15
CA ARG A 236 -21.32 9.64 26.16
C ARG A 236 -20.54 8.34 26.39
N VAL A 237 -19.22 8.46 26.43
CA VAL A 237 -18.35 7.30 26.63
C VAL A 237 -17.41 7.60 27.79
N PRO A 238 -16.82 6.58 28.39
CA PRO A 238 -16.04 6.76 29.63
C PRO A 238 -14.64 7.31 29.38
N THR A 239 -14.57 8.51 28.81
CA THR A 239 -13.29 9.21 28.75
C THR A 239 -13.45 10.56 29.43
N PRO A 240 -12.36 11.07 30.03
CA PRO A 240 -12.47 12.32 30.82
C PRO A 240 -12.47 13.61 30.00
N ASP A 241 -12.00 13.59 28.76
CA ASP A 241 -12.02 14.80 27.93
C ASP A 241 -11.71 14.43 26.49
N VAL A 242 -12.09 15.32 25.56
CA VAL A 242 -11.97 15.18 24.10
C VAL A 242 -13.11 14.35 23.48
N SER A 243 -13.76 14.94 22.47
CA SER A 243 -14.92 14.37 21.81
C SER A 243 -14.69 14.37 20.30
N VAL A 244 -15.60 13.72 19.59
CA VAL A 244 -15.47 13.61 18.14
C VAL A 244 -16.86 13.68 17.52
N VAL A 245 -16.93 14.35 16.36
CA VAL A 245 -18.22 14.46 15.64
C VAL A 245 -18.21 13.62 14.37
N ASP A 246 -19.29 12.88 14.14
CA ASP A 246 -19.44 12.08 12.90
C ASP A 246 -20.63 12.65 12.14
N LEU A 247 -20.36 13.32 11.03
CA LEU A 247 -21.44 13.95 10.25
C LEU A 247 -21.68 13.22 8.94
N THR A 248 -22.83 12.58 8.82
CA THR A 248 -23.26 11.99 7.56
C THR A 248 -23.99 13.08 6.75
N VAL A 249 -23.48 13.40 5.56
CA VAL A 249 -23.99 14.52 4.78
C VAL A 249 -24.39 14.06 3.38
N ARG A 250 -25.57 14.47 2.95
CA ARG A 250 -25.96 14.39 1.55
C ARG A 250 -25.82 15.82 0.99
N THR A 251 -24.89 15.99 0.06
CA THR A 251 -24.64 17.30 -0.53
C THR A 251 -25.57 17.51 -1.73
N THR A 252 -25.67 18.76 -2.17
CA THR A 252 -26.47 19.06 -3.35
C THR A 252 -25.67 18.77 -4.63
N LYS A 253 -24.47 19.34 -4.72
CA LYS A 253 -23.56 19.14 -5.85
C LYS A 253 -22.76 17.87 -5.64
N GLU A 254 -22.38 17.22 -6.74
CA GLU A 254 -21.48 16.08 -6.64
C GLU A 254 -20.07 16.54 -6.27
N THR A 255 -19.35 15.77 -5.46
CA THR A 255 -17.98 16.12 -5.07
C THR A 255 -17.27 14.83 -4.66
N SER A 256 -16.10 14.96 -4.01
CA SER A 256 -15.37 13.81 -3.52
C SER A 256 -14.62 14.21 -2.25
N LEU A 257 -14.15 13.19 -1.54
CA LEU A 257 -13.43 13.42 -0.30
C LEU A 257 -12.17 14.24 -0.55
N LYS A 258 -11.51 14.03 -1.69
CA LYS A 258 -10.33 14.82 -1.97
C LYS A 258 -10.65 16.32 -2.04
N GLU A 259 -11.76 16.68 -2.69
CA GLU A 259 -12.16 18.09 -2.81
C GLU A 259 -12.57 18.66 -1.46
N ILE A 260 -13.31 17.89 -0.67
CA ILE A 260 -13.69 18.34 0.67
C ILE A 260 -12.44 18.60 1.50
N SER A 261 -11.50 17.65 1.49
CA SER A 261 -10.27 17.80 2.28
C SER A 261 -9.48 19.03 1.84
N ALA A 262 -9.45 19.31 0.52
CA ALA A 262 -8.75 20.50 0.01
C ALA A 262 -9.34 21.77 0.58
N LYS A 263 -10.67 21.84 0.64
CA LYS A 263 -11.32 23.04 1.17
C LYS A 263 -11.14 23.14 2.68
N MET A 264 -11.24 22.01 3.40
CA MET A 264 -11.01 22.03 4.85
C MET A 264 -9.61 22.55 5.14
N LYS A 265 -8.62 22.03 4.44
CA LYS A 265 -7.25 22.46 4.66
C LYS A 265 -7.08 23.94 4.36
N ALA A 266 -7.70 24.40 3.27
CA ALA A 266 -7.66 25.80 2.91
C ALA A 266 -8.30 26.66 3.99
N ALA A 267 -9.47 26.25 4.47
CA ALA A 267 -10.12 27.04 5.51
C ALA A 267 -9.26 27.10 6.76
N SER A 268 -8.66 25.97 7.15
CA SER A 268 -7.85 25.91 8.36
C SER A 268 -6.60 26.80 8.25
N GLU A 269 -6.10 27.00 7.04
CA GLU A 269 -4.95 27.86 6.84
C GLU A 269 -5.35 29.29 6.57
N GLY A 270 -6.64 29.54 6.31
CA GLY A 270 -7.09 30.87 5.94
C GLY A 270 -8.14 31.45 6.86
N ALA A 271 -9.37 31.60 6.37
CA ALA A 271 -10.41 32.32 7.10
C ALA A 271 -10.84 31.63 8.37
N MET A 272 -10.30 30.48 8.67
CA MET A 272 -10.70 29.82 9.91
C MET A 272 -9.48 29.29 10.63
N LYS A 273 -8.32 29.85 10.33
CA LYS A 273 -7.10 29.55 11.06
C LYS A 273 -7.27 29.87 12.54
N GLY A 274 -6.83 28.93 13.39
CA GLY A 274 -7.07 29.02 14.82
C GLY A 274 -8.43 28.55 15.24
N ILE A 275 -9.36 28.38 14.29
CA ILE A 275 -10.70 27.87 14.56
C ILE A 275 -10.84 26.43 14.08
N LEU A 276 -10.62 26.20 12.79
CA LEU A 276 -10.68 24.87 12.19
C LEU A 276 -9.28 24.32 11.95
N GLY A 277 -9.04 23.09 12.40
CA GLY A 277 -7.77 22.43 12.17
C GLY A 277 -7.90 21.31 11.14
N TYR A 278 -6.78 20.86 10.60
CA TYR A 278 -6.80 19.87 9.54
C TYR A 278 -5.69 18.84 9.78
N THR A 279 -6.02 17.56 9.67
CA THR A 279 -4.99 16.55 9.84
C THR A 279 -5.20 15.40 8.86
N GLU A 280 -4.10 14.78 8.47
CA GLU A 280 -4.11 13.53 7.71
C GLU A 280 -3.47 12.40 8.51
N ASP A 281 -3.16 12.61 9.79
CA ASP A 281 -2.49 11.62 10.60
C ASP A 281 -3.48 10.67 11.27
N MET A 282 -2.92 9.54 11.75
CA MET A 282 -3.68 8.47 12.39
C MET A 282 -3.93 8.82 13.87
N VAL A 283 -4.69 9.91 14.08
CA VAL A 283 -4.87 10.50 15.40
C VAL A 283 -5.96 9.75 16.15
N VAL A 284 -5.86 9.79 17.46
CA VAL A 284 -6.90 9.32 18.35
C VAL A 284 -7.12 10.45 19.36
N SER A 285 -8.15 10.31 20.19
CA SER A 285 -8.66 11.46 20.91
C SER A 285 -7.58 12.16 21.72
N ASN A 286 -6.73 11.41 22.43
CA ASN A 286 -5.76 12.07 23.32
C ASN A 286 -4.71 12.87 22.57
N ASP A 287 -4.62 12.73 21.24
CA ASP A 287 -3.73 13.58 20.48
C ASP A 287 -4.21 15.04 20.44
N PHE A 288 -5.39 15.34 21.00
CA PHE A 288 -6.00 16.66 21.01
C PHE A 288 -6.21 17.20 22.43
N VAL A 289 -5.63 16.57 23.44
CA VAL A 289 -5.79 17.08 24.80
C VAL A 289 -5.15 18.46 24.90
N SER A 290 -5.95 19.44 25.31
CA SER A 290 -5.52 20.84 25.47
C SER A 290 -5.36 21.56 24.13
N SER A 291 -5.91 21.00 23.06
CA SER A 291 -5.98 21.71 21.81
C SER A 291 -6.89 22.93 21.96
N THR A 292 -6.47 24.04 21.39
CA THR A 292 -7.30 25.23 21.43
C THR A 292 -8.21 25.36 20.21
N LEU A 293 -8.17 24.42 19.27
CA LEU A 293 -9.02 24.53 18.09
C LEU A 293 -10.45 24.12 18.44
N SER A 294 -11.42 24.68 17.72
CA SER A 294 -12.83 24.28 17.86
C SER A 294 -13.15 22.95 17.19
N SER A 295 -12.38 22.59 16.16
CA SER A 295 -12.74 21.52 15.25
C SER A 295 -11.47 21.10 14.53
N ILE A 296 -11.20 19.80 14.50
CA ILE A 296 -10.04 19.31 13.78
C ILE A 296 -10.55 18.23 12.83
N PHE A 297 -10.56 18.55 11.54
CA PHE A 297 -11.00 17.65 10.46
C PHE A 297 -10.02 16.49 10.29
N ASP A 298 -10.56 15.28 10.35
CA ASP A 298 -9.76 14.05 10.35
C ASP A 298 -9.86 13.41 8.96
N MET A 299 -8.88 13.67 8.11
CA MET A 299 -9.03 13.30 6.71
C MET A 299 -9.12 11.78 6.55
N ASP A 300 -8.22 11.04 7.18
CA ASP A 300 -8.25 9.62 6.99
C ASP A 300 -9.51 8.97 7.56
N ALA A 301 -10.13 9.53 8.59
CA ALA A 301 -11.31 8.85 9.11
C ALA A 301 -12.55 9.05 8.26
N CYS A 302 -12.56 10.04 7.37
CA CYS A 302 -13.74 10.26 6.54
C CYS A 302 -13.98 9.12 5.54
N ILE A 303 -15.25 8.94 5.17
CA ILE A 303 -15.62 7.96 4.15
C ILE A 303 -16.64 8.58 3.20
N GLU A 304 -16.58 8.10 1.96
CA GLU A 304 -17.48 8.46 0.89
C GLU A 304 -18.27 7.23 0.48
N LEU A 305 -19.59 7.31 0.58
CA LEU A 305 -20.42 6.29 -0.04
C LEU A 305 -20.48 6.51 -1.55
N ASN A 306 -20.74 7.74 -1.97
CA ASN A 306 -20.82 8.11 -3.37
C ASN A 306 -20.59 9.62 -3.45
N SER A 307 -20.74 10.19 -4.66
CA SER A 307 -20.34 11.57 -4.92
C SER A 307 -21.15 12.60 -4.13
N ARG A 308 -22.22 12.19 -3.46
CA ARG A 308 -23.05 13.13 -2.72
C ARG A 308 -23.29 12.71 -1.28
N PHE A 309 -22.76 11.55 -0.84
CA PHE A 309 -23.03 10.99 0.50
C PHE A 309 -21.71 10.73 1.19
N PHE A 310 -21.47 11.46 2.27
CA PHE A 310 -20.21 11.37 2.99
C PHE A 310 -20.43 11.24 4.50
N LYS A 311 -19.40 10.73 5.16
CA LYS A 311 -19.33 10.70 6.62
C LYS A 311 -18.06 11.43 7.01
N LEU A 312 -18.19 12.63 7.58
CA LEU A 312 -17.05 13.47 7.91
C LEU A 312 -16.81 13.42 9.41
N VAL A 313 -15.54 13.39 9.81
CA VAL A 313 -15.14 13.19 11.21
C VAL A 313 -14.28 14.36 11.65
N SER A 314 -14.61 14.93 12.80
CA SER A 314 -13.82 16.04 13.35
C SER A 314 -13.73 15.95 14.87
N TRP A 315 -12.54 16.16 15.39
CA TRP A 315 -12.27 16.12 16.82
C TRP A 315 -12.44 17.48 17.45
N TYR A 316 -12.56 17.48 18.79
CA TYR A 316 -12.48 18.70 19.58
C TYR A 316 -12.26 18.35 21.04
N ASP A 317 -11.40 19.13 21.67
CA ASP A 317 -11.28 19.17 23.13
C ASP A 317 -12.47 19.99 23.64
N ASN A 318 -13.53 19.30 24.07
CA ASN A 318 -14.77 19.95 24.49
C ASN A 318 -14.54 20.94 25.62
N GLU A 319 -13.43 20.79 26.34
CA GLU A 319 -13.08 21.74 27.40
C GLU A 319 -12.22 22.87 26.86
N MET A 320 -11.03 22.53 26.35
CA MET A 320 -10.04 23.56 26.03
C MET A 320 -10.45 24.41 24.83
N GLY A 321 -10.98 23.76 23.78
CA GLY A 321 -11.38 24.49 22.60
C GLY A 321 -12.47 25.51 22.89
N TYR A 322 -13.48 25.09 23.65
CA TYR A 322 -14.58 25.99 23.99
C TYR A 322 -14.08 27.14 24.84
N SER A 323 -13.19 26.85 25.79
CA SER A 323 -12.73 27.91 26.68
C SER A 323 -12.05 29.02 25.92
N ASN A 324 -11.20 28.65 24.94
CA ASN A 324 -10.52 29.63 24.11
C ASN A 324 -11.51 30.36 23.22
N ARG A 325 -12.55 29.68 22.73
CA ARG A 325 -13.58 30.36 21.96
C ARG A 325 -14.29 31.41 22.80
N VAL A 326 -14.55 31.08 24.09
CA VAL A 326 -15.15 32.02 25.02
C VAL A 326 -14.30 33.29 25.12
N LEU A 327 -12.98 33.13 25.23
CA LEU A 327 -12.11 34.31 25.22
C LEU A 327 -12.14 34.99 23.86
N ASP A 328 -12.06 34.21 22.78
CA ASP A 328 -12.10 34.81 21.45
C ASP A 328 -13.35 35.66 21.26
N LEU A 329 -14.51 35.16 21.71
CA LEU A 329 -15.73 35.93 21.54
C LEU A 329 -15.68 37.23 22.35
N ILE A 330 -15.23 37.16 23.60
CA ILE A 330 -15.10 38.38 24.39
C ILE A 330 -14.18 39.38 23.69
N ARG A 331 -12.99 38.92 23.27
CA ARG A 331 -12.06 39.86 22.63
C ARG A 331 -12.71 40.48 21.42
N TYR A 332 -13.47 39.71 20.64
CA TYR A 332 -14.15 40.27 19.45
C TYR A 332 -15.15 41.34 19.89
N MET A 333 -16.02 41.01 20.82
CA MET A 333 -17.08 41.94 21.28
C MET A 333 -16.43 43.24 21.75
N ALA A 334 -15.32 43.14 22.46
CA ALA A 334 -14.69 44.35 23.02
C ALA A 334 -14.21 45.26 21.88
N LYS A 335 -13.48 44.69 20.93
CA LYS A 335 -13.01 45.47 19.77
C LYS A 335 -14.25 45.94 19.01
N LYS A 336 -14.89 45.06 18.25
CA LYS A 336 -16.15 45.42 17.56
C LYS A 336 -17.31 45.16 18.51
N GLY B 1 -31.90 -39.93 20.98
CA GLY B 1 -31.48 -38.67 20.37
C GLY B 1 -30.02 -38.64 19.93
N ALA B 2 -29.70 -37.72 19.01
CA ALA B 2 -28.42 -37.71 18.31
C ALA B 2 -27.66 -36.42 18.56
N MET B 3 -26.33 -36.51 18.52
CA MET B 3 -25.44 -35.47 19.01
C MET B 3 -24.46 -35.01 17.95
N THR B 4 -24.30 -33.70 17.85
CA THR B 4 -23.34 -33.06 16.97
C THR B 4 -22.02 -32.84 17.72
N ARG B 5 -20.93 -33.30 17.14
CA ARG B 5 -19.62 -33.23 17.78
C ARG B 5 -18.88 -31.94 17.41
N ILE B 6 -18.53 -31.14 18.40
CA ILE B 6 -17.95 -29.83 18.12
C ILE B 6 -16.59 -29.72 18.77
N ALA B 7 -15.62 -29.18 18.04
CA ALA B 7 -14.33 -28.82 18.62
C ALA B 7 -14.16 -27.32 18.47
N ILE B 8 -13.45 -26.72 19.44
CA ILE B 8 -13.19 -25.28 19.43
C ILE B 8 -11.69 -25.08 19.25
N ASN B 9 -11.33 -24.34 18.19
CA ASN B 9 -9.95 -23.91 17.96
C ASN B 9 -9.86 -22.42 18.36
N GLY B 10 -9.20 -22.17 19.50
CA GLY B 10 -9.10 -20.86 20.09
C GLY B 10 -10.08 -20.65 21.24
N PHE B 11 -9.62 -20.94 22.46
CA PHE B 11 -10.47 -20.86 23.64
C PHE B 11 -10.43 -19.48 24.29
N GLY B 12 -10.70 -18.45 23.49
CA GLY B 12 -10.72 -17.07 23.92
C GLY B 12 -12.09 -16.59 24.34
N ARG B 13 -12.29 -15.26 24.24
CA ARG B 13 -13.57 -14.66 24.60
C ARG B 13 -14.71 -15.36 23.86
N ILE B 14 -14.63 -15.44 22.53
CA ILE B 14 -15.70 -16.10 21.78
C ILE B 14 -15.70 -17.61 22.04
N GLY B 15 -14.52 -18.23 22.04
CA GLY B 15 -14.47 -19.68 22.26
C GLY B 15 -15.05 -20.11 23.60
N ARG B 16 -14.60 -19.46 24.70
CA ARG B 16 -15.13 -19.81 26.03
C ARG B 16 -16.62 -19.46 26.14
N LEU B 17 -17.07 -18.34 25.53
CA LEU B 17 -18.47 -18.00 25.62
C LEU B 17 -19.33 -18.91 24.73
N VAL B 18 -18.82 -19.28 23.55
CA VAL B 18 -19.48 -20.33 22.78
C VAL B 18 -19.58 -21.61 23.61
N PHE B 19 -18.52 -21.96 24.33
CA PHE B 19 -18.59 -23.14 25.18
C PHE B 19 -19.62 -22.99 26.29
N ARG B 20 -19.66 -21.82 26.95
CA ARG B 20 -20.60 -21.59 28.05
C ARG B 20 -22.04 -21.71 27.59
N ALA B 21 -22.35 -21.09 26.44
CA ALA B 21 -23.72 -21.10 25.89
C ALA B 21 -24.11 -22.48 25.36
N GLY B 22 -23.16 -23.25 24.86
CA GLY B 22 -23.49 -24.50 24.17
C GLY B 22 -23.49 -25.72 25.07
N ILE B 23 -22.71 -25.67 26.16
CA ILE B 23 -22.58 -26.84 27.04
C ILE B 23 -23.92 -27.18 27.70
N LYS B 24 -24.85 -26.19 27.75
CA LYS B 24 -26.21 -26.40 28.22
C LYS B 24 -27.05 -27.22 27.27
N ASP B 25 -26.62 -27.36 26.01
CA ASP B 25 -27.45 -28.02 25.01
C ASP B 25 -27.16 -29.53 24.98
N PRO B 26 -28.13 -30.38 25.29
CA PRO B 26 -27.86 -31.82 25.30
C PRO B 26 -27.60 -32.42 23.92
N ASN B 27 -28.09 -31.81 22.84
CA ASN B 27 -27.81 -32.32 21.50
C ASN B 27 -26.44 -31.94 20.98
N LEU B 28 -25.72 -31.05 21.65
CA LEU B 28 -24.37 -30.68 21.26
C LEU B 28 -23.38 -31.45 22.15
N GLU B 29 -22.21 -31.77 21.58
CA GLU B 29 -21.15 -32.43 22.32
C GLU B 29 -19.82 -31.76 21.97
N PHE B 30 -19.26 -31.00 22.90
CA PHE B 30 -17.92 -30.44 22.74
C PHE B 30 -16.88 -31.51 23.06
N VAL B 31 -16.04 -31.83 22.10
CA VAL B 31 -15.14 -32.97 22.21
C VAL B 31 -13.69 -32.56 22.39
N ALA B 32 -13.30 -31.35 21.99
CA ALA B 32 -11.93 -30.93 22.17
C ALA B 32 -11.89 -29.40 22.17
N ILE B 33 -10.88 -28.89 22.87
CA ILE B 33 -10.51 -27.48 22.92
C ILE B 33 -9.03 -27.37 22.57
N ASN B 34 -8.69 -26.48 21.65
CA ASN B 34 -7.31 -26.24 21.29
C ASN B 34 -6.95 -24.79 21.59
N ASP B 35 -5.81 -24.59 22.25
CA ASP B 35 -5.32 -23.25 22.55
C ASP B 35 -3.84 -23.38 22.84
N LEU B 36 -3.20 -22.26 23.16
CA LEU B 36 -1.77 -22.26 23.34
C LEU B 36 -1.35 -22.42 24.79
N VAL B 37 -2.31 -22.64 25.67
CA VAL B 37 -2.05 -22.74 27.14
C VAL B 37 -2.54 -24.10 27.64
N THR B 38 -2.02 -24.50 28.79
CA THR B 38 -2.37 -25.82 29.35
C THR B 38 -3.77 -25.79 29.95
N PRO B 39 -4.39 -26.96 30.21
CA PRO B 39 -5.75 -26.98 30.70
C PRO B 39 -5.95 -26.21 32.02
N ASP B 40 -4.89 -25.96 32.77
CA ASP B 40 -4.99 -25.26 34.08
C ASP B 40 -5.41 -23.80 33.87
N ASN B 41 -4.78 -23.09 32.92
CA ASN B 41 -5.12 -21.69 32.62
C ASN B 41 -6.49 -21.64 31.94
N LEU B 42 -6.81 -22.67 31.17
CA LEU B 42 -8.09 -22.71 30.43
C LEU B 42 -9.23 -22.93 31.43
N ALA B 43 -9.02 -23.81 32.40
CA ALA B 43 -10.03 -23.97 33.44
C ALA B 43 -10.21 -22.68 34.22
N TYR B 44 -9.13 -21.99 34.52
CA TYR B 44 -9.24 -20.74 35.26
C TYR B 44 -10.08 -19.73 34.49
N LEU B 45 -9.73 -19.51 33.22
CA LEU B 45 -10.44 -18.52 32.40
C LEU B 45 -11.87 -18.95 32.13
N LEU B 46 -12.13 -20.26 32.07
CA LEU B 46 -13.51 -20.74 31.94
C LEU B 46 -14.30 -20.44 33.20
N LYS B 47 -13.70 -20.65 34.37
CA LYS B 47 -14.41 -20.51 35.65
C LYS B 47 -14.74 -19.05 35.95
N TYR B 48 -13.80 -18.15 35.72
CA TYR B 48 -13.94 -16.75 36.10
C TYR B 48 -14.03 -15.90 34.85
N ASP B 49 -15.06 -15.07 34.79
CA ASP B 49 -15.22 -14.17 33.66
C ASP B 49 -15.44 -12.76 34.18
N SER B 50 -14.51 -11.86 33.83
CA SER B 50 -14.60 -10.47 34.29
C SER B 50 -15.86 -9.78 33.77
N THR B 51 -16.48 -10.29 32.72
CA THR B 51 -17.64 -9.62 32.18
C THR B 51 -18.95 -10.34 32.41
N HIS B 52 -18.95 -11.67 32.27
CA HIS B 52 -20.17 -12.45 32.36
C HIS B 52 -20.23 -13.28 33.65
N GLY B 53 -19.33 -13.04 34.62
CA GLY B 53 -19.43 -13.68 35.92
C GLY B 53 -18.86 -15.09 35.99
N ARG B 54 -19.02 -15.71 37.16
CA ARG B 54 -18.46 -17.04 37.34
C ARG B 54 -19.26 -18.09 36.58
N PHE B 55 -18.56 -19.10 36.09
CA PHE B 55 -19.23 -20.22 35.43
C PHE B 55 -20.15 -20.92 36.43
N GLN B 56 -21.40 -21.12 36.03
CA GLN B 56 -22.40 -21.74 36.91
C GLN B 56 -22.27 -23.26 36.76
N GLY B 57 -21.29 -23.83 37.43
CA GLY B 57 -21.04 -25.25 37.37
C GLY B 57 -19.65 -25.55 37.87
N THR B 58 -19.30 -26.84 37.80
CA THR B 58 -18.03 -27.34 38.26
C THR B 58 -17.03 -27.44 37.10
N VAL B 59 -15.80 -26.99 37.36
CA VAL B 59 -14.73 -27.06 36.39
C VAL B 59 -13.50 -27.63 37.07
N GLU B 60 -12.97 -28.73 36.54
CA GLU B 60 -11.70 -29.30 36.99
C GLU B 60 -10.83 -29.57 35.78
N HIS B 61 -9.59 -29.96 36.06
CA HIS B 61 -8.66 -30.20 34.98
C HIS B 61 -7.65 -31.28 35.32
N THR B 62 -7.12 -31.87 34.24
CA THR B 62 -5.94 -32.70 34.27
C THR B 62 -4.91 -32.10 33.29
N GLU B 63 -3.74 -32.74 33.15
CA GLU B 63 -2.80 -32.28 32.14
C GLU B 63 -3.37 -32.39 30.72
N LYS B 64 -4.40 -33.21 30.49
CA LYS B 64 -4.84 -33.48 29.14
C LYS B 64 -6.33 -33.17 28.94
N GLU B 65 -7.01 -32.68 29.98
CA GLU B 65 -8.45 -32.43 29.81
C GLU B 65 -9.02 -31.50 30.86
N LEU B 66 -10.14 -30.89 30.47
CA LEU B 66 -11.04 -30.20 31.36
C LEU B 66 -12.20 -31.12 31.68
N ILE B 67 -12.77 -30.91 32.86
CA ILE B 67 -13.89 -31.69 33.36
C ILE B 67 -14.95 -30.68 33.73
N VAL B 68 -15.98 -30.56 32.91
CA VAL B 68 -17.06 -29.60 33.10
C VAL B 68 -18.32 -30.37 33.41
N ASP B 69 -18.86 -30.18 34.61
CA ASP B 69 -20.08 -30.84 35.05
C ASP B 69 -20.01 -32.35 34.87
N GLY B 70 -18.84 -32.91 35.16
CA GLY B 70 -18.59 -34.33 34.97
C GLY B 70 -18.06 -34.71 33.60
N LYS B 71 -18.33 -33.91 32.57
CA LYS B 71 -17.89 -34.22 31.22
C LYS B 71 -16.40 -33.93 31.02
N LYS B 72 -15.72 -34.85 30.37
CA LYS B 72 -14.31 -34.68 30.05
C LYS B 72 -14.19 -34.17 28.64
N ILE B 73 -13.37 -33.15 28.45
CA ILE B 73 -13.11 -32.58 27.14
C ILE B 73 -11.60 -32.59 26.90
N LEU B 74 -11.20 -33.10 25.74
CA LEU B 74 -9.78 -33.10 25.38
C LEU B 74 -9.28 -31.67 25.18
N CYS B 75 -8.11 -31.40 25.77
CA CYS B 75 -7.42 -30.13 25.70
C CYS B 75 -6.07 -30.39 25.05
N VAL B 76 -5.84 -29.79 23.88
CA VAL B 76 -4.58 -29.92 23.18
C VAL B 76 -3.97 -28.53 23.00
N SER B 77 -2.68 -28.51 22.67
CA SER B 77 -1.95 -27.26 22.45
C SER B 77 -1.12 -27.46 21.19
N GLU B 78 -1.72 -27.16 20.05
CA GLU B 78 -1.06 -27.28 18.74
C GLU B 78 -1.30 -26.02 17.92
N ARG B 79 -0.23 -25.30 17.55
CA ARG B 79 -0.43 -24.10 16.74
C ARG B 79 -0.98 -24.48 15.36
N ASP B 80 -0.50 -25.59 14.78
CA ASP B 80 -0.89 -25.98 13.43
C ASP B 80 -2.22 -26.74 13.47
N PRO B 81 -3.32 -26.20 12.91
CA PRO B 81 -4.60 -26.95 12.90
C PRO B 81 -4.50 -28.27 12.15
N GLU B 82 -3.57 -28.35 11.21
CA GLU B 82 -3.41 -29.58 10.45
C GLU B 82 -3.00 -30.74 11.35
N LYS B 83 -2.28 -30.46 12.44
CA LYS B 83 -1.87 -31.55 13.30
C LYS B 83 -2.90 -31.86 14.36
N LEU B 84 -4.20 -31.36 14.19
CA LEU B 84 -5.16 -31.69 15.22
C LEU B 84 -5.87 -33.00 14.92
N PRO B 85 -6.26 -33.78 15.96
CA PRO B 85 -6.85 -35.10 15.78
C PRO B 85 -8.36 -35.07 15.51
N TRP B 86 -8.77 -34.28 14.51
CA TRP B 86 -10.20 -34.11 14.23
C TRP B 86 -10.81 -35.38 13.64
N LYS B 87 -10.08 -36.05 12.75
CA LYS B 87 -10.53 -37.32 12.21
C LYS B 87 -10.73 -38.33 13.33
N ASP B 88 -9.74 -38.44 14.22
CA ASP B 88 -9.83 -39.38 15.33
C ASP B 88 -11.04 -39.10 16.19
N LEU B 89 -11.31 -37.81 16.45
CA LEU B 89 -12.43 -37.43 17.28
C LEU B 89 -13.76 -37.39 16.55
N LYS B 90 -13.76 -37.54 15.22
CA LYS B 90 -14.99 -37.50 14.44
C LYS B 90 -15.71 -36.17 14.69
N VAL B 91 -14.96 -35.08 14.55
CA VAL B 91 -15.49 -33.73 14.69
C VAL B 91 -16.35 -33.39 13.49
N ASP B 92 -17.63 -33.12 13.75
CA ASP B 92 -18.53 -32.63 12.72
C ASP B 92 -18.22 -31.16 12.41
N TYR B 93 -18.14 -30.34 13.45
CA TYR B 93 -17.95 -28.91 13.27
C TYR B 93 -16.77 -28.43 14.08
N VAL B 94 -15.88 -27.66 13.46
CA VAL B 94 -14.81 -26.98 14.17
C VAL B 94 -15.14 -25.49 14.18
N ILE B 95 -15.22 -24.92 15.38
CA ILE B 95 -15.37 -23.46 15.54
C ILE B 95 -13.97 -22.84 15.52
N GLU B 96 -13.64 -22.17 14.42
CA GLU B 96 -12.32 -21.57 14.28
C GLU B 96 -12.40 -20.15 14.86
N SER B 97 -11.91 -19.97 16.08
CA SER B 97 -12.03 -18.73 16.81
C SER B 97 -10.69 -18.25 17.38
N THR B 98 -9.60 -18.59 16.71
CA THR B 98 -8.29 -18.05 17.06
C THR B 98 -8.03 -16.67 16.45
N GLY B 99 -8.72 -16.31 15.37
CA GLY B 99 -8.43 -15.10 14.62
C GLY B 99 -7.30 -15.20 13.61
N LEU B 100 -6.64 -16.36 13.50
CA LEU B 100 -5.47 -16.55 12.66
C LEU B 100 -5.74 -17.36 11.39
N PHE B 101 -6.95 -17.90 11.21
CA PHE B 101 -7.27 -18.80 10.10
C PHE B 101 -8.61 -18.43 9.45
N THR B 102 -8.76 -17.15 9.12
CA THR B 102 -10.00 -16.66 8.54
C THR B 102 -10.01 -16.72 7.01
N ASP B 103 -8.91 -17.11 6.40
CA ASP B 103 -8.87 -17.36 4.97
C ASP B 103 -9.02 -18.86 4.69
N ARG B 104 -9.32 -19.16 3.43
CA ARG B 104 -9.59 -20.54 3.03
C ARG B 104 -8.35 -21.41 3.23
N VAL B 105 -7.18 -20.89 2.87
CA VAL B 105 -5.95 -21.68 3.02
C VAL B 105 -5.74 -22.08 4.47
N GLY B 106 -6.01 -21.16 5.41
CA GLY B 106 -5.82 -21.48 6.82
C GLY B 106 -6.91 -22.38 7.38
N ALA B 107 -8.16 -22.06 7.08
CA ALA B 107 -9.26 -22.88 7.58
C ALA B 107 -9.24 -24.29 6.97
N GLU B 108 -8.73 -24.43 5.74
CA GLU B 108 -8.72 -25.74 5.10
C GLU B 108 -7.88 -26.74 5.90
N LYS B 109 -7.00 -26.28 6.78
CA LYS B 109 -6.22 -27.20 7.61
C LYS B 109 -7.12 -28.04 8.52
N HIS B 110 -8.24 -27.45 8.96
CA HIS B 110 -9.18 -28.22 9.77
C HIS B 110 -9.83 -29.34 8.99
N ILE B 111 -10.21 -29.09 7.73
CA ILE B 111 -10.79 -30.14 6.89
C ILE B 111 -9.76 -31.22 6.58
N LYS B 112 -8.53 -30.82 6.24
CA LYS B 112 -7.46 -31.79 6.04
C LYS B 112 -7.19 -32.61 7.29
N ALA B 113 -7.41 -32.02 8.47
CA ALA B 113 -7.21 -32.74 9.71
C ALA B 113 -8.38 -33.67 10.02
N GLY B 114 -9.52 -33.52 9.37
CA GLY B 114 -10.58 -34.50 9.57
C GLY B 114 -11.94 -33.96 9.94
N ALA B 115 -12.02 -32.66 10.19
CA ALA B 115 -13.32 -32.11 10.51
C ALA B 115 -14.21 -32.10 9.27
N LYS B 116 -15.51 -32.31 9.46
CA LYS B 116 -16.41 -32.28 8.32
C LYS B 116 -16.77 -30.85 7.93
N LYS B 117 -17.01 -29.97 8.90
CA LYS B 117 -17.42 -28.61 8.64
C LYS B 117 -16.62 -27.67 9.52
N VAL B 118 -16.33 -26.48 9.01
CA VAL B 118 -15.58 -25.47 9.74
C VAL B 118 -16.40 -24.19 9.77
N VAL B 119 -16.57 -23.64 10.97
CA VAL B 119 -17.24 -22.37 11.14
C VAL B 119 -16.22 -21.34 11.60
N ILE B 120 -15.94 -20.35 10.76
CA ILE B 120 -15.03 -19.26 11.15
C ILE B 120 -15.82 -18.24 11.94
N SER B 121 -15.33 -17.91 13.14
CA SER B 121 -16.02 -16.96 14.01
C SER B 121 -15.68 -15.53 13.69
N ALA B 122 -15.65 -15.16 12.41
CA ALA B 122 -15.21 -13.86 11.98
C ALA B 122 -15.45 -13.77 10.50
N PRO B 123 -15.44 -12.56 9.93
CA PRO B 123 -15.51 -12.43 8.47
C PRO B 123 -14.36 -13.18 7.81
N ALA B 124 -14.65 -13.79 6.68
CA ALA B 124 -13.59 -14.47 5.95
C ALA B 124 -12.69 -13.42 5.31
N LYS B 125 -11.42 -13.77 5.20
CA LYS B 125 -10.46 -12.85 4.61
C LYS B 125 -10.68 -12.68 3.11
N ASP B 126 -11.50 -13.52 2.50
N ASP B 126 -11.54 -13.48 2.50
CA ASP B 126 -11.69 -13.55 1.06
CA ASP B 126 -11.70 -13.42 1.07
C ASP B 126 -13.14 -13.88 0.75
C ASP B 126 -13.09 -13.93 0.70
N LYS B 127 -13.62 -13.41 -0.40
CA LYS B 127 -15.00 -13.72 -0.81
C LYS B 127 -15.21 -15.20 -1.14
N ASP B 128 -14.16 -16.01 -1.21
CA ASP B 128 -14.37 -17.40 -1.59
C ASP B 128 -14.90 -18.28 -0.45
N ILE B 129 -15.18 -17.72 0.72
CA ILE B 129 -15.85 -18.39 1.82
C ILE B 129 -17.24 -17.79 1.98
N PRO B 130 -18.31 -18.58 1.93
CA PRO B 130 -19.66 -18.01 2.12
C PRO B 130 -19.89 -17.53 3.55
N THR B 131 -20.63 -16.43 3.67
CA THR B 131 -20.94 -15.84 4.96
C THR B 131 -22.44 -15.90 5.20
N PHE B 132 -22.83 -16.27 6.42
CA PHE B 132 -24.23 -16.41 6.81
C PHE B 132 -24.52 -15.62 8.08
N VAL B 133 -25.66 -14.94 8.13
CA VAL B 133 -26.12 -14.26 9.33
C VAL B 133 -27.50 -14.85 9.64
N MET B 134 -27.68 -15.39 10.83
CA MET B 134 -28.93 -16.05 11.14
C MET B 134 -30.11 -15.10 11.02
N GLY B 135 -31.16 -15.59 10.38
CA GLY B 135 -32.34 -14.79 10.18
C GLY B 135 -32.27 -13.82 9.03
N VAL B 136 -31.16 -13.79 8.30
CA VAL B 136 -30.99 -12.89 7.16
C VAL B 136 -30.76 -13.72 5.89
N ASN B 137 -29.74 -14.59 5.88
CA ASN B 137 -29.48 -15.37 4.68
C ASN B 137 -29.01 -16.81 4.95
N ASN B 138 -29.19 -17.33 6.17
CA ASN B 138 -28.68 -18.67 6.48
C ASN B 138 -29.39 -19.76 5.68
N GLU B 139 -30.58 -19.48 5.13
CA GLU B 139 -31.28 -20.44 4.29
C GLU B 139 -30.64 -20.62 2.91
N LYS B 140 -29.73 -19.75 2.52
CA LYS B 140 -28.96 -19.95 1.30
C LYS B 140 -27.82 -20.95 1.48
N TYR B 141 -27.64 -21.49 2.68
CA TYR B 141 -26.59 -22.46 2.94
C TYR B 141 -26.83 -23.77 2.18
N ASN B 142 -25.76 -24.31 1.58
CA ASN B 142 -25.83 -25.54 0.78
C ASN B 142 -25.13 -26.67 1.53
N PRO B 143 -25.88 -27.63 2.09
CA PRO B 143 -25.24 -28.67 2.91
C PRO B 143 -24.23 -29.49 2.15
N SER B 144 -24.44 -29.72 0.85
CA SER B 144 -23.56 -30.59 0.07
C SER B 144 -22.29 -29.92 -0.40
N ASN B 145 -22.21 -28.57 -0.40
CA ASN B 145 -21.04 -27.87 -0.91
C ASN B 145 -20.34 -26.94 0.08
N ASP B 146 -21.05 -26.31 1.02
CA ASP B 146 -20.42 -25.29 1.87
C ASP B 146 -19.83 -25.95 3.11
N HIS B 147 -18.56 -26.33 3.02
CA HIS B 147 -17.92 -27.03 4.12
C HIS B 147 -17.08 -26.13 5.01
N ILE B 148 -16.77 -24.92 4.54
CA ILE B 148 -16.12 -23.88 5.32
C ILE B 148 -17.02 -22.67 5.20
N VAL B 149 -17.49 -22.16 6.34
CA VAL B 149 -18.40 -21.02 6.35
C VAL B 149 -17.93 -19.98 7.37
N SER B 150 -18.47 -18.78 7.22
CA SER B 150 -18.19 -17.67 8.11
C SER B 150 -19.48 -17.19 8.73
N ASN B 151 -19.46 -16.92 10.03
CA ASN B 151 -20.64 -16.39 10.70
C ASN B 151 -20.64 -14.87 10.74
N ALA B 152 -19.87 -14.23 9.86
CA ALA B 152 -19.74 -12.78 9.76
C ALA B 152 -19.16 -12.24 11.06
N SER B 153 -19.33 -10.95 11.31
CA SER B 153 -18.83 -10.27 12.51
C SER B 153 -20.03 -9.95 13.43
N THR B 155 -20.68 -6.90 14.45
CA THR B 155 -21.33 -5.74 13.86
C THR B 155 -22.27 -6.15 12.70
N THR B 156 -21.77 -7.02 11.82
CA THR B 156 -22.61 -7.49 10.74
C THR B 156 -23.87 -8.15 11.28
N ASN B 157 -23.72 -8.98 12.32
CA ASN B 157 -24.89 -9.65 12.88
C ASN B 157 -25.84 -8.67 13.53
N CYS B 158 -25.35 -7.50 13.97
CA CYS B 158 -26.25 -6.48 14.51
C CYS B 158 -26.86 -5.64 13.40
N LEU B 159 -26.06 -5.24 12.43
CA LEU B 159 -26.57 -4.34 11.41
C LEU B 159 -27.55 -5.05 10.47
N ALA B 160 -27.23 -6.29 10.04
CA ALA B 160 -28.02 -6.93 8.98
C ALA B 160 -29.49 -7.10 9.31
N PRO B 161 -29.89 -7.62 10.49
CA PRO B 161 -31.34 -7.70 10.74
C PRO B 161 -32.00 -6.35 10.65
N ILE B 162 -31.35 -5.27 11.11
CA ILE B 162 -31.96 -3.95 10.96
C ILE B 162 -32.12 -3.63 9.49
N VAL B 163 -31.06 -3.84 8.72
CA VAL B 163 -31.12 -3.57 7.29
C VAL B 163 -32.23 -4.40 6.66
N LYS B 164 -32.37 -5.66 7.08
CA LYS B 164 -33.35 -6.53 6.46
C LYS B 164 -34.76 -6.00 6.61
N VAL B 165 -35.14 -5.60 7.83
CA VAL B 165 -36.49 -5.09 8.09
C VAL B 165 -36.73 -3.82 7.30
N VAL B 166 -35.75 -2.93 7.27
CA VAL B 166 -35.95 -1.65 6.60
C VAL B 166 -36.13 -1.86 5.12
N LEU B 167 -35.23 -2.67 4.54
CA LEU B 167 -35.26 -2.93 3.10
C LEU B 167 -36.57 -3.58 2.67
N ASP B 168 -37.05 -4.60 3.42
CA ASP B 168 -38.24 -5.33 2.98
C ASP B 168 -39.48 -4.44 2.99
N ASN B 169 -39.49 -3.38 3.80
CA ASN B 169 -40.71 -2.59 3.95
C ASN B 169 -40.66 -1.25 3.24
N TRP B 170 -39.49 -0.64 3.14
CA TRP B 170 -39.42 0.67 2.51
C TRP B 170 -38.26 0.83 1.54
N GLY B 171 -37.40 -0.18 1.38
CA GLY B 171 -36.28 -0.08 0.49
C GLY B 171 -35.22 0.82 1.07
N ILE B 172 -34.00 0.72 0.53
CA ILE B 172 -32.87 1.52 0.99
C ILE B 172 -32.18 2.11 -0.22
N GLU B 173 -32.08 3.43 -0.24
CA GLU B 173 -31.29 4.11 -1.27
C GLU B 173 -29.85 4.28 -0.84
N GLU B 174 -29.62 4.67 0.41
CA GLU B 174 -28.29 4.82 0.97
C GLU B 174 -28.36 4.52 2.45
N GLY B 175 -27.22 4.09 2.97
CA GLY B 175 -27.07 3.82 4.38
C GLY B 175 -25.62 3.99 4.72
N LEU B 176 -25.33 4.77 5.77
CA LEU B 176 -24.00 4.94 6.33
C LEU B 176 -24.11 4.59 7.81
N MET B 177 -23.28 3.66 8.27
CA MET B 177 -23.36 3.18 9.63
C MET B 177 -22.11 3.60 10.38
N THR B 178 -22.27 3.82 11.67
CA THR B 178 -21.13 3.91 12.58
C THR B 178 -21.34 2.95 13.74
N THR B 179 -20.31 2.22 14.10
CA THR B 179 -20.42 1.44 15.31
C THR B 179 -19.53 2.06 16.38
N ILE B 180 -20.09 2.28 17.58
CA ILE B 180 -19.32 2.58 18.77
C ILE B 180 -19.03 1.24 19.46
N HIS B 181 -17.78 0.77 19.38
CA HIS B 181 -17.47 -0.60 19.71
C HIS B 181 -16.64 -0.72 21.00
N ALA B 182 -17.00 -1.71 21.82
CA ALA B 182 -16.22 -1.99 23.00
C ALA B 182 -14.81 -2.43 22.61
N THR B 183 -13.91 -2.23 23.55
CA THR B 183 -12.54 -2.68 23.39
C THR B 183 -12.48 -4.20 23.27
N THR B 184 -11.52 -4.68 22.47
CA THR B 184 -11.32 -6.12 22.31
C THR B 184 -9.83 -6.47 22.48
N ALA B 185 -9.55 -7.79 22.35
CA ALA B 185 -8.22 -8.32 22.58
C ALA B 185 -7.20 -7.88 21.55
N THR B 186 -7.65 -7.41 20.38
CA THR B 186 -6.70 -6.92 19.38
C THR B 186 -6.08 -5.59 19.79
N GLN B 187 -6.66 -4.87 20.77
CA GLN B 187 -6.06 -3.58 21.16
C GLN B 187 -5.21 -3.75 22.41
N PRO B 188 -4.10 -3.01 22.49
CA PRO B 188 -3.27 -3.03 23.70
C PRO B 188 -3.83 -2.09 24.77
N THR B 189 -3.32 -2.26 25.97
CA THR B 189 -3.69 -1.34 27.04
C THR B 189 -3.01 0.01 26.92
N VAL B 190 -1.78 0.03 26.35
CA VAL B 190 -1.02 1.26 26.19
C VAL B 190 -0.47 1.37 24.77
N ASP B 191 -0.06 2.58 24.42
CA ASP B 191 0.40 2.86 23.06
C ASP B 191 1.50 1.87 22.66
N GLY B 192 1.29 1.21 21.53
CA GLY B 192 2.23 0.26 21.03
C GLY B 192 2.13 0.11 19.52
N PRO B 193 3.05 -0.68 18.94
CA PRO B 193 3.12 -0.83 17.49
C PRO B 193 1.91 -1.55 16.91
N SER B 194 1.61 -1.25 15.66
CA SER B 194 0.51 -1.87 14.94
C SER B 194 0.69 -1.53 13.50
N LYS B 195 1.26 -2.48 12.74
CA LYS B 195 1.67 -2.28 11.36
C LYS B 195 0.49 -2.05 10.44
N LYS B 196 -0.62 -2.73 10.71
CA LYS B 196 -1.78 -2.75 9.84
C LYS B 196 -2.79 -1.65 10.15
N ASP B 197 -2.72 -1.06 11.33
CA ASP B 197 -3.54 0.10 11.63
C ASP B 197 -2.84 0.83 12.76
N PHE B 198 -2.20 1.95 12.46
CA PHE B 198 -1.49 2.67 13.50
C PHE B 198 -2.42 3.03 14.65
N ARG B 199 -3.62 3.53 14.32
CA ARG B 199 -4.58 3.82 15.38
C ARG B 199 -4.86 2.57 16.20
N GLY B 200 -4.88 1.41 15.56
CA GLY B 200 -5.15 0.20 16.31
C GLY B 200 -4.15 -0.08 17.41
N GLY B 201 -2.95 0.50 17.37
CA GLY B 201 -1.96 0.32 18.41
C GLY B 201 -2.01 1.30 19.57
N ARG B 202 -2.85 2.32 19.50
CA ARG B 202 -2.90 3.30 20.58
C ARG B 202 -3.70 2.73 21.74
N GLY B 203 -3.37 3.21 22.96
CA GLY B 203 -3.93 2.70 24.20
C GLY B 203 -5.45 2.71 24.26
N ALA B 204 -6.05 1.55 24.53
CA ALA B 204 -7.51 1.44 24.55
C ALA B 204 -8.13 2.01 25.81
N MET B 205 -7.37 2.10 26.91
CA MET B 205 -7.93 2.63 28.15
C MET B 205 -8.15 4.13 28.06
N GLN B 206 -7.41 4.80 27.17
CA GLN B 206 -7.36 6.23 27.15
C GLN B 206 -8.23 6.86 26.07
N ASN B 207 -8.48 6.20 24.94
CA ASN B 207 -8.84 6.91 23.72
C ASN B 207 -10.19 6.49 23.13
N ILE B 208 -10.77 7.41 22.37
CA ILE B 208 -11.67 7.07 21.28
C ILE B 208 -10.83 6.81 20.04
N ILE B 209 -10.99 5.64 19.43
CA ILE B 209 -10.09 5.20 18.35
C ILE B 209 -10.89 4.89 17.08
N PRO B 210 -10.75 5.70 16.01
CA PRO B 210 -11.41 5.35 14.75
C PRO B 210 -10.86 4.03 14.21
N ALA B 211 -11.75 3.22 13.65
CA ALA B 211 -11.34 1.93 13.12
C ALA B 211 -12.11 1.61 11.85
N SER B 212 -11.49 0.78 11.03
CA SER B 212 -12.16 0.31 9.82
C SER B 212 -13.03 -0.89 10.13
N THR B 213 -14.16 -0.99 9.42
CA THR B 213 -15.08 -2.12 9.54
C THR B 213 -15.53 -2.52 8.14
N GLY B 214 -15.64 -3.82 7.92
CA GLY B 214 -16.23 -4.35 6.71
C GLY B 214 -17.68 -4.74 6.87
N ALA B 215 -18.31 -4.42 7.99
CA ALA B 215 -19.65 -4.93 8.27
C ALA B 215 -20.63 -4.44 7.22
N ALA B 216 -20.50 -3.18 6.79
CA ALA B 216 -21.43 -2.63 5.78
C ALA B 216 -21.35 -3.42 4.50
N LYS B 217 -20.15 -3.62 3.97
CA LYS B 217 -20.01 -4.42 2.77
C LYS B 217 -20.46 -5.85 2.98
N ALA B 218 -20.15 -6.44 4.14
CA ALA B 218 -20.58 -7.80 4.37
C ALA B 218 -22.12 -7.91 4.31
N VAL B 219 -22.82 -6.92 4.83
CA VAL B 219 -24.28 -6.97 4.75
C VAL B 219 -24.70 -6.92 3.29
N GLY B 220 -23.95 -6.16 2.47
CA GLY B 220 -24.17 -6.16 1.03
C GLY B 220 -24.02 -7.53 0.43
N LEU B 221 -23.16 -8.37 1.03
CA LEU B 221 -23.03 -9.77 0.60
C LEU B 221 -24.24 -10.60 1.03
N CYS B 222 -24.60 -10.51 2.30
CA CYS B 222 -25.71 -11.29 2.82
C CYS B 222 -27.03 -10.80 2.26
N ILE B 223 -27.10 -9.52 1.90
CA ILE B 223 -28.30 -8.92 1.31
C ILE B 223 -27.94 -8.33 -0.04
N PRO B 224 -27.98 -9.11 -1.12
CA PRO B 224 -27.53 -8.59 -2.41
C PRO B 224 -28.28 -7.35 -2.86
N GLU B 225 -29.56 -7.19 -2.50
CA GLU B 225 -30.32 -6.03 -2.94
C GLU B 225 -29.67 -4.71 -2.48
N VAL B 226 -28.90 -4.76 -1.39
CA VAL B 226 -28.31 -3.58 -0.77
C VAL B 226 -26.84 -3.37 -1.14
N ASN B 227 -26.29 -4.20 -2.04
CA ASN B 227 -24.88 -4.13 -2.37
C ASN B 227 -24.51 -2.79 -3.01
N GLY B 228 -23.41 -2.20 -2.53
CA GLY B 228 -23.01 -0.90 -3.01
C GLY B 228 -23.74 0.27 -2.38
N LYS B 229 -24.76 0.02 -1.56
CA LYS B 229 -25.58 1.09 -1.04
C LYS B 229 -25.26 1.44 0.40
N LEU B 230 -24.31 0.74 1.02
CA LEU B 230 -23.98 0.88 2.43
C LEU B 230 -22.46 0.87 2.64
N THR B 231 -21.99 1.79 3.45
CA THR B 231 -20.62 1.76 3.93
C THR B 231 -20.65 2.09 5.41
N GLY B 232 -19.49 2.06 6.06
CA GLY B 232 -19.47 2.31 7.50
C GLY B 232 -18.07 2.46 8.06
N MET B 233 -18.04 2.86 9.33
CA MET B 233 -16.80 3.02 10.06
C MET B 233 -17.03 2.59 11.51
N SER B 234 -15.98 2.72 12.34
CA SER B 234 -16.08 2.30 13.73
C SER B 234 -15.28 3.27 14.61
N PHE B 235 -15.71 3.37 15.85
CA PHE B 235 -14.96 4.05 16.91
C PHE B 235 -14.87 3.09 18.08
N ARG B 236 -13.67 2.64 18.39
CA ARG B 236 -13.40 1.86 19.59
C ARG B 236 -13.34 2.80 20.81
N VAL B 237 -14.01 2.42 21.90
CA VAL B 237 -14.07 3.24 23.11
C VAL B 237 -13.70 2.39 24.30
N PRO B 238 -13.34 3.01 25.40
CA PRO B 238 -12.82 2.24 26.55
C PRO B 238 -13.94 1.55 27.33
N THR B 239 -14.64 0.63 26.68
CA THR B 239 -15.48 -0.21 27.50
C THR B 239 -15.08 -1.65 27.22
N PRO B 240 -15.24 -2.56 28.20
CA PRO B 240 -14.80 -3.96 28.00
C PRO B 240 -15.75 -4.85 27.21
N ASP B 241 -17.04 -4.52 27.07
CA ASP B 241 -17.94 -5.34 26.28
C ASP B 241 -19.21 -4.56 25.96
N VAL B 242 -19.95 -5.03 24.94
CA VAL B 242 -21.20 -4.44 24.43
C VAL B 242 -20.97 -3.21 23.53
N SER B 243 -21.58 -3.22 22.34
CA SER B 243 -21.40 -2.21 21.32
C SER B 243 -22.75 -1.75 20.82
N VAL B 244 -22.74 -0.71 20.02
CA VAL B 244 -23.97 -0.13 19.50
C VAL B 244 -23.75 0.34 18.06
N VAL B 245 -24.73 0.08 17.22
CA VAL B 245 -24.69 0.52 15.83
C VAL B 245 -25.59 1.73 15.68
N ASP B 246 -25.13 2.72 14.92
CA ASP B 246 -25.91 3.89 14.55
CA ASP B 246 -25.92 3.88 14.55
C ASP B 246 -25.97 3.96 13.03
N LEU B 247 -27.12 3.61 12.47
CA LEU B 247 -27.31 3.52 11.02
C LEU B 247 -28.06 4.75 10.51
N THR B 248 -27.40 5.54 9.67
CA THR B 248 -28.08 6.60 8.92
C THR B 248 -28.54 6.01 7.59
N VAL B 249 -29.85 5.94 7.39
CA VAL B 249 -30.42 5.27 6.22
C VAL B 249 -31.42 6.18 5.52
N ARG B 250 -31.33 6.23 4.19
CA ARG B 250 -32.32 6.87 3.34
C ARG B 250 -33.18 5.81 2.67
N THR B 251 -34.47 5.81 2.97
CA THR B 251 -35.40 4.82 2.42
C THR B 251 -35.95 5.25 1.08
N THR B 252 -36.60 4.29 0.40
CA THR B 252 -37.27 4.54 -0.89
C THR B 252 -38.67 5.12 -0.69
N LYS B 253 -39.51 4.45 0.09
CA LYS B 253 -40.85 4.87 0.43
C LYS B 253 -40.80 5.77 1.64
N GLU B 254 -41.72 6.72 1.71
CA GLU B 254 -41.85 7.53 2.91
C GLU B 254 -42.41 6.70 4.05
N THR B 255 -41.91 6.93 5.25
CA THR B 255 -42.38 6.19 6.40
C THR B 255 -42.12 7.06 7.62
N SER B 256 -42.24 6.47 8.80
CA SER B 256 -42.03 7.19 10.04
C SER B 256 -41.45 6.23 11.06
N LEU B 257 -40.92 6.81 12.15
CA LEU B 257 -40.33 6.02 13.24
C LEU B 257 -41.37 5.10 13.87
N LYS B 258 -42.62 5.56 13.96
CA LYS B 258 -43.66 4.68 14.47
C LYS B 258 -43.80 3.44 13.60
N GLU B 259 -43.85 3.62 12.28
CA GLU B 259 -44.02 2.46 11.41
C GLU B 259 -42.80 1.53 11.49
N ILE B 260 -41.60 2.12 11.50
CA ILE B 260 -40.38 1.33 11.59
C ILE B 260 -40.35 0.55 12.91
N SER B 261 -40.65 1.24 14.03
CA SER B 261 -40.69 0.60 15.33
C SER B 261 -41.73 -0.53 15.34
N ALA B 262 -42.86 -0.30 14.68
CA ALA B 262 -43.89 -1.32 14.59
C ALA B 262 -43.35 -2.57 13.89
N LYS B 263 -42.65 -2.40 12.77
CA LYS B 263 -42.08 -3.56 12.08
C LYS B 263 -40.91 -4.18 12.86
N MET B 264 -40.06 -3.39 13.47
CA MET B 264 -39.02 -3.95 14.33
C MET B 264 -39.63 -4.77 15.47
N LYS B 265 -40.64 -4.20 16.15
CA LYS B 265 -41.23 -4.97 17.25
C LYS B 265 -41.88 -6.25 16.74
N ALA B 266 -42.57 -6.16 15.59
CA ALA B 266 -43.19 -7.34 14.97
C ALA B 266 -42.14 -8.38 14.59
N ALA B 267 -41.03 -7.94 14.00
CA ALA B 267 -40.00 -8.88 13.63
C ALA B 267 -39.44 -9.59 14.86
N SER B 268 -39.18 -8.84 15.94
CA SER B 268 -38.62 -9.40 17.16
C SER B 268 -39.55 -10.39 17.82
N GLU B 269 -40.85 -10.22 17.64
CA GLU B 269 -41.83 -11.14 18.20
C GLU B 269 -42.14 -12.28 17.23
N GLY B 270 -41.70 -12.18 15.98
CA GLY B 270 -42.07 -13.15 14.99
C GLY B 270 -40.88 -13.86 14.38
N ALA B 271 -40.60 -13.53 13.12
CA ALA B 271 -39.64 -14.28 12.33
C ALA B 271 -38.23 -14.15 12.88
N MET B 272 -37.86 -13.01 13.46
CA MET B 272 -36.52 -12.81 13.99
C MET B 272 -36.49 -12.95 15.50
N LYS B 273 -37.45 -13.66 16.10
CA LYS B 273 -37.45 -13.91 17.54
C LYS B 273 -36.15 -14.60 17.98
N GLY B 274 -35.58 -14.13 19.09
CA GLY B 274 -34.29 -14.62 19.51
C GLY B 274 -33.10 -14.04 18.77
N ILE B 275 -33.33 -13.31 17.66
CA ILE B 275 -32.26 -12.69 16.88
C ILE B 275 -32.30 -11.17 17.05
N LEU B 276 -33.42 -10.55 16.71
CA LEU B 276 -33.65 -9.13 16.89
C LEU B 276 -34.53 -8.87 18.12
N GLY B 277 -34.08 -7.98 19.00
CA GLY B 277 -34.82 -7.58 20.18
C GLY B 277 -35.38 -6.19 20.04
N TYR B 278 -36.35 -5.80 20.86
CA TYR B 278 -36.97 -4.49 20.73
C TYR B 278 -37.18 -3.88 22.11
N THR B 279 -36.79 -2.61 22.30
CA THR B 279 -37.00 -1.94 23.57
C THR B 279 -37.40 -0.48 23.37
N GLU B 280 -38.19 0.02 24.32
CA GLU B 280 -38.53 1.44 24.42
C GLU B 280 -38.02 2.06 25.71
N ASP B 281 -37.19 1.34 26.47
CA ASP B 281 -36.68 1.82 27.75
C ASP B 281 -35.40 2.65 27.60
N MET B 282 -35.08 3.43 28.63
CA MET B 282 -33.91 4.31 28.58
C MET B 282 -32.65 3.51 28.90
N VAL B 283 -32.31 2.60 27.99
CA VAL B 283 -31.24 1.63 28.23
C VAL B 283 -29.88 2.26 27.95
N VAL B 284 -28.85 1.70 28.60
CA VAL B 284 -27.46 2.01 28.35
C VAL B 284 -26.75 0.68 28.18
N SER B 285 -25.46 0.75 27.80
CA SER B 285 -24.77 -0.44 27.32
C SER B 285 -24.78 -1.58 28.35
N ASN B 286 -24.53 -1.27 29.62
CA ASN B 286 -24.45 -2.40 30.55
C ASN B 286 -25.78 -3.11 30.75
N ASP B 287 -26.88 -2.52 30.33
CA ASP B 287 -28.13 -3.24 30.36
C ASP B 287 -28.18 -4.42 29.37
N PHE B 288 -27.15 -4.64 28.55
CA PHE B 288 -27.16 -5.77 27.62
C PHE B 288 -26.03 -6.77 27.85
N VAL B 289 -25.30 -6.68 28.98
CA VAL B 289 -24.23 -7.62 29.26
C VAL B 289 -24.83 -9.02 29.30
N SER B 290 -24.30 -9.94 28.49
CA SER B 290 -24.78 -11.33 28.41
C SER B 290 -26.13 -11.47 27.72
N SER B 291 -26.56 -10.48 26.92
CA SER B 291 -27.76 -10.65 26.10
C SER B 291 -27.49 -11.66 24.98
N THR B 292 -28.47 -12.50 24.67
CA THR B 292 -28.21 -13.46 23.60
C THR B 292 -28.59 -12.93 22.23
N LEU B 293 -29.13 -11.72 22.14
CA LEU B 293 -29.62 -11.21 20.87
C LEU B 293 -28.46 -10.71 20.00
N SER B 294 -28.70 -10.73 18.68
CA SER B 294 -27.73 -10.17 17.75
C SER B 294 -27.78 -8.66 17.71
N SER B 295 -28.95 -8.10 17.99
CA SER B 295 -29.28 -6.71 17.69
C SER B 295 -30.50 -6.35 18.52
N ILE B 296 -30.46 -5.22 19.21
CA ILE B 296 -31.61 -4.82 20.01
C ILE B 296 -31.97 -3.39 19.60
N PHE B 297 -33.07 -3.26 18.89
CA PHE B 297 -33.53 -1.97 18.42
C PHE B 297 -33.94 -1.08 19.59
N ASP B 298 -33.38 0.13 19.61
CA ASP B 298 -33.56 1.12 20.68
C ASP B 298 -34.45 2.26 20.15
N MET B 299 -35.75 2.11 20.35
CA MET B 299 -36.71 3.04 19.76
C MET B 299 -36.48 4.47 20.27
N ASP B 300 -36.23 4.63 21.57
CA ASP B 300 -36.03 5.98 22.10
C ASP B 300 -34.80 6.65 21.54
N ALA B 301 -33.74 5.91 21.25
CA ALA B 301 -32.54 6.57 20.78
C ALA B 301 -32.62 6.95 19.30
N CYS B 302 -33.53 6.35 18.53
CA CYS B 302 -33.65 6.67 17.11
C CYS B 302 -34.13 8.10 16.90
N ILE B 303 -33.74 8.69 15.77
CA ILE B 303 -34.23 10.01 15.40
C ILE B 303 -34.62 10.01 13.93
N GLU B 304 -35.65 10.78 13.61
CA GLU B 304 -36.08 10.95 12.23
C GLU B 304 -35.82 12.38 11.79
N LEU B 305 -35.03 12.53 10.72
CA LEU B 305 -34.92 13.85 10.11
C LEU B 305 -36.16 14.17 9.29
N ASN B 306 -36.56 13.21 8.47
CA ASN B 306 -37.73 13.37 7.57
C ASN B 306 -38.32 12.00 7.27
N SER B 307 -39.30 11.94 6.36
CA SER B 307 -40.02 10.69 6.02
C SER B 307 -39.13 9.68 5.30
N ARG B 308 -37.92 10.08 4.92
CA ARG B 308 -37.07 9.17 4.14
C ARG B 308 -35.65 9.14 4.70
N PHE B 309 -35.39 9.90 5.76
CA PHE B 309 -34.03 9.97 6.34
C PHE B 309 -34.10 9.69 7.84
N PHE B 310 -33.49 8.59 8.25
CA PHE B 310 -33.61 8.19 9.67
C PHE B 310 -32.25 7.78 10.26
N LYS B 311 -32.14 7.90 11.57
CA LYS B 311 -30.93 7.42 12.29
C LYS B 311 -31.42 6.34 13.23
N LEU B 312 -31.13 5.10 12.89
CA LEU B 312 -31.60 3.98 13.68
C LEU B 312 -30.47 3.46 14.56
N VAL B 313 -30.81 3.09 15.80
CA VAL B 313 -29.85 2.72 16.83
C VAL B 313 -30.17 1.30 17.27
N SER B 314 -29.14 0.47 17.39
CA SER B 314 -29.34 -0.89 17.83
C SER B 314 -28.13 -1.36 18.60
N TRP B 315 -28.37 -1.97 19.75
CA TRP B 315 -27.32 -2.46 20.63
C TRP B 315 -26.98 -3.91 20.34
N TYR B 316 -25.82 -4.33 20.85
CA TYR B 316 -25.45 -5.74 20.86
C TYR B 316 -24.30 -6.03 21.82
N ASP B 317 -24.44 -7.14 22.54
CA ASP B 317 -23.32 -7.71 23.27
C ASP B 317 -22.44 -8.44 22.26
N ASN B 318 -21.38 -7.76 21.78
CA ASN B 318 -20.49 -8.30 20.75
C ASN B 318 -19.84 -9.63 21.14
N GLU B 319 -19.78 -9.95 22.43
CA GLU B 319 -19.29 -11.27 22.83
C GLU B 319 -20.43 -12.30 22.85
N MET B 320 -21.45 -12.07 23.69
CA MET B 320 -22.44 -13.10 23.99
C MET B 320 -23.40 -13.34 22.83
N GLY B 321 -23.86 -12.28 22.17
CA GLY B 321 -24.79 -12.47 21.08
C GLY B 321 -24.16 -13.23 19.94
N TYR B 322 -22.95 -12.85 19.57
CA TYR B 322 -22.28 -13.54 18.48
C TYR B 322 -22.06 -15.00 18.85
N SER B 323 -21.63 -15.28 20.07
CA SER B 323 -21.39 -16.67 20.45
C SER B 323 -22.67 -17.48 20.35
N ASN B 324 -23.80 -16.87 20.68
CA ASN B 324 -25.05 -17.62 20.52
C ASN B 324 -25.41 -17.82 19.04
N ARG B 325 -25.10 -16.86 18.16
CA ARG B 325 -25.31 -17.06 16.72
C ARG B 325 -24.39 -18.14 16.15
N VAL B 326 -23.17 -18.24 16.64
CA VAL B 326 -22.29 -19.32 16.18
C VAL B 326 -22.93 -20.68 16.45
N LEU B 327 -23.50 -20.86 17.65
CA LEU B 327 -24.16 -22.12 17.97
C LEU B 327 -25.40 -22.34 17.10
N ASP B 328 -26.20 -21.29 16.91
CA ASP B 328 -27.40 -21.40 16.10
C ASP B 328 -27.08 -21.79 14.67
N LEU B 329 -26.03 -21.20 14.10
CA LEU B 329 -25.63 -21.56 12.74
C LEU B 329 -25.25 -23.03 12.67
N ILE B 330 -24.44 -23.51 13.62
CA ILE B 330 -24.09 -24.94 13.64
C ILE B 330 -25.36 -25.78 13.75
N ARG B 331 -26.26 -25.39 14.66
CA ARG B 331 -27.52 -26.13 14.76
C ARG B 331 -28.29 -26.09 13.44
N TYR B 332 -28.31 -24.91 12.79
CA TYR B 332 -29.00 -24.81 11.51
C TYR B 332 -28.37 -25.71 10.47
N MET B 333 -27.04 -25.70 10.37
CA MET B 333 -26.39 -26.55 9.38
C MET B 333 -26.66 -28.02 9.65
N ALA B 334 -26.78 -28.41 10.90
CA ALA B 334 -26.99 -29.83 11.24
C ALA B 334 -28.35 -30.30 10.71
N LYS B 335 -29.40 -29.53 10.99
CA LYS B 335 -30.77 -29.90 10.56
C LYS B 335 -30.80 -29.99 9.03
N LYS B 336 -30.09 -29.10 8.35
CA LYS B 336 -29.94 -29.20 6.87
C LYS B 336 -29.23 -27.94 6.38
N MET C 3 31.27 12.80 22.95
CA MET C 3 29.87 12.40 22.86
C MET C 3 29.67 10.90 22.96
N THR C 4 28.68 10.49 23.76
CA THR C 4 28.37 9.09 23.98
C THR C 4 27.33 8.57 22.99
N ARG C 5 27.65 7.44 22.34
CA ARG C 5 26.83 6.84 21.29
C ARG C 5 25.91 5.76 21.84
N ILE C 6 24.60 5.94 21.70
CA ILE C 6 23.62 5.12 22.37
C ILE C 6 22.70 4.47 21.33
N ALA C 7 22.42 3.18 21.50
CA ALA C 7 21.42 2.49 20.73
C ALA C 7 20.31 1.97 21.64
N ILE C 8 19.08 1.96 21.12
CA ILE C 8 17.91 1.54 21.89
C ILE C 8 17.36 0.27 21.26
N ASN C 9 17.27 -0.78 22.05
CA ASN C 9 16.69 -2.04 21.62
C ASN C 9 15.30 -2.18 22.23
N GLY C 10 14.27 -2.03 21.39
CA GLY C 10 12.90 -2.02 21.86
C GLY C 10 12.41 -0.59 22.00
N PHE C 11 11.74 -0.06 20.99
CA PHE C 11 11.27 1.32 21.01
C PHE C 11 9.86 1.41 21.58
N GLY C 12 9.66 0.82 22.78
CA GLY C 12 8.39 0.83 23.46
C GLY C 12 8.19 1.98 24.41
N ARG C 13 7.29 1.79 25.38
CA ARG C 13 6.98 2.87 26.32
C ARG C 13 8.26 3.44 26.93
N ILE C 14 9.11 2.59 27.46
CA ILE C 14 10.35 3.04 28.06
C ILE C 14 11.31 3.53 26.99
N GLY C 15 11.46 2.77 25.92
CA GLY C 15 12.42 3.15 24.91
C GLY C 15 12.13 4.51 24.32
N ARG C 16 10.86 4.76 23.96
CA ARG C 16 10.48 6.05 23.36
C ARG C 16 10.64 7.20 24.35
N LEU C 17 10.34 6.97 25.64
CA LEU C 17 10.45 8.08 26.58
C LEU C 17 11.90 8.40 26.86
N VAL C 18 12.74 7.37 26.98
CA VAL C 18 14.17 7.63 27.10
C VAL C 18 14.63 8.43 25.89
N PHE C 19 14.14 8.05 24.71
CA PHE C 19 14.49 8.76 23.50
C PHE C 19 14.02 10.22 23.55
N ARG C 20 12.79 10.46 24.03
CA ARG C 20 12.27 11.82 24.15
C ARG C 20 13.12 12.66 25.09
N ALA C 21 13.45 12.10 26.26
CA ALA C 21 14.19 12.87 27.24
C ALA C 21 15.61 13.14 26.78
N GLY C 22 16.20 12.23 26.03
CA GLY C 22 17.61 12.37 25.72
C GLY C 22 17.96 13.06 24.42
N ILE C 23 17.02 13.06 23.45
CA ILE C 23 17.30 13.58 22.11
C ILE C 23 17.63 15.07 22.12
N LYS C 24 17.20 15.81 23.15
CA LYS C 24 17.58 17.21 23.26
C LYS C 24 18.98 17.37 23.81
N ASP C 25 19.58 16.28 24.30
CA ASP C 25 20.88 16.35 24.99
C ASP C 25 22.04 16.45 24.01
N PRO C 26 22.81 17.53 24.05
CA PRO C 26 23.93 17.63 23.11
C PRO C 26 25.05 16.67 23.41
N ASN C 27 25.18 16.23 24.67
CA ASN C 27 26.20 15.28 25.04
C ASN C 27 25.86 13.86 24.65
N LEU C 28 24.61 13.58 24.33
CA LEU C 28 24.21 12.25 23.92
C LEU C 28 23.99 12.20 22.41
N GLU C 29 24.32 11.07 21.82
CA GLU C 29 24.06 10.85 20.40
C GLU C 29 23.39 9.49 20.24
N PHE C 30 22.10 9.50 19.91
CA PHE C 30 21.39 8.26 19.58
C PHE C 30 21.66 7.89 18.12
N VAL C 31 22.20 6.69 17.90
CA VAL C 31 22.69 6.30 16.59
C VAL C 31 21.80 5.24 15.93
N ALA C 32 21.08 4.43 16.70
CA ALA C 32 20.27 3.40 16.09
C ALA C 32 19.10 3.08 17.02
N ILE C 33 17.98 2.68 16.42
CA ILE C 33 16.81 2.20 17.14
C ILE C 33 16.42 0.86 16.54
N ASN C 34 16.21 -0.14 17.38
CA ASN C 34 15.79 -1.44 16.87
C ASN C 34 14.45 -1.86 17.45
N ASP C 35 13.55 -2.27 16.58
CA ASP C 35 12.24 -2.74 17.01
C ASP C 35 11.67 -3.61 15.90
N LEU C 36 10.47 -4.11 16.12
CA LEU C 36 9.86 -5.05 15.21
C LEU C 36 9.04 -4.38 14.13
N VAL C 37 9.07 -3.05 14.04
CA VAL C 37 8.33 -2.36 13.01
C VAL C 37 9.24 -1.39 12.28
N THR C 38 8.73 -0.93 11.14
CA THR C 38 9.45 -0.03 10.26
C THR C 38 9.40 1.41 10.74
N PRO C 39 10.28 2.28 10.25
CA PRO C 39 10.35 3.66 10.75
C PRO C 39 9.03 4.47 10.76
N ASP C 40 8.10 4.15 9.88
CA ASP C 40 6.84 4.93 9.79
C ASP C 40 6.05 4.78 11.09
N ASN C 41 5.91 3.54 11.58
CA ASN C 41 5.17 3.27 12.84
C ASN C 41 5.95 3.85 14.02
N LEU C 42 7.27 3.73 13.98
CA LEU C 42 8.12 4.21 15.10
C LEU C 42 8.00 5.72 15.17
N ALA C 43 8.00 6.38 14.02
CA ALA C 43 7.87 7.85 13.98
C ALA C 43 6.48 8.24 14.45
N TYR C 44 5.47 7.51 13.99
CA TYR C 44 4.13 7.81 14.49
C TYR C 44 4.11 7.73 16.01
N LEU C 45 4.66 6.66 16.58
CA LEU C 45 4.61 6.47 18.03
C LEU C 45 5.46 7.49 18.77
N LEU C 46 6.54 7.97 18.15
CA LEU C 46 7.32 9.03 18.74
C LEU C 46 6.55 10.35 18.73
N LYS C 47 5.80 10.63 17.65
CA LYS C 47 5.08 11.91 17.54
C LYS C 47 3.91 11.99 18.54
N TYR C 48 3.11 10.95 18.62
CA TYR C 48 1.88 10.98 19.39
C TYR C 48 2.02 10.05 20.59
N ASP C 49 1.73 10.58 21.78
CA ASP C 49 1.75 9.80 22.99
C ASP C 49 0.44 10.05 23.72
N SER C 50 -0.34 8.99 23.95
CA SER C 50 -1.62 9.16 24.64
C SER C 50 -1.47 9.70 26.05
N THR C 51 -0.29 9.57 26.64
CA THR C 51 -0.04 9.90 28.03
C THR C 51 0.79 11.15 28.21
N HIS C 52 1.81 11.34 27.40
CA HIS C 52 2.75 12.42 27.61
C HIS C 52 2.66 13.48 26.51
N GLY C 53 1.64 13.42 25.65
CA GLY C 53 1.39 14.47 24.69
C GLY C 53 2.28 14.33 23.48
N ARG C 54 2.12 15.28 22.56
CA ARG C 54 2.83 15.26 21.29
C ARG C 54 4.29 15.60 21.49
N PHE C 55 5.15 14.96 20.70
CA PHE C 55 6.57 15.26 20.77
C PHE C 55 6.79 16.73 20.43
N GLN C 56 7.49 17.44 21.31
CA GLN C 56 7.72 18.88 21.12
C GLN C 56 8.96 19.03 20.25
N GLY C 57 8.75 18.86 18.95
CA GLY C 57 9.82 18.92 17.97
C GLY C 57 9.36 18.30 16.66
N THR C 58 10.28 18.25 15.71
CA THR C 58 9.99 17.76 14.37
C THR C 58 10.39 16.30 14.20
N VAL C 59 9.50 15.50 13.62
CA VAL C 59 9.76 14.08 13.38
C VAL C 59 9.49 13.75 11.92
N GLU C 60 10.50 13.19 11.24
CA GLU C 60 10.38 12.68 9.87
C GLU C 60 10.95 11.28 9.82
N HIS C 61 10.70 10.58 8.71
CA HIS C 61 11.16 9.22 8.60
C HIS C 61 11.48 8.88 7.15
N THR C 62 12.34 7.88 7.01
CA THR C 62 12.72 7.20 5.77
C THR C 62 12.39 5.70 5.90
N GLU C 63 12.61 4.92 4.85
CA GLU C 63 12.44 3.47 5.02
C GLU C 63 13.45 2.88 6.01
N LYS C 64 14.58 3.55 6.25
CA LYS C 64 15.64 3.01 7.08
C LYS C 64 16.09 3.94 8.20
N GLU C 65 15.46 5.11 8.39
CA GLU C 65 15.97 5.95 9.46
C GLU C 65 14.90 6.95 9.90
N LEU C 66 15.04 7.42 11.14
CA LEU C 66 14.24 8.49 11.73
C LEU C 66 15.00 9.79 11.63
N ILE C 67 14.26 10.90 11.52
CA ILE C 67 14.89 12.21 11.51
C ILE C 67 14.16 13.07 12.53
N VAL C 68 14.79 13.25 13.70
CA VAL C 68 14.21 13.95 14.84
C VAL C 68 14.98 15.23 15.09
N ASP C 69 14.29 16.37 14.98
CA ASP C 69 14.91 17.68 15.20
C ASP C 69 16.16 17.84 14.35
N GLY C 70 16.10 17.30 13.13
CA GLY C 70 17.24 17.28 12.23
C GLY C 70 18.17 16.09 12.37
N LYS C 71 18.20 15.40 13.53
CA LYS C 71 19.10 14.27 13.76
C LYS C 71 18.59 13.05 13.01
N LYS C 72 19.53 12.36 12.37
CA LYS C 72 19.29 11.13 11.63
C LYS C 72 19.61 9.95 12.53
N ILE C 73 18.68 9.01 12.65
CA ILE C 73 18.88 7.83 13.49
C ILE C 73 18.56 6.62 12.63
N LEU C 74 19.47 5.65 12.59
CA LEU C 74 19.23 4.42 11.84
C LEU C 74 18.12 3.63 12.53
N CYS C 75 17.24 3.05 11.72
CA CYS C 75 16.15 2.20 12.19
C CYS C 75 16.41 0.82 11.64
N VAL C 76 16.49 -0.16 12.54
CA VAL C 76 16.63 -1.54 12.15
C VAL C 76 15.49 -2.34 12.79
N SER C 77 15.31 -3.57 12.30
CA SER C 77 14.33 -4.53 12.83
C SER C 77 14.97 -5.92 12.80
N GLU C 78 15.59 -6.30 13.91
CA GLU C 78 16.29 -7.58 14.01
C GLU C 78 15.82 -8.27 15.28
N ARG C 79 15.25 -9.48 15.14
CA ARG C 79 14.75 -10.21 16.30
C ARG C 79 15.91 -10.59 17.21
N ASP C 80 17.03 -11.00 16.60
CA ASP C 80 18.20 -11.49 17.32
C ASP C 80 19.16 -10.33 17.56
N PRO C 81 19.45 -9.95 18.80
CA PRO C 81 20.41 -8.88 19.02
C PRO C 81 21.78 -9.18 18.46
N GLU C 82 22.13 -10.47 18.35
CA GLU C 82 23.46 -10.85 17.91
C GLU C 82 23.75 -10.38 16.48
N LYS C 83 22.72 -10.24 15.64
CA LYS C 83 22.85 -9.72 14.28
C LYS C 83 22.74 -8.20 14.19
N LEU C 84 22.87 -7.47 15.34
CA LEU C 84 22.73 -6.02 15.23
C LEU C 84 24.07 -5.38 14.88
N PRO C 85 24.08 -4.26 14.17
CA PRO C 85 25.32 -3.63 13.72
C PRO C 85 25.95 -2.71 14.77
N TRP C 86 26.16 -3.24 15.99
CA TRP C 86 26.71 -2.40 17.05
C TRP C 86 28.20 -2.16 16.84
N LYS C 87 28.94 -3.18 16.45
CA LYS C 87 30.34 -2.97 16.12
C LYS C 87 30.49 -1.96 15.00
N ASP C 88 29.71 -2.12 13.93
CA ASP C 88 29.78 -1.20 12.79
C ASP C 88 29.38 0.22 13.19
N LEU C 89 28.34 0.35 14.02
CA LEU C 89 27.91 1.69 14.44
C LEU C 89 28.66 2.22 15.65
N LYS C 90 29.52 1.42 16.28
CA LYS C 90 30.34 1.84 17.43
C LYS C 90 29.48 2.31 18.61
N VAL C 91 28.52 1.47 19.01
CA VAL C 91 27.61 1.78 20.11
C VAL C 91 28.36 1.71 21.44
N ASP C 92 28.34 2.83 22.18
CA ASP C 92 28.88 2.86 23.54
C ASP C 92 27.95 2.16 24.53
N TYR C 93 26.66 2.53 24.51
CA TYR C 93 25.68 1.98 25.43
C TYR C 93 24.48 1.49 24.65
N VAL C 94 24.00 0.30 24.97
CA VAL C 94 22.76 -0.19 24.39
C VAL C 94 21.73 -0.22 25.51
N ILE C 95 20.61 0.46 25.31
CA ILE C 95 19.51 0.43 26.24
C ILE C 95 18.65 -0.78 25.88
N GLU C 96 18.66 -1.79 26.73
CA GLU C 96 17.86 -2.98 26.51
C GLU C 96 16.49 -2.77 27.14
N SER C 97 15.51 -2.43 26.31
CA SER C 97 14.17 -2.12 26.81
C SER C 97 13.10 -2.92 26.07
N THR C 98 13.44 -4.11 25.56
CA THR C 98 12.43 -4.95 24.92
C THR C 98 11.63 -5.77 25.92
N GLY C 99 12.18 -5.99 27.11
CA GLY C 99 11.66 -6.92 28.07
C GLY C 99 12.08 -8.35 27.86
N LEU C 100 12.84 -8.67 26.79
CA LEU C 100 13.10 -10.06 26.49
C LEU C 100 14.53 -10.51 26.74
N PHE C 101 15.43 -9.62 27.15
CA PHE C 101 16.86 -9.94 27.31
C PHE C 101 17.38 -9.39 28.63
N THR C 102 16.66 -9.72 29.71
CA THR C 102 17.02 -9.27 31.05
C THR C 102 17.95 -10.24 31.78
N ASP C 103 18.27 -11.37 31.16
CA ASP C 103 19.28 -12.27 31.70
C ASP C 103 20.63 -12.00 31.05
N ARG C 104 21.69 -12.50 31.68
CA ARG C 104 23.03 -12.22 31.21
C ARG C 104 23.29 -12.87 29.85
N VAL C 105 22.83 -14.10 29.64
CA VAL C 105 23.03 -14.75 28.35
C VAL C 105 22.34 -13.98 27.23
N GLY C 106 21.13 -13.49 27.50
CA GLY C 106 20.43 -12.72 26.48
C GLY C 106 21.03 -11.34 26.29
N ALA C 107 21.35 -10.67 27.39
CA ALA C 107 21.93 -9.34 27.29
C ALA C 107 23.33 -9.37 26.68
N GLU C 108 24.07 -10.46 26.89
CA GLU C 108 25.43 -10.51 26.39
C GLU C 108 25.45 -10.49 24.87
N LYS C 109 24.32 -10.80 24.22
CA LYS C 109 24.28 -10.76 22.77
C LYS C 109 24.60 -9.36 22.24
N HIS C 110 24.25 -8.30 22.98
CA HIS C 110 24.62 -6.96 22.51
C HIS C 110 26.13 -6.78 22.56
N ILE C 111 26.77 -7.30 23.60
CA ILE C 111 28.23 -7.20 23.67
C ILE C 111 28.89 -7.94 22.52
N LYS C 112 28.42 -9.16 22.22
CA LYS C 112 28.98 -9.94 21.13
C LYS C 112 28.78 -9.23 19.79
N ALA C 113 27.68 -8.52 19.66
CA ALA C 113 27.37 -7.79 18.43
C ALA C 113 28.20 -6.52 18.28
N GLY C 114 28.88 -6.07 19.34
CA GLY C 114 29.76 -4.91 19.24
C GLY C 114 29.53 -3.83 20.27
N ALA C 115 28.49 -3.94 21.09
CA ALA C 115 28.24 -2.93 22.10
C ALA C 115 29.26 -3.03 23.23
N LYS C 116 29.58 -1.87 23.80
CA LYS C 116 30.54 -1.82 24.90
C LYS C 116 29.85 -1.99 26.25
N LYS C 117 28.68 -1.36 26.42
CA LYS C 117 27.89 -1.38 27.65
C LYS C 117 26.43 -1.63 27.34
N VAL C 118 25.77 -2.39 28.21
CA VAL C 118 24.35 -2.67 28.06
C VAL C 118 23.67 -2.28 29.36
N VAL C 119 22.63 -1.45 29.23
CA VAL C 119 21.81 -1.04 30.36
C VAL C 119 20.47 -1.73 30.16
N ILE C 120 20.13 -2.61 31.09
CA ILE C 120 18.85 -3.32 31.08
C ILE C 120 17.81 -2.46 31.79
N SER C 121 16.70 -2.21 31.11
CA SER C 121 15.66 -1.35 31.67
C SER C 121 14.67 -2.16 32.52
N ALA C 122 15.20 -3.02 33.37
CA ALA C 122 14.39 -3.89 34.23
C ALA C 122 15.31 -4.57 35.21
N PRO C 123 14.78 -5.16 36.26
CA PRO C 123 15.62 -6.01 37.09
C PRO C 123 16.20 -7.17 36.30
N ALA C 124 17.48 -7.48 36.55
CA ALA C 124 18.13 -8.60 35.90
C ALA C 124 17.68 -9.91 36.51
N LYS C 125 17.60 -10.94 35.67
CA LYS C 125 17.28 -12.28 36.12
C LYS C 125 18.49 -12.99 36.73
N ASP C 126 19.65 -12.35 36.73
CA ASP C 126 20.92 -12.96 37.11
C ASP C 126 21.54 -12.23 38.29
N LYS C 127 21.91 -12.98 39.34
CA LYS C 127 22.39 -12.38 40.58
C LYS C 127 23.71 -11.66 40.37
N ASP C 128 24.49 -12.05 39.35
CA ASP C 128 25.80 -11.46 39.06
C ASP C 128 25.74 -10.22 38.16
N ILE C 129 24.56 -9.69 37.89
CA ILE C 129 24.41 -8.46 37.12
C ILE C 129 24.16 -7.30 38.11
N PRO C 130 25.04 -6.30 38.17
CA PRO C 130 24.84 -5.24 39.16
C PRO C 130 23.61 -4.38 38.88
N THR C 131 22.93 -4.00 39.97
CA THR C 131 21.73 -3.18 39.93
C THR C 131 21.98 -1.88 40.64
N PHE C 132 21.59 -0.79 39.99
CA PHE C 132 21.84 0.54 40.51
C PHE C 132 20.56 1.34 40.55
N VAL C 133 20.41 2.12 41.63
CA VAL C 133 19.35 3.11 41.76
C VAL C 133 20.04 4.45 41.95
N MET C 134 19.81 5.38 41.03
CA MET C 134 20.45 6.69 41.07
C MET C 134 20.11 7.41 42.37
N GLY C 135 21.13 7.94 43.03
CA GLY C 135 20.95 8.56 44.32
C GLY C 135 20.92 7.62 45.50
N VAL C 136 21.07 6.31 45.30
CA VAL C 136 21.05 5.36 46.41
C VAL C 136 22.34 4.57 46.50
N ASN C 137 22.73 3.90 45.41
CA ASN C 137 23.92 3.05 45.38
C ASN C 137 24.71 3.16 44.07
N ASN C 138 24.46 4.16 43.23
CA ASN C 138 25.16 4.20 41.94
C ASN C 138 26.64 4.45 42.07
N GLU C 139 27.13 4.96 43.20
CA GLU C 139 28.57 5.12 43.31
C GLU C 139 29.29 3.77 43.37
N LYS C 140 28.59 2.66 43.62
CA LYS C 140 29.24 1.36 43.65
C LYS C 140 29.52 0.82 42.26
N TYR C 141 29.15 1.56 41.21
CA TYR C 141 29.41 1.12 39.85
C TYR C 141 30.90 1.06 39.56
N ASN C 142 31.32 -0.06 39.01
CA ASN C 142 32.72 -0.28 38.71
C ASN C 142 32.88 -0.29 37.20
N PRO C 143 33.50 0.74 36.61
CA PRO C 143 33.67 0.76 35.15
C PRO C 143 34.42 -0.44 34.62
N SER C 144 35.33 -1.03 35.41
CA SER C 144 36.19 -2.09 34.90
C SER C 144 35.50 -3.45 34.81
N ASN C 145 34.44 -3.66 35.56
CA ASN C 145 33.82 -4.96 35.60
C ASN C 145 32.37 -4.96 35.18
N ASP C 146 31.65 -3.86 35.40
CA ASP C 146 30.22 -3.84 35.14
C ASP C 146 30.00 -3.38 33.71
N HIS C 147 29.94 -4.34 32.79
CA HIS C 147 29.66 -4.05 31.40
C HIS C 147 28.21 -4.26 31.06
N ILE C 148 27.49 -5.04 31.87
CA ILE C 148 26.06 -5.19 31.77
C ILE C 148 25.48 -4.84 33.13
N VAL C 149 24.63 -3.82 33.19
CA VAL C 149 24.08 -3.36 34.45
C VAL C 149 22.56 -3.27 34.30
N SER C 150 21.88 -3.17 35.43
CA SER C 150 20.44 -3.02 35.49
C SER C 150 20.10 -1.74 36.24
N ASN C 151 19.10 -1.00 35.75
CA ASN C 151 18.57 0.18 36.40
C ASN C 151 17.35 -0.13 37.30
N ALA C 152 17.18 -1.40 37.66
CA ALA C 152 16.12 -1.89 38.52
C ALA C 152 14.74 -1.69 37.89
N SER C 153 13.70 -1.64 38.72
CA SER C 153 12.33 -1.44 38.24
C SER C 153 11.88 -0.03 38.66
N THR C 155 9.24 0.67 40.38
CA THR C 155 8.94 0.61 41.80
C THR C 155 10.19 0.66 42.70
N THR C 156 11.24 -0.07 42.32
CA THR C 156 12.47 -0.01 43.09
C THR C 156 13.02 1.40 43.14
N ASN C 157 13.00 2.12 42.00
CA ASN C 157 13.45 3.51 42.03
C ASN C 157 12.54 4.39 42.89
N CYS C 158 11.28 4.01 43.07
CA CYS C 158 10.45 4.81 43.95
C CYS C 158 10.68 4.47 45.42
N LEU C 159 10.78 3.18 45.74
CA LEU C 159 10.84 2.76 47.13
C LEU C 159 12.20 3.05 47.75
N ALA C 160 13.28 2.80 46.99
CA ALA C 160 14.62 2.87 47.58
C ALA C 160 14.93 4.23 48.14
N PRO C 161 14.68 5.33 47.45
CA PRO C 161 14.94 6.65 48.06
C PRO C 161 14.21 6.85 49.37
N ILE C 162 12.95 6.40 49.48
CA ILE C 162 12.24 6.49 50.75
C ILE C 162 12.96 5.69 51.82
N VAL C 163 13.30 4.43 51.49
CA VAL C 163 14.00 3.54 52.41
C VAL C 163 15.34 4.13 52.83
N LYS C 164 16.06 4.74 51.90
CA LYS C 164 17.39 5.30 52.19
C LYS C 164 17.31 6.32 53.31
N VAL C 165 16.37 7.27 53.21
CA VAL C 165 16.24 8.33 54.20
C VAL C 165 15.85 7.76 55.56
N VAL C 166 14.86 6.87 55.59
CA VAL C 166 14.37 6.37 56.88
C VAL C 166 15.47 5.56 57.56
N LEU C 167 16.17 4.72 56.78
CA LEU C 167 17.26 3.90 57.30
C LEU C 167 18.40 4.77 57.84
N ASP C 168 18.78 5.80 57.10
CA ASP C 168 19.93 6.62 57.50
C ASP C 168 19.69 7.36 58.80
N ASN C 169 18.44 7.62 59.14
CA ASN C 169 18.11 8.43 60.30
C ASN C 169 17.51 7.65 61.46
N TRP C 170 16.75 6.61 61.22
CA TRP C 170 16.13 5.94 62.34
C TRP C 170 16.18 4.42 62.28
N GLY C 171 16.80 3.83 61.23
CA GLY C 171 16.94 2.41 61.02
C GLY C 171 15.64 1.74 60.65
N ILE C 172 15.71 0.52 60.11
CA ILE C 172 14.51 -0.21 59.74
C ILE C 172 14.62 -1.58 60.36
N GLU C 173 13.63 -1.94 61.16
CA GLU C 173 13.57 -3.29 61.70
C GLU C 173 12.83 -4.22 60.75
N GLU C 174 11.68 -3.78 60.24
CA GLU C 174 10.87 -4.52 59.29
C GLU C 174 10.08 -3.56 58.43
N GLY C 175 9.73 -4.02 57.23
CA GLY C 175 8.97 -3.22 56.30
C GLY C 175 8.25 -4.08 55.28
N LEU C 176 6.98 -3.77 55.07
CA LEU C 176 6.17 -4.43 54.06
C LEU C 176 5.65 -3.36 53.13
N MET C 177 5.83 -3.59 51.82
CA MET C 177 5.51 -2.58 50.82
C MET C 177 4.32 -3.03 50.00
N THR C 178 3.47 -2.08 49.65
CA THR C 178 2.46 -2.33 48.63
C THR C 178 2.55 -1.22 47.60
N THR C 179 2.56 -1.60 46.32
CA THR C 179 2.45 -0.62 45.24
C THR C 179 1.10 -0.78 44.54
N ILE C 180 0.36 0.33 44.42
CA ILE C 180 -0.81 0.39 43.54
C ILE C 180 -0.31 0.90 42.19
N HIS C 181 -0.26 0.00 41.22
CA HIS C 181 0.48 0.24 40.01
C HIS C 181 -0.45 0.44 38.84
N ALA C 182 -0.07 1.39 37.99
CA ALA C 182 -0.79 1.60 36.75
C ALA C 182 -0.67 0.35 35.88
N THR C 183 -1.66 0.19 34.99
CA THR C 183 -1.59 -0.85 33.97
C THR C 183 -0.41 -0.59 33.06
N THR C 184 0.17 -1.69 32.56
CA THR C 184 1.28 -1.67 31.61
C THR C 184 1.00 -2.58 30.41
N ALA C 185 1.96 -2.58 29.48
CA ALA C 185 1.85 -3.32 28.21
C ALA C 185 1.80 -4.83 28.38
N THR C 186 2.25 -5.35 29.52
CA THR C 186 2.21 -6.78 29.77
C THR C 186 0.80 -7.30 30.02
N GLN C 187 -0.19 -6.39 30.31
CA GLN C 187 -1.56 -6.76 30.63
C GLN C 187 -2.48 -6.64 29.42
N PRO C 188 -3.45 -7.54 29.29
CA PRO C 188 -4.41 -7.44 28.20
C PRO C 188 -5.59 -6.53 28.58
N THR C 189 -6.30 -6.10 27.54
CA THR C 189 -7.52 -5.33 27.76
C THR C 189 -8.67 -6.20 28.22
N VAL C 190 -8.71 -7.48 27.82
CA VAL C 190 -9.79 -8.38 28.21
C VAL C 190 -9.19 -9.68 28.75
N ASP C 191 -10.01 -10.45 29.48
CA ASP C 191 -9.50 -11.67 30.11
C ASP C 191 -8.81 -12.56 29.07
N GLY C 192 -7.61 -13.00 29.37
CA GLY C 192 -6.86 -13.83 28.44
C GLY C 192 -5.85 -14.72 29.13
N PRO C 193 -5.18 -15.57 28.38
CA PRO C 193 -4.20 -16.51 28.99
C PRO C 193 -2.94 -15.81 29.49
N SER C 194 -2.30 -16.44 30.47
CA SER C 194 -1.03 -15.97 31.03
C SER C 194 -0.43 -17.08 31.89
N LYS C 195 0.43 -17.92 31.31
CA LYS C 195 0.82 -19.15 32.00
C LYS C 195 1.57 -18.91 33.30
N LYS C 196 2.39 -17.85 33.40
CA LYS C 196 3.19 -17.66 34.60
C LYS C 196 2.48 -16.85 35.69
N ASP C 197 1.41 -16.15 35.35
CA ASP C 197 0.59 -15.50 36.37
C ASP C 197 -0.82 -15.37 35.82
N PHE C 198 -1.70 -16.26 36.27
CA PHE C 198 -3.08 -16.27 35.77
C PHE C 198 -3.77 -14.93 36.01
N ARG C 199 -3.58 -14.31 37.19
CA ARG C 199 -4.20 -13.01 37.43
C ARG C 199 -3.72 -11.99 36.42
N GLY C 200 -2.45 -12.09 36.02
CA GLY C 200 -1.92 -11.16 35.05
C GLY C 200 -2.64 -11.19 33.72
N GLY C 201 -3.43 -12.24 33.46
CA GLY C 201 -4.14 -12.32 32.21
C GLY C 201 -5.51 -11.72 32.20
N ARG C 202 -6.00 -11.34 33.39
CA ARG C 202 -7.34 -10.79 33.49
C ARG C 202 -7.37 -9.35 32.97
N GLY C 203 -8.53 -8.95 32.45
CA GLY C 203 -8.68 -7.65 31.83
C GLY C 203 -8.30 -6.50 32.73
N ALA C 204 -7.39 -5.65 32.24
CA ALA C 204 -6.89 -4.52 33.03
C ALA C 204 -7.89 -3.37 33.13
N MET C 205 -8.83 -3.27 32.20
CA MET C 205 -9.79 -2.17 32.27
C MET C 205 -10.80 -2.34 33.39
N GLN C 206 -11.03 -3.58 33.81
CA GLN C 206 -12.12 -3.94 34.69
C GLN C 206 -11.72 -4.17 36.13
N ASN C 207 -10.47 -4.55 36.40
CA ASN C 207 -10.16 -5.19 37.66
C ASN C 207 -9.10 -4.44 38.43
N ILE C 208 -9.19 -4.60 39.75
CA ILE C 208 -8.02 -4.53 40.62
C ILE C 208 -7.40 -5.91 40.59
N ILE C 209 -6.12 -5.99 40.24
CA ILE C 209 -5.46 -7.28 40.01
C ILE C 209 -4.25 -7.44 40.91
N PRO C 210 -4.29 -8.34 41.90
CA PRO C 210 -3.08 -8.59 42.69
C PRO C 210 -1.97 -9.12 41.80
N ALA C 211 -0.76 -8.66 42.06
CA ALA C 211 0.44 -9.02 41.31
C ALA C 211 1.61 -9.15 42.28
N SER C 212 2.57 -9.97 41.90
CA SER C 212 3.82 -10.09 42.65
C SER C 212 4.79 -9.02 42.18
N THR C 213 5.67 -8.62 43.08
CA THR C 213 6.71 -7.67 42.74
C THR C 213 7.98 -8.12 43.43
N GLY C 214 9.11 -7.96 42.75
CA GLY C 214 10.40 -8.16 43.37
C GLY C 214 11.05 -6.89 43.86
N ALA C 215 10.35 -5.76 43.81
CA ALA C 215 10.99 -4.50 44.17
C ALA C 215 11.46 -4.53 45.61
N ALA C 216 10.72 -5.20 46.50
CA ALA C 216 11.09 -5.25 47.92
C ALA C 216 12.46 -5.90 48.13
N LYS C 217 12.66 -7.12 47.68
CA LYS C 217 14.02 -7.67 47.75
C LYS C 217 14.99 -6.87 46.89
N ALA C 218 14.54 -6.36 45.73
CA ALA C 218 15.45 -5.59 44.88
C ALA C 218 16.05 -4.40 45.64
N VAL C 219 15.25 -3.74 46.47
CA VAL C 219 15.83 -2.67 47.29
C VAL C 219 16.82 -3.26 48.30
N GLY C 220 16.59 -4.50 48.76
CA GLY C 220 17.58 -5.19 49.58
C GLY C 220 18.92 -5.32 48.88
N LEU C 221 18.90 -5.38 47.56
CA LEU C 221 20.12 -5.40 46.78
C LEU C 221 20.82 -4.03 46.79
N CYS C 222 20.07 -2.96 46.53
CA CYS C 222 20.60 -1.61 46.48
C CYS C 222 20.89 -1.02 47.85
N ILE C 223 20.13 -1.44 48.86
CA ILE C 223 20.35 -1.00 50.23
C ILE C 223 20.53 -2.24 51.09
N PRO C 224 21.75 -2.78 51.13
CA PRO C 224 21.97 -4.06 51.82
C PRO C 224 21.54 -4.05 53.26
N GLU C 225 21.54 -2.88 53.93
CA GLU C 225 21.14 -2.85 55.34
C GLU C 225 19.75 -3.39 55.54
N VAL C 226 18.89 -3.33 54.52
CA VAL C 226 17.52 -3.81 54.64
C VAL C 226 17.34 -5.20 54.02
N ASN C 227 18.42 -5.83 53.58
CA ASN C 227 18.27 -7.15 52.97
C ASN C 227 17.69 -8.15 53.97
N GLY C 228 16.65 -8.87 53.54
CA GLY C 228 15.93 -9.78 54.39
C GLY C 228 14.88 -9.17 55.30
N LYS C 229 14.81 -7.85 55.42
CA LYS C 229 13.87 -7.24 56.36
C LYS C 229 12.62 -6.63 55.73
N LEU C 230 12.49 -6.65 54.40
CA LEU C 230 11.29 -6.08 53.77
C LEU C 230 10.85 -6.91 52.59
N THR C 231 9.54 -7.04 52.46
CA THR C 231 8.92 -7.70 51.33
C THR C 231 7.81 -6.81 50.78
N GLY C 232 7.17 -7.27 49.71
CA GLY C 232 6.17 -6.44 49.10
C GLY C 232 5.28 -7.16 48.12
N MET C 233 4.25 -6.44 47.69
CA MET C 233 3.34 -6.95 46.70
C MET C 233 2.84 -5.78 45.86
N SER C 234 1.91 -6.09 44.95
CA SER C 234 1.43 -5.10 44.00
C SER C 234 -0.05 -5.34 43.72
N PHE C 235 -0.75 -4.26 43.37
CA PHE C 235 -2.11 -4.29 42.85
C PHE C 235 -2.13 -3.41 41.61
N ARG C 236 -2.39 -4.03 40.47
CA ARG C 236 -2.60 -3.35 39.20
C ARG C 236 -4.02 -2.79 39.14
N VAL C 237 -4.14 -1.53 38.74
CA VAL C 237 -5.43 -0.85 38.68
C VAL C 237 -5.59 -0.20 37.30
N PRO C 238 -6.83 0.08 36.94
CA PRO C 238 -7.18 0.54 35.58
C PRO C 238 -6.81 2.00 35.34
N THR C 239 -5.52 2.29 35.39
CA THR C 239 -4.98 3.58 35.05
C THR C 239 -3.86 3.39 34.04
N PRO C 240 -3.70 4.32 33.10
CA PRO C 240 -2.67 4.12 32.05
C PRO C 240 -1.26 4.50 32.49
N ASP C 241 -1.08 5.28 33.56
CA ASP C 241 0.28 5.62 33.99
C ASP C 241 0.23 6.28 35.37
N VAL C 242 1.38 6.32 36.03
CA VAL C 242 1.59 6.87 37.38
C VAL C 242 1.18 5.83 38.41
N SER C 243 2.05 5.57 39.39
CA SER C 243 1.84 4.59 40.44
C SER C 243 2.17 5.20 41.80
N VAL C 244 1.85 4.47 42.86
CA VAL C 244 2.13 4.96 44.20
C VAL C 244 2.63 3.81 45.07
N VAL C 245 3.58 4.11 45.90
CA VAL C 245 4.10 3.14 46.86
C VAL C 245 3.54 3.47 48.24
N ASP C 246 3.20 2.42 48.98
CA ASP C 246 2.63 2.52 50.32
C ASP C 246 3.49 1.62 51.23
N LEU C 247 4.49 2.23 51.88
CA LEU C 247 5.47 1.51 52.69
C LEU C 247 5.08 1.49 54.17
N THR C 248 4.79 0.30 54.69
CA THR C 248 4.58 0.08 56.11
C THR C 248 5.92 -0.31 56.73
N VAL C 249 6.42 0.54 57.60
CA VAL C 249 7.79 0.41 58.07
C VAL C 249 7.78 0.45 59.59
N ARG C 250 8.54 -0.46 60.20
CA ARG C 250 8.86 -0.45 61.62
C ARG C 250 10.27 0.09 61.78
N THR C 251 10.40 1.21 62.47
CA THR C 251 11.69 1.86 62.65
C THR C 251 12.41 1.34 63.89
N THR C 252 13.71 1.61 63.95
CA THR C 252 14.54 1.28 65.11
C THR C 252 14.46 2.35 66.20
N LYS C 253 14.85 3.58 65.88
CA LYS C 253 14.73 4.65 66.85
C LYS C 253 13.34 5.28 66.77
N GLU C 254 12.91 5.81 67.91
CA GLU C 254 11.66 6.55 67.97
C GLU C 254 11.74 7.83 67.14
N THR C 255 10.64 8.17 66.49
CA THR C 255 10.57 9.34 65.65
C THR C 255 9.11 9.76 65.49
N SER C 256 8.85 10.64 64.54
CA SER C 256 7.49 11.10 64.27
C SER C 256 7.36 11.39 62.78
N LEU C 257 6.10 11.49 62.32
CA LEU C 257 5.89 11.81 60.91
C LEU C 257 6.45 13.16 60.56
N LYS C 258 6.35 14.11 61.50
CA LYS C 258 6.88 15.46 61.29
C LYS C 258 8.37 15.42 61.04
N GLU C 259 9.09 14.62 61.84
CA GLU C 259 10.53 14.44 61.70
C GLU C 259 10.87 13.73 60.38
N ILE C 260 10.12 12.70 60.01
CA ILE C 260 10.39 12.01 58.75
C ILE C 260 10.17 12.96 57.57
N SER C 261 9.04 13.66 57.58
CA SER C 261 8.75 14.59 56.49
C SER C 261 9.85 15.63 56.37
N ALA C 262 10.35 16.13 57.51
CA ALA C 262 11.40 17.14 57.52
C ALA C 262 12.68 16.61 56.85
N LYS C 263 13.03 15.34 57.11
CA LYS C 263 14.22 14.75 56.47
C LYS C 263 14.00 14.50 54.98
N MET C 264 12.79 14.05 54.61
CA MET C 264 12.43 13.89 53.19
C MET C 264 12.55 15.22 52.46
N LYS C 265 12.05 16.29 53.07
CA LYS C 265 12.12 17.62 52.49
C LYS C 265 13.57 18.08 52.34
N ALA C 266 14.40 17.82 53.35
CA ALA C 266 15.80 18.21 53.24
C ALA C 266 16.45 17.51 52.05
N ALA C 267 16.26 16.19 51.97
CA ALA C 267 16.82 15.39 50.88
C ALA C 267 16.28 15.87 49.53
N SER C 268 14.99 16.19 49.44
CA SER C 268 14.48 16.66 48.15
C SER C 268 15.15 17.97 47.73
N GLU C 269 15.58 18.81 48.69
CA GLU C 269 16.18 20.10 48.35
C GLU C 269 17.70 20.04 48.22
N GLY C 270 18.36 18.97 48.68
CA GLY C 270 19.81 18.89 48.62
C GLY C 270 20.21 17.61 47.91
N ALA C 271 20.79 16.65 48.64
CA ALA C 271 21.15 15.38 48.02
C ALA C 271 19.87 14.68 47.62
N MET C 272 19.88 13.97 46.52
CA MET C 272 18.66 13.35 45.99
C MET C 272 17.78 14.41 45.33
N LYS C 273 18.25 15.65 45.24
CA LYS C 273 17.53 16.63 44.46
C LYS C 273 17.42 16.11 43.03
N GLY C 274 16.23 16.20 42.43
CA GLY C 274 16.00 15.61 41.12
C GLY C 274 15.70 14.14 41.11
N ILE C 275 15.89 13.48 42.26
CA ILE C 275 15.56 12.07 42.45
C ILE C 275 14.31 11.93 43.33
N LEU C 276 14.36 12.49 44.54
CA LEU C 276 13.26 12.47 45.49
C LEU C 276 12.57 13.81 45.50
N GLY C 277 11.24 13.80 45.37
CA GLY C 277 10.42 14.99 45.41
C GLY C 277 9.67 15.03 46.73
N TYR C 278 9.13 16.19 47.12
CA TYR C 278 8.46 16.32 48.41
C TYR C 278 7.21 17.18 48.22
N THR C 279 6.08 16.76 48.79
CA THR C 279 4.89 17.61 48.69
C THR C 279 4.05 17.53 49.95
N GLU C 280 3.37 18.65 50.25
CA GLU C 280 2.34 18.70 51.28
C GLU C 280 0.97 19.03 50.69
N ASP C 281 0.81 19.02 49.37
CA ASP C 281 -0.47 19.31 48.73
C ASP C 281 -1.32 18.04 48.57
N MET C 282 -2.64 18.25 48.34
CA MET C 282 -3.64 17.19 48.21
C MET C 282 -3.59 16.61 46.80
N VAL C 283 -2.45 15.98 46.50
CA VAL C 283 -2.15 15.53 45.15
C VAL C 283 -2.82 14.17 44.91
N VAL C 284 -3.09 13.90 43.63
CA VAL C 284 -3.57 12.61 43.12
C VAL C 284 -2.70 12.21 41.93
N SER C 285 -2.94 11.01 41.40
CA SER C 285 -1.95 10.43 40.49
C SER C 285 -1.70 11.32 39.28
N ASN C 286 -2.73 11.86 38.65
CA ASN C 286 -2.44 12.63 37.43
C ASN C 286 -1.67 13.92 37.69
N ASP C 287 -1.52 14.32 38.94
CA ASP C 287 -0.63 15.43 39.21
C ASP C 287 0.83 15.07 38.95
N PHE C 288 1.13 13.84 38.58
CA PHE C 288 2.51 13.44 38.37
C PHE C 288 2.79 12.93 36.96
N VAL C 289 1.87 13.10 36.01
CA VAL C 289 2.09 12.68 34.64
C VAL C 289 3.26 13.47 34.08
N SER C 290 4.28 12.76 33.58
CA SER C 290 5.50 13.35 33.02
C SER C 290 6.38 13.95 34.10
N SER C 291 6.17 13.58 35.36
CA SER C 291 7.17 13.91 36.35
C SER C 291 8.45 13.13 36.05
N THR C 292 9.58 13.82 36.18
CA THR C 292 10.89 13.22 35.99
C THR C 292 11.50 12.70 37.29
N LEU C 293 10.81 12.87 38.41
CA LEU C 293 11.37 12.41 39.68
C LEU C 293 11.21 10.90 39.83
N SER C 294 12.10 10.29 40.61
CA SER C 294 12.00 8.86 40.88
C SER C 294 10.89 8.57 41.90
N SER C 295 10.64 9.53 42.78
CA SER C 295 9.84 9.31 43.99
C SER C 295 9.38 10.67 44.51
N ILE C 296 8.10 10.76 44.86
CA ILE C 296 7.57 12.00 45.40
C ILE C 296 6.87 11.65 46.69
N PHE C 297 7.48 12.06 47.80
CA PHE C 297 6.94 11.84 49.13
C PHE C 297 5.71 12.72 49.37
N ASP C 298 4.63 12.08 49.79
CA ASP C 298 3.31 12.67 50.02
C ASP C 298 3.03 12.77 51.54
N MET C 299 3.36 13.93 52.14
CA MET C 299 3.25 14.07 53.59
C MET C 299 1.83 13.84 54.09
N ASP C 300 0.85 14.43 53.43
CA ASP C 300 -0.51 14.36 53.93
C ASP C 300 -1.10 12.95 53.83
N ALA C 301 -0.62 12.13 52.90
CA ALA C 301 -1.16 10.78 52.75
C ALA C 301 -0.58 9.81 53.78
N CYS C 302 0.58 10.11 54.36
CA CYS C 302 1.23 9.27 55.35
C CYS C 302 0.44 9.20 56.65
N ILE C 303 0.59 8.09 57.37
CA ILE C 303 0.01 7.93 58.69
C ILE C 303 1.04 7.30 59.61
N GLU C 304 0.94 7.64 60.89
CA GLU C 304 1.78 7.10 61.94
C GLU C 304 0.90 6.29 62.88
N LEU C 305 1.22 5.02 63.07
CA LEU C 305 0.54 4.29 64.12
C LEU C 305 1.10 4.70 65.48
N ASN C 306 2.42 4.72 65.61
CA ASN C 306 3.07 5.14 66.82
C ASN C 306 4.49 5.56 66.44
N SER C 307 5.32 5.84 67.46
CA SER C 307 6.66 6.39 67.28
C SER C 307 7.63 5.47 66.52
N ARG C 308 7.27 4.19 66.27
CA ARG C 308 8.14 3.31 65.51
C ARG C 308 7.47 2.62 64.31
N PHE C 309 6.17 2.84 64.08
CA PHE C 309 5.44 2.15 63.01
C PHE C 309 4.76 3.20 62.14
N PHE C 310 5.19 3.27 60.89
CA PHE C 310 4.70 4.28 59.97
C PHE C 310 4.21 3.64 58.70
N LYS C 311 3.31 4.36 58.02
CA LYS C 311 2.89 4.02 56.67
C LYS C 311 3.22 5.22 55.80
N LEU C 312 4.24 5.09 54.97
CA LEU C 312 4.73 6.18 54.14
C LEU C 312 4.28 5.96 52.70
N VAL C 313 3.90 7.05 52.04
CA VAL C 313 3.31 7.06 50.71
C VAL C 313 4.21 7.89 49.82
N SER C 314 4.56 7.37 48.64
CA SER C 314 5.36 8.10 47.67
C SER C 314 4.90 7.77 46.24
N TRP C 315 4.78 8.80 45.42
CA TRP C 315 4.33 8.66 44.03
C TRP C 315 5.50 8.48 43.06
N TYR C 316 5.17 7.97 41.87
CA TYR C 316 6.13 7.96 40.79
C TYR C 316 5.41 7.76 39.47
N ASP C 317 5.87 8.48 38.45
CA ASP C 317 5.49 8.23 37.06
C ASP C 317 6.33 7.06 36.58
N ASN C 318 5.77 5.86 36.66
CA ASN C 318 6.51 4.63 36.38
C ASN C 318 7.13 4.63 34.99
N GLU C 319 6.63 5.45 34.07
CA GLU C 319 7.18 5.59 32.73
C GLU C 319 8.28 6.65 32.65
N MET C 320 7.94 7.91 33.02
CA MET C 320 8.81 9.07 32.78
C MET C 320 9.98 9.13 33.76
N GLY C 321 9.72 8.85 35.05
CA GLY C 321 10.79 8.88 36.03
C GLY C 321 11.84 7.83 35.75
N TYR C 322 11.41 6.59 35.50
CA TYR C 322 12.37 5.55 35.15
C TYR C 322 13.12 5.90 33.87
N SER C 323 12.42 6.41 32.85
CA SER C 323 13.13 6.70 31.60
C SER C 323 14.24 7.72 31.81
N ASN C 324 14.00 8.67 32.70
CA ASN C 324 15.01 9.72 33.00
C ASN C 324 16.17 9.14 33.82
N ARG C 325 15.97 8.16 34.63
CA ARG C 325 17.03 7.57 35.47
C ARG C 325 17.92 6.68 34.61
N VAL C 326 17.30 6.05 33.58
CA VAL C 326 18.11 5.28 32.60
C VAL C 326 19.09 6.25 31.94
N LEU C 327 18.64 7.45 31.61
CA LEU C 327 19.60 8.41 31.05
C LEU C 327 20.63 8.81 32.09
N ASP C 328 20.16 9.15 33.30
CA ASP C 328 21.09 9.56 34.35
C ASP C 328 22.11 8.47 34.62
N LEU C 329 21.68 7.21 34.64
CA LEU C 329 22.63 6.14 34.87
C LEU C 329 23.67 6.10 33.75
N ILE C 330 23.22 6.16 32.48
CA ILE C 330 24.17 6.14 31.36
C ILE C 330 25.15 7.29 31.46
N ARG C 331 24.64 8.49 31.76
CA ARG C 331 25.50 9.68 31.93
C ARG C 331 26.49 9.51 33.06
N TYR C 332 26.05 8.97 34.20
CA TYR C 332 26.99 8.76 35.29
C TYR C 332 28.10 7.80 34.86
N MET C 333 27.73 6.68 34.23
CA MET C 333 28.70 5.71 33.76
C MET C 333 29.63 6.31 32.72
N ALA C 334 29.11 7.17 31.86
CA ALA C 334 29.91 7.74 30.78
C ALA C 334 31.04 8.61 31.30
N LYS C 335 30.74 9.41 32.32
CA LYS C 335 31.74 10.38 32.82
C LYS C 335 32.83 9.67 33.62
N LYS C 336 32.48 8.57 34.27
CA LYS C 336 33.42 7.78 35.05
C LYS C 336 32.71 6.70 35.85
N MET D 3 -44.47 -9.96 60.51
CA MET D 3 -43.69 -9.28 59.49
C MET D 3 -43.14 -7.96 60.03
N THR D 4 -41.89 -7.69 59.68
CA THR D 4 -41.23 -6.44 60.04
C THR D 4 -41.48 -5.37 58.99
N ARG D 5 -41.94 -4.19 59.43
CA ARG D 5 -42.24 -3.08 58.52
C ARG D 5 -41.03 -2.15 58.38
N ILE D 6 -40.54 -2.01 57.15
CA ILE D 6 -39.29 -1.34 56.88
C ILE D 6 -39.52 -0.19 55.91
N ALA D 7 -38.90 0.93 56.20
CA ALA D 7 -38.83 2.04 55.28
C ALA D 7 -37.38 2.29 54.93
N ILE D 8 -37.16 2.76 53.70
CA ILE D 8 -35.83 3.08 53.20
C ILE D 8 -35.83 4.57 52.94
N ASN D 9 -34.89 5.28 53.57
CA ASN D 9 -34.68 6.71 53.35
C ASN D 9 -33.40 6.87 52.54
N GLY D 10 -33.55 7.19 51.26
CA GLY D 10 -32.42 7.22 50.35
C GLY D 10 -32.38 5.95 49.53
N PHE D 11 -32.99 5.98 48.35
CA PHE D 11 -33.04 4.83 47.45
C PHE D 11 -31.84 4.86 46.50
N GLY D 12 -30.62 4.97 47.05
CA GLY D 12 -29.37 5.01 46.28
C GLY D 12 -28.78 3.63 46.04
N ARG D 13 -27.46 3.60 45.83
CA ARG D 13 -26.78 2.32 45.66
C ARG D 13 -27.09 1.36 46.81
N ILE D 14 -26.85 1.80 48.05
CA ILE D 14 -27.09 0.92 49.18
C ILE D 14 -28.59 0.69 49.34
N GLY D 15 -29.39 1.75 49.25
CA GLY D 15 -30.82 1.58 49.48
C GLY D 15 -31.46 0.61 48.48
N ARG D 16 -31.18 0.80 47.20
CA ARG D 16 -31.74 -0.07 46.17
C ARG D 16 -31.22 -1.50 46.29
N LEU D 17 -29.94 -1.69 46.63
CA LEU D 17 -29.42 -3.05 46.74
C LEU D 17 -29.93 -3.72 48.01
N VAL D 18 -30.09 -2.96 49.08
CA VAL D 18 -30.79 -3.48 50.24
C VAL D 18 -32.20 -3.89 49.84
N PHE D 19 -32.86 -3.07 49.03
CA PHE D 19 -34.22 -3.37 48.62
C PHE D 19 -34.29 -4.66 47.78
N ARG D 20 -33.34 -4.83 46.86
CA ARG D 20 -33.33 -6.00 45.99
C ARG D 20 -33.19 -7.26 46.79
N ALA D 21 -32.25 -7.25 47.75
CA ALA D 21 -32.03 -8.46 48.51
C ALA D 21 -33.21 -8.75 49.43
N GLY D 22 -33.87 -7.70 49.92
CA GLY D 22 -34.86 -7.93 50.94
C GLY D 22 -36.27 -8.11 50.43
N ILE D 23 -36.58 -7.56 49.26
CA ILE D 23 -37.95 -7.72 48.77
C ILE D 23 -38.25 -9.18 48.49
N LYS D 24 -37.22 -10.01 48.35
CA LYS D 24 -37.41 -11.45 48.15
C LYS D 24 -37.81 -12.16 49.44
N ASP D 25 -37.61 -11.51 50.59
CA ASP D 25 -37.76 -12.13 51.91
C ASP D 25 -39.20 -12.03 52.39
N PRO D 26 -39.87 -13.15 52.61
CA PRO D 26 -41.26 -13.09 53.07
C PRO D 26 -41.40 -12.60 54.49
N ASN D 27 -40.33 -12.65 55.31
CA ASN D 27 -40.42 -12.18 56.68
C ASN D 27 -40.36 -10.68 56.80
N LEU D 28 -39.92 -10.00 55.75
CA LEU D 28 -39.76 -8.55 55.71
C LEU D 28 -40.94 -7.94 54.99
N GLU D 29 -41.31 -6.72 55.38
CA GLU D 29 -42.33 -5.98 54.67
C GLU D 29 -41.83 -4.54 54.47
N PHE D 30 -41.41 -4.26 53.25
CA PHE D 30 -41.03 -2.90 52.88
C PHE D 30 -42.27 -2.11 52.57
N VAL D 31 -42.47 -1.03 53.30
CA VAL D 31 -43.70 -0.26 53.20
C VAL D 31 -43.52 1.07 52.51
N ALA D 32 -42.32 1.66 52.52
CA ALA D 32 -42.19 3.00 51.99
C ALA D 32 -40.75 3.24 51.57
N ILE D 33 -40.58 4.11 50.57
CA ILE D 33 -39.29 4.58 50.10
C ILE D 33 -39.32 6.10 50.00
N ASN D 34 -38.31 6.76 50.54
CA ASN D 34 -38.21 8.21 50.48
C ASN D 34 -36.97 8.56 49.70
N ASP D 35 -37.11 9.46 48.74
CA ASP D 35 -35.98 9.95 47.97
C ASP D 35 -36.45 11.25 47.34
N LEU D 36 -35.56 11.96 46.66
CA LEU D 36 -35.85 13.31 46.11
C LEU D 36 -36.30 13.21 44.65
N VAL D 37 -36.63 12.03 44.16
CA VAL D 37 -37.03 11.82 42.75
C VAL D 37 -38.42 11.17 42.68
N THR D 38 -39.03 11.26 41.52
CA THR D 38 -40.37 10.67 41.29
C THR D 38 -40.28 9.15 41.20
N PRO D 39 -41.40 8.43 41.37
CA PRO D 39 -41.39 6.98 41.31
C PRO D 39 -40.93 6.41 39.95
N ASP D 40 -41.12 7.16 38.87
CA ASP D 40 -40.64 6.69 37.54
C ASP D 40 -39.12 6.47 37.54
N ASN D 41 -38.34 7.45 38.00
CA ASN D 41 -36.86 7.35 38.04
C ASN D 41 -36.42 6.28 39.04
N LEU D 42 -37.18 6.10 40.10
CA LEU D 42 -36.85 5.07 41.12
C LEU D 42 -37.19 3.71 40.51
N ALA D 43 -38.31 3.63 39.80
CA ALA D 43 -38.58 2.34 39.16
C ALA D 43 -37.48 2.01 38.16
N TYR D 44 -37.06 3.01 37.39
CA TYR D 44 -36.00 2.83 36.42
C TYR D 44 -34.70 2.34 37.06
N LEU D 45 -34.27 2.98 38.15
CA LEU D 45 -33.00 2.62 38.79
C LEU D 45 -33.07 1.27 39.48
N LEU D 46 -34.25 0.88 39.98
CA LEU D 46 -34.42 -0.45 40.53
C LEU D 46 -34.33 -1.52 39.46
N LYS D 47 -34.92 -1.27 38.27
CA LYS D 47 -34.98 -2.25 37.18
C LYS D 47 -33.61 -2.50 36.56
N TYR D 48 -32.85 -1.45 36.27
CA TYR D 48 -31.58 -1.56 35.55
C TYR D 48 -30.44 -1.19 36.46
N ASP D 49 -29.43 -2.06 36.56
CA ASP D 49 -28.29 -1.78 37.41
C ASP D 49 -27.03 -1.98 36.60
N SER D 50 -26.24 -0.92 36.42
CA SER D 50 -25.06 -1.04 35.58
C SER D 50 -24.09 -2.08 36.11
N THR D 51 -24.15 -2.38 37.40
CA THR D 51 -23.18 -3.23 38.07
C THR D 51 -23.69 -4.61 38.39
N HIS D 52 -24.95 -4.71 38.82
CA HIS D 52 -25.53 -5.97 39.23
C HIS D 52 -26.62 -6.44 38.28
N GLY D 53 -26.78 -5.82 37.09
CA GLY D 53 -27.69 -6.36 36.11
C GLY D 53 -29.14 -6.03 36.40
N ARG D 54 -30.02 -6.54 35.55
CA ARG D 54 -31.43 -6.22 35.64
C ARG D 54 -32.08 -6.86 36.86
N PHE D 55 -33.05 -6.15 37.43
CA PHE D 55 -33.82 -6.71 38.51
C PHE D 55 -34.56 -7.97 38.03
N GLN D 56 -34.37 -9.08 38.76
CA GLN D 56 -34.97 -10.37 38.40
C GLN D 56 -36.38 -10.41 38.99
N GLY D 57 -37.30 -9.77 38.29
CA GLY D 57 -38.67 -9.65 38.75
C GLY D 57 -39.36 -8.53 37.99
N THR D 58 -40.60 -8.28 38.42
CA THR D 58 -41.45 -7.26 37.81
C THR D 58 -41.36 -5.95 38.59
N VAL D 59 -41.24 -4.83 37.85
CA VAL D 59 -41.17 -3.47 38.39
C VAL D 59 -42.22 -2.63 37.69
N GLU D 60 -43.10 -2.02 38.47
CA GLU D 60 -44.14 -1.14 37.98
C GLU D 60 -44.13 0.14 38.83
N HIS D 61 -44.82 1.18 38.40
CA HIS D 61 -44.83 2.40 39.18
C HIS D 61 -46.10 3.18 38.90
N THR D 62 -46.54 3.96 39.86
CA THR D 62 -47.59 4.95 39.65
C THR D 62 -47.03 6.26 40.16
N GLU D 63 -47.87 7.29 40.16
CA GLU D 63 -47.42 8.57 40.66
C GLU D 63 -46.98 8.53 42.11
N LYS D 64 -47.46 7.57 42.86
CA LYS D 64 -47.33 7.59 44.31
C LYS D 64 -46.74 6.32 44.90
N GLU D 65 -46.36 5.34 44.08
CA GLU D 65 -45.89 4.06 44.60
C GLU D 65 -45.06 3.29 43.57
N LEU D 66 -44.24 2.37 44.08
CA LEU D 66 -43.60 1.36 43.26
C LEU D 66 -44.41 0.09 43.40
N ILE D 67 -44.39 -0.74 42.36
CA ILE D 67 -45.06 -2.05 42.42
C ILE D 67 -44.01 -3.07 42.00
N VAL D 68 -43.46 -3.79 42.97
CA VAL D 68 -42.35 -4.71 42.78
C VAL D 68 -42.86 -6.11 43.05
N ASP D 69 -42.88 -6.97 42.01
CA ASP D 69 -43.33 -8.34 42.18
C ASP D 69 -44.73 -8.43 42.80
N GLY D 70 -45.61 -7.49 42.39
CA GLY D 70 -46.97 -7.42 42.88
C GLY D 70 -47.11 -6.59 44.16
N LYS D 71 -46.03 -6.44 44.93
CA LYS D 71 -46.07 -5.72 46.19
C LYS D 71 -46.00 -4.21 45.97
N LYS D 72 -46.93 -3.48 46.57
CA LYS D 72 -47.02 -2.04 46.40
C LYS D 72 -46.30 -1.34 47.54
N ILE D 73 -45.43 -0.42 47.18
CA ILE D 73 -44.59 0.28 48.14
C ILE D 73 -44.76 1.78 47.95
N LEU D 74 -45.04 2.48 49.04
CA LEU D 74 -45.21 3.92 49.00
C LEU D 74 -43.90 4.62 48.66
N CYS D 75 -44.01 5.63 47.79
CA CYS D 75 -42.89 6.50 47.44
C CYS D 75 -43.24 7.90 47.90
N VAL D 76 -42.40 8.47 48.76
CA VAL D 76 -42.57 9.85 49.20
C VAL D 76 -41.31 10.61 48.81
N SER D 77 -41.42 11.94 48.80
CA SER D 77 -40.28 12.78 48.49
C SER D 77 -40.29 13.95 49.47
N GLU D 78 -39.68 13.75 50.62
CA GLU D 78 -39.65 14.77 51.65
C GLU D 78 -38.23 14.91 52.19
N ARG D 79 -37.66 16.10 52.05
CA ARG D 79 -36.27 16.28 52.47
C ARG D 79 -36.11 16.18 53.98
N ASP D 80 -37.07 16.69 54.76
CA ASP D 80 -36.94 16.69 56.21
C ASP D 80 -37.53 15.40 56.76
N PRO D 81 -36.72 14.51 57.34
CA PRO D 81 -37.27 13.25 57.86
C PRO D 81 -38.33 13.42 58.92
N GLU D 82 -38.34 14.54 59.67
CA GLU D 82 -39.38 14.74 60.67
C GLU D 82 -40.77 14.79 60.06
N LYS D 83 -40.89 15.22 58.81
CA LYS D 83 -42.19 15.25 58.16
C LYS D 83 -42.53 13.93 57.45
N LEU D 84 -41.81 12.85 57.73
CA LEU D 84 -42.07 11.56 57.03
C LEU D 84 -43.25 10.84 57.69
N PRO D 85 -44.08 10.09 56.95
CA PRO D 85 -45.28 9.45 57.50
C PRO D 85 -45.03 8.11 58.18
N TRP D 86 -44.12 8.08 59.16
CA TRP D 86 -43.72 6.79 59.78
C TRP D 86 -44.78 6.23 60.73
N LYS D 87 -45.49 7.09 61.45
CA LYS D 87 -46.48 6.60 62.44
C LYS D 87 -47.69 6.07 61.68
N ASP D 88 -48.08 6.77 60.62
CA ASP D 88 -49.21 6.28 59.83
C ASP D 88 -48.91 4.91 59.23
N LEU D 89 -47.69 4.70 58.77
CA LEU D 89 -47.29 3.44 58.20
C LEU D 89 -46.80 2.45 59.24
N LYS D 90 -46.69 2.84 60.51
CA LYS D 90 -46.25 1.92 61.55
C LYS D 90 -44.88 1.33 61.21
N VAL D 91 -43.94 2.20 60.86
CA VAL D 91 -42.62 1.73 60.47
C VAL D 91 -41.88 1.18 61.68
N ASP D 92 -41.50 -0.09 61.60
CA ASP D 92 -40.66 -0.70 62.62
C ASP D 92 -39.20 -0.26 62.49
N TYR D 93 -38.62 -0.36 61.31
CA TYR D 93 -37.22 -0.03 61.09
C TYR D 93 -37.10 0.95 59.94
N VAL D 94 -36.25 1.96 60.10
CA VAL D 94 -35.94 2.89 59.03
C VAL D 94 -34.49 2.66 58.65
N ILE D 95 -34.23 2.36 57.39
CA ILE D 95 -32.86 2.25 56.90
C ILE D 95 -32.44 3.66 56.48
N GLU D 96 -31.53 4.25 57.23
CA GLU D 96 -31.07 5.59 56.89
C GLU D 96 -29.88 5.44 55.94
N SER D 97 -30.13 5.63 54.64
CA SER D 97 -29.11 5.45 53.61
C SER D 97 -29.01 6.66 52.69
N THR D 98 -29.36 7.86 53.17
CA THR D 98 -29.13 9.04 52.36
C THR D 98 -27.70 9.54 52.49
N GLY D 99 -27.00 9.19 53.58
CA GLY D 99 -25.70 9.77 53.90
C GLY D 99 -25.71 11.10 54.62
N LEU D 100 -26.87 11.66 54.94
CA LEU D 100 -26.98 13.00 55.50
C LEU D 100 -27.43 13.04 56.95
N PHE D 101 -27.75 11.91 57.55
CA PHE D 101 -28.30 11.84 58.90
C PHE D 101 -27.56 10.78 59.72
N THR D 102 -26.23 10.84 59.71
CA THR D 102 -25.39 9.87 60.42
C THR D 102 -25.09 10.31 61.86
N ASP D 103 -25.60 11.47 62.26
CA ASP D 103 -25.58 11.94 63.64
C ASP D 103 -26.90 11.61 64.32
N ARG D 104 -26.89 11.69 65.65
CA ARG D 104 -28.07 11.33 66.43
C ARG D 104 -29.20 12.34 66.25
N VAL D 105 -28.86 13.63 66.22
CA VAL D 105 -29.86 14.67 66.04
C VAL D 105 -30.59 14.46 64.71
N GLY D 106 -29.85 14.04 63.69
CA GLY D 106 -30.46 13.79 62.40
C GLY D 106 -31.22 12.49 62.38
N ALA D 107 -30.60 11.41 62.85
CA ALA D 107 -31.28 10.12 62.76
C ALA D 107 -32.51 10.08 63.66
N GLU D 108 -32.48 10.79 64.77
CA GLU D 108 -33.62 10.75 65.68
C GLU D 108 -34.87 11.35 65.05
N LYS D 109 -34.73 12.10 63.96
CA LYS D 109 -35.91 12.63 63.29
C LYS D 109 -36.83 11.51 62.81
N HIS D 110 -36.29 10.36 62.44
CA HIS D 110 -37.16 9.27 62.02
C HIS D 110 -38.01 8.78 63.19
N ILE D 111 -37.42 8.73 64.39
CA ILE D 111 -38.13 8.32 65.59
C ILE D 111 -39.15 9.37 66.01
N LYS D 112 -38.78 10.64 65.89
CA LYS D 112 -39.75 11.72 66.08
C LYS D 112 -40.88 11.63 65.06
N ALA D 113 -40.60 11.10 63.87
CA ALA D 113 -41.61 10.94 62.84
C ALA D 113 -42.47 9.68 63.05
N GLY D 114 -42.07 8.77 63.94
CA GLY D 114 -42.86 7.59 64.29
C GLY D 114 -42.17 6.23 64.19
N ALA D 115 -40.97 6.19 63.64
CA ALA D 115 -40.28 4.92 63.51
C ALA D 115 -39.82 4.40 64.87
N LYS D 116 -39.79 3.08 64.99
CA LYS D 116 -39.39 2.43 66.25
C LYS D 116 -37.85 2.30 66.38
N LYS D 117 -37.16 1.98 65.28
CA LYS D 117 -35.72 1.75 65.22
C LYS D 117 -35.18 2.41 63.97
N VAL D 118 -33.93 2.84 64.03
CA VAL D 118 -33.28 3.41 62.86
C VAL D 118 -31.95 2.70 62.69
N VAL D 119 -31.71 2.17 61.50
CA VAL D 119 -30.44 1.56 61.18
C VAL D 119 -29.76 2.48 60.18
N ILE D 120 -28.62 3.04 60.58
CA ILE D 120 -27.78 3.90 59.76
C ILE D 120 -26.83 3.04 58.93
N SER D 121 -26.86 3.22 57.60
CA SER D 121 -26.01 2.44 56.70
C SER D 121 -24.64 3.06 56.49
N ALA D 122 -24.02 3.45 57.59
CA ALA D 122 -22.73 4.13 57.54
C ALA D 122 -22.24 4.28 58.97
N PRO D 123 -20.95 4.59 59.17
CA PRO D 123 -20.49 4.94 60.51
C PRO D 123 -21.22 6.15 61.08
N ALA D 124 -21.56 6.06 62.36
CA ALA D 124 -22.21 7.17 63.02
C ALA D 124 -21.19 8.23 63.43
N LYS D 125 -21.65 9.48 63.45
CA LYS D 125 -20.82 10.58 63.92
C LYS D 125 -20.69 10.57 65.44
N ASP D 126 -21.71 10.17 66.16
CA ASP D 126 -21.77 10.30 67.61
C ASP D 126 -21.18 9.08 68.32
N LYS D 127 -20.60 9.30 69.51
CA LYS D 127 -20.01 8.16 70.19
C LYS D 127 -21.08 7.27 70.80
N ASP D 128 -22.21 7.84 71.18
CA ASP D 128 -23.25 7.10 71.89
C ASP D 128 -24.19 6.33 70.97
N ILE D 129 -23.89 6.24 69.67
CA ILE D 129 -24.63 5.40 68.74
C ILE D 129 -23.82 4.11 68.57
N PRO D 130 -24.32 2.97 69.02
CA PRO D 130 -23.52 1.73 68.94
C PRO D 130 -23.35 1.29 67.49
N THR D 131 -22.19 0.70 67.23
CA THR D 131 -21.85 0.21 65.91
C THR D 131 -21.69 -1.29 65.98
N PHE D 132 -22.32 -1.99 65.04
CA PHE D 132 -22.35 -3.44 65.03
C PHE D 132 -21.82 -3.97 63.71
N VAL D 133 -21.05 -5.04 63.79
CA VAL D 133 -20.62 -5.80 62.65
C VAL D 133 -21.16 -7.20 62.86
N MET D 134 -21.94 -7.70 61.90
CA MET D 134 -22.49 -9.03 62.03
C MET D 134 -21.37 -10.06 62.13
N GLY D 135 -21.49 -10.99 63.07
CA GLY D 135 -20.47 -11.99 63.25
C GLY D 135 -19.25 -11.51 64.00
N VAL D 136 -19.25 -10.29 64.55
CA VAL D 136 -18.13 -9.80 65.34
C VAL D 136 -18.62 -9.34 66.72
N ASN D 137 -19.57 -8.40 66.76
CA ASN D 137 -20.07 -7.88 68.02
C ASN D 137 -21.58 -7.65 68.03
N ASN D 138 -22.32 -8.17 67.05
CA ASN D 138 -23.74 -7.87 66.95
C ASN D 138 -24.52 -8.43 68.11
N GLU D 139 -23.96 -9.40 68.81
CA GLU D 139 -24.66 -9.95 69.94
C GLU D 139 -24.75 -8.98 71.10
N LYS D 140 -23.94 -7.90 71.08
CA LYS D 140 -23.98 -6.87 72.09
C LYS D 140 -25.19 -5.95 71.93
N TYR D 141 -26.04 -6.17 70.92
CA TYR D 141 -27.21 -5.32 70.70
C TYR D 141 -28.16 -5.41 71.89
N ASN D 142 -28.64 -4.26 72.37
CA ASN D 142 -29.59 -4.22 73.49
C ASN D 142 -30.94 -3.71 73.02
N PRO D 143 -31.92 -4.58 72.82
CA PRO D 143 -33.20 -4.10 72.27
C PRO D 143 -33.87 -3.03 73.11
N SER D 144 -33.65 -3.00 74.43
CA SER D 144 -34.36 -2.03 75.26
C SER D 144 -33.78 -0.62 75.19
N ASN D 145 -32.53 -0.45 74.75
CA ASN D 145 -31.98 0.91 74.76
C ASN D 145 -31.44 1.34 73.39
N ASP D 146 -31.04 0.39 72.53
CA ASP D 146 -30.39 0.76 71.27
C ASP D 146 -31.47 0.93 70.21
N HIS D 147 -31.98 2.16 70.10
CA HIS D 147 -33.03 2.49 69.17
C HIS D 147 -32.50 3.10 67.89
N ILE D 148 -31.30 3.65 67.93
CA ILE D 148 -30.63 4.09 66.72
C ILE D 148 -29.29 3.39 66.72
N VAL D 149 -29.00 2.64 65.67
CA VAL D 149 -27.75 1.90 65.61
C VAL D 149 -27.09 2.19 64.27
N SER D 150 -25.82 1.83 64.20
CA SER D 150 -25.03 1.94 62.99
C SER D 150 -24.54 0.56 62.59
N ASN D 151 -24.55 0.30 61.27
CA ASN D 151 -24.03 -0.93 60.69
C ASN D 151 -22.59 -0.78 60.22
N ALA D 152 -21.90 0.29 60.66
CA ALA D 152 -20.51 0.59 60.32
C ALA D 152 -20.26 0.90 58.83
N SER D 153 -19.02 0.71 58.37
CA SER D 153 -18.73 0.89 56.93
C SER D 153 -18.50 -0.48 56.20
N THR D 155 -15.79 -1.02 54.47
CA THR D 155 -14.43 -1.42 54.82
C THR D 155 -14.30 -2.05 56.24
N THR D 156 -14.97 -1.49 57.25
CA THR D 156 -14.94 -2.10 58.56
C THR D 156 -15.52 -3.50 58.52
N ASN D 157 -16.62 -3.69 57.79
CA ASN D 157 -17.24 -5.01 57.73
C ASN D 157 -16.31 -6.03 57.06
N CYS D 158 -15.40 -5.59 56.19
CA CYS D 158 -14.43 -6.51 55.59
C CYS D 158 -13.25 -6.79 56.52
N LEU D 159 -12.74 -5.76 57.20
CA LEU D 159 -11.53 -5.84 58.02
C LEU D 159 -11.78 -6.53 59.38
N ALA D 160 -12.90 -6.22 60.02
CA ALA D 160 -13.13 -6.72 61.38
C ALA D 160 -13.10 -8.24 61.48
N PRO D 161 -13.78 -8.98 60.60
CA PRO D 161 -13.71 -10.46 60.72
C PRO D 161 -12.28 -10.95 60.62
N ILE D 162 -11.48 -10.36 59.74
CA ILE D 162 -10.09 -10.79 59.62
C ILE D 162 -9.36 -10.54 60.94
N VAL D 163 -9.55 -9.35 61.52
CA VAL D 163 -8.92 -8.97 62.78
C VAL D 163 -9.34 -9.92 63.88
N LYS D 164 -10.61 -10.29 63.90
CA LYS D 164 -11.10 -11.15 64.97
C LYS D 164 -10.40 -12.51 64.96
N VAL D 165 -10.31 -13.18 63.81
CA VAL D 165 -9.66 -14.50 63.81
C VAL D 165 -8.18 -14.36 64.18
N VAL D 166 -7.50 -13.36 63.64
CA VAL D 166 -6.07 -13.24 63.93
C VAL D 166 -5.87 -13.00 65.41
N LEU D 167 -6.64 -12.06 65.97
CA LEU D 167 -6.54 -11.74 67.39
C LEU D 167 -6.84 -12.95 68.27
N ASP D 168 -7.88 -13.73 67.93
CA ASP D 168 -8.25 -14.86 68.77
C ASP D 168 -7.16 -15.93 68.78
N ASN D 169 -6.36 -16.01 67.73
CA ASN D 169 -5.40 -17.10 67.62
C ASN D 169 -3.95 -16.68 67.89
N TRP D 170 -3.55 -15.46 67.55
CA TRP D 170 -2.15 -15.08 67.75
C TRP D 170 -1.96 -13.69 68.36
N GLY D 171 -3.03 -12.98 68.68
CA GLY D 171 -2.90 -11.63 69.19
C GLY D 171 -2.43 -10.66 68.12
N ILE D 172 -2.61 -9.37 68.36
CA ILE D 172 -2.15 -8.33 67.44
C ILE D 172 -1.36 -7.30 68.26
N GLU D 173 -0.09 -7.09 67.89
CA GLU D 173 0.68 -5.98 68.45
C GLU D 173 0.43 -4.68 67.69
N GLU D 174 0.44 -4.73 66.36
CA GLU D 174 0.19 -3.57 65.51
C GLU D 174 -0.46 -4.04 64.22
N GLY D 175 -1.17 -3.13 63.58
CA GLY D 175 -1.77 -3.41 62.30
C GLY D 175 -2.01 -2.10 61.59
N LEU D 176 -1.58 -2.05 60.32
CA LEU D 176 -1.80 -0.90 59.45
C LEU D 176 -2.48 -1.43 58.21
N MET D 177 -3.65 -0.89 57.92
CA MET D 177 -4.44 -1.40 56.82
C MET D 177 -4.52 -0.33 55.75
N THR D 178 -4.54 -0.81 54.50
CA THR D 178 -4.83 0.00 53.34
C THR D 178 -5.95 -0.67 52.60
N THR D 179 -6.96 0.11 52.21
CA THR D 179 -8.00 -0.37 51.32
C THR D 179 -7.84 0.29 49.95
N ILE D 180 -7.81 -0.55 48.91
CA ILE D 180 -7.99 -0.08 47.55
C ILE D 180 -9.47 -0.17 47.25
N HIS D 181 -10.12 0.98 47.21
CA HIS D 181 -11.57 1.07 47.24
C HIS D 181 -12.11 1.51 45.89
N ALA D 182 -13.23 0.92 45.51
CA ALA D 182 -13.90 1.35 44.30
C ALA D 182 -14.42 2.79 44.45
N THR D 183 -14.61 3.43 43.29
CA THR D 183 -15.24 4.73 43.21
C THR D 183 -16.69 4.63 43.70
N THR D 184 -17.16 5.68 44.34
CA THR D 184 -18.55 5.73 44.81
C THR D 184 -19.21 7.06 44.43
N ALA D 185 -20.46 7.18 44.81
CA ALA D 185 -21.26 8.34 44.42
C ALA D 185 -20.70 9.62 44.97
N THR D 186 -19.85 9.54 45.98
CA THR D 186 -19.29 10.72 46.61
C THR D 186 -18.31 11.46 45.73
N GLN D 187 -17.74 10.81 44.72
CA GLN D 187 -16.69 11.34 43.85
C GLN D 187 -17.26 11.83 42.54
N PRO D 188 -16.72 12.92 42.00
CA PRO D 188 -17.13 13.39 40.66
C PRO D 188 -16.44 12.62 39.52
N THR D 189 -17.02 12.76 38.35
CA THR D 189 -16.38 12.21 37.16
C THR D 189 -15.20 13.07 36.72
N VAL D 190 -15.27 14.39 36.93
CA VAL D 190 -14.19 15.29 36.54
C VAL D 190 -13.84 16.17 37.74
N ASP D 191 -12.67 16.78 37.65
CA ASP D 191 -12.15 17.59 38.76
C ASP D 191 -13.16 18.65 39.17
N GLY D 192 -13.47 18.67 40.46
CA GLY D 192 -14.41 19.64 41.00
C GLY D 192 -14.16 19.99 42.46
N PRO D 193 -14.96 20.91 42.98
CA PRO D 193 -14.78 21.38 44.35
C PRO D 193 -15.15 20.32 45.37
N SER D 194 -14.54 20.40 46.55
CA SER D 194 -14.84 19.49 47.67
C SER D 194 -14.22 20.12 48.91
N LYS D 195 -15.03 20.91 49.63
CA LYS D 195 -14.51 21.82 50.66
C LYS D 195 -13.77 21.10 51.78
N LYS D 196 -14.22 19.92 52.18
CA LYS D 196 -13.62 19.28 53.33
C LYS D 196 -12.50 18.31 52.97
N ASP D 197 -12.41 17.87 51.72
CA ASP D 197 -11.31 17.01 51.30
C ASP D 197 -11.08 17.27 49.83
N PHE D 198 -10.01 18.03 49.53
CA PHE D 198 -9.76 18.45 48.16
C PHE D 198 -9.58 17.26 47.22
N ARG D 199 -8.84 16.23 47.63
CA ARG D 199 -8.63 15.06 46.77
C ARG D 199 -9.97 14.40 46.44
N GLY D 200 -10.90 14.42 47.37
CA GLY D 200 -12.18 13.82 47.12
C GLY D 200 -12.93 14.45 45.96
N GLY D 201 -12.55 15.66 45.56
CA GLY D 201 -13.16 16.30 44.42
C GLY D 201 -12.48 16.03 43.10
N ARG D 202 -11.34 15.34 43.09
CA ARG D 202 -10.63 15.11 41.84
C ARG D 202 -11.30 14.05 40.99
N GLY D 203 -11.10 14.13 39.67
CA GLY D 203 -11.76 13.20 38.77
C GLY D 203 -11.50 11.75 39.13
N ALA D 204 -12.59 11.00 39.36
CA ALA D 204 -12.45 9.62 39.78
C ALA D 204 -12.12 8.67 38.64
N MET D 205 -12.43 9.03 37.41
CA MET D 205 -12.14 8.12 36.30
C MET D 205 -10.66 8.10 35.97
N GLN D 206 -9.92 9.14 36.33
CA GLN D 206 -8.53 9.21 35.85
C GLN D 206 -7.50 9.06 36.94
N ASN D 207 -7.94 8.92 38.18
CA ASN D 207 -6.90 9.01 39.22
C ASN D 207 -6.92 7.97 40.33
N ILE D 208 -5.74 7.69 40.88
CA ILE D 208 -5.64 6.92 42.13
C ILE D 208 -5.76 8.05 43.15
N ILE D 209 -6.72 7.96 44.05
CA ILE D 209 -7.02 9.08 44.95
C ILE D 209 -6.91 8.69 46.43
N PRO D 210 -5.88 9.16 47.15
CA PRO D 210 -5.81 8.86 48.58
C PRO D 210 -6.98 9.46 49.32
N ALA D 211 -7.47 8.72 50.31
CA ALA D 211 -8.62 9.13 51.09
C ALA D 211 -8.41 8.71 52.53
N SER D 212 -9.05 9.42 53.42
CA SER D 212 -9.04 9.06 54.82
C SER D 212 -10.12 8.01 55.07
N THR D 213 -9.85 7.14 56.04
CA THR D 213 -10.82 6.16 56.50
C THR D 213 -10.73 6.05 58.02
N GLY D 214 -11.87 5.88 58.66
CA GLY D 214 -11.89 5.52 60.06
C GLY D 214 -12.07 4.04 60.33
N ALA D 215 -12.04 3.19 59.29
CA ALA D 215 -12.42 1.78 59.41
C ALA D 215 -11.54 1.02 60.38
N ALA D 216 -10.24 1.33 60.40
CA ALA D 216 -9.34 0.66 61.34
C ALA D 216 -9.73 0.98 62.78
N LYS D 217 -9.89 2.28 63.08
CA LYS D 217 -10.34 2.68 64.41
C LYS D 217 -11.71 2.12 64.76
N ALA D 218 -12.62 2.03 63.79
CA ALA D 218 -13.90 1.42 64.06
C ALA D 218 -13.72 -0.02 64.49
N VAL D 219 -12.75 -0.72 63.90
CA VAL D 219 -12.50 -2.08 64.33
C VAL D 219 -12.04 -2.10 65.78
N GLY D 220 -11.28 -1.09 66.20
CA GLY D 220 -10.93 -0.95 67.61
C GLY D 220 -12.14 -0.82 68.51
N LEU D 221 -13.20 -0.20 68.02
CA LEU D 221 -14.44 -0.13 68.78
C LEU D 221 -15.16 -1.47 68.79
N CYS D 222 -15.33 -2.10 67.61
CA CYS D 222 -16.05 -3.38 67.55
C CYS D 222 -15.28 -4.51 68.20
N ILE D 223 -13.95 -4.40 68.19
CA ILE D 223 -13.03 -5.34 68.81
C ILE D 223 -12.18 -4.49 69.77
N PRO D 224 -12.67 -4.24 70.99
CA PRO D 224 -11.95 -3.30 71.90
C PRO D 224 -10.50 -3.67 72.18
N GLU D 225 -10.16 -4.96 72.19
CA GLU D 225 -8.80 -5.38 72.49
C GLU D 225 -7.77 -4.79 71.53
N VAL D 226 -8.19 -4.40 70.32
CA VAL D 226 -7.29 -3.87 69.30
C VAL D 226 -7.29 -2.35 69.25
N ASN D 227 -8.03 -1.69 70.14
CA ASN D 227 -8.06 -0.24 70.09
C ASN D 227 -6.67 0.32 70.37
N GLY D 228 -6.27 1.28 69.55
CA GLY D 228 -4.95 1.87 69.60
C GLY D 228 -3.85 1.10 68.90
N LYS D 229 -4.18 -0.08 68.39
CA LYS D 229 -3.13 -0.94 67.75
C LYS D 229 -3.32 -0.99 66.24
N LEU D 230 -4.39 -0.39 65.72
CA LEU D 230 -4.72 -0.48 64.28
C LEU D 230 -5.05 0.89 63.69
N THR D 231 -4.42 1.24 62.57
CA THR D 231 -4.79 2.48 61.84
C THR D 231 -4.82 2.14 60.36
N GLY D 232 -5.33 3.05 59.53
CA GLY D 232 -5.44 2.76 58.11
C GLY D 232 -5.72 3.94 57.20
N MET D 233 -5.59 3.71 55.90
CA MET D 233 -5.89 4.71 54.90
C MET D 233 -6.53 4.02 53.70
N SER D 234 -6.82 4.82 52.69
CA SER D 234 -7.57 4.34 51.56
C SER D 234 -7.01 4.96 50.28
N PHE D 235 -7.18 4.22 49.18
CA PHE D 235 -6.90 4.73 47.85
C PHE D 235 -8.10 4.39 46.98
N ARG D 236 -8.82 5.43 46.55
CA ARG D 236 -9.89 5.29 45.57
C ARG D 236 -9.29 5.11 44.17
N VAL D 237 -9.83 4.15 43.42
CA VAL D 237 -9.31 3.85 42.09
C VAL D 237 -10.50 3.76 41.14
N PRO D 238 -10.23 3.88 39.83
CA PRO D 238 -11.32 3.99 38.84
C PRO D 238 -12.01 2.66 38.55
N THR D 239 -12.64 2.09 39.57
CA THR D 239 -13.51 0.96 39.32
C THR D 239 -14.87 1.26 39.93
N PRO D 240 -15.93 0.73 39.32
CA PRO D 240 -17.28 1.04 39.80
C PRO D 240 -17.73 0.24 41.01
N ASP D 241 -17.11 -0.90 41.34
CA ASP D 241 -17.54 -1.67 42.51
C ASP D 241 -16.53 -2.76 42.83
N VAL D 242 -16.61 -3.25 44.08
CA VAL D 242 -15.72 -4.25 44.69
C VAL D 242 -14.42 -3.60 45.15
N SER D 243 -14.01 -3.85 46.41
CA SER D 243 -12.80 -3.29 46.97
C SER D 243 -11.99 -4.42 47.63
N VAL D 244 -10.78 -4.07 48.05
CA VAL D 244 -9.93 -5.03 48.70
C VAL D 244 -9.20 -4.35 49.85
N VAL D 245 -9.07 -5.06 50.97
CA VAL D 245 -8.32 -4.60 52.13
C VAL D 245 -6.97 -5.31 52.14
N ASP D 246 -5.94 -4.56 52.50
CA ASP D 246 -4.58 -5.06 52.64
C ASP D 246 -4.09 -4.70 54.05
N LEU D 247 -3.84 -5.72 54.87
CA LEU D 247 -3.58 -5.51 56.29
C LEU D 247 -2.17 -5.98 56.64
N THR D 248 -1.32 -5.05 57.07
CA THR D 248 -0.01 -5.40 57.62
C THR D 248 -0.15 -5.57 59.13
N VAL D 249 0.19 -6.78 59.62
CA VAL D 249 -0.09 -7.16 60.99
C VAL D 249 1.21 -7.63 61.62
N ARG D 250 1.49 -7.14 62.83
CA ARG D 250 2.49 -7.71 63.68
C ARG D 250 1.73 -8.48 64.75
N THR D 251 1.88 -9.79 64.75
CA THR D 251 1.21 -10.65 65.72
C THR D 251 2.05 -10.78 66.99
N THR D 252 1.41 -11.26 68.06
CA THR D 252 2.09 -11.55 69.31
C THR D 252 2.78 -12.91 69.27
N LYS D 253 2.05 -13.97 68.91
CA LYS D 253 2.62 -15.30 68.77
C LYS D 253 3.20 -15.55 67.37
N GLU D 254 4.24 -16.36 67.35
CA GLU D 254 4.80 -16.77 66.06
C GLU D 254 3.78 -17.68 65.38
N THR D 255 3.68 -17.55 64.08
CA THR D 255 2.73 -18.38 63.34
C THR D 255 3.20 -18.40 61.89
N SER D 256 2.31 -18.82 61.00
CA SER D 256 2.63 -18.90 59.58
C SER D 256 1.38 -18.63 58.77
N LEU D 257 1.60 -18.33 57.48
CA LEU D 257 0.48 -18.14 56.55
C LEU D 257 -0.36 -19.40 56.45
N LYS D 258 0.28 -20.57 56.57
CA LYS D 258 -0.46 -21.81 56.51
C LYS D 258 -1.46 -21.92 57.65
N GLU D 259 -1.03 -21.63 58.89
CA GLU D 259 -1.95 -21.71 60.02
C GLU D 259 -3.04 -20.65 59.94
N ILE D 260 -2.66 -19.43 59.56
CA ILE D 260 -3.66 -18.36 59.45
C ILE D 260 -4.74 -18.78 58.46
N SER D 261 -4.30 -19.31 57.31
CA SER D 261 -5.25 -19.73 56.27
C SER D 261 -6.17 -20.81 56.79
N ALA D 262 -5.63 -21.76 57.55
CA ALA D 262 -6.44 -22.82 58.13
C ALA D 262 -7.52 -22.23 59.03
N LYS D 263 -7.15 -21.24 59.85
CA LYS D 263 -8.15 -20.65 60.75
C LYS D 263 -9.18 -19.84 59.96
N MET D 264 -8.72 -19.06 58.95
CA MET D 264 -9.65 -18.35 58.06
C MET D 264 -10.61 -19.34 57.39
N LYS D 265 -10.10 -20.44 56.82
CA LYS D 265 -10.98 -21.43 56.20
C LYS D 265 -11.95 -22.04 57.21
N ALA D 266 -11.46 -22.31 58.43
CA ALA D 266 -12.34 -22.85 59.48
C ALA D 266 -13.47 -21.88 59.80
N ALA D 267 -13.14 -20.59 59.95
CA ALA D 267 -14.16 -19.61 60.28
C ALA D 267 -15.19 -19.50 59.16
N SER D 268 -14.72 -19.46 57.91
CA SER D 268 -15.64 -19.27 56.79
C SER D 268 -16.63 -20.41 56.71
N GLU D 269 -16.21 -21.59 57.15
CA GLU D 269 -17.05 -22.77 57.13
C GLU D 269 -17.84 -22.94 58.42
N GLY D 270 -17.51 -22.19 59.47
CA GLY D 270 -18.18 -22.36 60.74
C GLY D 270 -18.87 -21.14 61.31
N ALA D 271 -18.32 -20.58 62.39
CA ALA D 271 -18.99 -19.52 63.14
C ALA D 271 -19.12 -18.19 62.37
N MET D 272 -18.67 -18.10 61.11
CA MET D 272 -18.82 -16.87 60.34
C MET D 272 -19.20 -17.19 58.90
N LYS D 273 -19.69 -18.40 58.66
CA LYS D 273 -20.26 -18.74 57.36
C LYS D 273 -21.29 -17.70 56.97
N GLY D 274 -21.23 -17.26 55.72
CA GLY D 274 -22.08 -16.18 55.23
C GLY D 274 -21.57 -14.79 55.53
N ILE D 275 -20.55 -14.67 56.38
CA ILE D 275 -19.86 -13.41 56.61
C ILE D 275 -18.47 -13.44 56.01
N LEU D 276 -17.65 -14.40 56.42
CA LEU D 276 -16.27 -14.53 55.98
C LEU D 276 -16.17 -15.59 54.87
N GLY D 277 -15.55 -15.22 53.77
CA GLY D 277 -15.32 -16.17 52.69
C GLY D 277 -13.84 -16.47 52.61
N TYR D 278 -13.49 -17.55 51.91
CA TYR D 278 -12.11 -18.01 51.84
C TYR D 278 -11.84 -18.50 50.41
N THR D 279 -10.72 -18.12 49.82
CA THR D 279 -10.41 -18.63 48.50
C THR D 279 -8.92 -18.86 48.39
N GLU D 280 -8.56 -19.87 47.58
CA GLU D 280 -7.17 -20.11 47.20
C GLU D 280 -6.93 -19.90 45.70
N ASP D 281 -7.91 -19.37 44.97
CA ASP D 281 -7.83 -19.16 43.54
C ASP D 281 -7.21 -17.81 43.20
N MET D 282 -6.82 -17.68 41.94
CA MET D 282 -6.19 -16.46 41.44
C MET D 282 -7.24 -15.38 41.12
N VAL D 283 -7.90 -14.89 42.14
CA VAL D 283 -9.04 -14.01 41.91
C VAL D 283 -8.61 -12.56 41.66
N VAL D 284 -9.49 -11.82 40.99
CA VAL D 284 -9.36 -10.39 40.78
C VAL D 284 -10.71 -9.76 41.12
N SER D 285 -10.77 -8.43 41.13
CA SER D 285 -11.92 -7.76 41.77
C SER D 285 -13.25 -8.21 41.20
N ASN D 286 -13.38 -8.29 39.87
CA ASN D 286 -14.68 -8.59 39.29
C ASN D 286 -15.14 -10.02 39.56
N ASP D 287 -14.28 -10.87 40.07
CA ASP D 287 -14.75 -12.17 40.53
C ASP D 287 -15.62 -12.07 41.78
N PHE D 288 -15.81 -10.91 42.38
CA PHE D 288 -16.67 -10.80 43.55
C PHE D 288 -17.87 -9.88 43.35
N VAL D 289 -18.18 -9.51 42.10
CA VAL D 289 -19.36 -8.68 41.85
C VAL D 289 -20.61 -9.43 42.26
N SER D 290 -21.42 -8.78 43.12
CA SER D 290 -22.68 -9.27 43.65
C SER D 290 -22.52 -10.37 44.70
N SER D 291 -21.33 -10.50 45.25
CA SER D 291 -21.13 -11.36 46.40
C SER D 291 -21.82 -10.79 47.64
N THR D 292 -22.45 -11.68 48.41
CA THR D 292 -23.08 -11.31 49.67
C THR D 292 -22.16 -11.46 50.89
N LEU D 293 -20.91 -11.85 50.70
CA LEU D 293 -20.02 -12.01 51.83
C LEU D 293 -19.51 -10.64 52.27
N SER D 294 -19.17 -10.52 53.57
CA SER D 294 -18.56 -9.28 54.05
C SER D 294 -17.10 -9.17 53.70
N SER D 295 -16.41 -10.30 53.56
CA SER D 295 -14.96 -10.36 53.54
C SER D 295 -14.60 -11.68 52.90
N ILE D 296 -13.64 -11.69 51.98
CA ILE D 296 -13.20 -12.92 51.33
C ILE D 296 -11.70 -12.98 51.44
N PHE D 297 -11.21 -13.91 52.26
CA PHE D 297 -9.78 -14.08 52.46
C PHE D 297 -9.12 -14.65 51.21
N ASP D 298 -8.06 -14.01 50.78
CA ASP D 298 -7.35 -14.35 49.56
C ASP D 298 -5.99 -14.93 49.95
N MET D 299 -5.92 -16.25 50.03
CA MET D 299 -4.72 -16.92 50.52
C MET D 299 -3.51 -16.68 49.61
N ASP D 300 -3.71 -16.75 48.29
CA ASP D 300 -2.56 -16.63 47.39
C ASP D 300 -1.97 -15.23 47.39
N ALA D 301 -2.77 -14.21 47.65
CA ALA D 301 -2.26 -12.84 47.65
C ALA D 301 -1.47 -12.50 48.92
N CYS D 302 -1.67 -13.24 50.00
CA CYS D 302 -0.99 -12.96 51.25
C CYS D 302 0.52 -13.19 51.13
N ILE D 303 1.26 -12.46 51.95
CA ILE D 303 2.71 -12.57 52.07
C ILE D 303 3.08 -12.57 53.55
N GLU D 304 4.14 -13.29 53.86
CA GLU D 304 4.71 -13.35 55.20
C GLU D 304 6.12 -12.82 55.12
N LEU D 305 6.41 -11.74 55.86
CA LEU D 305 7.80 -11.34 56.03
C LEU D 305 8.53 -12.29 56.97
N ASN D 306 7.90 -12.61 58.11
CA ASN D 306 8.43 -13.58 59.08
C ASN D 306 7.25 -14.09 59.91
N SER D 307 7.57 -14.88 60.94
CA SER D 307 6.57 -15.56 61.75
C SER D 307 5.70 -14.60 62.53
N ARG D 308 6.02 -13.31 62.53
CA ARG D 308 5.17 -12.36 63.23
C ARG D 308 4.72 -11.18 62.37
N PHE D 309 5.14 -11.08 61.12
CA PHE D 309 4.81 -9.95 60.24
C PHE D 309 4.16 -10.46 58.96
N PHE D 310 2.90 -10.13 58.78
CA PHE D 310 2.18 -10.60 57.63
C PHE D 310 1.46 -9.45 56.94
N LYS D 311 1.12 -9.69 55.68
CA LYS D 311 0.26 -8.82 54.90
C LYS D 311 -0.90 -9.71 54.44
N LEU D 312 -2.09 -9.45 54.97
CA LEU D 312 -3.28 -10.24 54.70
C LEU D 312 -4.22 -9.46 53.78
N VAL D 313 -4.82 -10.16 52.82
CA VAL D 313 -5.61 -9.56 51.74
C VAL D 313 -7.02 -10.14 51.78
N SER D 314 -8.02 -9.26 51.71
CA SER D 314 -9.41 -9.72 51.71
C SER D 314 -10.24 -8.79 50.84
N TRP D 315 -11.08 -9.38 50.02
CA TRP D 315 -11.96 -8.70 49.09
C TRP D 315 -13.31 -8.44 49.72
N TYR D 316 -14.03 -7.49 49.14
CA TYR D 316 -15.42 -7.31 49.48
C TYR D 316 -16.09 -6.49 48.40
N ASP D 317 -17.34 -6.88 48.09
CA ASP D 317 -18.25 -6.07 47.26
C ASP D 317 -18.83 -4.99 48.17
N ASN D 318 -18.22 -3.80 48.12
CA ASN D 318 -18.60 -2.74 49.06
C ASN D 318 -20.08 -2.39 48.95
N GLU D 319 -20.72 -2.73 47.84
CA GLU D 319 -22.13 -2.44 47.67
C GLU D 319 -23.00 -3.58 48.17
N MET D 320 -22.80 -4.77 47.59
CA MET D 320 -23.70 -5.90 47.80
C MET D 320 -23.49 -6.57 49.15
N GLY D 321 -22.24 -6.77 49.59
CA GLY D 321 -22.02 -7.37 50.89
C GLY D 321 -22.60 -6.53 52.01
N TYR D 322 -22.35 -5.23 51.97
CA TYR D 322 -22.84 -4.36 53.03
C TYR D 322 -24.36 -4.37 53.06
N SER D 323 -24.98 -4.35 51.88
CA SER D 323 -26.44 -4.28 51.84
C SER D 323 -27.03 -5.49 52.50
N ASN D 324 -26.42 -6.65 52.30
CA ASN D 324 -26.90 -7.86 52.95
C ASN D 324 -26.64 -7.81 54.44
N ARG D 325 -25.50 -7.24 54.86
CA ARG D 325 -25.28 -7.08 56.30
C ARG D 325 -26.35 -6.21 56.93
N VAL D 326 -26.75 -5.15 56.25
CA VAL D 326 -27.82 -4.32 56.77
C VAL D 326 -29.09 -5.14 56.99
N LEU D 327 -29.43 -5.99 56.02
CA LEU D 327 -30.60 -6.84 56.21
C LEU D 327 -30.39 -7.81 57.37
N ASP D 328 -29.23 -8.45 57.43
CA ASP D 328 -28.96 -9.40 58.50
C ASP D 328 -29.11 -8.74 59.87
N LEU D 329 -28.54 -7.54 60.03
CA LEU D 329 -28.67 -6.82 61.29
C LEU D 329 -30.13 -6.56 61.63
N ILE D 330 -30.92 -6.09 60.66
CA ILE D 330 -32.33 -5.84 60.92
C ILE D 330 -33.00 -7.13 61.36
N ARG D 331 -32.72 -8.24 60.66
CA ARG D 331 -33.37 -9.49 61.02
C ARG D 331 -32.92 -9.92 62.42
N TYR D 332 -31.65 -9.73 62.76
CA TYR D 332 -31.20 -10.07 64.12
C TYR D 332 -31.98 -9.25 65.14
N MET D 333 -32.03 -7.93 64.95
CA MET D 333 -32.66 -7.04 65.96
C MET D 333 -34.13 -7.40 66.12
N ALA D 334 -34.76 -7.90 65.07
CA ALA D 334 -36.20 -8.19 65.12
C ALA D 334 -36.46 -9.50 65.88
N LYS D 335 -35.43 -10.32 66.03
CA LYS D 335 -35.55 -11.60 66.77
C LYS D 335 -34.98 -11.41 68.19
N MET E 3 -30.72 -6.13 -46.92
CA MET E 3 -29.25 -6.09 -46.90
C MET E 3 -28.66 -4.88 -47.63
N THR E 4 -27.70 -4.23 -46.98
CA THR E 4 -27.00 -3.09 -47.56
C THR E 4 -25.75 -3.56 -48.28
N ARG E 5 -25.59 -3.11 -49.52
CA ARG E 5 -24.49 -3.54 -50.38
C ARG E 5 -23.28 -2.63 -50.20
N ILE E 6 -22.15 -3.21 -49.84
CA ILE E 6 -20.95 -2.46 -49.50
C ILE E 6 -19.83 -2.87 -50.43
N ALA E 7 -19.08 -1.87 -50.94
CA ALA E 7 -17.84 -2.08 -51.67
C ALA E 7 -16.67 -1.41 -50.94
N ILE E 8 -15.49 -2.03 -51.03
CA ILE E 8 -14.27 -1.57 -50.36
C ILE E 8 -13.25 -1.16 -51.42
N ASN E 9 -12.83 0.08 -51.38
CA ASN E 9 -11.79 0.58 -52.27
C ASN E 9 -10.49 0.75 -51.48
N GLY E 10 -9.53 -0.14 -51.72
CA GLY E 10 -8.30 -0.15 -50.96
C GLY E 10 -8.35 -1.25 -49.92
N PHE E 11 -7.82 -2.42 -50.22
CA PHE E 11 -7.90 -3.55 -49.30
C PHE E 11 -6.71 -3.61 -48.34
N GLY E 12 -6.42 -2.50 -47.68
CA GLY E 12 -5.27 -2.40 -46.79
C GLY E 12 -5.59 -2.78 -45.38
N ARG E 13 -4.81 -2.21 -44.44
CA ARG E 13 -5.05 -2.48 -43.03
C ARG E 13 -6.52 -2.20 -42.66
N ILE E 14 -7.02 -1.01 -42.99
CA ILE E 14 -8.39 -0.69 -42.63
C ILE E 14 -9.39 -1.49 -43.47
N GLY E 15 -9.18 -1.56 -44.78
CA GLY E 15 -10.14 -2.27 -45.62
C GLY E 15 -10.30 -3.72 -45.24
N ARG E 16 -9.17 -4.40 -45.02
CA ARG E 16 -9.22 -5.81 -44.62
C ARG E 16 -9.87 -5.96 -43.24
N LEU E 17 -9.61 -5.03 -42.32
CA LEU E 17 -10.21 -5.15 -40.99
C LEU E 17 -11.69 -4.81 -40.99
N VAL E 18 -12.11 -3.80 -41.76
CA VAL E 18 -13.56 -3.58 -41.92
C VAL E 18 -14.22 -4.81 -42.55
N PHE E 19 -13.55 -5.43 -43.54
CA PHE E 19 -14.07 -6.64 -44.17
C PHE E 19 -14.19 -7.78 -43.15
N ARG E 20 -13.15 -7.97 -42.32
CA ARG E 20 -13.19 -9.02 -41.30
C ARG E 20 -14.35 -8.84 -40.33
N ALA E 21 -14.50 -7.61 -39.81
CA ALA E 21 -15.54 -7.34 -38.82
C ALA E 21 -16.95 -7.37 -39.42
N GLY E 22 -17.09 -6.98 -40.69
CA GLY E 22 -18.40 -6.81 -41.28
C GLY E 22 -18.90 -8.08 -41.94
N ILE E 23 -17.98 -8.97 -42.35
CA ILE E 23 -18.36 -10.23 -42.96
C ILE E 23 -19.13 -11.05 -41.93
N LYS E 24 -19.02 -10.69 -40.65
CA LYS E 24 -19.75 -11.38 -39.58
C LYS E 24 -21.23 -11.00 -39.57
N ASP E 25 -21.62 -9.89 -40.23
CA ASP E 25 -22.95 -9.33 -40.11
C ASP E 25 -23.87 -9.78 -41.25
N PRO E 26 -24.98 -10.47 -40.95
CA PRO E 26 -25.90 -10.85 -42.02
C PRO E 26 -26.62 -9.68 -42.64
N ASN E 27 -26.69 -8.53 -41.96
CA ASN E 27 -27.30 -7.32 -42.51
C ASN E 27 -26.41 -6.62 -43.53
N LEU E 28 -25.13 -6.93 -43.56
CA LEU E 28 -24.19 -6.33 -44.49
C LEU E 28 -23.90 -7.28 -45.65
N GLU E 29 -23.68 -6.69 -46.83
CA GLU E 29 -23.30 -7.46 -48.02
C GLU E 29 -22.13 -6.77 -48.72
N PHE E 30 -20.95 -7.37 -48.62
CA PHE E 30 -19.79 -6.93 -49.37
C PHE E 30 -19.85 -7.51 -50.78
N VAL E 31 -19.86 -6.63 -51.79
CA VAL E 31 -20.04 -7.04 -53.16
C VAL E 31 -18.77 -6.93 -54.00
N ALA E 32 -17.83 -6.06 -53.61
CA ALA E 32 -16.63 -5.86 -54.42
C ALA E 32 -15.48 -5.34 -53.56
N ILE E 33 -14.27 -5.70 -53.98
CA ILE E 33 -13.03 -5.18 -53.40
C ILE E 33 -12.20 -4.66 -54.56
N ASN E 34 -11.67 -3.46 -54.42
CA ASN E 34 -10.80 -2.87 -55.43
C ASN E 34 -9.43 -2.57 -54.82
N ASP E 35 -8.38 -3.01 -55.50
CA ASP E 35 -7.01 -2.73 -55.08
C ASP E 35 -6.09 -2.94 -56.28
N LEU E 36 -4.80 -2.72 -56.07
CA LEU E 36 -3.80 -2.75 -57.13
C LEU E 36 -3.18 -4.11 -57.37
N VAL E 37 -3.64 -5.15 -56.66
CA VAL E 37 -3.11 -6.50 -56.85
C VAL E 37 -4.26 -7.44 -57.11
N THR E 38 -3.90 -8.63 -57.57
CA THR E 38 -4.87 -9.66 -57.94
C THR E 38 -5.44 -10.39 -56.72
N PRO E 39 -6.56 -11.13 -56.87
CA PRO E 39 -7.19 -11.76 -55.73
C PRO E 39 -6.26 -12.69 -54.93
N ASP E 40 -5.23 -13.20 -55.57
CA ASP E 40 -4.34 -14.17 -54.87
C ASP E 40 -3.67 -13.48 -53.68
N ASN E 41 -3.16 -12.26 -53.90
CA ASN E 41 -2.46 -11.52 -52.82
C ASN E 41 -3.50 -11.01 -51.83
N LEU E 42 -4.62 -10.53 -52.34
CA LEU E 42 -5.68 -10.01 -51.45
C LEU E 42 -6.09 -11.13 -50.50
N ALA E 43 -6.20 -12.35 -51.01
CA ALA E 43 -6.65 -13.50 -50.19
C ALA E 43 -5.55 -13.88 -49.20
N TYR E 44 -4.31 -13.92 -49.68
CA TYR E 44 -3.22 -14.15 -48.76
C TYR E 44 -3.24 -13.13 -47.60
N LEU E 45 -3.37 -11.82 -47.90
CA LEU E 45 -3.38 -10.82 -46.82
C LEU E 45 -4.63 -10.95 -45.96
N LEU E 46 -5.74 -11.40 -46.52
CA LEU E 46 -6.89 -11.64 -45.65
C LEU E 46 -6.61 -12.83 -44.75
N LYS E 47 -5.99 -13.87 -45.29
CA LYS E 47 -5.78 -15.11 -44.52
C LYS E 47 -4.78 -14.91 -43.36
N TYR E 48 -3.66 -14.23 -43.61
CA TYR E 48 -2.62 -14.06 -42.61
C TYR E 48 -2.48 -12.60 -42.19
N ASP E 49 -2.51 -12.36 -40.89
CA ASP E 49 -2.37 -11.01 -40.34
C ASP E 49 -1.35 -11.00 -39.21
N SER E 50 -0.25 -10.28 -39.42
CA SER E 50 0.80 -10.23 -38.41
C SER E 50 0.31 -9.66 -37.09
N THR E 51 -0.76 -8.88 -37.10
CA THR E 51 -1.22 -8.20 -35.89
C THR E 51 -2.48 -8.81 -35.29
N HIS E 52 -3.44 -9.22 -36.11
CA HIS E 52 -4.72 -9.69 -35.60
C HIS E 52 -4.90 -11.19 -35.81
N GLY E 53 -3.85 -11.89 -36.24
CA GLY E 53 -3.89 -13.34 -36.35
C GLY E 53 -4.53 -13.82 -37.63
N ARG E 54 -4.61 -15.14 -37.76
CA ARG E 54 -5.13 -15.74 -38.98
C ARG E 54 -6.64 -15.56 -39.06
N PHE E 55 -7.15 -15.39 -40.27
CA PHE E 55 -8.59 -15.30 -40.44
C PHE E 55 -9.19 -16.63 -40.02
N GLN E 56 -10.12 -16.58 -39.07
CA GLN E 56 -10.74 -17.79 -38.55
C GLN E 56 -11.92 -18.13 -39.45
N GLY E 57 -11.62 -18.81 -40.55
CA GLY E 57 -12.60 -19.18 -41.54
C GLY E 57 -11.92 -19.58 -42.83
N THR E 58 -12.74 -19.87 -43.84
CA THR E 58 -12.20 -20.34 -45.11
C THR E 58 -12.02 -19.18 -46.10
N VAL E 59 -10.89 -19.18 -46.80
CA VAL E 59 -10.60 -18.18 -47.82
C VAL E 59 -10.10 -18.88 -49.08
N GLU E 60 -10.77 -18.64 -50.20
CA GLU E 60 -10.32 -19.13 -51.50
C GLU E 60 -10.36 -17.98 -52.51
N HIS E 61 -9.73 -18.18 -53.67
CA HIS E 61 -9.71 -17.12 -54.68
C HIS E 61 -9.65 -17.74 -56.07
N THR E 62 -10.20 -17.00 -57.02
CA THR E 62 -10.09 -17.28 -58.43
C THR E 62 -9.48 -16.09 -59.13
N GLU E 63 -9.36 -16.19 -60.44
CA GLU E 63 -8.85 -15.06 -61.20
C GLU E 63 -9.72 -13.82 -61.01
N LYS E 64 -10.98 -14.00 -60.58
CA LYS E 64 -11.98 -12.94 -60.67
C LYS E 64 -12.64 -12.56 -59.35
N GLU E 65 -12.31 -13.23 -58.24
CA GLU E 65 -13.04 -12.95 -57.01
C GLU E 65 -12.36 -13.58 -55.81
N LEU E 66 -12.83 -13.16 -54.66
CA LEU E 66 -12.58 -13.84 -53.40
C LEU E 66 -13.75 -14.74 -53.05
N ILE E 67 -13.47 -15.82 -52.33
CA ILE E 67 -14.52 -16.70 -51.82
C ILE E 67 -14.23 -16.86 -50.34
N VAL E 68 -14.97 -16.13 -49.51
CA VAL E 68 -14.76 -16.10 -48.06
C VAL E 68 -15.97 -16.75 -47.41
N ASP E 69 -15.74 -17.86 -46.71
CA ASP E 69 -16.82 -18.60 -46.09
C ASP E 69 -17.86 -19.03 -47.11
N GLY E 70 -17.37 -19.37 -48.30
CA GLY E 70 -18.15 -19.84 -49.42
C GLY E 70 -18.77 -18.73 -50.24
N LYS E 71 -19.15 -17.60 -49.63
CA LYS E 71 -19.75 -16.54 -50.45
C LYS E 71 -18.69 -15.68 -51.14
N LYS E 72 -19.02 -15.34 -52.38
CA LYS E 72 -18.04 -14.69 -53.27
C LYS E 72 -18.11 -13.17 -53.27
N ILE E 73 -16.95 -12.54 -53.45
CA ILE E 73 -16.87 -11.06 -53.52
C ILE E 73 -16.04 -10.77 -54.76
N LEU E 74 -16.59 -10.00 -55.69
CA LEU E 74 -15.83 -9.68 -56.92
C LEU E 74 -14.65 -8.80 -56.54
N CYS E 75 -13.47 -9.08 -57.09
CA CYS E 75 -12.33 -8.16 -56.82
C CYS E 75 -11.87 -7.57 -58.15
N VAL E 76 -11.83 -6.25 -58.21
CA VAL E 76 -11.37 -5.55 -59.44
C VAL E 76 -10.03 -4.89 -59.11
N SER E 77 -9.36 -4.34 -60.12
CA SER E 77 -8.10 -3.65 -59.90
C SER E 77 -8.13 -2.47 -60.87
N GLU E 78 -8.74 -1.39 -60.42
CA GLU E 78 -8.85 -0.19 -61.21
C GLU E 78 -8.47 0.98 -60.31
N ARG E 79 -7.38 1.69 -60.66
CA ARG E 79 -6.99 2.82 -59.82
C ARG E 79 -7.97 3.98 -59.98
N ASP E 80 -8.53 4.16 -61.19
CA ASP E 80 -9.50 5.23 -61.41
C ASP E 80 -10.83 4.79 -60.84
N PRO E 81 -11.30 5.45 -59.77
CA PRO E 81 -12.61 5.06 -59.22
C PRO E 81 -13.77 5.25 -60.18
N GLU E 82 -13.66 6.20 -61.12
CA GLU E 82 -14.73 6.45 -62.08
C GLU E 82 -15.01 5.22 -62.95
N LYS E 83 -13.98 4.43 -63.22
CA LYS E 83 -14.12 3.26 -64.08
C LYS E 83 -14.56 2.02 -63.30
N LEU E 84 -15.12 2.19 -62.11
CA LEU E 84 -15.58 1.06 -61.30
C LEU E 84 -17.05 0.75 -61.61
N PRO E 85 -17.46 -0.55 -61.53
CA PRO E 85 -18.83 -0.97 -61.87
C PRO E 85 -19.82 -0.87 -60.70
N TRP E 86 -19.92 0.32 -60.10
CA TRP E 86 -20.72 0.42 -58.89
C TRP E 86 -22.22 0.34 -59.17
N LYS E 87 -22.70 1.03 -60.19
CA LYS E 87 -24.11 0.87 -60.50
C LYS E 87 -24.40 -0.54 -60.98
N ASP E 88 -23.50 -1.14 -61.74
CA ASP E 88 -23.73 -2.52 -62.16
C ASP E 88 -23.96 -3.41 -60.95
N LEU E 89 -23.17 -3.22 -59.89
CA LEU E 89 -23.38 -3.92 -58.62
C LEU E 89 -24.32 -3.17 -57.68
N LYS E 90 -24.75 -1.97 -58.05
CA LYS E 90 -25.69 -1.21 -57.25
C LYS E 90 -25.18 -1.02 -55.83
N VAL E 91 -23.95 -0.53 -55.72
CA VAL E 91 -23.33 -0.37 -54.40
C VAL E 91 -23.98 0.76 -53.63
N ASP E 92 -24.48 0.43 -52.44
CA ASP E 92 -25.05 1.46 -51.58
C ASP E 92 -23.95 2.34 -50.99
N TYR E 93 -22.94 1.72 -50.38
CA TYR E 93 -21.86 2.41 -49.69
C TYR E 93 -20.52 1.97 -50.23
N VAL E 94 -19.65 2.95 -50.49
CA VAL E 94 -18.26 2.70 -50.86
C VAL E 94 -17.38 3.19 -49.73
N ILE E 95 -16.59 2.27 -49.19
CA ILE E 95 -15.60 2.59 -48.17
C ILE E 95 -14.34 3.02 -48.90
N GLU E 96 -14.01 4.30 -48.79
CA GLU E 96 -12.79 4.87 -49.36
C GLU E 96 -11.67 4.64 -48.34
N SER E 97 -10.85 3.62 -48.58
CA SER E 97 -9.79 3.27 -47.64
C SER E 97 -8.45 3.13 -48.34
N THR E 98 -8.28 3.84 -49.46
CA THR E 98 -6.98 3.91 -50.11
C THR E 98 -6.08 5.03 -49.60
N GLY E 99 -6.65 6.09 -49.01
CA GLY E 99 -5.87 7.24 -48.64
C GLY E 99 -5.58 8.20 -49.78
N LEU E 100 -6.08 7.91 -50.98
CA LEU E 100 -5.75 8.67 -52.18
C LEU E 100 -6.89 9.56 -52.67
N PHE E 101 -8.07 9.49 -52.05
CA PHE E 101 -9.25 10.21 -52.51
C PHE E 101 -9.98 10.82 -51.31
N THR E 102 -9.24 11.50 -50.45
CA THR E 102 -9.87 12.08 -49.26
C THR E 102 -10.42 13.48 -49.53
N ASP E 103 -10.28 13.99 -50.75
CA ASP E 103 -10.91 15.25 -51.15
C ASP E 103 -12.23 14.93 -51.82
N ARG E 104 -13.04 15.97 -52.00
CA ARG E 104 -14.34 15.76 -52.62
C ARG E 104 -14.20 15.31 -54.06
N VAL E 105 -13.26 15.89 -54.80
CA VAL E 105 -13.10 15.51 -56.20
C VAL E 105 -12.79 14.03 -56.34
N GLY E 106 -11.97 13.48 -55.45
CA GLY E 106 -11.63 12.07 -55.54
C GLY E 106 -12.75 11.16 -55.10
N ALA E 107 -13.34 11.46 -53.94
CA ALA E 107 -14.45 10.63 -53.46
C ALA E 107 -15.65 10.72 -54.40
N GLU E 108 -15.82 11.85 -55.07
CA GLU E 108 -16.97 12.03 -55.95
C GLU E 108 -16.93 11.09 -57.15
N LYS E 109 -15.76 10.58 -57.49
CA LYS E 109 -15.67 9.65 -58.60
C LYS E 109 -16.46 8.39 -58.31
N HIS E 110 -16.51 7.96 -57.05
CA HIS E 110 -17.28 6.76 -56.72
C HIS E 110 -18.75 6.97 -57.01
N ILE E 111 -19.27 8.16 -56.72
CA ILE E 111 -20.67 8.45 -57.01
C ILE E 111 -20.88 8.51 -58.51
N LYS E 112 -19.95 9.14 -59.22
CA LYS E 112 -19.99 9.15 -60.68
C LYS E 112 -20.02 7.75 -61.26
N ALA E 113 -19.34 6.80 -60.60
CA ALA E 113 -19.28 5.42 -61.07
C ALA E 113 -20.55 4.65 -60.76
N GLY E 114 -21.44 5.20 -59.94
CA GLY E 114 -22.70 4.55 -59.71
C GLY E 114 -22.98 4.34 -58.25
N ALA E 115 -21.99 4.63 -57.39
CA ALA E 115 -22.18 4.53 -55.95
C ALA E 115 -23.05 5.67 -55.42
N LYS E 116 -23.88 5.35 -54.45
CA LYS E 116 -24.79 6.35 -53.89
C LYS E 116 -24.16 7.08 -52.71
N LYS E 117 -23.40 6.38 -51.88
CA LYS E 117 -22.82 6.93 -50.66
C LYS E 117 -21.34 6.60 -50.62
N VAL E 118 -20.55 7.53 -50.07
CA VAL E 118 -19.12 7.35 -49.88
C VAL E 118 -18.73 7.68 -48.44
N VAL E 119 -18.08 6.73 -47.79
CA VAL E 119 -17.51 6.88 -46.46
C VAL E 119 -16.00 6.92 -46.63
N ILE E 120 -15.41 8.07 -46.33
CA ILE E 120 -13.97 8.25 -46.40
C ILE E 120 -13.39 7.77 -45.07
N SER E 121 -12.45 6.83 -45.11
CA SER E 121 -11.90 6.29 -43.87
C SER E 121 -10.73 7.14 -43.37
N ALA E 122 -10.92 8.45 -43.40
CA ALA E 122 -9.89 9.41 -43.03
C ALA E 122 -10.53 10.79 -42.98
N PRO E 123 -9.87 11.75 -42.35
CA PRO E 123 -10.34 13.14 -42.41
C PRO E 123 -10.48 13.60 -43.86
N ALA E 124 -11.49 14.44 -44.10
CA ALA E 124 -11.71 14.99 -45.42
C ALA E 124 -10.68 16.08 -45.69
N LYS E 125 -10.28 16.17 -46.95
CA LYS E 125 -9.34 17.22 -47.31
C LYS E 125 -9.98 18.60 -47.34
N ASP E 126 -11.30 18.68 -47.56
CA ASP E 126 -12.00 19.95 -47.68
C ASP E 126 -13.00 20.10 -46.55
N LYS E 127 -13.40 21.35 -46.31
CA LYS E 127 -14.37 21.64 -45.27
C LYS E 127 -15.80 21.22 -45.64
N ASP E 128 -16.09 21.06 -46.93
CA ASP E 128 -17.45 20.78 -47.39
C ASP E 128 -17.83 19.30 -47.28
N ILE E 129 -16.99 18.46 -46.68
CA ILE E 129 -17.33 17.07 -46.42
C ILE E 129 -17.65 16.92 -44.95
N PRO E 130 -18.85 16.48 -44.56
CA PRO E 130 -19.18 16.39 -43.13
C PRO E 130 -18.37 15.30 -42.43
N THR E 131 -17.99 15.56 -41.19
CA THR E 131 -17.23 14.61 -40.41
C THR E 131 -18.05 14.14 -39.22
N PHE E 132 -18.04 12.82 -38.98
CA PHE E 132 -18.82 12.18 -37.94
C PHE E 132 -17.96 11.25 -37.09
N VAL E 133 -18.20 11.29 -35.79
CA VAL E 133 -17.63 10.37 -34.80
C VAL E 133 -18.78 9.71 -34.06
N MET E 134 -18.86 8.38 -34.16
CA MET E 134 -19.92 7.63 -33.49
C MET E 134 -19.92 7.94 -32.00
N GLY E 135 -21.10 8.21 -31.47
CA GLY E 135 -21.24 8.57 -30.07
C GLY E 135 -20.92 10.01 -29.74
N VAL E 136 -20.60 10.85 -30.73
CA VAL E 136 -20.28 12.25 -30.48
C VAL E 136 -21.21 13.16 -31.27
N ASN E 137 -21.26 12.97 -32.59
CA ASN E 137 -22.08 13.83 -33.43
C ASN E 137 -22.73 13.08 -34.60
N ASN E 138 -22.77 11.75 -34.60
CA ASN E 138 -23.36 11.04 -35.72
C ASN E 138 -24.85 11.34 -35.84
N GLU E 139 -25.45 11.91 -34.78
CA GLU E 139 -26.87 12.26 -34.80
C GLU E 139 -27.18 13.38 -35.78
N LYS E 140 -26.15 14.14 -36.17
CA LYS E 140 -26.26 15.19 -37.15
C LYS E 140 -26.19 14.70 -38.60
N TYR E 141 -26.10 13.40 -38.85
CA TYR E 141 -26.06 12.93 -40.24
C TYR E 141 -27.40 13.20 -40.94
N ASN E 142 -27.33 13.71 -42.17
CA ASN E 142 -28.52 14.02 -42.96
C ASN E 142 -28.62 13.06 -44.15
N PRO E 143 -29.55 12.08 -44.12
CA PRO E 143 -29.59 11.10 -45.22
C PRO E 143 -29.86 11.73 -46.57
N SER E 144 -30.64 12.81 -46.60
CA SER E 144 -31.03 13.41 -47.87
C SER E 144 -29.96 14.30 -48.48
N ASN E 145 -28.98 14.74 -47.69
CA ASN E 145 -28.02 15.72 -48.18
C ASN E 145 -26.58 15.26 -48.09
N ASP E 146 -26.22 14.44 -47.09
CA ASP E 146 -24.83 14.03 -46.85
C ASP E 146 -24.58 12.70 -47.55
N HIS E 147 -24.10 12.76 -48.79
CA HIS E 147 -23.77 11.55 -49.55
C HIS E 147 -22.30 11.20 -49.51
N ILE E 148 -21.43 12.15 -49.18
CA ILE E 148 -20.02 11.87 -48.93
C ILE E 148 -19.69 12.36 -47.54
N VAL E 149 -19.27 11.42 -46.68
CA VAL E 149 -18.98 11.68 -45.29
C VAL E 149 -17.59 11.14 -44.97
N SER E 150 -17.05 11.63 -43.88
CA SER E 150 -15.77 11.18 -43.41
C SER E 150 -15.99 10.66 -42.00
N ASN E 151 -15.32 9.57 -41.67
CA ASN E 151 -15.38 9.04 -40.33
C ASN E 151 -14.26 9.57 -39.46
N ALA E 152 -13.64 10.68 -39.87
CA ALA E 152 -12.52 11.30 -39.14
C ALA E 152 -11.34 10.34 -39.06
N SER E 153 -10.44 10.57 -38.11
CA SER E 153 -9.25 9.73 -37.94
C SER E 153 -9.38 8.88 -36.68
N CYS E 154 -8.50 7.88 -36.58
CA CYS E 154 -8.45 7.03 -35.39
C CYS E 154 -8.21 7.84 -34.12
N THR E 155 -7.27 8.80 -34.17
CA THR E 155 -7.00 9.62 -33.00
C THR E 155 -8.22 10.45 -32.60
N THR E 156 -8.90 11.05 -33.59
CA THR E 156 -10.10 11.81 -33.27
C THR E 156 -11.16 10.94 -32.59
N ASN E 157 -11.34 9.72 -33.09
CA ASN E 157 -12.30 8.81 -32.49
C ASN E 157 -11.89 8.39 -31.08
N CYS E 158 -10.60 8.49 -30.73
CA CYS E 158 -10.20 8.21 -29.35
C CYS E 158 -10.41 9.45 -28.47
N LEU E 159 -10.07 10.63 -28.99
CA LEU E 159 -10.11 11.86 -28.22
C LEU E 159 -11.53 12.36 -28.01
N ALA E 160 -12.37 12.32 -29.05
CA ALA E 160 -13.67 12.98 -28.95
C ALA E 160 -14.52 12.44 -27.81
N PRO E 161 -14.67 11.12 -27.62
CA PRO E 161 -15.49 10.67 -26.48
C PRO E 161 -14.98 11.16 -25.12
N ILE E 162 -13.65 11.22 -24.93
CA ILE E 162 -13.10 11.70 -23.67
C ILE E 162 -13.44 13.17 -23.47
N VAL E 163 -13.27 14.00 -24.51
CA VAL E 163 -13.62 15.41 -24.46
C VAL E 163 -15.11 15.58 -24.19
N LYS E 164 -15.94 14.74 -24.82
CA LYS E 164 -17.38 14.82 -24.64
C LYS E 164 -17.76 14.65 -23.17
N VAL E 165 -17.19 13.65 -22.49
CA VAL E 165 -17.51 13.43 -21.07
C VAL E 165 -17.03 14.59 -20.22
N VAL E 166 -15.81 15.07 -20.47
CA VAL E 166 -15.26 16.15 -19.65
C VAL E 166 -16.04 17.42 -19.87
N LEU E 167 -16.29 17.77 -21.12
CA LEU E 167 -17.01 19.02 -21.38
C LEU E 167 -18.42 18.97 -20.82
N ASP E 168 -19.11 17.84 -20.96
CA ASP E 168 -20.49 17.73 -20.47
C ASP E 168 -20.57 17.89 -18.97
N ASN E 169 -19.50 17.55 -18.25
CA ASN E 169 -19.60 17.52 -16.80
C ASN E 169 -18.87 18.67 -16.13
N TRP E 170 -17.72 19.07 -16.66
CA TRP E 170 -16.94 20.09 -15.96
C TRP E 170 -16.43 21.20 -16.86
N GLY E 171 -16.74 21.15 -18.16
CA GLY E 171 -16.31 22.20 -19.07
C GLY E 171 -14.84 22.14 -19.36
N ILE E 172 -14.42 22.87 -20.39
CA ILE E 172 -13.02 22.90 -20.80
C ILE E 172 -12.61 24.33 -21.09
N GLU E 173 -11.56 24.81 -20.41
CA GLU E 173 -10.97 26.11 -20.73
C GLU E 173 -9.86 25.97 -21.78
N GLU E 174 -8.99 24.99 -21.59
CA GLU E 174 -7.92 24.69 -22.53
C GLU E 174 -7.65 23.20 -22.47
N GLY E 175 -7.08 22.69 -23.54
CA GLY E 175 -6.70 21.30 -23.64
C GLY E 175 -5.58 21.15 -24.64
N LEU E 176 -4.53 20.41 -24.25
CA LEU E 176 -3.41 20.09 -25.14
C LEU E 176 -3.24 18.57 -25.14
N MET E 177 -3.28 17.97 -26.31
CA MET E 177 -3.27 16.51 -26.40
C MET E 177 -1.97 16.07 -27.05
N THR E 178 -1.45 14.94 -26.60
CA THR E 178 -0.37 14.25 -27.29
C THR E 178 -0.86 12.83 -27.52
N THR E 179 -0.70 12.33 -28.75
CA THR E 179 -0.93 10.92 -29.04
C THR E 179 0.43 10.28 -29.31
N ILE E 180 0.72 9.20 -28.59
CA ILE E 180 1.84 8.32 -28.93
C ILE E 180 1.27 7.23 -29.83
N HIS E 181 1.59 7.30 -31.11
CA HIS E 181 0.88 6.53 -32.12
C HIS E 181 1.76 5.41 -32.65
N ALA E 182 1.15 4.26 -32.88
CA ALA E 182 1.84 3.16 -33.54
C ALA E 182 2.22 3.55 -34.97
N THR E 183 3.20 2.83 -35.51
CA THR E 183 3.62 2.98 -36.90
C THR E 183 2.53 2.51 -37.88
N THR E 184 2.43 3.19 -39.02
CA THR E 184 1.44 2.86 -40.05
C THR E 184 2.12 2.72 -41.41
N ALA E 185 1.33 2.36 -42.43
CA ALA E 185 1.85 2.09 -43.77
C ALA E 185 2.44 3.32 -44.42
N THR E 186 2.10 4.50 -43.93
CA THR E 186 2.62 5.73 -44.49
C THR E 186 4.10 5.96 -44.18
N GLN E 187 4.67 5.23 -43.22
CA GLN E 187 6.05 5.44 -42.80
C GLN E 187 6.97 4.38 -43.40
N PRO E 188 8.19 4.73 -43.78
CA PRO E 188 9.12 3.72 -44.30
C PRO E 188 9.84 2.98 -43.16
N THR E 189 10.46 1.86 -43.53
CA THR E 189 11.29 1.11 -42.59
C THR E 189 12.64 1.77 -42.32
N VAL E 190 13.13 2.50 -43.30
CA VAL E 190 14.50 3.10 -43.23
C VAL E 190 14.38 4.53 -43.75
N ASP E 191 15.38 5.36 -43.46
CA ASP E 191 15.30 6.80 -43.81
C ASP E 191 14.99 6.93 -45.30
N GLY E 192 14.05 7.79 -45.62
CA GLY E 192 13.65 7.97 -47.02
C GLY E 192 12.96 9.30 -47.22
N PRO E 193 12.61 9.66 -48.46
CA PRO E 193 12.02 10.97 -48.77
C PRO E 193 10.58 11.08 -48.28
N SER E 194 10.17 12.32 -48.02
CA SER E 194 8.82 12.58 -47.57
C SER E 194 8.61 14.08 -47.80
N LYS E 195 8.02 14.44 -48.95
CA LYS E 195 7.94 15.83 -49.37
C LYS E 195 7.16 16.69 -48.39
N LYS E 196 6.12 16.12 -47.75
CA LYS E 196 5.21 16.89 -46.90
C LYS E 196 5.63 16.94 -45.44
N ASP E 197 6.46 16.01 -44.98
CA ASP E 197 7.00 16.07 -43.63
C ASP E 197 8.30 15.28 -43.61
N PHE E 198 9.41 15.99 -43.49
CA PHE E 198 10.70 15.32 -43.54
C PHE E 198 10.81 14.25 -42.45
N ARG E 199 10.33 14.55 -41.23
CA ARG E 199 10.42 13.55 -40.15
C ARG E 199 9.67 12.28 -40.53
N GLY E 200 8.56 12.42 -41.26
CA GLY E 200 7.77 11.28 -41.68
C GLY E 200 8.51 10.28 -42.53
N GLY E 201 9.63 10.69 -43.14
CA GLY E 201 10.43 9.79 -43.93
C GLY E 201 11.48 9.07 -43.16
N ARG E 202 11.64 9.41 -41.90
CA ARG E 202 12.68 8.77 -41.11
C ARG E 202 12.26 7.35 -40.74
N GLY E 203 13.25 6.49 -40.55
CA GLY E 203 12.97 5.10 -40.25
C GLY E 203 12.05 4.92 -39.05
N ALA E 204 10.94 4.21 -39.24
CA ALA E 204 9.98 4.01 -38.15
C ALA E 204 10.45 2.96 -37.15
N MET E 205 11.33 2.04 -37.56
CA MET E 205 11.82 1.00 -36.66
C MET E 205 12.80 1.56 -35.63
N GLN E 206 13.46 2.67 -35.94
CA GLN E 206 14.54 3.17 -35.11
C GLN E 206 14.17 4.32 -34.19
N ASN E 207 13.15 5.11 -34.51
CA ASN E 207 13.01 6.47 -34.00
C ASN E 207 11.71 6.71 -33.27
N ILE E 208 11.76 7.62 -32.30
CA ILE E 208 10.59 8.41 -31.87
C ILE E 208 10.47 9.58 -32.84
N ILE E 209 9.32 9.70 -33.48
CA ILE E 209 9.18 10.65 -34.60
C ILE E 209 8.06 11.62 -34.30
N PRO E 210 8.33 12.90 -34.02
CA PRO E 210 7.22 13.86 -33.84
C PRO E 210 6.43 13.97 -35.12
N ALA E 211 5.12 14.08 -35.00
CA ALA E 211 4.24 14.18 -36.15
C ALA E 211 3.13 15.17 -35.85
N SER E 212 2.62 15.82 -36.88
CA SER E 212 1.47 16.69 -36.70
C SER E 212 0.20 15.85 -36.80
N THR E 213 -0.83 16.31 -36.10
CA THR E 213 -2.15 15.70 -36.16
C THR E 213 -3.19 16.81 -36.29
N GLY E 214 -4.26 16.53 -37.02
CA GLY E 214 -5.42 17.38 -37.03
C GLY E 214 -6.51 16.95 -36.07
N ALA E 215 -6.23 15.97 -35.21
CA ALA E 215 -7.29 15.41 -34.36
C ALA E 215 -7.90 16.46 -33.47
N ALA E 216 -7.08 17.36 -32.93
CA ALA E 216 -7.60 18.42 -32.07
C ALA E 216 -8.53 19.34 -32.86
N LYS E 217 -8.08 19.79 -34.02
CA LYS E 217 -8.95 20.63 -34.84
C LYS E 217 -10.22 19.88 -35.21
N ALA E 218 -10.09 18.61 -35.56
CA ALA E 218 -11.28 17.83 -35.93
C ALA E 218 -12.24 17.70 -34.75
N VAL E 219 -11.72 17.50 -33.54
CA VAL E 219 -12.61 17.34 -32.40
C VAL E 219 -13.37 18.63 -32.15
N GLY E 220 -12.73 19.77 -32.39
CA GLY E 220 -13.45 21.04 -32.36
C GLY E 220 -14.60 21.11 -33.36
N LEU E 221 -14.46 20.43 -34.51
CA LEU E 221 -15.54 20.37 -35.49
C LEU E 221 -16.71 19.52 -35.00
N CYS E 222 -16.41 18.30 -34.52
CA CYS E 222 -17.48 17.43 -34.00
C CYS E 222 -18.08 17.99 -32.72
N ILE E 223 -17.29 18.70 -31.93
CA ILE E 223 -17.80 19.30 -30.71
C ILE E 223 -17.56 20.80 -30.81
N PRO E 224 -18.46 21.55 -31.48
CA PRO E 224 -18.26 22.99 -31.67
C PRO E 224 -18.05 23.76 -30.37
N GLU E 225 -18.61 23.28 -29.25
CA GLU E 225 -18.46 23.98 -27.97
C GLU E 225 -17.00 24.14 -27.58
N VAL E 226 -16.15 23.22 -28.02
CA VAL E 226 -14.74 23.21 -27.67
C VAL E 226 -13.85 23.77 -28.80
N ASN E 227 -14.46 24.33 -29.84
CA ASN E 227 -13.71 24.87 -30.98
C ASN E 227 -12.80 26.01 -30.56
N GLY E 228 -11.56 25.98 -31.03
CA GLY E 228 -10.58 26.98 -30.66
C GLY E 228 -9.92 26.75 -29.31
N LYS E 229 -10.35 25.74 -28.53
CA LYS E 229 -9.92 25.54 -27.16
C LYS E 229 -8.91 24.41 -26.96
N LEU E 230 -8.61 23.65 -27.99
CA LEU E 230 -7.69 22.53 -27.87
C LEU E 230 -6.82 22.38 -29.13
N THR E 231 -5.56 22.04 -28.91
CA THR E 231 -4.59 21.72 -29.93
C THR E 231 -3.89 20.41 -29.54
N GLY E 232 -3.03 19.91 -30.41
CA GLY E 232 -2.40 18.65 -30.07
C GLY E 232 -1.25 18.33 -30.99
N MET E 233 -0.52 17.29 -30.60
CA MET E 233 0.59 16.80 -31.40
C MET E 233 0.67 15.29 -31.27
N SER E 234 1.69 14.72 -31.91
CA SER E 234 1.83 13.28 -32.03
C SER E 234 3.30 12.84 -31.96
N PHE E 235 3.51 11.63 -31.48
CA PHE E 235 4.81 10.98 -31.53
C PHE E 235 4.62 9.57 -32.09
N ARG E 236 5.10 9.33 -33.31
CA ARG E 236 5.12 7.99 -33.85
C ARG E 236 6.23 7.16 -33.19
N VAL E 237 5.91 5.94 -32.75
CA VAL E 237 6.90 5.10 -32.09
C VAL E 237 6.96 3.74 -32.78
N PRO E 238 8.04 3.00 -32.56
CA PRO E 238 8.23 1.73 -33.29
C PRO E 238 7.36 0.60 -32.76
N THR E 239 6.05 0.77 -32.83
CA THR E 239 5.17 -0.36 -32.57
C THR E 239 4.22 -0.53 -33.75
N PRO E 240 3.83 -1.78 -34.06
CA PRO E 240 3.00 -2.04 -35.26
C PRO E 240 1.52 -1.72 -35.10
N ASP E 241 1.00 -1.62 -33.88
CA ASP E 241 -0.39 -1.22 -33.76
C ASP E 241 -0.67 -0.86 -32.31
N VAL E 242 -1.76 -0.12 -32.10
CA VAL E 242 -2.26 0.37 -30.81
C VAL E 242 -1.57 1.67 -30.42
N SER E 243 -2.39 2.67 -30.11
CA SER E 243 -1.95 4.01 -29.77
C SER E 243 -2.60 4.45 -28.47
N VAL E 244 -2.13 5.56 -27.95
CA VAL E 244 -2.62 6.07 -26.69
C VAL E 244 -2.67 7.60 -26.73
N VAL E 245 -3.73 8.16 -26.15
CA VAL E 245 -3.92 9.61 -26.08
C VAL E 245 -3.58 10.12 -24.68
N ASP E 246 -2.84 11.22 -24.62
CA ASP E 246 -2.44 11.84 -23.38
C ASP E 246 -2.95 13.28 -23.41
N LEU E 247 -4.13 13.49 -22.85
CA LEU E 247 -4.80 14.78 -22.91
C LEU E 247 -4.57 15.60 -21.63
N THR E 248 -3.91 16.75 -21.76
CA THR E 248 -3.86 17.77 -20.70
C THR E 248 -5.04 18.72 -20.83
N VAL E 249 -5.91 18.74 -19.84
CA VAL E 249 -7.17 19.48 -19.91
C VAL E 249 -7.28 20.36 -18.69
N ARG E 250 -7.62 21.62 -18.91
CA ARG E 250 -7.98 22.53 -17.83
C ARG E 250 -9.50 22.67 -17.88
N THR E 251 -10.15 22.22 -16.82
CA THR E 251 -11.62 22.21 -16.75
C THR E 251 -12.17 23.58 -16.37
N THR E 252 -13.49 23.77 -16.49
CA THR E 252 -14.15 25.05 -16.11
C THR E 252 -14.60 24.94 -14.66
N LYS E 253 -14.98 23.74 -14.23
CA LYS E 253 -15.44 23.52 -12.85
C LYS E 253 -14.39 22.68 -12.11
N GLU E 254 -14.30 22.85 -10.79
CA GLU E 254 -13.38 22.02 -10.00
C GLU E 254 -13.94 20.59 -9.87
N THR E 255 -13.07 19.59 -9.93
CA THR E 255 -13.48 18.19 -9.84
C THR E 255 -12.27 17.37 -9.39
N SER E 256 -12.35 16.05 -9.53
CA SER E 256 -11.24 15.19 -9.15
C SER E 256 -11.25 13.99 -10.08
N LEU E 257 -10.12 13.27 -10.04
CA LEU E 257 -9.98 12.07 -10.85
C LEU E 257 -11.01 11.02 -10.47
N LYS E 258 -11.39 10.97 -9.19
CA LYS E 258 -12.42 10.03 -8.78
C LYS E 258 -13.73 10.29 -9.54
N GLU E 259 -14.17 11.55 -9.59
CA GLU E 259 -15.39 11.89 -10.30
C GLU E 259 -15.24 11.72 -11.82
N ILE E 260 -14.10 12.08 -12.39
CA ILE E 260 -13.92 11.89 -13.81
C ILE E 260 -14.06 10.41 -14.15
N SER E 261 -13.38 9.57 -13.37
CA SER E 261 -13.42 8.13 -13.61
C SER E 261 -14.84 7.59 -13.50
N ALA E 262 -15.60 8.09 -12.52
CA ALA E 262 -17.00 7.68 -12.38
C ALA E 262 -17.79 8.02 -13.63
N LYS E 263 -17.57 9.21 -14.20
CA LYS E 263 -18.38 9.55 -15.36
C LYS E 263 -17.97 8.72 -16.58
N MET E 264 -16.66 8.52 -16.75
CA MET E 264 -16.13 7.69 -17.84
C MET E 264 -16.75 6.30 -17.79
N LYS E 265 -16.76 5.69 -16.61
CA LYS E 265 -17.26 4.34 -16.50
C LYS E 265 -18.75 4.31 -16.81
N ALA E 266 -19.49 5.26 -16.26
CA ALA E 266 -20.90 5.35 -16.53
C ALA E 266 -21.16 5.54 -18.04
N ALA E 267 -20.38 6.41 -18.67
CA ALA E 267 -20.52 6.51 -20.11
C ALA E 267 -20.24 5.15 -20.74
N SER E 268 -19.18 4.49 -20.27
CA SER E 268 -18.73 3.24 -20.88
C SER E 268 -19.77 2.14 -20.76
N GLU E 269 -20.56 2.21 -19.73
CA GLU E 269 -21.64 1.25 -19.58
C GLU E 269 -22.97 1.75 -20.13
N GLY E 270 -23.05 3.02 -20.49
CA GLY E 270 -24.30 3.61 -20.89
C GLY E 270 -24.33 4.15 -22.30
N ALA E 271 -24.34 5.46 -22.46
CA ALA E 271 -24.57 6.06 -23.77
C ALA E 271 -23.47 5.70 -24.76
N MET E 272 -22.25 5.47 -24.28
CA MET E 272 -21.14 5.16 -25.14
C MET E 272 -20.72 3.70 -25.02
N LYS E 273 -21.63 2.84 -24.59
CA LYS E 273 -21.37 1.40 -24.59
C LYS E 273 -20.98 0.94 -25.98
N GLY E 274 -19.90 0.16 -26.07
CA GLY E 274 -19.33 -0.23 -27.33
C GLY E 274 -18.43 0.82 -27.97
N ILE E 275 -18.46 2.05 -27.49
CA ILE E 275 -17.60 3.10 -28.01
C ILE E 275 -16.49 3.45 -27.03
N LEU E 276 -16.85 3.82 -25.80
CA LEU E 276 -15.91 4.17 -24.75
C LEU E 276 -15.72 3.00 -23.80
N GLY E 277 -14.47 2.65 -23.57
CA GLY E 277 -14.13 1.61 -22.64
C GLY E 277 -13.51 2.21 -21.40
N TYR E 278 -13.51 1.44 -20.32
CA TYR E 278 -13.06 1.90 -19.03
C TYR E 278 -12.22 0.79 -18.40
N THR E 279 -11.09 1.15 -17.82
CA THR E 279 -10.31 0.12 -17.14
C THR E 279 -9.64 0.71 -15.91
N GLU E 280 -9.44 -0.16 -14.91
CA GLU E 280 -8.63 0.18 -13.73
C GLU E 280 -7.40 -0.72 -13.61
N ASP E 281 -7.12 -1.54 -14.62
CA ASP E 281 -5.99 -2.46 -14.58
C ASP E 281 -4.70 -1.80 -15.12
N MET E 282 -3.57 -2.44 -14.78
CA MET E 282 -2.24 -1.99 -15.17
C MET E 282 -1.97 -2.39 -16.62
N VAL E 283 -2.72 -1.77 -17.50
CA VAL E 283 -2.69 -2.18 -18.91
C VAL E 283 -1.47 -1.60 -19.60
N VAL E 284 -1.05 -2.27 -20.66
CA VAL E 284 -0.05 -1.76 -21.58
C VAL E 284 -0.62 -1.94 -23.00
N SER E 285 0.11 -1.44 -24.01
CA SER E 285 -0.47 -1.27 -25.34
C SER E 285 -1.01 -2.58 -25.89
N ASN E 286 -0.22 -3.66 -25.82
CA ASN E 286 -0.69 -4.91 -26.44
C ASN E 286 -1.92 -5.50 -25.77
N ASP E 287 -2.29 -5.05 -24.57
CA ASP E 287 -3.53 -5.54 -24.00
C ASP E 287 -4.76 -5.07 -24.78
N PHE E 288 -4.58 -4.24 -25.81
CA PHE E 288 -5.67 -3.71 -26.61
C PHE E 288 -5.59 -4.14 -28.07
N VAL E 289 -4.73 -5.11 -28.41
CA VAL E 289 -4.64 -5.60 -29.79
C VAL E 289 -5.96 -6.29 -30.16
N SER E 290 -6.56 -5.86 -31.26
CA SER E 290 -7.84 -6.33 -31.75
C SER E 290 -9.02 -5.83 -30.93
N SER E 291 -8.82 -4.81 -30.11
CA SER E 291 -9.98 -4.17 -29.47
C SER E 291 -10.84 -3.44 -30.49
N THR E 292 -12.16 -3.57 -30.34
CA THR E 292 -13.13 -2.90 -31.19
C THR E 292 -13.59 -1.55 -30.62
N LEU E 293 -13.10 -1.13 -29.45
CA LEU E 293 -13.54 0.13 -28.88
C LEU E 293 -12.85 1.31 -29.57
N SER E 294 -13.52 2.47 -29.56
CA SER E 294 -12.89 3.68 -30.06
C SER E 294 -11.89 4.25 -29.05
N SER E 295 -12.13 4.04 -27.75
CA SER E 295 -11.38 4.73 -26.70
C SER E 295 -11.53 3.98 -25.39
N ILE E 296 -10.43 3.72 -24.72
CA ILE E 296 -10.45 2.99 -23.47
C ILE E 296 -9.76 3.87 -22.44
N PHE E 297 -10.55 4.42 -21.53
CA PHE E 297 -10.05 5.27 -20.45
C PHE E 297 -9.23 4.46 -19.44
N ASP E 298 -8.01 4.91 -19.19
CA ASP E 298 -7.03 4.23 -18.34
C ASP E 298 -6.95 5.01 -17.02
N MET E 299 -7.79 4.61 -16.06
CA MET E 299 -7.95 5.35 -14.83
C MET E 299 -6.63 5.46 -14.06
N ASP E 300 -5.90 4.35 -13.97
CA ASP E 300 -4.68 4.38 -13.17
C ASP E 300 -3.59 5.25 -13.77
N ALA E 301 -3.53 5.39 -15.09
CA ALA E 301 -2.47 6.17 -15.71
C ALA E 301 -2.71 7.67 -15.58
N CYS E 302 -3.93 8.09 -15.31
CA CYS E 302 -4.26 9.50 -15.18
C CYS E 302 -3.61 10.16 -13.97
N ILE E 303 -3.38 11.48 -14.09
CA ILE E 303 -2.81 12.25 -13.00
C ILE E 303 -3.55 13.58 -12.88
N GLU E 304 -3.63 14.08 -11.65
CA GLU E 304 -4.27 15.35 -11.33
C GLU E 304 -3.22 16.28 -10.75
N LEU E 305 -3.02 17.42 -11.39
CA LEU E 305 -2.22 18.47 -10.79
C LEU E 305 -2.99 19.19 -9.69
N ASN E 306 -4.24 19.56 -9.98
CA ASN E 306 -5.11 20.19 -8.98
C ASN E 306 -6.55 19.98 -9.44
N SER E 307 -7.49 20.65 -8.76
CA SER E 307 -8.93 20.44 -9.03
C SER E 307 -9.36 20.80 -10.46
N ARG E 308 -8.54 21.53 -11.21
CA ARG E 308 -8.97 21.98 -12.57
C ARG E 308 -7.95 21.58 -13.63
N PHE E 309 -6.82 20.99 -13.22
CA PHE E 309 -5.75 20.59 -14.16
C PHE E 309 -5.52 19.08 -14.11
N PHE E 310 -5.86 18.41 -15.21
CA PHE E 310 -5.70 16.96 -15.27
C PHE E 310 -4.99 16.55 -16.55
N LYS E 311 -4.45 15.34 -16.52
CA LYS E 311 -3.86 14.69 -17.67
C LYS E 311 -4.56 13.36 -17.79
N LEU E 312 -5.38 13.20 -18.83
CA LEU E 312 -6.17 11.99 -19.04
C LEU E 312 -5.55 11.12 -20.13
N VAL E 313 -5.59 9.81 -19.90
CA VAL E 313 -4.97 8.79 -20.75
C VAL E 313 -6.02 7.83 -21.24
N SER E 314 -6.02 7.56 -22.55
CA SER E 314 -6.94 6.63 -23.18
C SER E 314 -6.26 5.90 -24.33
N TRP E 315 -6.49 4.59 -24.39
CA TRP E 315 -5.95 3.68 -25.40
C TRP E 315 -6.87 3.51 -26.61
N TYR E 316 -6.28 3.06 -27.72
CA TYR E 316 -7.11 2.68 -28.86
C TYR E 316 -6.28 1.87 -29.83
N ASP E 317 -6.86 0.79 -30.34
CA ASP E 317 -6.30 0.02 -31.46
C ASP E 317 -6.65 0.79 -32.74
N ASN E 318 -5.69 1.59 -33.24
CA ASN E 318 -5.95 2.47 -34.36
C ASN E 318 -6.43 1.68 -35.57
N GLU E 319 -6.17 0.37 -35.62
CA GLU E 319 -6.68 -0.41 -36.74
C GLU E 319 -8.08 -0.94 -36.46
N MET E 320 -8.20 -1.74 -35.42
CA MET E 320 -9.45 -2.46 -35.22
C MET E 320 -10.57 -1.55 -34.73
N GLY E 321 -10.29 -0.65 -33.76
CA GLY E 321 -11.32 0.25 -33.27
C GLY E 321 -11.88 1.13 -34.38
N TYR E 322 -10.99 1.71 -35.19
CA TYR E 322 -11.46 2.54 -36.29
C TYR E 322 -12.30 1.74 -37.28
N SER E 323 -11.85 0.53 -37.63
CA SER E 323 -12.57 -0.28 -38.62
C SER E 323 -13.99 -0.60 -38.19
N ASN E 324 -14.20 -0.88 -36.90
CA ASN E 324 -15.56 -1.15 -36.43
C ASN E 324 -16.40 0.13 -36.46
N ARG E 325 -15.80 1.28 -36.14
CA ARG E 325 -16.55 2.53 -36.20
C ARG E 325 -17.02 2.81 -37.62
N VAL E 326 -16.19 2.46 -38.61
CA VAL E 326 -16.59 2.61 -40.01
C VAL E 326 -17.84 1.79 -40.29
N LEU E 327 -17.89 0.55 -39.79
CA LEU E 327 -19.09 -0.26 -39.97
C LEU E 327 -20.27 0.35 -39.24
N ASP E 328 -20.04 0.76 -37.98
CA ASP E 328 -21.09 1.36 -37.17
C ASP E 328 -21.66 2.60 -37.84
N LEU E 329 -20.80 3.43 -38.44
CA LEU E 329 -21.28 4.60 -39.16
C LEU E 329 -22.15 4.19 -40.35
N ILE E 330 -21.68 3.19 -41.13
CA ILE E 330 -22.48 2.69 -42.25
C ILE E 330 -23.82 2.17 -41.76
N ARG E 331 -23.82 1.35 -40.71
CA ARG E 331 -25.10 0.83 -40.25
C ARG E 331 -26.02 1.97 -39.83
N TYR E 332 -25.48 2.96 -39.11
CA TYR E 332 -26.34 4.07 -38.67
C TYR E 332 -26.97 4.78 -39.86
N MET E 333 -26.16 5.12 -40.87
CA MET E 333 -26.70 5.82 -42.03
C MET E 333 -27.73 4.98 -42.78
N ALA E 334 -27.51 3.67 -42.87
CA ALA E 334 -28.42 2.85 -43.67
C ALA E 334 -29.85 2.93 -43.13
N LYS E 335 -30.00 2.85 -41.80
CA LYS E 335 -31.30 2.94 -41.12
C LYS E 335 -31.74 4.38 -40.88
N LYS E 336 -31.11 5.36 -41.55
CA LYS E 336 -31.50 6.75 -41.40
C LYS E 336 -31.44 7.17 -39.93
N ALA F 2 46.80 17.28 -7.93
CA ALA F 2 46.54 17.75 -9.31
C ALA F 2 45.40 16.95 -9.93
N MET F 3 45.23 15.71 -9.50
CA MET F 3 44.24 14.83 -10.17
C MET F 3 43.18 14.31 -9.19
N THR F 4 41.91 14.40 -9.58
CA THR F 4 40.79 13.89 -8.76
C THR F 4 40.68 12.37 -8.88
N ARG F 5 40.76 11.65 -7.77
CA ARG F 5 40.64 10.18 -7.78
C ARG F 5 39.16 9.78 -7.74
N ILE F 6 38.68 9.05 -8.74
CA ILE F 6 37.28 8.67 -8.86
C ILE F 6 37.20 7.16 -8.92
N ALA F 7 36.22 6.59 -8.21
CA ALA F 7 35.90 5.19 -8.31
C ALA F 7 34.47 5.07 -8.83
N ILE F 8 34.22 3.99 -9.58
CA ILE F 8 32.90 3.73 -10.16
C ILE F 8 32.35 2.46 -9.55
N ASN F 9 31.17 2.57 -8.93
CA ASN F 9 30.48 1.42 -8.36
C ASN F 9 29.33 1.10 -9.33
N GLY F 10 29.48 0.02 -10.08
CA GLY F 10 28.50 -0.31 -11.08
C GLY F 10 28.92 0.16 -12.46
N PHE F 11 29.56 -0.72 -13.22
CA PHE F 11 30.05 -0.41 -14.57
C PHE F 11 28.97 -0.71 -15.61
N GLY F 12 27.79 -0.15 -15.42
CA GLY F 12 26.67 -0.38 -16.32
C GLY F 12 26.66 0.64 -17.43
N ARG F 13 25.47 0.90 -17.97
CA ARG F 13 25.36 1.90 -19.02
C ARG F 13 25.93 3.23 -18.57
N ILE F 14 25.48 3.73 -17.41
CA ILE F 14 25.96 5.01 -16.94
C ILE F 14 27.41 4.91 -16.50
N GLY F 15 27.75 3.85 -15.75
CA GLY F 15 29.12 3.70 -15.31
C GLY F 15 30.11 3.61 -16.45
N ARG F 16 29.79 2.78 -17.46
CA ARG F 16 30.67 2.69 -18.62
C ARG F 16 30.67 4.00 -19.39
N LEU F 17 29.51 4.66 -19.52
CA LEU F 17 29.51 5.90 -20.31
C LEU F 17 30.21 7.04 -19.57
N VAL F 18 30.04 7.17 -18.24
CA VAL F 18 30.85 8.14 -17.51
C VAL F 18 32.33 7.82 -17.69
N PHE F 19 32.70 6.54 -17.67
CA PHE F 19 34.11 6.17 -17.84
C PHE F 19 34.64 6.58 -19.21
N ARG F 20 33.85 6.39 -20.27
CA ARG F 20 34.26 6.79 -21.60
C ARG F 20 34.45 8.29 -21.70
N ALA F 21 33.46 9.05 -21.21
CA ALA F 21 33.56 10.51 -21.29
C ALA F 21 34.67 11.06 -20.41
N GLY F 22 34.97 10.38 -19.30
CA GLY F 22 35.87 10.94 -18.30
C GLY F 22 37.32 10.54 -18.49
N ILE F 23 37.55 9.38 -19.10
CA ILE F 23 38.92 8.95 -19.35
C ILE F 23 39.57 9.94 -20.30
N LYS F 24 38.80 10.85 -20.89
CA LYS F 24 39.42 11.87 -21.77
C LYS F 24 40.00 13.04 -20.97
N ASP F 25 39.66 13.17 -19.68
CA ASP F 25 40.09 14.36 -18.91
C ASP F 25 41.41 14.05 -18.21
N PRO F 26 42.47 14.84 -18.49
CA PRO F 26 43.75 14.62 -17.89
C PRO F 26 43.70 15.01 -16.41
N ASN F 27 42.68 15.79 -16.04
CA ASN F 27 42.56 16.22 -14.67
C ASN F 27 41.94 15.15 -13.78
N LEU F 28 41.29 14.16 -14.37
CA LEU F 28 40.64 13.07 -13.65
C LEU F 28 41.50 11.81 -13.70
N GLU F 29 41.42 11.02 -12.64
CA GLU F 29 42.07 9.73 -12.52
C GLU F 29 41.04 8.72 -12.05
N PHE F 30 40.65 7.81 -12.92
CA PHE F 30 39.82 6.69 -12.50
C PHE F 30 40.73 5.62 -11.89
N VAL F 31 40.48 5.25 -10.63
CA VAL F 31 41.34 4.34 -9.90
C VAL F 31 40.73 2.96 -9.66
N ALA F 32 39.40 2.83 -9.68
CA ALA F 32 38.82 1.53 -9.42
C ALA F 32 37.47 1.42 -10.08
N ILE F 33 37.13 0.19 -10.47
CA ILE F 33 35.80 -0.13 -10.94
C ILE F 33 35.31 -1.35 -10.18
N ASN F 34 34.10 -1.26 -9.64
CA ASN F 34 33.48 -2.36 -8.90
C ASN F 34 32.24 -2.79 -9.67
N ASP F 35 32.12 -4.09 -9.88
CA ASP F 35 30.96 -4.67 -10.53
C ASP F 35 30.93 -6.14 -10.15
N LEU F 36 29.95 -6.84 -10.67
CA LEU F 36 29.73 -8.24 -10.33
C LEU F 36 30.43 -9.22 -11.25
N VAL F 37 31.21 -8.74 -12.23
CA VAL F 37 31.92 -9.63 -13.16
C VAL F 37 33.40 -9.27 -13.20
N THR F 38 34.17 -10.18 -13.79
CA THR F 38 35.62 -10.07 -13.86
C THR F 38 36.05 -9.11 -14.96
N PRO F 39 37.33 -8.68 -14.95
CA PRO F 39 37.79 -7.69 -15.92
C PRO F 39 37.58 -8.05 -17.40
N ASP F 40 37.37 -9.32 -17.72
CA ASP F 40 37.20 -9.75 -19.15
C ASP F 40 35.87 -9.24 -19.69
N ASN F 41 34.79 -9.42 -18.95
CA ASN F 41 33.45 -8.96 -19.38
C ASN F 41 33.43 -7.44 -19.33
N LEU F 42 34.19 -6.86 -18.40
CA LEU F 42 34.16 -5.39 -18.23
C LEU F 42 34.95 -4.77 -19.39
N ALA F 43 36.09 -5.35 -19.72
CA ALA F 43 36.80 -4.87 -20.90
C ALA F 43 35.96 -5.06 -22.16
N TYR F 44 35.27 -6.20 -22.26
CA TYR F 44 34.42 -6.45 -23.41
C TYR F 44 33.35 -5.38 -23.56
N LEU F 45 32.63 -5.09 -22.47
CA LEU F 45 31.55 -4.10 -22.49
C LEU F 45 32.07 -2.69 -22.70
N LEU F 46 33.29 -2.41 -22.28
CA LEU F 46 33.87 -1.11 -22.56
C LEU F 46 34.14 -0.95 -24.06
N LYS F 47 34.73 -1.96 -24.70
CA LYS F 47 35.15 -1.80 -26.09
C LYS F 47 33.95 -1.72 -27.03
N TYR F 48 32.92 -2.54 -26.80
CA TYR F 48 31.80 -2.63 -27.71
C TYR F 48 30.57 -2.01 -27.09
N ASP F 49 29.94 -1.08 -27.80
CA ASP F 49 28.71 -0.47 -27.31
C ASP F 49 27.67 -0.47 -28.43
N SER F 50 26.56 -1.18 -28.22
CA SER F 50 25.53 -1.32 -29.23
C SER F 50 24.91 0.01 -29.64
N THR F 51 25.00 1.03 -28.79
CA THR F 51 24.36 2.32 -29.01
C THR F 51 25.32 3.41 -29.38
N HIS F 52 26.50 3.43 -28.77
CA HIS F 52 27.44 4.52 -28.95
C HIS F 52 28.69 4.09 -29.68
N GLY F 53 28.72 2.88 -30.27
CA GLY F 53 29.82 2.46 -31.11
C GLY F 53 31.01 1.93 -30.34
N ARG F 54 32.07 1.58 -31.07
CA ARG F 54 33.23 0.98 -30.43
C ARG F 54 34.03 2.02 -29.67
N PHE F 55 34.62 1.59 -28.56
CA PHE F 55 35.49 2.47 -27.81
C PHE F 55 36.68 2.82 -28.68
N GLN F 56 36.88 4.10 -28.92
CA GLN F 56 38.01 4.48 -29.77
C GLN F 56 39.23 4.70 -28.91
N GLY F 57 39.97 3.61 -28.71
CA GLY F 57 41.18 3.60 -27.93
C GLY F 57 41.51 2.14 -27.63
N THR F 58 42.56 1.95 -26.85
CA THR F 58 42.99 0.59 -26.51
C THR F 58 42.40 0.14 -25.18
N VAL F 59 41.93 -1.10 -25.15
CA VAL F 59 41.38 -1.72 -23.95
C VAL F 59 42.04 -3.10 -23.80
N GLU F 60 42.70 -3.33 -22.67
CA GLU F 60 43.26 -4.63 -22.35
C GLU F 60 42.86 -5.01 -20.92
N HIS F 61 43.09 -6.26 -20.53
CA HIS F 61 42.73 -6.68 -19.18
C HIS F 61 43.71 -7.73 -18.69
N THR F 62 43.86 -7.81 -17.37
CA THR F 62 44.61 -8.84 -16.66
C THR F 62 43.65 -9.54 -15.69
N GLU F 63 44.15 -10.48 -14.90
CA GLU F 63 43.23 -11.18 -14.00
C GLU F 63 42.56 -10.21 -13.03
N LYS F 64 43.17 -9.03 -12.83
CA LYS F 64 42.70 -8.15 -11.76
C LYS F 64 42.47 -6.69 -12.15
N GLU F 65 42.70 -6.30 -13.40
CA GLU F 65 42.54 -4.89 -13.74
C GLU F 65 42.37 -4.70 -15.24
N LEU F 66 41.78 -3.55 -15.59
CA LEU F 66 41.71 -3.05 -16.96
C LEU F 66 42.87 -2.12 -17.28
N ILE F 67 43.21 -2.10 -18.58
CA ILE F 67 44.28 -1.27 -19.10
C ILE F 67 43.69 -0.52 -20.30
N VAL F 68 43.36 0.75 -20.10
CA VAL F 68 42.71 1.57 -21.11
C VAL F 68 43.69 2.65 -21.52
N ASP F 69 44.08 2.65 -22.80
CA ASP F 69 44.99 3.67 -23.32
C ASP F 69 46.28 3.74 -22.49
N GLY F 70 46.76 2.58 -22.05
CA GLY F 70 47.92 2.52 -21.21
C GLY F 70 47.65 2.62 -19.71
N LYS F 71 46.53 3.21 -19.30
CA LYS F 71 46.20 3.33 -17.88
C LYS F 71 45.67 2.00 -17.34
N LYS F 72 46.17 1.58 -16.18
CA LYS F 72 45.68 0.40 -15.50
C LYS F 72 44.65 0.86 -14.47
N ILE F 73 43.50 0.20 -14.43
CA ILE F 73 42.45 0.53 -13.48
C ILE F 73 42.11 -0.73 -12.69
N LEU F 74 42.11 -0.60 -11.36
CA LEU F 74 41.79 -1.74 -10.51
C LEU F 74 40.34 -2.14 -10.67
N CYS F 75 40.12 -3.45 -10.78
CA CYS F 75 38.81 -4.06 -10.91
C CYS F 75 38.55 -4.92 -9.69
N VAL F 76 37.50 -4.59 -8.93
CA VAL F 76 37.16 -5.37 -7.77
C VAL F 76 35.74 -5.88 -7.99
N SER F 77 35.37 -6.92 -7.26
CA SER F 77 33.97 -7.40 -7.31
C SER F 77 33.50 -7.64 -5.87
N GLU F 78 32.87 -6.63 -5.28
CA GLU F 78 32.37 -6.77 -3.89
C GLU F 78 30.94 -6.22 -3.82
N ARG F 79 29.98 -7.07 -3.50
CA ARG F 79 28.55 -6.68 -3.41
C ARG F 79 28.36 -5.64 -2.29
N ASP F 80 29.13 -5.71 -1.20
CA ASP F 80 29.00 -4.77 -0.05
C ASP F 80 29.97 -3.60 -0.23
N PRO F 81 29.47 -2.36 -0.41
CA PRO F 81 30.34 -1.21 -0.60
C PRO F 81 31.35 -0.98 0.54
N GLU F 82 30.96 -1.28 1.77
CA GLU F 82 31.83 -1.10 2.92
C GLU F 82 33.12 -1.91 2.82
N LYS F 83 33.06 -3.06 2.14
CA LYS F 83 34.24 -3.89 1.99
C LYS F 83 35.08 -3.43 0.80
N LEU F 84 34.88 -2.20 0.37
CA LEU F 84 35.64 -1.67 -0.78
C LEU F 84 36.90 -0.98 -0.28
N PRO F 85 38.01 -1.03 -1.05
CA PRO F 85 39.25 -0.40 -0.65
C PRO F 85 39.33 1.08 -1.00
N TRP F 86 38.33 1.85 -0.61
CA TRP F 86 38.30 3.28 -0.99
C TRP F 86 39.38 4.04 -0.22
N LYS F 87 39.64 3.62 1.01
CA LYS F 87 40.64 4.31 1.85
C LYS F 87 42.02 4.09 1.25
N ASP F 88 42.36 2.83 0.99
CA ASP F 88 43.71 2.50 0.48
C ASP F 88 43.97 3.26 -0.82
N LEU F 89 42.99 3.31 -1.71
CA LEU F 89 43.22 3.93 -3.04
C LEU F 89 42.94 5.43 -2.93
N LYS F 90 42.61 5.90 -1.74
CA LYS F 90 42.42 7.36 -1.56
C LYS F 90 41.41 7.88 -2.59
N VAL F 91 40.23 7.28 -2.64
CA VAL F 91 39.17 7.70 -3.54
C VAL F 91 38.60 9.03 -3.05
N ASP F 92 38.68 10.05 -3.90
CA ASP F 92 38.00 11.30 -3.61
C ASP F 92 36.49 11.17 -3.85
N TYR F 93 36.10 10.65 -5.01
CA TYR F 93 34.70 10.54 -5.37
C TYR F 93 34.37 9.11 -5.76
N VAL F 94 33.22 8.63 -5.29
CA VAL F 94 32.65 7.35 -5.74
C VAL F 94 31.41 7.65 -6.56
N ILE F 95 31.38 7.16 -7.78
CA ILE F 95 30.18 7.21 -8.62
C ILE F 95 29.31 5.99 -8.32
N GLU F 96 28.20 6.22 -7.61
CA GLU F 96 27.25 5.18 -7.25
C GLU F 96 26.25 5.02 -8.38
N SER F 97 26.49 4.02 -9.23
CA SER F 97 25.71 3.80 -10.43
C SER F 97 25.24 2.35 -10.52
N THR F 98 25.08 1.70 -9.36
CA THR F 98 24.49 0.37 -9.33
C THR F 98 22.97 0.40 -9.33
N GLY F 99 22.36 1.50 -8.91
CA GLY F 99 20.93 1.56 -8.71
C GLY F 99 20.45 0.96 -7.41
N LEU F 100 21.34 0.43 -6.56
CA LEU F 100 20.99 -0.31 -5.36
C LEU F 100 21.28 0.43 -4.05
N PHE F 101 21.90 1.61 -4.13
CA PHE F 101 22.35 2.35 -2.96
C PHE F 101 21.98 3.81 -3.12
N THR F 102 20.71 4.06 -3.42
CA THR F 102 20.26 5.42 -3.67
C THR F 102 19.76 6.13 -2.43
N ASP F 103 19.76 5.46 -1.29
CA ASP F 103 19.46 6.02 0.02
C ASP F 103 20.75 6.33 0.79
N ARG F 104 20.62 7.15 1.83
CA ARG F 104 21.79 7.54 2.59
C ARG F 104 22.40 6.34 3.30
N VAL F 105 21.56 5.46 3.84
CA VAL F 105 22.09 4.31 4.56
C VAL F 105 22.97 3.49 3.63
N GLY F 106 22.57 3.36 2.36
CA GLY F 106 23.32 2.61 1.37
C GLY F 106 24.54 3.35 0.86
N ALA F 107 24.35 4.62 0.50
CA ALA F 107 25.45 5.42 -0.04
C ALA F 107 26.49 5.74 1.03
N GLU F 108 26.10 5.84 2.30
CA GLU F 108 27.08 6.16 3.32
C GLU F 108 28.10 5.03 3.46
N LYS F 109 27.78 3.84 2.94
CA LYS F 109 28.72 2.73 2.98
C LYS F 109 30.03 3.02 2.25
N HIS F 110 29.96 3.90 1.24
CA HIS F 110 31.18 4.26 0.47
C HIS F 110 32.09 5.13 1.35
N ILE F 111 31.52 6.06 2.10
CA ILE F 111 32.31 6.92 2.99
C ILE F 111 32.89 6.13 4.17
N LYS F 112 32.14 5.19 4.72
CA LYS F 112 32.72 4.29 5.70
C LYS F 112 33.88 3.52 5.15
N ALA F 113 33.85 3.21 3.87
CA ALA F 113 34.89 2.45 3.23
C ALA F 113 36.10 3.31 2.89
N GLY F 114 35.99 4.64 2.96
CA GLY F 114 37.14 5.50 2.77
C GLY F 114 36.94 6.60 1.76
N ALA F 115 35.83 6.60 1.04
CA ALA F 115 35.57 7.64 0.04
C ALA F 115 35.23 8.97 0.71
N LYS F 116 35.61 10.07 0.09
CA LYS F 116 35.38 11.38 0.76
C LYS F 116 34.04 11.94 0.32
N LYS F 117 33.65 11.71 -0.93
CA LYS F 117 32.40 12.26 -1.47
C LYS F 117 31.73 11.18 -2.33
N VAL F 118 30.40 11.14 -2.31
CA VAL F 118 29.65 10.09 -3.07
C VAL F 118 28.62 10.79 -3.95
N VAL F 119 28.68 10.51 -5.26
CA VAL F 119 27.71 11.07 -6.18
C VAL F 119 26.81 9.94 -6.63
N ILE F 120 25.54 10.01 -6.27
CA ILE F 120 24.56 9.00 -6.68
C ILE F 120 24.05 9.37 -8.06
N SER F 121 24.16 8.42 -9.00
CA SER F 121 23.78 8.65 -10.39
C SER F 121 22.30 8.37 -10.60
N ALA F 122 21.49 8.88 -9.69
CA ALA F 122 20.06 8.63 -9.71
C ALA F 122 19.42 9.55 -8.68
N PRO F 123 18.09 9.73 -8.76
CA PRO F 123 17.38 10.40 -7.66
C PRO F 123 17.55 9.65 -6.35
N ALA F 124 17.72 10.39 -5.26
CA ALA F 124 17.85 9.77 -3.95
C ALA F 124 16.50 9.23 -3.52
N LYS F 125 16.51 8.15 -2.72
CA LYS F 125 15.23 7.67 -2.20
C LYS F 125 14.66 8.59 -1.13
N ASP F 126 15.42 9.57 -0.64
CA ASP F 126 14.91 10.40 0.46
C ASP F 126 15.30 11.87 0.25
N LYS F 127 14.44 12.74 0.76
CA LYS F 127 14.65 14.17 0.73
C LYS F 127 15.91 14.59 1.47
N ASP F 128 16.50 13.71 2.28
CA ASP F 128 17.66 14.07 3.10
C ASP F 128 18.99 14.02 2.34
N ILE F 129 19.01 13.69 1.06
CA ILE F 129 20.23 13.78 0.24
C ILE F 129 20.07 14.96 -0.71
N PRO F 130 20.97 15.93 -0.73
CA PRO F 130 20.79 17.05 -1.65
C PRO F 130 20.90 16.61 -3.10
N THR F 131 20.05 17.17 -3.94
CA THR F 131 20.01 16.84 -5.35
C THR F 131 20.37 18.07 -6.17
N PHE F 132 21.26 17.90 -7.13
CA PHE F 132 21.75 18.99 -7.96
C PHE F 132 21.57 18.68 -9.44
N VAL F 133 21.16 19.69 -10.18
CA VAL F 133 21.10 19.64 -11.63
C VAL F 133 22.01 20.72 -12.15
N MET F 134 23.01 20.31 -12.95
CA MET F 134 24.00 21.25 -13.46
C MET F 134 23.31 22.37 -14.23
N GLY F 135 23.76 23.59 -13.97
CA GLY F 135 23.18 24.74 -14.63
C GLY F 135 21.86 25.22 -14.07
N VAL F 136 21.34 24.56 -13.02
CA VAL F 136 20.08 24.93 -12.41
C VAL F 136 20.24 25.28 -10.95
N ASN F 137 20.84 24.35 -10.15
CA ASN F 137 21.00 24.63 -8.73
C ASN F 137 22.32 24.08 -8.15
N ASN F 138 23.29 23.68 -8.97
CA ASN F 138 24.52 23.09 -8.46
C ASN F 138 25.37 24.09 -7.67
N GLU F 139 25.12 25.38 -7.85
CA GLU F 139 25.86 26.38 -7.12
C GLU F 139 25.47 26.42 -5.64
N LYS F 140 24.35 25.81 -5.27
CA LYS F 140 23.98 25.72 -3.86
C LYS F 140 24.70 24.58 -3.13
N TYR F 141 25.60 23.88 -3.80
CA TYR F 141 26.36 22.80 -3.20
C TYR F 141 27.26 23.34 -2.09
N ASN F 142 27.26 22.66 -0.94
CA ASN F 142 28.08 23.07 0.20
C ASN F 142 29.19 22.06 0.45
N PRO F 143 30.44 22.38 0.11
CA PRO F 143 31.52 21.37 0.23
C PRO F 143 31.74 20.87 1.66
N SER F 144 31.56 21.72 2.67
CA SER F 144 31.83 21.28 4.04
C SER F 144 30.73 20.39 4.59
N ASN F 145 29.56 20.38 3.97
CA ASN F 145 28.48 19.58 4.52
C ASN F 145 27.90 18.54 3.56
N ASP F 146 27.88 18.80 2.25
CA ASP F 146 27.23 17.86 1.33
C ASP F 146 28.26 16.84 0.87
N HIS F 147 28.36 15.72 1.59
CA HIS F 147 29.30 14.68 1.24
C HIS F 147 28.68 13.55 0.42
N ILE F 148 27.36 13.43 0.44
CA ILE F 148 26.63 12.48 -0.39
C ILE F 148 25.64 13.31 -1.20
N VAL F 149 25.75 13.22 -2.53
CA VAL F 149 24.93 14.04 -3.42
C VAL F 149 24.28 13.16 -4.46
N SER F 150 23.24 13.71 -5.06
CA SER F 150 22.52 13.07 -6.14
C SER F 150 22.53 13.99 -7.35
N ASN F 151 22.76 13.41 -8.52
CA ASN F 151 22.72 14.15 -9.77
C ASN F 151 21.36 14.11 -10.45
N ALA F 152 20.32 13.77 -9.69
CA ALA F 152 18.93 13.67 -10.17
C ALA F 152 18.78 12.55 -11.21
N SER F 153 17.72 12.64 -12.02
CA SER F 153 17.46 11.67 -13.06
C SER F 153 17.77 12.32 -14.41
N THR F 155 15.53 12.46 -16.87
CA THR F 155 14.37 13.30 -17.16
C THR F 155 14.42 14.64 -16.37
N THR F 156 14.81 14.60 -15.09
CA THR F 156 14.95 15.86 -14.35
C THR F 156 15.97 16.77 -15.02
N ASN F 157 17.12 16.21 -15.40
CA ASN F 157 18.13 17.02 -16.06
C ASN F 157 17.65 17.52 -17.40
N CYS F 158 16.66 16.86 -18.00
CA CYS F 158 16.14 17.41 -19.26
C CYS F 158 15.11 18.50 -18.98
N LEU F 159 14.21 18.25 -18.03
CA LEU F 159 13.09 19.16 -17.80
C LEU F 159 13.52 20.47 -17.13
N ALA F 160 14.43 20.41 -16.14
CA ALA F 160 14.74 21.57 -15.31
C ALA F 160 15.27 22.76 -16.11
N PRO F 161 16.23 22.59 -17.03
CA PRO F 161 16.67 23.73 -17.82
C PRO F 161 15.54 24.41 -18.57
N ILE F 162 14.60 23.64 -19.12
CA ILE F 162 13.47 24.24 -19.80
C ILE F 162 12.60 25.01 -18.82
N VAL F 163 12.28 24.38 -17.69
CA VAL F 163 11.47 25.04 -16.66
C VAL F 163 12.16 26.29 -16.19
N LYS F 164 13.48 26.24 -16.05
CA LYS F 164 14.22 27.39 -15.51
C LYS F 164 14.12 28.59 -16.45
N VAL F 165 14.31 28.36 -17.75
CA VAL F 165 14.20 29.46 -18.73
C VAL F 165 12.79 30.02 -18.75
N VAL F 166 11.79 29.13 -18.73
CA VAL F 166 10.41 29.55 -18.83
C VAL F 166 10.03 30.34 -17.59
N LEU F 167 10.42 29.83 -16.41
CA LEU F 167 10.11 30.52 -15.16
C LEU F 167 10.81 31.87 -15.06
N ASP F 168 12.10 31.93 -15.42
CA ASP F 168 12.84 33.18 -15.24
C ASP F 168 12.27 34.30 -16.07
N ASN F 169 11.64 33.99 -17.19
CA ASN F 169 11.23 35.04 -18.12
C ASN F 169 9.74 35.32 -18.07
N TRP F 170 8.91 34.31 -17.86
CA TRP F 170 7.47 34.52 -17.87
C TRP F 170 6.81 33.85 -16.69
N GLY F 171 7.58 33.15 -15.86
CA GLY F 171 7.02 32.51 -14.70
C GLY F 171 6.20 31.33 -15.14
N ILE F 172 5.88 30.45 -14.21
CA ILE F 172 5.09 29.27 -14.51
C ILE F 172 3.99 29.21 -13.48
N GLU F 173 2.74 29.18 -13.92
CA GLU F 173 1.61 28.91 -13.06
C GLU F 173 1.36 27.41 -12.89
N GLU F 174 1.38 26.64 -13.97
CA GLU F 174 1.15 25.20 -13.90
C GLU F 174 1.90 24.50 -15.01
N GLY F 175 2.20 23.24 -14.78
CA GLY F 175 2.91 22.42 -15.73
C GLY F 175 2.63 20.94 -15.56
N LEU F 176 2.33 20.26 -16.66
CA LEU F 176 2.13 18.81 -16.66
C LEU F 176 3.06 18.25 -17.73
N MET F 177 3.92 17.32 -17.33
CA MET F 177 4.96 16.83 -18.21
C MET F 177 4.68 15.37 -18.53
N THR F 178 4.95 14.99 -19.78
CA THR F 178 5.03 13.61 -20.22
C THR F 178 6.37 13.39 -20.87
N THR F 179 7.02 12.31 -20.48
CA THR F 179 8.23 11.84 -21.12
C THR F 179 7.95 10.54 -21.87
N ILE F 180 8.31 10.52 -23.15
CA ILE F 180 8.40 9.29 -23.94
C ILE F 180 9.83 8.81 -23.84
N HIS F 181 10.05 7.73 -23.08
CA HIS F 181 11.37 7.34 -22.61
C HIS F 181 11.81 6.05 -23.31
N ALA F 182 13.07 6.02 -23.69
CA ALA F 182 13.66 4.79 -24.20
C ALA F 182 13.67 3.73 -23.11
N THR F 183 13.68 2.49 -23.57
CA THR F 183 13.77 1.33 -22.70
C THR F 183 15.09 1.33 -21.94
N THR F 184 15.08 0.83 -20.72
CA THR F 184 16.32 0.72 -19.94
C THR F 184 16.47 -0.69 -19.37
N ALA F 185 17.59 -0.88 -18.68
CA ALA F 185 17.95 -2.17 -18.10
C ALA F 185 16.96 -2.60 -17.04
N THR F 186 16.18 -1.67 -16.53
CA THR F 186 15.19 -1.99 -15.53
C THR F 186 14.02 -2.80 -16.10
N GLN F 187 13.82 -2.80 -17.42
CA GLN F 187 12.71 -3.48 -18.09
C GLN F 187 13.20 -4.77 -18.70
N PRO F 188 12.36 -5.80 -18.66
CA PRO F 188 12.68 -7.08 -19.30
C PRO F 188 12.27 -7.06 -20.77
N THR F 189 12.80 -8.03 -21.51
CA THR F 189 12.42 -8.18 -22.92
C THR F 189 11.03 -8.79 -23.07
N VAL F 190 10.62 -9.66 -22.14
CA VAL F 190 9.32 -10.31 -22.23
C VAL F 190 8.61 -10.16 -20.90
N ASP F 191 7.30 -10.39 -20.92
CA ASP F 191 6.51 -10.18 -19.71
C ASP F 191 7.11 -10.95 -18.54
N GLY F 192 7.31 -10.24 -17.43
CA GLY F 192 7.86 -10.84 -16.25
C GLY F 192 7.34 -10.16 -15.01
N PRO F 193 7.68 -10.68 -13.83
CA PRO F 193 7.17 -10.11 -12.58
C PRO F 193 7.81 -8.78 -12.29
N SER F 194 7.06 -7.95 -11.56
CA SER F 194 7.58 -6.67 -11.12
C SER F 194 6.64 -6.12 -10.06
N LYS F 195 6.95 -6.39 -8.79
CA LYS F 195 6.04 -6.03 -7.68
C LYS F 195 5.87 -4.53 -7.54
N LYS F 196 6.90 -3.77 -7.86
CA LYS F 196 6.88 -2.34 -7.56
C LYS F 196 6.16 -1.58 -8.67
N ASP F 197 6.01 -2.20 -9.85
CA ASP F 197 5.20 -1.66 -10.94
C ASP F 197 4.84 -2.80 -11.89
N PHE F 198 3.58 -3.25 -11.86
CA PHE F 198 3.24 -4.38 -12.72
C PHE F 198 3.50 -4.05 -14.18
N ARG F 199 3.13 -2.83 -14.61
CA ARG F 199 3.41 -2.44 -16.00
C ARG F 199 4.90 -2.52 -16.30
N GLY F 200 5.73 -2.20 -15.31
CA GLY F 200 7.17 -2.29 -15.49
C GLY F 200 7.66 -3.69 -15.82
N GLY F 201 6.85 -4.71 -15.51
CA GLY F 201 7.21 -6.07 -15.82
C GLY F 201 6.82 -6.53 -17.19
N ARG F 202 6.05 -5.74 -17.93
CA ARG F 202 5.65 -6.15 -19.27
C ARG F 202 6.80 -5.95 -20.25
N GLY F 203 6.81 -6.78 -21.33
CA GLY F 203 7.86 -6.78 -22.34
C GLY F 203 8.12 -5.43 -23.01
N ALA F 204 9.39 -4.96 -22.97
CA ALA F 204 9.71 -3.65 -23.53
C ALA F 204 9.77 -3.65 -25.06
N MET F 205 9.98 -4.81 -25.68
CA MET F 205 10.06 -4.84 -27.13
C MET F 205 8.71 -4.64 -27.81
N GLN F 206 7.61 -4.94 -27.13
CA GLN F 206 6.30 -4.98 -27.74
C GLN F 206 5.43 -3.78 -27.43
N ASN F 207 5.66 -3.09 -26.30
CA ASN F 207 4.63 -2.27 -25.70
C ASN F 207 5.02 -0.81 -25.56
N ILE F 208 3.98 0.01 -25.60
CA ILE F 208 3.98 1.32 -24.94
C ILE F 208 3.62 1.10 -23.48
N ILE F 209 4.48 1.54 -22.57
CA ILE F 209 4.29 1.20 -21.16
C ILE F 209 4.20 2.45 -20.29
N PRO F 210 3.04 2.77 -19.71
CA PRO F 210 2.96 3.89 -18.78
C PRO F 210 3.82 3.62 -17.57
N ALA F 211 4.45 4.69 -17.08
CA ALA F 211 5.36 4.61 -15.93
C ALA F 211 5.19 5.86 -15.09
N SER F 212 5.48 5.71 -13.81
CA SER F 212 5.51 6.85 -12.92
C SER F 212 6.89 7.52 -13.00
N THR F 213 6.90 8.82 -12.81
CA THR F 213 8.16 9.57 -12.78
C THR F 213 8.07 10.57 -11.65
N GLY F 214 9.19 10.75 -10.94
CA GLY F 214 9.32 11.82 -9.97
C GLY F 214 10.03 13.04 -10.49
N ALA F 215 10.28 13.12 -11.79
CA ALA F 215 11.07 14.24 -12.33
C ALA F 215 10.39 15.57 -12.10
N ALA F 216 9.06 15.61 -12.21
CA ALA F 216 8.35 16.86 -11.96
C ALA F 216 8.52 17.32 -10.51
N LYS F 217 8.27 16.44 -9.53
CA LYS F 217 8.50 16.86 -8.14
C LYS F 217 9.96 17.22 -7.91
N ALA F 218 10.88 16.49 -8.53
CA ALA F 218 12.30 16.77 -8.36
C ALA F 218 12.66 18.16 -8.83
N VAL F 219 12.06 18.60 -9.95
CA VAL F 219 12.34 19.95 -10.43
C VAL F 219 11.85 20.97 -9.42
N GLY F 220 10.72 20.68 -8.78
CA GLY F 220 10.25 21.50 -7.68
C GLY F 220 11.26 21.60 -6.56
N LEU F 221 12.05 20.55 -6.35
CA LEU F 221 13.12 20.62 -5.34
C LEU F 221 14.27 21.50 -5.79
N CYS F 222 14.77 21.32 -7.02
CA CYS F 222 15.87 22.14 -7.51
C CYS F 222 15.41 23.57 -7.80
N ILE F 223 14.13 23.75 -8.08
CA ILE F 223 13.59 25.09 -8.34
C ILE F 223 12.48 25.30 -7.33
N PRO F 224 12.78 25.69 -6.09
CA PRO F 224 11.69 25.80 -5.10
C PRO F 224 10.58 26.71 -5.57
N GLU F 225 10.88 27.67 -6.41
CA GLU F 225 9.84 28.63 -6.88
C GLU F 225 8.73 27.90 -7.65
N VAL F 226 8.91 26.62 -7.97
CA VAL F 226 7.91 25.89 -8.81
C VAL F 226 7.34 24.70 -8.06
N ASN F 227 7.72 24.51 -6.80
CA ASN F 227 7.25 23.35 -6.01
C ASN F 227 5.73 23.38 -5.87
N GLY F 228 5.09 22.25 -6.12
CA GLY F 228 3.63 22.16 -6.04
C GLY F 228 2.97 22.47 -7.36
N LYS F 229 3.75 22.93 -8.33
CA LYS F 229 3.14 23.41 -9.60
C LYS F 229 3.37 22.43 -10.75
N LEU F 230 4.11 21.35 -10.55
CA LEU F 230 4.43 20.47 -11.67
C LEU F 230 4.19 19.02 -11.30
N THR F 231 3.59 18.28 -12.22
CA THR F 231 3.52 16.84 -12.09
C THR F 231 3.82 16.27 -13.46
N GLY F 232 3.93 14.95 -13.56
CA GLY F 232 4.26 14.39 -14.85
C GLY F 232 4.15 12.87 -14.82
N MET F 233 4.27 12.29 -16.01
CA MET F 233 4.26 10.84 -16.15
C MET F 233 5.23 10.48 -17.25
N SER F 234 5.22 9.18 -17.58
CA SER F 234 6.14 8.63 -18.55
C SER F 234 5.43 7.53 -19.35
N PHE F 235 5.94 7.30 -20.55
CA PHE F 235 5.56 6.18 -21.39
C PHE F 235 6.87 5.59 -21.87
N ARG F 236 7.17 4.37 -21.44
CA ARG F 236 8.31 3.63 -22.00
C ARG F 236 7.93 3.07 -23.38
N VAL F 237 8.84 3.21 -24.34
CA VAL F 237 8.58 2.75 -25.71
C VAL F 237 9.76 1.91 -26.19
N PRO F 238 9.56 1.10 -27.25
CA PRO F 238 10.61 0.12 -27.65
C PRO F 238 11.79 0.79 -28.36
N THR F 239 12.48 1.68 -27.67
CA THR F 239 13.69 2.15 -28.32
C THR F 239 14.84 1.98 -27.36
N PRO F 240 16.04 1.76 -27.86
CA PRO F 240 17.15 1.48 -26.96
C PRO F 240 17.78 2.72 -26.31
N ASP F 241 17.59 3.93 -26.86
CA ASP F 241 18.19 5.11 -26.22
C ASP F 241 17.63 6.37 -26.84
N VAL F 242 17.79 7.48 -26.12
CA VAL F 242 17.27 8.81 -26.44
C VAL F 242 15.79 8.90 -26.07
N SER F 243 15.44 9.96 -25.35
CA SER F 243 14.09 10.20 -24.84
C SER F 243 13.73 11.64 -25.18
N VAL F 244 12.46 11.99 -24.96
CA VAL F 244 11.99 13.34 -25.25
C VAL F 244 10.98 13.74 -24.18
N VAL F 245 10.99 15.01 -23.79
CA VAL F 245 10.06 15.50 -22.76
C VAL F 245 9.00 16.41 -23.41
N ASP F 246 7.74 16.25 -23.03
CA ASP F 246 6.64 17.11 -23.54
C ASP F 246 6.08 17.88 -22.36
N LEU F 247 6.29 19.18 -22.33
CA LEU F 247 5.85 19.99 -21.18
C LEU F 247 4.69 20.92 -21.52
N THR F 248 3.47 20.57 -21.12
CA THR F 248 2.37 21.51 -21.20
C THR F 248 2.48 22.48 -20.02
N VAL F 249 2.66 23.76 -20.32
CA VAL F 249 2.97 24.77 -19.32
C VAL F 249 2.04 25.97 -19.49
N ARG F 250 1.50 26.46 -18.37
CA ARG F 250 0.78 27.71 -18.31
C ARG F 250 1.68 28.77 -17.67
N THR F 251 2.00 29.82 -18.43
CA THR F 251 2.87 30.88 -17.95
C THR F 251 2.08 31.96 -17.20
N THR F 252 2.82 32.81 -16.48
CA THR F 252 2.20 33.94 -15.80
C THR F 252 1.98 35.10 -16.76
N LYS F 253 3.05 35.55 -17.41
CA LYS F 253 2.93 36.60 -18.40
C LYS F 253 2.58 35.99 -19.74
N GLU F 254 1.90 36.80 -20.55
CA GLU F 254 1.62 36.41 -21.92
C GLU F 254 2.89 36.35 -22.74
N THR F 255 2.98 35.37 -23.64
CA THR F 255 4.17 35.26 -24.46
C THR F 255 3.81 34.52 -25.76
N SER F 256 4.84 34.10 -26.50
CA SER F 256 4.64 33.42 -27.76
C SER F 256 5.74 32.40 -27.98
N LEU F 257 5.53 31.51 -28.95
CA LEU F 257 6.56 30.51 -29.27
C LEU F 257 7.82 31.17 -29.79
N LYS F 258 7.67 32.20 -30.62
CA LYS F 258 8.82 32.95 -31.09
C LYS F 258 9.56 33.57 -29.92
N GLU F 259 8.81 34.12 -28.96
CA GLU F 259 9.39 34.69 -27.74
C GLU F 259 10.16 33.65 -26.90
N ILE F 260 9.57 32.46 -26.74
CA ILE F 260 10.19 31.37 -25.99
C ILE F 260 11.44 30.85 -26.71
N SER F 261 11.32 30.61 -28.02
CA SER F 261 12.45 30.08 -28.78
C SER F 261 13.66 30.99 -28.71
N ALA F 262 13.45 32.31 -28.81
CA ALA F 262 14.56 33.25 -28.74
C ALA F 262 15.31 33.12 -27.41
N LYS F 263 14.59 32.97 -26.30
CA LYS F 263 15.28 32.84 -25.02
C LYS F 263 16.01 31.51 -24.89
N MET F 264 15.38 30.43 -25.37
CA MET F 264 16.01 29.11 -25.42
C MET F 264 17.33 29.14 -26.19
N LYS F 265 17.32 29.73 -27.38
CA LYS F 265 18.55 29.83 -28.14
C LYS F 265 19.58 30.67 -27.39
N ALA F 266 19.13 31.78 -26.79
CA ALA F 266 20.03 32.65 -26.02
C ALA F 266 20.63 31.90 -24.84
N ALA F 267 19.81 31.15 -24.10
CA ALA F 267 20.33 30.42 -22.96
C ALA F 267 21.35 29.39 -23.39
N SER F 268 21.04 28.62 -24.45
CA SER F 268 21.93 27.54 -24.89
C SER F 268 23.26 28.10 -25.35
N GLU F 269 23.28 29.34 -25.83
CA GLU F 269 24.50 30.02 -26.24
C GLU F 269 25.20 30.75 -25.09
N GLY F 270 24.54 30.95 -23.97
CA GLY F 270 25.13 31.72 -22.90
C GLY F 270 25.24 30.94 -21.62
N ALA F 271 24.40 31.30 -20.63
CA ALA F 271 24.53 30.75 -19.30
C ALA F 271 24.22 29.26 -19.22
N MET F 272 23.94 28.64 -20.34
CA MET F 272 23.61 27.22 -20.32
C MET F 272 24.25 26.50 -21.51
N LYS F 273 25.30 27.10 -22.06
CA LYS F 273 26.11 26.48 -23.08
C LYS F 273 26.60 25.13 -22.60
N GLY F 274 26.50 24.12 -23.47
CA GLY F 274 26.86 22.77 -23.12
C GLY F 274 25.84 22.00 -22.30
N ILE F 275 24.81 22.67 -21.76
CA ILE F 275 23.77 22.02 -20.97
C ILE F 275 22.47 21.94 -21.79
N LEU F 276 21.94 23.11 -22.20
CA LEU F 276 20.74 23.23 -23.01
C LEU F 276 21.12 23.51 -24.47
N GLY F 277 20.57 22.72 -25.38
CA GLY F 277 20.79 22.91 -26.80
C GLY F 277 19.54 23.40 -27.48
N TYR F 278 19.68 23.93 -28.69
CA TYR F 278 18.56 24.50 -29.41
C TYR F 278 18.59 24.02 -30.85
N THR F 279 17.42 23.64 -31.36
CA THR F 279 17.34 23.24 -32.75
C THR F 279 16.04 23.72 -33.37
N GLU F 280 16.11 24.01 -34.67
CA GLU F 280 14.97 24.29 -35.53
C GLU F 280 14.84 23.30 -36.68
N ASP F 281 15.62 22.21 -36.69
CA ASP F 281 15.56 21.20 -37.74
C ASP F 281 14.53 20.11 -37.43
N MET F 282 14.13 19.37 -38.48
CA MET F 282 13.14 18.30 -38.37
C MET F 282 13.78 17.02 -37.82
N VAL F 283 14.19 17.09 -36.55
CA VAL F 283 14.97 16.01 -35.93
C VAL F 283 14.07 14.89 -35.42
N VAL F 284 14.67 13.70 -35.28
CA VAL F 284 14.01 12.55 -34.65
C VAL F 284 14.99 12.01 -33.62
N SER F 285 14.54 11.03 -32.82
CA SER F 285 15.29 10.64 -31.64
C SER F 285 16.74 10.25 -31.97
N ASN F 286 16.96 9.41 -33.00
CA ASN F 286 18.32 8.91 -33.26
C ASN F 286 19.30 9.99 -33.71
N ASP F 287 18.81 11.16 -34.11
CA ASP F 287 19.68 12.31 -34.35
C ASP F 287 20.38 12.81 -33.09
N PHE F 288 20.10 12.27 -31.92
CA PHE F 288 20.72 12.72 -30.68
C PHE F 288 21.54 11.63 -29.99
N VAL F 289 21.79 10.50 -30.67
CA VAL F 289 22.58 9.44 -30.06
C VAL F 289 23.98 9.96 -29.79
N SER F 290 24.40 9.85 -28.54
CA SER F 290 25.72 10.30 -28.09
C SER F 290 25.81 11.80 -27.93
N SER F 291 24.67 12.49 -27.87
CA SER F 291 24.67 13.89 -27.51
C SER F 291 25.13 14.05 -26.06
N THR F 292 25.92 15.08 -25.80
CA THR F 292 26.34 15.35 -24.44
C THR F 292 25.46 16.36 -23.72
N LEU F 293 24.44 16.92 -24.36
CA LEU F 293 23.59 17.91 -23.72
C LEU F 293 22.55 17.24 -22.82
N SER F 294 22.10 17.99 -21.80
CA SER F 294 21.02 17.53 -20.92
C SER F 294 19.65 17.65 -21.57
N SER F 295 19.48 18.64 -22.46
CA SER F 295 18.17 19.02 -22.97
C SER F 295 18.39 19.78 -24.27
N ILE F 296 17.64 19.42 -25.31
CA ILE F 296 17.74 20.10 -26.61
C ILE F 296 16.33 20.55 -26.98
N PHE F 297 16.10 21.85 -26.90
CA PHE F 297 14.81 22.43 -27.25
C PHE F 297 14.55 22.24 -28.74
N ASP F 298 13.37 21.74 -29.06
CA ASP F 298 12.96 21.39 -30.44
C ASP F 298 11.90 22.42 -30.88
N MET F 299 12.35 23.49 -31.53
CA MET F 299 11.43 24.58 -31.80
C MET F 299 10.29 24.12 -32.70
N ASP F 300 10.60 23.36 -33.74
CA ASP F 300 9.57 23.01 -34.70
C ASP F 300 8.50 22.11 -34.07
N ALA F 301 8.91 21.26 -33.13
CA ALA F 301 7.94 20.34 -32.53
C ALA F 301 7.01 21.03 -31.53
N CYS F 302 7.42 22.15 -30.94
CA CYS F 302 6.60 22.82 -29.95
C CYS F 302 5.31 23.32 -30.59
N ILE F 303 4.26 23.42 -29.78
CA ILE F 303 2.98 23.97 -30.21
C ILE F 303 2.46 24.93 -29.15
N GLU F 304 1.79 25.98 -29.60
CA GLU F 304 1.22 27.02 -28.75
C GLU F 304 -0.29 26.96 -28.89
N LEU F 305 -0.99 26.79 -27.78
CA LEU F 305 -2.43 26.98 -27.81
C LEU F 305 -2.79 28.47 -27.82
N ASN F 306 -2.24 29.23 -26.89
CA ASN F 306 -2.47 30.68 -26.84
C ASN F 306 -1.32 31.31 -26.07
N SER F 307 -1.44 32.61 -25.82
CA SER F 307 -0.32 33.41 -25.32
C SER F 307 0.20 32.96 -23.94
N ARG F 308 -0.51 32.10 -23.24
CA ARG F 308 -0.01 31.60 -21.98
C ARG F 308 -0.03 30.09 -21.86
N PHE F 309 -0.44 29.38 -22.91
CA PHE F 309 -0.57 27.94 -22.90
C PHE F 309 0.28 27.37 -24.01
N PHE F 310 1.33 26.62 -23.62
CA PHE F 310 2.29 26.09 -24.57
C PHE F 310 2.56 24.61 -24.32
N LYS F 311 3.04 23.95 -25.36
CA LYS F 311 3.54 22.59 -25.28
C LYS F 311 4.97 22.61 -25.83
N LEU F 312 5.93 22.44 -24.95
CA LEU F 312 7.32 22.54 -25.30
C LEU F 312 7.93 21.15 -25.35
N VAL F 313 8.82 20.94 -26.33
CA VAL F 313 9.43 19.63 -26.58
C VAL F 313 10.94 19.77 -26.44
N SER F 314 11.54 18.80 -25.74
CA SER F 314 12.98 18.77 -25.56
C SER F 314 13.49 17.33 -25.56
N TRP F 315 14.53 17.09 -26.33
CA TRP F 315 15.10 15.76 -26.43
C TRP F 315 16.24 15.60 -25.45
N TYR F 316 16.60 14.34 -25.17
CA TYR F 316 17.82 14.12 -24.41
C TYR F 316 18.24 12.69 -24.62
N ASP F 317 19.55 12.49 -24.77
CA ASP F 317 20.16 11.16 -24.72
C ASP F 317 20.30 10.80 -23.25
N ASN F 318 19.30 10.05 -22.74
CA ASN F 318 19.23 9.70 -21.32
C ASN F 318 20.50 8.97 -20.85
N GLU F 319 21.26 8.37 -21.75
CA GLU F 319 22.52 7.75 -21.34
C GLU F 319 23.68 8.76 -21.36
N MET F 320 23.95 9.34 -22.54
CA MET F 320 25.18 10.10 -22.70
C MET F 320 25.12 11.44 -21.99
N GLY F 321 23.97 12.13 -22.08
CA GLY F 321 23.85 13.42 -21.44
C GLY F 321 24.00 13.33 -19.93
N TYR F 322 23.29 12.38 -19.33
CA TYR F 322 23.39 12.21 -17.87
C TYR F 322 24.81 11.85 -17.45
N SER F 323 25.48 10.94 -18.19
CA SER F 323 26.84 10.60 -17.80
C SER F 323 27.74 11.84 -17.83
N ASN F 324 27.58 12.69 -18.84
CA ASN F 324 28.38 13.91 -18.87
C ASN F 324 28.01 14.87 -17.75
N ARG F 325 26.73 14.92 -17.38
CA ARG F 325 26.34 15.73 -16.24
C ARG F 325 26.96 15.22 -14.94
N VAL F 326 27.05 13.89 -14.76
CA VAL F 326 27.71 13.33 -13.58
C VAL F 326 29.15 13.80 -13.51
N LEU F 327 29.85 13.79 -14.65
CA LEU F 327 31.23 14.26 -14.64
C LEU F 327 31.32 15.75 -14.33
N ASP F 328 30.44 16.54 -14.92
CA ASP F 328 30.45 17.99 -14.69
C ASP F 328 30.25 18.29 -13.22
N LEU F 329 29.35 17.54 -12.59
CA LEU F 329 29.09 17.72 -11.17
C LEU F 329 30.35 17.47 -10.36
N ILE F 330 31.04 16.35 -10.63
CA ILE F 330 32.29 16.09 -9.95
C ILE F 330 33.29 17.20 -10.23
N ARG F 331 33.35 17.67 -11.48
CA ARG F 331 34.27 18.76 -11.78
C ARG F 331 33.94 20.00 -10.97
N TYR F 332 32.66 20.31 -10.86
CA TYR F 332 32.26 21.47 -10.07
C TYR F 332 32.61 21.29 -8.60
N MET F 333 32.22 20.16 -8.02
CA MET F 333 32.44 19.96 -6.59
C MET F 333 33.92 19.96 -6.26
N ALA F 334 34.74 19.37 -7.11
CA ALA F 334 36.18 19.32 -6.83
C ALA F 334 36.76 20.71 -6.75
N LYS F 335 36.44 21.55 -7.75
CA LYS F 335 36.92 22.94 -7.78
C LYS F 335 35.82 23.81 -7.20
N LYS F 336 35.79 23.83 -5.87
CA LYS F 336 34.83 24.64 -5.11
C LYS F 336 34.93 24.34 -3.61
N MET G 3 -7.61 -38.10 -11.67
CA MET G 3 -7.10 -36.77 -11.93
C MET G 3 -5.65 -36.60 -11.42
N THR G 4 -4.81 -36.07 -12.29
CA THR G 4 -3.40 -35.87 -11.99
C THR G 4 -3.18 -34.50 -11.35
N ARG G 5 -2.47 -34.52 -10.22
CA ARG G 5 -2.20 -33.32 -9.43
C ARG G 5 -0.86 -32.73 -9.84
N ILE G 6 -0.87 -31.47 -10.31
CA ILE G 6 0.30 -30.82 -10.91
C ILE G 6 0.64 -29.57 -10.10
N ALA G 7 1.93 -29.37 -9.83
CA ALA G 7 2.38 -28.11 -9.27
C ALA G 7 3.39 -27.49 -10.21
N ILE G 8 3.38 -26.16 -10.29
CA ILE G 8 4.26 -25.43 -11.20
C ILE G 8 5.27 -24.66 -10.37
N ASN G 9 6.54 -24.91 -10.60
CA ASN G 9 7.61 -24.14 -9.98
C ASN G 9 8.20 -23.17 -11.01
N GLY G 10 7.90 -21.89 -10.85
CA GLY G 10 8.31 -20.88 -11.81
C GLY G 10 7.16 -20.53 -12.74
N PHE G 11 6.39 -19.51 -12.39
CA PHE G 11 5.21 -19.10 -13.16
C PHE G 11 5.60 -18.08 -14.23
N GLY G 12 6.62 -18.42 -15.00
CA GLY G 12 7.13 -17.57 -16.04
C GLY G 12 6.39 -17.79 -17.35
N ARG G 13 7.07 -17.47 -18.45
CA ARG G 13 6.48 -17.65 -19.77
C ARG G 13 6.00 -19.09 -19.95
N ILE G 14 6.90 -20.05 -19.71
CA ILE G 14 6.52 -21.44 -19.88
C ILE G 14 5.48 -21.85 -18.84
N GLY G 15 5.72 -21.50 -17.57
CA GLY G 15 4.80 -21.90 -16.52
C GLY G 15 3.40 -21.37 -16.75
N ARG G 16 3.29 -20.09 -17.10
CA ARG G 16 1.98 -19.48 -17.36
C ARG G 16 1.33 -20.10 -18.60
N LEU G 17 2.12 -20.38 -19.64
CA LEU G 17 1.51 -20.95 -20.83
C LEU G 17 1.14 -22.40 -20.61
N VAL G 18 1.97 -23.15 -19.91
CA VAL G 18 1.55 -24.49 -19.50
C VAL G 18 0.25 -24.41 -18.71
N PHE G 19 0.17 -23.46 -17.76
CA PHE G 19 -1.05 -23.29 -16.97
C PHE G 19 -2.23 -22.94 -17.85
N ARG G 20 -2.02 -22.02 -18.79
CA ARG G 20 -3.10 -21.61 -19.68
C ARG G 20 -3.60 -22.81 -20.48
N ALA G 21 -2.68 -23.59 -21.05
CA ALA G 21 -3.12 -24.71 -21.87
C ALA G 21 -3.74 -25.81 -21.03
N GLY G 22 -3.29 -25.97 -19.78
CA GLY G 22 -3.68 -27.11 -18.98
C GLY G 22 -4.92 -26.90 -18.13
N ILE G 23 -5.26 -25.66 -17.79
CA ILE G 23 -6.42 -25.33 -16.90
C ILE G 23 -7.72 -25.79 -17.54
N LYS G 24 -7.71 -26.07 -18.85
CA LYS G 24 -8.95 -26.44 -19.58
C LYS G 24 -9.21 -27.94 -19.47
N ASP G 25 -8.16 -28.73 -19.21
CA ASP G 25 -8.33 -30.20 -19.17
C ASP G 25 -8.92 -30.62 -17.83
N PRO G 26 -10.12 -31.22 -17.81
CA PRO G 26 -10.71 -31.73 -16.57
C PRO G 26 -9.87 -32.85 -15.96
N ASN G 27 -9.04 -33.53 -16.75
CA ASN G 27 -8.19 -34.60 -16.23
C ASN G 27 -6.96 -34.09 -15.49
N LEU G 28 -6.60 -32.83 -15.64
CA LEU G 28 -5.52 -32.25 -14.87
C LEU G 28 -6.09 -31.39 -13.75
N GLU G 29 -5.37 -31.38 -12.65
CA GLU G 29 -5.69 -30.54 -11.50
C GLU G 29 -4.41 -29.85 -11.06
N PHE G 30 -4.33 -28.54 -11.33
CA PHE G 30 -3.23 -27.72 -10.84
C PHE G 30 -3.53 -27.35 -9.40
N VAL G 31 -2.61 -27.67 -8.50
CA VAL G 31 -2.87 -27.54 -7.09
C VAL G 31 -2.08 -26.40 -6.46
N ALA G 32 -0.93 -26.04 -7.02
CA ALA G 32 -0.10 -25.03 -6.40
C ALA G 32 0.75 -24.40 -7.48
N ILE G 33 1.05 -23.12 -7.28
CA ILE G 33 1.96 -22.39 -8.13
C ILE G 33 2.99 -21.76 -7.21
N ASN G 34 4.26 -21.94 -7.52
CA ASN G 34 5.33 -21.34 -6.73
C ASN G 34 6.12 -20.38 -7.60
N ASP G 35 6.33 -19.17 -7.09
CA ASP G 35 7.12 -18.14 -7.75
C ASP G 35 7.54 -17.13 -6.69
N LEU G 36 8.27 -16.09 -7.11
CA LEU G 36 8.85 -15.11 -6.21
C LEU G 36 7.94 -13.91 -5.96
N VAL G 37 6.72 -13.91 -6.48
CA VAL G 37 5.82 -12.79 -6.28
C VAL G 37 4.51 -13.31 -5.72
N THR G 38 3.71 -12.37 -5.24
CA THR G 38 2.45 -12.66 -4.59
C THR G 38 1.38 -12.93 -5.63
N PRO G 39 0.28 -13.52 -5.20
CA PRO G 39 -0.74 -13.97 -6.15
C PRO G 39 -1.29 -12.86 -7.00
N ASP G 40 -1.21 -11.62 -6.53
CA ASP G 40 -1.81 -10.47 -7.26
C ASP G 40 -1.09 -10.26 -8.58
N ASN G 41 0.24 -10.31 -8.56
CA ASN G 41 1.05 -10.10 -9.79
C ASN G 41 0.93 -11.34 -10.67
N LEU G 42 0.93 -12.52 -10.07
CA LEU G 42 0.79 -13.76 -10.85
C LEU G 42 -0.57 -13.74 -11.55
N ALA G 43 -1.60 -13.24 -10.86
CA ALA G 43 -2.89 -13.12 -11.53
C ALA G 43 -2.81 -12.14 -12.69
N TYR G 44 -2.11 -11.03 -12.49
CA TYR G 44 -1.95 -10.05 -13.56
C TYR G 44 -1.27 -10.66 -14.78
N LEU G 45 -0.18 -11.39 -14.55
CA LEU G 45 0.57 -11.99 -15.65
C LEU G 45 -0.24 -13.08 -16.34
N LEU G 46 -1.18 -13.70 -15.65
CA LEU G 46 -2.04 -14.71 -16.32
C LEU G 46 -3.09 -14.03 -17.20
N LYS G 47 -3.66 -12.93 -16.73
CA LYS G 47 -4.76 -12.27 -17.47
C LYS G 47 -4.22 -11.56 -18.70
N TYR G 48 -3.07 -10.91 -18.57
CA TYR G 48 -2.58 -10.07 -19.68
C TYR G 48 -1.26 -10.63 -20.21
N ASP G 49 -1.29 -11.08 -21.46
CA ASP G 49 -0.08 -11.60 -22.12
C ASP G 49 0.19 -10.74 -23.36
N SER G 50 1.34 -10.09 -23.41
CA SER G 50 1.71 -9.26 -24.56
C SER G 50 1.79 -10.04 -25.87
N THR G 51 1.98 -11.35 -25.81
CA THR G 51 2.22 -12.15 -27.00
C THR G 51 1.05 -13.01 -27.42
N HIS G 52 0.36 -13.63 -26.46
CA HIS G 52 -0.68 -14.59 -26.77
C HIS G 52 -2.07 -14.08 -26.40
N GLY G 53 -2.17 -12.78 -26.04
CA GLY G 53 -3.44 -12.12 -25.80
C GLY G 53 -3.97 -12.35 -24.41
N ARG G 54 -5.17 -11.80 -24.16
CA ARG G 54 -5.77 -11.88 -22.84
C ARG G 54 -6.26 -13.29 -22.53
N PHE G 55 -6.19 -13.67 -21.25
CA PHE G 55 -6.66 -14.98 -20.82
C PHE G 55 -8.15 -15.10 -21.11
N GLN G 56 -8.52 -16.18 -21.81
CA GLN G 56 -9.90 -16.39 -22.24
C GLN G 56 -10.65 -17.06 -21.09
N GLY G 57 -11.05 -16.28 -20.11
CA GLY G 57 -11.68 -16.84 -18.92
C GLY G 57 -11.65 -15.85 -17.78
N THR G 58 -12.09 -16.32 -16.62
CA THR G 58 -12.14 -15.49 -15.43
C THR G 58 -10.93 -15.73 -14.52
N VAL G 59 -10.33 -14.64 -14.04
CA VAL G 59 -9.17 -14.71 -13.16
C VAL G 59 -9.40 -13.80 -11.96
N GLU G 60 -9.31 -14.36 -10.76
CA GLU G 60 -9.27 -13.56 -9.54
C GLU G 60 -8.20 -14.12 -8.62
N HIS G 61 -7.95 -13.40 -7.52
CA HIS G 61 -6.89 -13.81 -6.61
C HIS G 61 -7.25 -13.42 -5.18
N THR G 62 -6.54 -14.08 -4.27
CA THR G 62 -6.65 -13.79 -2.84
C THR G 62 -5.20 -13.58 -2.41
N GLU G 63 -4.93 -13.50 -1.13
CA GLU G 63 -3.55 -13.23 -0.68
C GLU G 63 -2.74 -14.51 -0.80
N LYS G 64 -3.41 -15.66 -0.85
CA LYS G 64 -2.68 -16.94 -0.86
C LYS G 64 -3.16 -17.81 -2.01
N GLU G 65 -4.01 -17.27 -2.89
CA GLU G 65 -4.53 -18.16 -3.95
C GLU G 65 -4.92 -17.48 -5.26
N LEU G 66 -4.89 -18.22 -6.36
CA LEU G 66 -5.43 -17.83 -7.65
C LEU G 66 -6.80 -18.48 -7.76
N ILE G 67 -7.70 -17.83 -8.47
CA ILE G 67 -9.00 -18.42 -8.73
C ILE G 67 -9.24 -18.25 -10.23
N VAL G 68 -9.01 -19.32 -10.99
CA VAL G 68 -9.11 -19.31 -12.45
C VAL G 68 -10.26 -20.21 -12.90
N ASP G 69 -11.24 -19.62 -13.57
CA ASP G 69 -12.39 -20.36 -14.10
C ASP G 69 -13.04 -21.17 -12.97
N GLY G 70 -13.09 -20.59 -11.78
CA GLY G 70 -13.64 -21.29 -10.64
C GLY G 70 -12.64 -22.16 -9.89
N LYS G 71 -11.57 -22.59 -10.55
CA LYS G 71 -10.60 -23.48 -9.90
C LYS G 71 -9.73 -22.66 -8.95
N LYS G 72 -9.55 -23.15 -7.74
CA LYS G 72 -8.68 -22.52 -6.73
C LYS G 72 -7.32 -23.19 -6.76
N ILE G 73 -6.27 -22.39 -6.77
CA ILE G 73 -4.90 -22.88 -6.83
C ILE G 73 -4.09 -22.20 -5.75
N LEU G 74 -3.34 -22.98 -4.98
CA LEU G 74 -2.49 -22.42 -3.95
C LEU G 74 -1.33 -21.64 -4.58
N CYS G 75 -1.02 -20.50 -3.99
CA CYS G 75 0.12 -19.68 -4.37
C CYS G 75 1.11 -19.64 -3.22
N VAL G 76 2.33 -20.10 -3.47
CA VAL G 76 3.37 -20.02 -2.47
C VAL G 76 4.52 -19.22 -3.08
N SER G 77 5.39 -18.74 -2.21
CA SER G 77 6.56 -17.99 -2.63
C SER G 77 7.70 -18.43 -1.73
N GLU G 78 8.42 -19.46 -2.17
CA GLU G 78 9.48 -20.10 -1.41
C GLU G 78 10.64 -20.20 -2.39
N ARG G 79 11.76 -19.58 -2.02
CA ARG G 79 12.92 -19.55 -2.91
C ARG G 79 13.52 -20.94 -3.12
N ASP G 80 13.72 -21.70 -2.05
CA ASP G 80 14.35 -22.99 -2.18
C ASP G 80 13.30 -24.10 -2.28
N PRO G 81 13.30 -24.94 -3.38
CA PRO G 81 12.28 -25.99 -3.49
C PRO G 81 12.22 -26.88 -2.26
N GLU G 82 13.24 -26.79 -1.41
CA GLU G 82 13.32 -27.61 -0.21
C GLU G 82 12.11 -27.40 0.70
N LYS G 83 11.62 -26.16 0.79
CA LYS G 83 10.49 -25.83 1.65
C LYS G 83 9.14 -25.96 0.96
N LEU G 84 9.05 -26.70 -0.08
CA LEU G 84 7.71 -26.67 -0.66
C LEU G 84 6.82 -27.75 -0.05
N PRO G 85 5.50 -27.49 0.07
CA PRO G 85 4.56 -28.46 0.68
C PRO G 85 4.06 -29.50 -0.33
N TRP G 86 4.97 -30.18 -1.02
CA TRP G 86 4.54 -31.14 -2.05
C TRP G 86 3.93 -32.39 -1.43
N LYS G 87 4.56 -32.89 -0.36
CA LYS G 87 4.01 -34.05 0.33
C LYS G 87 2.61 -33.73 0.85
N ASP G 88 2.43 -32.53 1.41
CA ASP G 88 1.14 -32.12 1.95
C ASP G 88 0.06 -32.03 0.88
N LEU G 89 0.38 -31.46 -0.28
CA LEU G 89 -0.58 -31.32 -1.36
C LEU G 89 -0.67 -32.54 -2.27
N LYS G 90 0.23 -33.53 -2.11
CA LYS G 90 0.24 -34.76 -2.91
C LYS G 90 0.36 -34.48 -4.41
N VAL G 91 1.33 -33.65 -4.78
CA VAL G 91 1.55 -33.32 -6.18
C VAL G 91 2.11 -34.54 -6.88
N ASP G 92 1.43 -34.97 -7.95
CA ASP G 92 1.93 -36.07 -8.75
C ASP G 92 3.14 -35.64 -9.54
N TYR G 93 3.05 -34.50 -10.23
CA TYR G 93 4.09 -33.97 -11.11
C TYR G 93 4.42 -32.53 -10.72
N VAL G 94 5.70 -32.20 -10.71
CA VAL G 94 6.14 -30.82 -10.52
C VAL G 94 6.77 -30.38 -11.83
N ILE G 95 6.25 -29.28 -12.40
CA ILE G 95 6.84 -28.67 -13.57
C ILE G 95 7.93 -27.72 -13.12
N GLU G 96 9.18 -28.11 -13.33
CA GLU G 96 10.33 -27.28 -12.99
C GLU G 96 10.61 -26.33 -14.16
N SER G 97 10.15 -25.09 -14.03
CA SER G 97 10.25 -24.07 -15.06
C SER G 97 10.84 -22.78 -14.52
N THR G 98 11.66 -22.87 -13.47
CA THR G 98 12.34 -21.67 -13.03
C THR G 98 13.59 -21.37 -13.84
N GLY G 99 14.18 -22.39 -14.44
CA GLY G 99 15.46 -22.28 -15.09
C GLY G 99 16.65 -22.43 -14.17
N LEU G 100 16.42 -22.63 -12.87
CA LEU G 100 17.49 -22.65 -11.89
C LEU G 100 17.78 -24.03 -11.30
N PHE G 101 16.99 -25.05 -11.65
CA PHE G 101 17.11 -26.36 -11.02
C PHE G 101 17.10 -27.46 -12.08
N THR G 102 17.94 -27.29 -13.09
CA THR G 102 18.06 -28.22 -14.20
C THR G 102 19.08 -29.32 -13.96
N ASP G 103 19.75 -29.32 -12.81
CA ASP G 103 20.59 -30.43 -12.43
C ASP G 103 19.79 -31.36 -11.52
N ARG G 104 20.29 -32.58 -11.35
CA ARG G 104 19.52 -33.53 -10.55
C ARG G 104 19.54 -33.12 -9.08
N VAL G 105 20.67 -32.59 -8.59
CA VAL G 105 20.75 -32.17 -7.20
C VAL G 105 19.70 -31.11 -6.89
N GLY G 106 19.48 -30.17 -7.81
CA GLY G 106 18.47 -29.13 -7.65
C GLY G 106 17.06 -29.64 -7.86
N ALA G 107 16.86 -30.44 -8.92
CA ALA G 107 15.54 -30.98 -9.21
C ALA G 107 15.12 -32.01 -8.16
N GLU G 108 16.08 -32.71 -7.55
CA GLU G 108 15.78 -33.70 -6.52
C GLU G 108 15.15 -33.07 -5.28
N LYS G 109 15.25 -31.75 -5.12
CA LYS G 109 14.62 -31.10 -3.98
C LYS G 109 13.11 -31.22 -4.03
N HIS G 110 12.54 -31.22 -5.24
CA HIS G 110 11.09 -31.40 -5.36
C HIS G 110 10.64 -32.79 -4.91
N ILE G 111 11.44 -33.82 -5.20
CA ILE G 111 11.09 -35.15 -4.71
C ILE G 111 11.20 -35.21 -3.20
N LYS G 112 12.25 -34.61 -2.63
CA LYS G 112 12.37 -34.59 -1.18
C LYS G 112 11.21 -33.85 -0.53
N ALA G 113 10.64 -32.87 -1.21
CA ALA G 113 9.52 -32.13 -0.63
C ALA G 113 8.24 -32.95 -0.67
N GLY G 114 8.20 -34.05 -1.43
CA GLY G 114 7.04 -34.92 -1.47
C GLY G 114 6.53 -35.18 -2.88
N ALA G 115 7.10 -34.48 -3.86
CA ALA G 115 6.68 -34.68 -5.25
C ALA G 115 7.09 -36.05 -5.73
N LYS G 116 6.24 -36.64 -6.57
CA LYS G 116 6.48 -37.99 -7.07
C LYS G 116 7.37 -37.98 -8.31
N LYS G 117 7.13 -37.05 -9.24
CA LYS G 117 7.92 -36.92 -10.46
C LYS G 117 8.20 -35.45 -10.73
N VAL G 118 9.34 -35.17 -11.35
CA VAL G 118 9.73 -33.81 -11.72
C VAL G 118 10.02 -33.77 -13.22
N VAL G 119 9.35 -32.83 -13.91
CA VAL G 119 9.54 -32.58 -15.33
C VAL G 119 10.26 -31.24 -15.47
N ILE G 120 11.52 -31.29 -15.86
CA ILE G 120 12.31 -30.07 -16.04
C ILE G 120 12.01 -29.50 -17.40
N SER G 121 11.62 -28.23 -17.43
CA SER G 121 11.22 -27.58 -18.68
C SER G 121 12.40 -26.96 -19.43
N ALA G 122 13.49 -27.68 -19.54
CA ALA G 122 14.71 -27.19 -20.18
C ALA G 122 15.63 -28.40 -20.29
N PRO G 123 16.70 -28.34 -21.07
CA PRO G 123 17.68 -29.43 -21.05
C PRO G 123 18.25 -29.65 -19.64
N ALA G 124 18.46 -30.92 -19.30
CA ALA G 124 19.09 -31.27 -18.04
C ALA G 124 20.60 -31.15 -18.18
N LYS G 125 21.24 -30.64 -17.14
CA LYS G 125 22.70 -30.62 -17.14
C LYS G 125 23.33 -31.93 -16.68
N ASP G 126 22.52 -32.92 -16.31
CA ASP G 126 22.99 -34.25 -15.97
C ASP G 126 22.55 -35.24 -17.04
N LYS G 127 23.52 -35.87 -17.69
CA LYS G 127 23.22 -36.90 -18.68
C LYS G 127 22.41 -38.05 -18.10
N ASP G 128 22.41 -38.21 -16.77
CA ASP G 128 21.70 -39.32 -16.14
C ASP G 128 20.21 -39.00 -15.94
N ILE G 129 19.73 -37.87 -16.45
CA ILE G 129 18.31 -37.53 -16.48
C ILE G 129 17.78 -37.81 -17.88
N PRO G 130 16.77 -38.65 -18.03
CA PRO G 130 16.27 -38.97 -19.36
C PRO G 130 15.67 -37.76 -20.03
N THR G 131 15.87 -37.67 -21.34
CA THR G 131 15.32 -36.60 -22.15
C THR G 131 14.36 -37.19 -23.17
N PHE G 132 13.19 -36.58 -23.28
CA PHE G 132 12.14 -37.07 -24.16
C PHE G 132 11.62 -35.96 -25.04
N VAL G 133 11.35 -36.31 -26.30
CA VAL G 133 10.65 -35.43 -27.24
C VAL G 133 9.40 -36.18 -27.70
N MET G 134 8.22 -35.61 -27.46
CA MET G 134 6.99 -36.28 -27.83
C MET G 134 6.96 -36.55 -29.34
N GLY G 135 6.58 -37.77 -29.71
CA GLY G 135 6.55 -38.18 -31.09
C GLY G 135 7.88 -38.59 -31.66
N VAL G 136 8.94 -38.61 -30.85
CA VAL G 136 10.25 -39.01 -31.34
C VAL G 136 10.74 -40.19 -30.52
N ASN G 137 10.82 -40.03 -29.20
CA ASN G 137 11.32 -41.12 -28.36
C ASN G 137 10.60 -41.24 -27.02
N ASN G 138 9.42 -40.64 -26.84
CA ASN G 138 8.81 -40.67 -25.52
C ASN G 138 8.41 -42.09 -25.08
N GLU G 139 8.28 -43.04 -26.01
CA GLU G 139 7.88 -44.37 -25.61
C GLU G 139 8.97 -45.08 -24.82
N LYS G 140 10.20 -44.60 -24.86
CA LYS G 140 11.27 -45.17 -24.05
C LYS G 140 11.18 -44.76 -22.57
N TYR G 141 10.16 -43.99 -22.18
CA TYR G 141 10.00 -43.62 -20.78
C TYR G 141 9.71 -44.83 -19.90
N ASN G 142 10.46 -44.92 -18.78
CA ASN G 142 10.37 -46.02 -17.82
C ASN G 142 9.77 -45.53 -16.51
N PRO G 143 8.50 -45.83 -16.24
CA PRO G 143 7.85 -45.27 -15.03
C PRO G 143 8.52 -45.67 -13.73
N SER G 144 9.13 -46.85 -13.66
CA SER G 144 9.71 -47.33 -12.41
C SER G 144 11.05 -46.70 -12.08
N ASN G 145 11.72 -46.09 -13.07
CA ASN G 145 13.06 -45.56 -12.85
C ASN G 145 13.20 -44.08 -13.13
N ASP G 146 12.39 -43.53 -14.04
CA ASP G 146 12.54 -42.15 -14.49
C ASP G 146 11.66 -41.26 -13.61
N HIS G 147 12.24 -40.75 -12.54
CA HIS G 147 11.53 -39.87 -11.62
C HIS G 147 11.83 -38.40 -11.87
N ILE G 148 12.94 -38.09 -12.54
CA ILE G 148 13.26 -36.75 -12.98
C ILE G 148 13.51 -36.82 -14.47
N VAL G 149 12.70 -36.12 -15.25
CA VAL G 149 12.82 -36.16 -16.69
C VAL G 149 12.92 -34.72 -17.19
N SER G 150 13.41 -34.61 -18.41
CA SER G 150 13.54 -33.36 -19.13
C SER G 150 12.75 -33.46 -20.41
N ASN G 151 12.04 -32.38 -20.73
CA ASN G 151 11.33 -32.27 -22.00
C ASN G 151 12.20 -31.61 -23.06
N ALA G 152 13.51 -31.57 -22.84
CA ALA G 152 14.47 -30.93 -23.75
C ALA G 152 14.23 -29.43 -23.87
N SER G 153 14.72 -28.85 -24.97
CA SER G 153 14.59 -27.44 -25.23
C SER G 153 13.55 -27.27 -26.33
N THR G 155 14.09 -25.74 -29.27
CA THR G 155 14.74 -26.05 -30.53
C THR G 155 14.82 -27.57 -30.75
N THR G 156 15.10 -28.30 -29.67
CA THR G 156 15.14 -29.75 -29.79
C THR G 156 13.79 -30.32 -30.19
N ASN G 157 12.71 -29.80 -29.60
CA ASN G 157 11.39 -30.28 -29.99
C ASN G 157 11.02 -29.91 -31.43
N CYS G 158 11.63 -28.85 -31.98
CA CYS G 158 11.38 -28.51 -33.38
C CYS G 158 12.25 -29.31 -34.33
N LEU G 159 13.54 -29.49 -33.99
CA LEU G 159 14.48 -30.13 -34.89
C LEU G 159 14.27 -31.64 -34.94
N ALA G 160 14.03 -32.25 -33.78
CA ALA G 160 14.00 -33.71 -33.70
C ALA G 160 12.96 -34.32 -34.63
N PRO G 161 11.70 -33.86 -34.68
CA PRO G 161 10.73 -34.46 -35.62
C PRO G 161 11.20 -34.40 -37.07
N ILE G 162 11.84 -33.31 -37.48
CA ILE G 162 12.38 -33.25 -38.83
C ILE G 162 13.46 -34.33 -39.00
N VAL G 163 14.36 -34.43 -38.03
CA VAL G 163 15.42 -35.44 -38.11
C VAL G 163 14.82 -36.83 -38.20
N LYS G 164 13.76 -37.09 -37.42
CA LYS G 164 13.18 -38.43 -37.38
C LYS G 164 12.64 -38.84 -38.74
N VAL G 165 11.90 -37.94 -39.39
CA VAL G 165 11.34 -38.24 -40.70
C VAL G 165 12.43 -38.46 -41.72
N VAL G 166 13.41 -37.55 -41.77
CA VAL G 166 14.47 -37.64 -42.77
C VAL G 166 15.29 -38.91 -42.56
N LEU G 167 15.67 -39.19 -41.31
CA LEU G 167 16.49 -40.35 -41.03
C LEU G 167 15.76 -41.63 -41.41
N ASP G 168 14.46 -41.71 -41.13
CA ASP G 168 13.66 -42.90 -41.42
C ASP G 168 13.51 -43.18 -42.91
N ASN G 169 13.57 -42.14 -43.75
CA ASN G 169 13.28 -42.31 -45.18
C ASN G 169 14.52 -42.26 -46.05
N TRP G 170 15.53 -41.46 -45.71
CA TRP G 170 16.70 -41.39 -46.58
C TRP G 170 18.01 -41.43 -45.80
N GLY G 171 17.96 -41.51 -44.47
CA GLY G 171 19.13 -41.56 -43.64
C GLY G 171 19.83 -40.22 -43.61
N ILE G 172 20.73 -40.03 -42.66
CA ILE G 172 21.50 -38.79 -42.53
C ILE G 172 22.96 -39.13 -42.46
N GLU G 173 23.72 -38.58 -43.37
CA GLU G 173 25.16 -38.72 -43.22
C GLU G 173 25.74 -37.59 -42.35
N GLU G 174 25.28 -36.35 -42.56
CA GLU G 174 25.73 -35.14 -41.89
C GLU G 174 24.61 -34.10 -41.90
N GLY G 175 24.63 -33.25 -40.88
CA GLY G 175 23.62 -32.19 -40.77
C GLY G 175 24.07 -31.05 -39.88
N LEU G 176 24.07 -29.84 -40.41
CA LEU G 176 24.43 -28.65 -39.60
C LEU G 176 23.21 -27.73 -39.53
N MET G 177 22.90 -27.41 -38.13
CA MET G 177 21.66 -26.62 -37.91
C MET G 177 21.96 -25.20 -37.45
N THR G 178 21.05 -24.22 -37.97
CA THR G 178 21.16 -22.85 -37.42
C THR G 178 19.74 -22.47 -37.01
N THR G 179 19.54 -22.01 -35.77
CA THR G 179 18.20 -21.54 -35.39
C THR G 179 18.15 -20.02 -35.28
N ILE G 180 17.27 -19.38 -36.03
CA ILE G 180 17.01 -17.92 -35.84
C ILE G 180 15.97 -17.87 -34.72
N HIS G 181 16.41 -17.56 -33.51
CA HIS G 181 15.51 -17.67 -32.34
C HIS G 181 15.03 -16.31 -31.85
N ALA G 182 13.82 -16.30 -31.32
CA ALA G 182 13.25 -15.07 -30.75
C ALA G 182 13.97 -14.71 -29.46
N THR G 183 13.76 -13.49 -28.97
CA THR G 183 14.40 -13.04 -27.72
C THR G 183 13.71 -13.69 -26.52
N THR G 184 14.48 -14.02 -25.50
CA THR G 184 13.95 -14.68 -24.30
C THR G 184 14.27 -13.83 -23.07
N ALA G 185 13.77 -14.23 -21.91
CA ALA G 185 13.96 -13.51 -20.64
C ALA G 185 15.42 -13.58 -20.19
N THR G 186 16.21 -14.49 -20.74
CA THR G 186 17.64 -14.65 -20.39
C THR G 186 18.42 -13.47 -20.93
N GLN G 187 17.87 -12.81 -21.95
CA GLN G 187 18.60 -11.69 -22.62
C GLN G 187 18.13 -10.35 -22.08
N PRO G 188 19.04 -9.38 -21.93
CA PRO G 188 18.67 -8.04 -21.49
C PRO G 188 18.16 -7.10 -22.59
N THR G 189 17.47 -6.04 -22.20
CA THR G 189 16.96 -5.03 -23.17
C THR G 189 18.13 -4.20 -23.69
N VAL G 190 19.14 -3.97 -22.86
CA VAL G 190 20.31 -3.14 -23.25
C VAL G 190 21.59 -3.88 -22.86
N ASP G 191 22.74 -3.42 -23.34
CA ASP G 191 24.05 -4.09 -23.12
C ASP G 191 24.34 -4.21 -21.62
N GLY G 192 24.74 -5.39 -21.18
CA GLY G 192 24.98 -5.68 -19.76
C GLY G 192 25.87 -6.89 -19.54
N PRO G 193 26.17 -7.24 -18.28
CA PRO G 193 27.09 -8.33 -17.98
C PRO G 193 26.52 -9.75 -18.19
N SER G 194 27.36 -10.69 -18.62
CA SER G 194 26.95 -12.12 -18.79
C SER G 194 28.20 -13.00 -18.69
N LYS G 195 28.45 -13.58 -17.52
CA LYS G 195 29.69 -14.39 -17.31
C LYS G 195 29.67 -15.60 -18.25
N LYS G 196 28.49 -16.17 -18.49
CA LYS G 196 28.43 -17.40 -19.32
C LYS G 196 28.74 -17.07 -20.78
N ASP G 197 27.94 -16.20 -21.41
CA ASP G 197 28.22 -15.77 -22.81
C ASP G 197 28.19 -14.25 -22.88
N PHE G 198 29.31 -13.65 -23.22
CA PHE G 198 29.39 -12.17 -23.27
C PHE G 198 28.38 -11.65 -24.30
N ARG G 199 28.20 -12.34 -25.42
CA ARG G 199 27.29 -11.90 -26.50
C ARG G 199 25.85 -11.92 -25.97
N GLY G 200 25.61 -12.74 -24.96
CA GLY G 200 24.25 -12.90 -24.42
C GLY G 200 23.82 -11.70 -23.60
N GLY G 201 24.77 -10.87 -23.23
CA GLY G 201 24.46 -9.67 -22.45
C GLY G 201 24.23 -8.47 -23.33
N ARG G 202 24.39 -8.65 -24.63
CA ARG G 202 24.23 -7.51 -25.57
C ARG G 202 22.74 -7.29 -25.78
N GLY G 203 22.35 -6.03 -25.98
CA GLY G 203 20.91 -5.69 -26.11
C GLY G 203 20.18 -6.52 -27.14
N ALA G 204 19.02 -7.03 -26.77
CA ALA G 204 18.25 -7.92 -27.67
C ALA G 204 17.42 -7.13 -28.68
N MET G 205 17.09 -5.88 -28.38
CA MET G 205 16.20 -5.13 -29.29
C MET G 205 16.98 -4.50 -30.45
N GLN G 206 18.30 -4.53 -30.38
CA GLN G 206 19.11 -3.82 -31.39
C GLN G 206 19.95 -4.75 -32.25
N ASN G 207 20.16 -5.96 -31.79
CA ASN G 207 21.18 -6.77 -32.51
C ASN G 207 20.81 -8.20 -32.89
N ILE G 208 21.59 -8.74 -33.83
CA ILE G 208 21.49 -10.17 -34.13
C ILE G 208 22.64 -10.73 -33.29
N ILE G 209 22.34 -11.58 -32.32
CA ILE G 209 23.40 -12.06 -31.39
C ILE G 209 23.65 -13.55 -31.62
N PRO G 210 24.87 -13.92 -32.05
CA PRO G 210 25.20 -15.32 -32.19
C PRO G 210 25.15 -15.98 -30.81
N ALA G 211 24.55 -17.16 -30.74
CA ALA G 211 24.44 -17.91 -29.47
C ALA G 211 24.79 -19.39 -29.67
N SER G 212 25.10 -20.07 -28.57
CA SER G 212 25.39 -21.53 -28.67
C SER G 212 24.13 -22.32 -28.37
N THR G 213 23.98 -23.49 -28.98
CA THR G 213 22.82 -24.36 -28.71
C THR G 213 23.32 -25.80 -28.55
N GLY G 214 22.62 -26.60 -27.76
CA GLY G 214 22.96 -28.02 -27.64
C GLY G 214 21.82 -28.87 -28.16
N ALA G 215 20.94 -28.26 -28.93
CA ALA G 215 19.75 -28.98 -29.43
C ALA G 215 20.20 -30.06 -30.41
N ALA G 216 21.24 -29.74 -31.16
CA ALA G 216 21.79 -30.71 -32.13
C ALA G 216 22.30 -31.94 -31.38
N LYS G 217 23.17 -31.71 -30.41
CA LYS G 217 23.74 -32.84 -29.65
C LYS G 217 22.62 -33.56 -28.91
N ALA G 218 21.57 -32.84 -28.54
CA ALA G 218 20.47 -33.44 -27.75
C ALA G 218 19.60 -34.35 -28.62
N VAL G 219 19.39 -33.99 -29.87
CA VAL G 219 18.62 -34.88 -30.77
C VAL G 219 19.43 -36.16 -30.97
N GLY G 220 20.74 -36.03 -30.88
CA GLY G 220 21.60 -37.23 -30.97
C GLY G 220 21.24 -38.20 -29.88
N LEU G 221 20.99 -37.70 -28.67
CA LEU G 221 20.57 -38.57 -27.54
C LEU G 221 19.18 -39.15 -27.83
N CYS G 222 18.24 -38.31 -28.25
CA CYS G 222 16.85 -38.77 -28.47
C CYS G 222 16.81 -39.71 -29.68
N ILE G 223 17.68 -39.49 -30.66
CA ILE G 223 17.77 -40.36 -31.86
C ILE G 223 19.25 -40.77 -31.98
N PRO G 224 19.70 -41.79 -31.25
CA PRO G 224 21.13 -42.16 -31.22
C PRO G 224 21.70 -42.56 -32.59
N GLU G 225 20.84 -42.92 -33.53
CA GLU G 225 21.31 -43.26 -34.89
C GLU G 225 22.13 -42.09 -35.44
N VAL G 226 21.76 -40.85 -35.11
CA VAL G 226 22.46 -39.65 -35.67
C VAL G 226 23.46 -39.07 -34.66
N ASN G 227 23.83 -39.83 -33.64
CA ASN G 227 24.74 -39.27 -32.60
C ASN G 227 26.09 -38.92 -33.25
N GLY G 228 26.54 -37.69 -33.04
CA GLY G 228 27.83 -37.24 -33.61
C GLY G 228 27.70 -36.80 -35.06
N LYS G 229 26.52 -36.96 -35.64
CA LYS G 229 26.34 -36.70 -37.09
C LYS G 229 25.73 -35.30 -37.31
N LEU G 230 25.41 -34.58 -36.24
CA LEU G 230 24.75 -33.26 -36.44
C LEU G 230 25.25 -32.24 -35.42
N THR G 231 25.41 -30.99 -35.86
CA THR G 231 25.85 -29.89 -34.98
C THR G 231 24.95 -28.67 -35.21
N GLY G 232 25.21 -27.58 -34.48
CA GLY G 232 24.31 -26.42 -34.59
C GLY G 232 24.76 -25.17 -33.86
N MET G 233 24.12 -24.04 -34.17
CA MET G 233 24.39 -22.76 -33.50
C MET G 233 23.08 -21.98 -33.49
N SER G 234 23.04 -20.82 -32.83
CA SER G 234 21.82 -19.97 -32.88
C SER G 234 22.16 -18.52 -33.18
N PHE G 235 21.20 -17.80 -33.73
CA PHE G 235 21.34 -16.35 -33.92
C PHE G 235 20.08 -15.76 -33.27
N ARG G 236 20.24 -15.13 -32.12
CA ARG G 236 19.09 -14.50 -31.43
C ARG G 236 18.76 -13.19 -32.14
N VAL G 237 17.48 -12.97 -32.45
CA VAL G 237 17.07 -11.78 -33.23
C VAL G 237 15.98 -11.02 -32.49
N PRO G 238 15.75 -9.73 -32.81
CA PRO G 238 14.79 -8.91 -32.07
C PRO G 238 13.29 -9.19 -32.31
N THR G 239 12.81 -10.33 -31.81
CA THR G 239 11.37 -10.69 -31.92
C THR G 239 10.89 -11.22 -30.57
N PRO G 240 9.64 -10.97 -30.19
CA PRO G 240 9.15 -11.39 -28.87
C PRO G 240 8.89 -12.89 -28.76
N ASP G 241 8.53 -13.53 -29.88
CA ASP G 241 8.23 -14.97 -29.88
C ASP G 241 8.29 -15.54 -31.29
N VAL G 242 8.35 -16.86 -31.41
CA VAL G 242 8.42 -17.58 -32.72
C VAL G 242 9.87 -17.62 -33.18
N SER G 243 10.35 -18.81 -33.46
CA SER G 243 11.74 -19.01 -33.91
C SER G 243 11.69 -19.94 -35.11
N VAL G 244 12.79 -20.10 -35.83
CA VAL G 244 12.77 -20.90 -37.07
C VAL G 244 13.99 -21.82 -37.08
N VAL G 245 13.82 -23.01 -37.64
CA VAL G 245 14.96 -23.96 -37.74
C VAL G 245 15.40 -24.08 -39.20
N ASP G 246 16.70 -23.97 -39.43
CA ASP G 246 17.26 -24.12 -40.77
C ASP G 246 18.30 -25.25 -40.70
N LEU G 247 17.93 -26.41 -41.24
CA LEU G 247 18.76 -27.62 -41.16
C LEU G 247 19.41 -27.94 -42.50
N THR G 248 20.75 -27.87 -42.55
CA THR G 248 21.51 -28.37 -43.70
C THR G 248 21.83 -29.83 -43.50
N VAL G 249 21.29 -30.67 -44.36
CA VAL G 249 21.29 -32.11 -44.19
C VAL G 249 21.81 -32.78 -45.45
N ARG G 250 22.74 -33.69 -45.27
CA ARG G 250 23.19 -34.60 -46.30
C ARG G 250 22.58 -35.96 -46.03
N THR G 251 21.74 -36.44 -46.96
CA THR G 251 21.10 -37.73 -46.80
C THR G 251 21.99 -38.86 -47.33
N THR G 252 21.64 -40.08 -46.93
CA THR G 252 22.30 -41.28 -47.46
C THR G 252 21.75 -41.65 -48.83
N LYS G 253 20.44 -41.85 -48.92
CA LYS G 253 19.81 -42.13 -50.20
C LYS G 253 19.52 -40.81 -50.90
N GLU G 254 19.55 -40.88 -52.22
CA GLU G 254 19.21 -39.74 -53.04
C GLU G 254 17.70 -39.48 -53.02
N THR G 255 17.32 -38.21 -53.00
CA THR G 255 15.91 -37.86 -52.92
C THR G 255 15.73 -36.48 -53.55
N SER G 256 14.57 -35.86 -53.28
CA SER G 256 14.23 -34.53 -53.80
C SER G 256 13.36 -33.79 -52.79
N LEU G 257 13.17 -32.48 -53.00
CA LEU G 257 12.33 -31.73 -52.08
C LEU G 257 10.88 -32.23 -52.11
N LYS G 258 10.36 -32.56 -53.29
CA LYS G 258 9.00 -33.12 -53.35
C LYS G 258 8.93 -34.38 -52.52
N GLU G 259 9.95 -35.22 -52.63
CA GLU G 259 9.96 -36.45 -51.86
C GLU G 259 9.95 -36.18 -50.37
N ILE G 260 10.76 -35.23 -49.92
CA ILE G 260 10.80 -34.89 -48.50
C ILE G 260 9.48 -34.27 -48.07
N SER G 261 8.98 -33.30 -48.86
CA SER G 261 7.74 -32.61 -48.49
C SER G 261 6.57 -33.58 -48.40
N ALA G 262 6.50 -34.56 -49.31
CA ALA G 262 5.42 -35.54 -49.24
C ALA G 262 5.45 -36.30 -47.93
N LYS G 263 6.65 -36.68 -47.47
CA LYS G 263 6.78 -37.39 -46.21
C LYS G 263 6.46 -36.48 -45.01
N MET G 264 6.85 -35.20 -45.05
CA MET G 264 6.43 -34.31 -43.98
C MET G 264 4.91 -34.19 -43.96
N LYS G 265 4.27 -34.00 -45.12
CA LYS G 265 2.80 -33.85 -45.07
C LYS G 265 2.14 -35.11 -44.55
N ALA G 266 2.57 -36.28 -45.03
CA ALA G 266 2.02 -37.53 -44.52
C ALA G 266 2.22 -37.65 -43.03
N ALA G 267 3.42 -37.30 -42.55
CA ALA G 267 3.69 -37.35 -41.12
C ALA G 267 2.77 -36.42 -40.35
N SER G 268 2.57 -35.19 -40.85
CA SER G 268 1.73 -34.24 -40.12
C SER G 268 0.29 -34.73 -40.03
N GLU G 269 -0.16 -35.54 -41.00
CA GLU G 269 -1.51 -36.07 -41.00
C GLU G 269 -1.62 -37.44 -40.30
N GLY G 270 -0.49 -38.10 -40.01
CA GLY G 270 -0.49 -39.41 -39.39
C GLY G 270 0.26 -39.57 -38.07
N ALA G 271 1.40 -40.26 -38.10
CA ALA G 271 2.12 -40.66 -36.88
C ALA G 271 2.72 -39.50 -36.10
N MET G 272 2.49 -38.27 -36.50
CA MET G 272 3.06 -37.13 -35.80
C MET G 272 2.10 -35.96 -35.80
N LYS G 273 0.83 -36.23 -36.07
CA LYS G 273 -0.20 -35.21 -36.04
C LYS G 273 -0.23 -34.56 -34.67
N GLY G 274 -0.31 -33.24 -34.65
CA GLY G 274 -0.20 -32.47 -33.42
C GLY G 274 1.23 -32.20 -32.99
N ILE G 275 2.21 -32.89 -33.58
CA ILE G 275 3.62 -32.64 -33.30
C ILE G 275 4.27 -31.89 -34.47
N LEU G 276 4.24 -32.47 -35.67
CA LEU G 276 4.79 -31.88 -36.88
C LEU G 276 3.67 -31.31 -37.74
N GLY G 277 3.85 -30.08 -38.22
CA GLY G 277 2.93 -29.41 -39.11
C GLY G 277 3.54 -29.34 -40.49
N TYR G 278 2.73 -29.03 -41.51
CA TYR G 278 3.20 -28.95 -42.89
C TYR G 278 2.53 -27.78 -43.57
N THR G 279 3.28 -26.96 -44.30
CA THR G 279 2.64 -25.86 -45.01
C THR G 279 3.28 -25.63 -46.37
N GLU G 280 2.46 -25.15 -47.31
CA GLU G 280 2.94 -24.65 -48.60
C GLU G 280 2.63 -23.18 -48.81
N ASP G 281 2.14 -22.49 -47.79
CA ASP G 281 1.83 -21.07 -47.90
C ASP G 281 3.06 -20.21 -47.58
N MET G 282 2.96 -18.93 -47.97
CA MET G 282 4.01 -17.92 -47.80
C MET G 282 4.02 -17.33 -46.38
N VAL G 283 4.41 -18.15 -45.40
CA VAL G 283 4.26 -17.77 -44.01
C VAL G 283 5.42 -16.94 -43.50
N VAL G 284 5.16 -16.15 -42.47
CA VAL G 284 6.21 -15.47 -41.70
C VAL G 284 5.96 -15.79 -40.24
N SER G 285 6.92 -15.40 -39.39
CA SER G 285 6.94 -15.89 -38.01
C SER G 285 5.62 -15.65 -37.30
N ASN G 286 5.04 -14.46 -37.42
CA ASN G 286 3.82 -14.14 -36.66
C ASN G 286 2.61 -14.98 -37.05
N ASP G 287 2.66 -15.70 -38.17
CA ASP G 287 1.62 -16.63 -38.53
C ASP G 287 1.58 -17.85 -37.61
N PHE G 288 2.54 -18.00 -36.70
CA PHE G 288 2.61 -19.15 -35.82
C PHE G 288 2.51 -18.80 -34.35
N VAL G 289 2.14 -17.56 -34.01
CA VAL G 289 1.98 -17.18 -32.61
C VAL G 289 0.85 -17.98 -31.98
N SER G 290 1.16 -18.67 -30.88
CA SER G 290 0.20 -19.51 -30.15
C SER G 290 -0.10 -20.81 -30.88
N SER G 291 0.74 -21.19 -31.81
CA SER G 291 0.61 -22.53 -32.35
C SER G 291 1.02 -23.53 -31.28
N THR G 292 0.29 -24.64 -31.22
CA THR G 292 0.58 -25.71 -30.29
C THR G 292 1.51 -26.76 -30.89
N LEU G 293 1.94 -26.58 -32.14
CA LEU G 293 2.78 -27.59 -32.78
C LEU G 293 4.23 -27.44 -32.34
N SER G 294 4.95 -28.58 -32.36
CA SER G 294 6.37 -28.57 -32.05
C SER G 294 7.18 -28.06 -33.23
N SER G 295 6.69 -28.27 -34.44
CA SER G 295 7.47 -28.05 -35.64
C SER G 295 6.50 -27.94 -36.79
N ILE G 296 6.73 -26.97 -37.66
CA ILE G 296 5.91 -26.75 -38.85
C ILE G 296 6.88 -26.66 -40.00
N PHE G 297 6.89 -27.69 -40.83
CA PHE G 297 7.72 -27.73 -42.02
C PHE G 297 7.23 -26.70 -43.02
N ASP G 298 8.15 -25.89 -43.50
CA ASP G 298 7.87 -24.80 -44.44
C ASP G 298 8.40 -25.25 -45.80
N MET G 299 7.53 -25.88 -46.58
CA MET G 299 7.99 -26.46 -47.83
C MET G 299 8.58 -25.39 -48.76
N ASP G 300 7.94 -24.21 -48.82
CA ASP G 300 8.35 -23.17 -49.75
C ASP G 300 9.69 -22.54 -49.40
N ALA G 301 10.06 -22.49 -48.13
CA ALA G 301 11.35 -21.93 -47.76
C ALA G 301 12.52 -22.89 -48.00
N CYS G 302 12.26 -24.19 -48.09
CA CYS G 302 13.31 -25.17 -48.32
C CYS G 302 13.93 -24.99 -49.70
N ILE G 303 15.20 -25.39 -49.81
CA ILE G 303 15.93 -25.41 -51.08
C ILE G 303 16.72 -26.70 -51.12
N GLU G 304 16.92 -27.20 -52.32
CA GLU G 304 17.70 -28.40 -52.56
C GLU G 304 18.94 -27.98 -53.33
N LEU G 305 20.12 -28.28 -52.79
CA LEU G 305 21.34 -28.14 -53.57
C LEU G 305 21.47 -29.28 -54.58
N ASN G 306 21.27 -30.51 -54.13
CA ASN G 306 21.30 -31.67 -55.01
C ASN G 306 20.49 -32.77 -54.34
N SER G 307 20.49 -33.96 -54.95
CA SER G 307 19.65 -35.08 -54.55
C SER G 307 19.97 -35.62 -53.15
N ARG G 308 21.10 -35.22 -52.56
CA ARG G 308 21.43 -35.70 -51.23
C ARG G 308 21.72 -34.59 -50.23
N PHE G 309 21.70 -33.32 -50.64
CA PHE G 309 22.05 -32.20 -49.77
C PHE G 309 20.91 -31.20 -49.81
N PHE G 310 20.27 -30.99 -48.67
CA PHE G 310 19.11 -30.13 -48.60
C PHE G 310 19.29 -29.13 -47.48
N LYS G 311 18.51 -28.05 -47.55
CA LYS G 311 18.40 -27.11 -46.45
C LYS G 311 16.91 -27.03 -46.13
N LEU G 312 16.51 -27.60 -44.99
CA LEU G 312 15.11 -27.69 -44.60
C LEU G 312 14.77 -26.66 -43.52
N VAL G 313 13.58 -26.06 -43.64
CA VAL G 313 13.15 -24.96 -42.79
C VAL G 313 11.88 -25.39 -42.05
N SER G 314 11.85 -25.13 -40.72
CA SER G 314 10.69 -25.48 -39.90
C SER G 314 10.54 -24.45 -38.78
N TRP G 315 9.32 -23.96 -38.61
CA TRP G 315 8.99 -22.94 -37.62
C TRP G 315 8.55 -23.60 -36.32
N TYR G 316 8.60 -22.81 -35.25
CA TYR G 316 8.03 -23.25 -33.98
C TYR G 316 7.82 -22.05 -33.08
N ASP G 317 6.68 -22.06 -32.39
CA ASP G 317 6.39 -21.14 -31.31
C ASP G 317 7.11 -21.66 -30.08
N ASN G 318 8.30 -21.11 -29.82
CA ASN G 318 9.15 -21.62 -28.75
C ASN G 318 8.47 -21.54 -27.38
N GLU G 319 7.47 -20.68 -27.22
CA GLU G 319 6.70 -20.58 -25.98
C GLU G 319 5.51 -21.56 -25.99
N MET G 320 4.59 -21.40 -26.94
CA MET G 320 3.32 -22.15 -26.90
C MET G 320 3.51 -23.62 -27.28
N GLY G 321 4.34 -23.89 -28.29
CA GLY G 321 4.54 -25.28 -28.71
C GLY G 321 5.17 -26.12 -27.62
N TYR G 322 6.23 -25.61 -26.99
CA TYR G 322 6.90 -26.36 -25.92
C TYR G 322 5.98 -26.55 -24.73
N SER G 323 5.24 -25.50 -24.38
CA SER G 323 4.35 -25.58 -23.22
C SER G 323 3.34 -26.71 -23.40
N ASN G 324 2.86 -26.88 -24.64
CA ASN G 324 1.94 -27.96 -24.96
C ASN G 324 2.64 -29.32 -24.93
N ARG G 325 3.91 -29.37 -25.33
CA ARG G 325 4.61 -30.65 -25.22
C ARG G 325 4.78 -31.05 -23.77
N VAL G 326 5.04 -30.07 -22.89
CA VAL G 326 5.20 -30.38 -21.47
C VAL G 326 3.94 -31.05 -20.93
N LEU G 327 2.76 -30.52 -21.25
CA LEU G 327 1.54 -31.19 -20.83
C LEU G 327 1.41 -32.55 -21.51
N ASP G 328 1.65 -32.61 -22.83
CA ASP G 328 1.51 -33.89 -23.49
C ASP G 328 2.41 -34.92 -22.83
N LEU G 329 3.63 -34.51 -22.46
CA LEU G 329 4.56 -35.42 -21.80
C LEU G 329 4.01 -35.91 -20.46
N ILE G 330 3.50 -35.00 -19.63
CA ILE G 330 2.89 -35.42 -18.39
C ILE G 330 1.73 -36.38 -18.67
N ARG G 331 0.89 -36.03 -19.65
CA ARG G 331 -0.26 -36.88 -19.97
C ARG G 331 0.19 -38.29 -20.35
N TYR G 332 1.25 -38.37 -21.14
CA TYR G 332 1.78 -39.68 -21.51
C TYR G 332 2.19 -40.45 -20.28
N MET G 333 2.95 -39.80 -19.39
CA MET G 333 3.42 -40.47 -18.19
C MET G 333 2.26 -40.87 -17.30
N ALA G 334 1.22 -40.04 -17.26
CA ALA G 334 0.11 -40.31 -16.37
C ALA G 334 -0.56 -41.63 -16.72
N LYS G 335 -0.77 -41.87 -18.01
CA LYS G 335 -1.47 -43.07 -18.44
C LYS G 335 -0.56 -44.29 -18.58
N LYS G 336 0.75 -44.12 -18.44
CA LYS G 336 1.69 -45.23 -18.58
C LYS G 336 3.06 -44.88 -18.03
N ALA H 2 42.94 11.77 -64.16
CA ALA H 2 41.98 12.87 -64.29
C ALA H 2 40.87 12.72 -63.26
N MET H 3 40.33 13.84 -62.77
CA MET H 3 39.17 13.74 -61.88
C MET H 3 37.98 13.06 -62.57
N THR H 4 37.39 12.11 -61.88
CA THR H 4 36.28 11.34 -62.43
C THR H 4 34.96 12.00 -62.11
N ARG H 5 34.14 12.26 -63.14
CA ARG H 5 32.88 12.96 -62.92
C ARG H 5 31.76 11.95 -62.70
N ILE H 6 31.06 12.08 -61.57
CA ILE H 6 30.11 11.08 -61.13
C ILE H 6 28.75 11.72 -61.00
N ALA H 7 27.72 11.03 -61.50
CA ALA H 7 26.33 11.36 -61.20
C ALA H 7 25.71 10.19 -60.47
N ILE H 8 24.79 10.48 -59.55
CA ILE H 8 24.10 9.47 -58.76
C ILE H 8 22.64 9.53 -59.14
N ASN H 9 22.09 8.41 -59.60
CA ASN H 9 20.66 8.32 -59.90
C ASN H 9 19.97 7.51 -58.81
N GLY H 10 19.23 8.20 -57.95
CA GLY H 10 18.61 7.58 -56.79
C GLY H 10 19.41 7.90 -55.55
N PHE H 11 19.01 8.94 -54.85
CA PHE H 11 19.72 9.37 -53.66
C PHE H 11 19.15 8.69 -52.43
N GLY H 12 19.03 7.36 -52.45
CA GLY H 12 18.51 6.60 -51.32
C GLY H 12 19.61 6.18 -50.36
N ARG H 13 19.36 5.09 -49.61
CA ARG H 13 20.36 4.61 -48.65
C ARG H 13 21.73 4.43 -49.32
N ILE H 14 21.79 3.64 -50.39
CA ILE H 14 23.09 3.43 -51.03
C ILE H 14 23.59 4.72 -51.67
N GLY H 15 22.71 5.42 -52.40
CA GLY H 15 23.16 6.62 -53.09
C GLY H 15 23.75 7.65 -52.14
N ARG H 16 23.04 7.94 -51.05
CA ARG H 16 23.55 8.90 -50.07
C ARG H 16 24.82 8.41 -49.40
N LEU H 17 24.88 7.11 -49.09
CA LEU H 17 26.06 6.63 -48.37
C LEU H 17 27.29 6.60 -49.29
N VAL H 18 27.13 6.22 -50.55
CA VAL H 18 28.25 6.37 -51.48
C VAL H 18 28.67 7.84 -51.59
N PHE H 19 27.70 8.75 -51.59
CA PHE H 19 28.03 10.17 -51.65
C PHE H 19 28.85 10.60 -50.42
N ARG H 20 28.42 10.15 -49.24
CA ARG H 20 29.13 10.50 -48.01
C ARG H 20 30.56 10.04 -48.05
N ALA H 21 30.79 8.81 -48.48
CA ALA H 21 32.14 8.29 -48.47
C ALA H 21 33.00 8.98 -49.50
N GLY H 22 32.40 9.37 -50.64
CA GLY H 22 33.14 9.89 -51.78
C GLY H 22 33.25 11.39 -51.84
N ILE H 23 32.33 12.12 -51.21
CA ILE H 23 32.34 13.58 -51.34
C ILE H 23 33.62 14.19 -50.80
N LYS H 24 34.27 13.50 -49.84
CA LYS H 24 35.54 13.98 -49.27
C LYS H 24 36.74 13.71 -50.19
N ASP H 25 36.57 12.84 -51.19
CA ASP H 25 37.68 12.37 -52.03
C ASP H 25 37.98 13.39 -53.12
N PRO H 26 39.18 13.98 -53.15
CA PRO H 26 39.46 14.99 -54.17
C PRO H 26 39.57 14.42 -55.57
N ASN H 27 39.87 13.12 -55.73
CA ASN H 27 39.96 12.53 -57.06
C ASN H 27 38.60 12.30 -57.70
N LEU H 28 37.55 12.34 -56.91
CA LEU H 28 36.19 12.17 -57.41
C LEU H 28 35.52 13.52 -57.52
N GLU H 29 34.63 13.65 -58.50
CA GLU H 29 33.83 14.86 -58.65
C GLU H 29 32.37 14.46 -58.83
N PHE H 30 31.56 14.69 -57.80
CA PHE H 30 30.12 14.51 -57.89
C PHE H 30 29.51 15.76 -58.48
N VAL H 31 28.85 15.59 -59.62
CA VAL H 31 28.34 16.70 -60.40
C VAL H 31 26.82 16.79 -60.37
N ALA H 32 26.11 15.70 -60.11
CA ALA H 32 24.66 15.80 -60.14
C ALA H 32 24.07 14.67 -59.31
N ILE H 33 22.89 14.93 -58.77
CA ILE H 33 22.08 13.92 -58.09
C ILE H 33 20.69 14.03 -58.71
N ASN H 34 20.12 12.89 -59.08
CA ASN H 34 18.77 12.81 -59.59
C ASN H 34 17.93 11.97 -58.64
N ASP H 35 16.77 12.48 -58.26
CA ASP H 35 15.82 11.76 -57.42
C ASP H 35 14.45 12.40 -57.63
N LEU H 36 13.46 11.88 -56.92
CA LEU H 36 12.08 12.30 -57.09
C LEU H 36 11.66 13.41 -56.14
N VAL H 37 12.56 13.94 -55.32
CA VAL H 37 12.20 15.00 -54.39
C VAL H 37 13.15 16.17 -54.61
N THR H 38 12.78 17.31 -54.04
CA THR H 38 13.52 18.56 -54.21
C THR H 38 14.78 18.57 -53.35
N PRO H 39 15.70 19.50 -53.61
CA PRO H 39 16.97 19.49 -52.87
C PRO H 39 16.83 19.65 -51.35
N ASP H 40 15.72 20.21 -50.88
CA ASP H 40 15.57 20.43 -49.42
C ASP H 40 15.53 19.08 -48.70
N ASN H 41 14.70 18.16 -49.15
CA ASN H 41 14.59 16.80 -48.54
C ASN H 41 15.89 16.03 -48.72
N LEU H 42 16.56 16.24 -49.84
CA LEU H 42 17.83 15.53 -50.12
C LEU H 42 18.87 16.02 -49.12
N ALA H 43 18.94 17.32 -48.91
CA ALA H 43 19.91 17.90 -47.95
C ALA H 43 19.60 17.34 -46.57
N TYR H 44 18.32 17.30 -46.25
CA TYR H 44 17.90 16.79 -44.95
C TYR H 44 18.35 15.34 -44.75
N LEU H 45 18.09 14.47 -45.74
CA LEU H 45 18.40 13.04 -45.65
C LEU H 45 19.91 12.78 -45.65
N LEU H 46 20.67 13.63 -46.35
CA LEU H 46 22.13 13.59 -46.26
C LEU H 46 22.61 14.06 -44.89
N LYS H 47 21.97 15.09 -44.33
CA LYS H 47 22.44 15.67 -43.09
C LYS H 47 22.25 14.71 -41.92
N TYR H 48 21.06 14.11 -41.80
CA TYR H 48 20.67 13.28 -40.67
C TYR H 48 20.51 11.83 -41.13
N ASP H 49 21.19 10.91 -40.47
CA ASP H 49 21.10 9.52 -40.82
C ASP H 49 20.83 8.73 -39.54
N SER H 50 19.66 8.07 -39.49
CA SER H 50 19.24 7.32 -38.31
C SER H 50 20.20 6.19 -37.97
N THR H 51 20.97 5.72 -38.95
CA THR H 51 21.85 4.56 -38.78
C THR H 51 23.30 4.94 -38.60
N HIS H 52 23.76 5.91 -39.40
CA HIS H 52 25.16 6.30 -39.44
C HIS H 52 25.41 7.70 -38.89
N GLY H 53 24.43 8.29 -38.24
CA GLY H 53 24.71 9.55 -37.57
C GLY H 53 24.67 10.75 -38.52
N ARG H 54 25.01 11.88 -37.94
CA ARG H 54 24.99 13.15 -38.65
C ARG H 54 26.13 13.23 -39.64
N PHE H 55 25.86 13.89 -40.76
CA PHE H 55 26.89 14.13 -41.75
C PHE H 55 27.99 14.98 -41.15
N GLN H 56 29.23 14.51 -41.20
CA GLN H 56 30.32 15.29 -40.60
C GLN H 56 30.82 16.31 -41.62
N GLY H 57 30.10 17.41 -41.68
CA GLY H 57 30.41 18.48 -42.61
C GLY H 57 29.20 19.37 -42.79
N THR H 58 29.36 20.36 -43.64
CA THR H 58 28.32 21.38 -43.86
C THR H 58 27.46 21.01 -45.05
N VAL H 59 26.14 21.11 -44.89
CA VAL H 59 25.16 20.80 -45.93
C VAL H 59 24.19 21.96 -46.06
N GLU H 60 24.11 22.54 -47.25
CA GLU H 60 23.17 23.61 -47.56
C GLU H 60 22.48 23.26 -48.88
N HIS H 61 21.45 24.03 -49.24
CA HIS H 61 20.74 23.75 -50.48
C HIS H 61 20.14 25.03 -51.05
N THR H 62 19.94 25.03 -52.36
CA THR H 62 19.21 26.09 -53.05
C THR H 62 18.06 25.44 -53.80
N GLU H 63 17.39 26.24 -54.61
CA GLU H 63 16.25 25.71 -55.34
C GLU H 63 16.68 24.56 -56.25
N LYS H 64 17.93 24.54 -56.68
CA LYS H 64 18.35 23.62 -57.72
C LYS H 64 19.63 22.85 -57.40
N GLU H 65 20.20 22.96 -56.20
CA GLU H 65 21.47 22.30 -55.96
C GLU H 65 21.66 22.07 -54.47
N LEU H 66 22.51 21.09 -54.16
CA LEU H 66 23.03 20.83 -52.82
C LEU H 66 24.37 21.51 -52.74
N ILE H 67 24.74 21.94 -51.55
CA ILE H 67 26.03 22.57 -51.32
C ILE H 67 26.62 21.82 -50.14
N VAL H 68 27.56 20.92 -50.43
CA VAL H 68 28.16 20.05 -49.44
C VAL H 68 29.64 20.43 -49.30
N ASP H 69 30.03 20.91 -48.12
CA ASP H 69 31.42 21.30 -47.90
C ASP H 69 31.87 22.31 -48.95
N GLY H 70 30.94 23.16 -49.35
CA GLY H 70 31.23 24.18 -50.32
C GLY H 70 31.04 23.73 -51.74
N LYS H 71 31.09 22.43 -51.99
CA LYS H 71 30.98 21.90 -53.34
C LYS H 71 29.53 21.93 -53.77
N LYS H 72 29.28 22.48 -54.95
CA LYS H 72 27.93 22.62 -55.46
C LYS H 72 27.61 21.41 -56.33
N ILE H 73 26.46 20.81 -56.09
CA ILE H 73 26.03 19.64 -56.85
C ILE H 73 24.64 19.90 -57.40
N LEU H 74 24.50 19.71 -58.70
CA LEU H 74 23.23 19.98 -59.34
C LEU H 74 22.23 18.94 -58.89
N CYS H 75 20.99 19.36 -58.68
CA CYS H 75 19.91 18.45 -58.32
C CYS H 75 18.86 18.43 -59.42
N VAL H 76 18.60 17.26 -59.97
CA VAL H 76 17.54 17.12 -60.97
C VAL H 76 16.47 16.19 -60.41
N SER H 77 15.28 16.28 -61.00
CA SER H 77 14.14 15.44 -60.61
C SER H 77 13.50 15.01 -61.92
N GLU H 78 14.01 13.93 -62.49
CA GLU H 78 13.55 13.43 -63.77
C GLU H 78 13.29 11.92 -63.66
N ARG H 79 12.04 11.50 -63.91
CA ARG H 79 11.72 10.08 -63.82
C ARG H 79 12.42 9.27 -64.91
N ASP H 80 12.50 9.81 -66.13
CA ASP H 80 13.06 9.08 -67.26
C ASP H 80 14.56 9.33 -67.35
N PRO H 81 15.41 8.30 -67.18
CA PRO H 81 16.87 8.52 -67.31
C PRO H 81 17.26 9.11 -68.66
N GLU H 82 16.46 8.86 -69.70
CA GLU H 82 16.75 9.36 -71.04
C GLU H 82 16.79 10.89 -71.09
N LYS H 83 15.99 11.57 -70.26
CA LYS H 83 15.91 13.02 -70.21
C LYS H 83 16.91 13.65 -69.25
N LEU H 84 18.02 12.91 -68.85
CA LEU H 84 18.98 13.50 -67.93
C LEU H 84 20.09 14.25 -68.68
N PRO H 85 20.62 15.35 -68.11
CA PRO H 85 21.62 16.12 -68.84
C PRO H 85 23.06 15.65 -68.65
N TRP H 86 23.28 14.35 -68.92
CA TRP H 86 24.61 13.79 -68.71
C TRP H 86 25.60 14.28 -69.78
N LYS H 87 25.15 14.36 -71.02
CA LYS H 87 26.00 14.91 -72.06
C LYS H 87 26.36 16.35 -71.73
N ASP H 88 25.38 17.10 -71.26
CA ASP H 88 25.60 18.47 -70.86
C ASP H 88 26.62 18.57 -69.73
N LEU H 89 26.54 17.68 -68.76
CA LEU H 89 27.48 17.75 -67.65
C LEU H 89 28.76 16.96 -67.87
N LYS H 90 28.89 16.24 -68.98
CA LYS H 90 30.09 15.45 -69.25
C LYS H 90 30.31 14.44 -68.13
N VAL H 91 29.25 13.69 -67.82
CA VAL H 91 29.27 12.69 -66.76
C VAL H 91 30.12 11.50 -67.18
N ASP H 92 31.16 11.22 -66.39
CA ASP H 92 31.97 10.03 -66.64
C ASP H 92 31.27 8.75 -66.18
N TYR H 93 30.84 8.71 -64.92
CA TYR H 93 30.23 7.52 -64.34
C TYR H 93 28.89 7.88 -63.71
N VAL H 94 27.88 7.06 -63.97
CA VAL H 94 26.58 7.20 -63.35
C VAL H 94 26.38 6.01 -62.41
N ILE H 95 26.10 6.30 -61.15
CA ILE H 95 25.77 5.26 -60.20
C ILE H 95 24.28 5.00 -60.29
N GLU H 96 23.90 3.82 -60.75
CA GLU H 96 22.51 3.42 -60.84
C GLU H 96 22.09 2.79 -59.52
N SER H 97 21.38 3.57 -58.68
CA SER H 97 20.98 3.16 -57.34
C SER H 97 19.51 3.42 -57.08
N THR H 98 18.69 3.48 -58.12
CA THR H 98 17.26 3.59 -57.92
C THR H 98 16.60 2.24 -57.74
N GLY H 99 17.23 1.16 -58.21
CA GLY H 99 16.62 -0.15 -58.22
C GLY H 99 15.67 -0.42 -59.38
N LEU H 100 15.45 0.55 -60.26
CA LEU H 100 14.47 0.41 -61.34
C LEU H 100 15.10 0.21 -62.71
N PHE H 101 16.42 0.23 -62.82
CA PHE H 101 17.11 0.16 -64.10
C PHE H 101 18.28 -0.81 -64.02
N THR H 102 18.00 -2.01 -63.52
CA THR H 102 19.00 -3.06 -63.35
C THR H 102 19.11 -3.97 -64.56
N ASP H 103 18.29 -3.75 -65.58
CA ASP H 103 18.44 -4.41 -66.87
C ASP H 103 19.19 -3.49 -67.84
N ARG H 104 19.65 -4.08 -68.94
CA ARG H 104 20.46 -3.30 -69.88
C ARG H 104 19.63 -2.23 -70.57
N VAL H 105 18.39 -2.55 -70.94
CA VAL H 105 17.55 -1.57 -71.62
C VAL H 105 17.32 -0.35 -70.74
N GLY H 106 17.11 -0.57 -69.43
CA GLY H 106 16.91 0.56 -68.53
C GLY H 106 18.20 1.29 -68.24
N ALA H 107 19.28 0.55 -67.93
CA ALA H 107 20.53 1.21 -67.62
C ALA H 107 21.10 1.93 -68.85
N GLU H 108 20.88 1.40 -70.07
CA GLU H 108 21.41 2.03 -71.28
C GLU H 108 20.85 3.44 -71.48
N LYS H 109 19.74 3.76 -70.79
CA LYS H 109 19.20 5.10 -70.91
C LYS H 109 20.20 6.17 -70.49
N HIS H 110 21.07 5.86 -69.53
CA HIS H 110 22.06 6.84 -69.11
C HIS H 110 23.10 7.11 -70.19
N ILE H 111 23.51 6.05 -70.91
CA ILE H 111 24.49 6.20 -71.98
C ILE H 111 23.90 7.03 -73.12
N LYS H 112 22.62 6.81 -73.45
CA LYS H 112 21.93 7.61 -74.46
C LYS H 112 21.84 9.07 -74.05
N ALA H 113 21.77 9.34 -72.75
CA ALA H 113 21.71 10.70 -72.25
C ALA H 113 23.08 11.40 -72.21
N GLY H 114 24.18 10.65 -72.41
CA GLY H 114 25.51 11.24 -72.50
C GLY H 114 26.54 10.64 -71.54
N ALA H 115 26.10 9.78 -70.63
CA ALA H 115 27.04 9.15 -69.71
C ALA H 115 27.90 8.13 -70.45
N LYS H 116 29.15 7.97 -70.01
CA LYS H 116 30.08 7.02 -70.60
C LYS H 116 30.05 5.66 -69.91
N LYS H 117 29.93 5.59 -68.60
CA LYS H 117 29.92 4.30 -67.93
C LYS H 117 28.77 4.31 -66.93
N VAL H 118 28.18 3.15 -66.72
CA VAL H 118 27.14 3.05 -65.72
C VAL H 118 27.48 1.91 -64.78
N VAL H 119 27.50 2.20 -63.50
CA VAL H 119 27.68 1.19 -62.47
C VAL H 119 26.34 1.00 -61.76
N ILE H 120 25.78 -0.20 -61.90
CA ILE H 120 24.54 -0.63 -61.25
C ILE H 120 24.83 -1.13 -59.84
N SER H 121 24.16 -0.54 -58.86
CA SER H 121 24.37 -0.86 -57.44
C SER H 121 23.44 -1.98 -56.99
N ALA H 122 23.38 -3.02 -57.79
CA ALA H 122 22.54 -4.17 -57.53
C ALA H 122 22.92 -5.26 -58.51
N PRO H 123 22.52 -6.51 -58.27
CA PRO H 123 22.69 -7.51 -59.32
C PRO H 123 21.92 -7.10 -60.55
N ALA H 124 22.51 -7.36 -61.71
CA ALA H 124 21.84 -7.05 -62.96
C ALA H 124 20.79 -8.11 -63.30
N LYS H 125 19.72 -7.68 -63.98
CA LYS H 125 18.75 -8.66 -64.47
C LYS H 125 19.28 -9.42 -65.66
N ASP H 126 20.08 -8.78 -66.52
CA ASP H 126 20.45 -9.35 -67.81
C ASP H 126 21.76 -10.12 -67.71
N LYS H 127 21.86 -11.22 -68.45
CA LYS H 127 23.06 -12.05 -68.35
C LYS H 127 24.28 -11.35 -68.93
N ASP H 128 24.08 -10.46 -69.91
CA ASP H 128 25.15 -9.78 -70.63
C ASP H 128 25.71 -8.52 -69.91
N ILE H 129 25.30 -8.25 -68.68
CA ILE H 129 25.92 -7.18 -67.90
C ILE H 129 26.93 -7.83 -66.93
N PRO H 130 28.20 -7.49 -67.04
CA PRO H 130 29.18 -8.11 -66.13
C PRO H 130 28.98 -7.62 -64.71
N THR H 131 29.22 -8.54 -63.78
CA THR H 131 29.12 -8.29 -62.35
C THR H 131 30.49 -8.48 -61.74
N PHE H 132 30.88 -7.56 -60.88
CA PHE H 132 32.20 -7.59 -60.27
C PHE H 132 32.07 -7.50 -58.76
N VAL H 133 32.93 -8.24 -58.09
CA VAL H 133 33.08 -8.14 -56.66
C VAL H 133 34.53 -7.74 -56.42
N MET H 134 34.74 -6.59 -55.77
CA MET H 134 36.08 -6.10 -55.52
C MET H 134 36.86 -7.12 -54.70
N GLY H 135 38.09 -7.38 -55.12
CA GLY H 135 38.93 -8.37 -54.48
C GLY H 135 38.63 -9.80 -54.90
N VAL H 136 37.70 -10.01 -55.82
CA VAL H 136 37.38 -11.37 -56.20
C VAL H 136 37.61 -11.55 -57.69
N ASN H 137 36.94 -10.73 -58.50
CA ASN H 137 37.04 -10.86 -59.96
C ASN H 137 37.08 -9.50 -60.66
N ASN H 138 37.30 -8.40 -59.93
CA ASN H 138 37.31 -7.08 -60.54
C ASN H 138 38.44 -6.90 -61.56
N GLU H 139 39.49 -7.73 -61.52
CA GLU H 139 40.58 -7.55 -62.46
C GLU H 139 40.18 -7.96 -63.87
N LYS H 140 39.11 -8.72 -63.99
CA LYS H 140 38.55 -9.13 -65.26
C LYS H 140 37.80 -7.98 -65.94
N TYR H 141 37.80 -6.79 -65.35
CA TYR H 141 37.10 -5.67 -65.94
C TYR H 141 37.75 -5.32 -67.27
N ASN H 142 36.93 -5.14 -68.28
CA ASN H 142 37.43 -4.81 -69.60
C ASN H 142 37.05 -3.38 -69.97
N PRO H 143 37.99 -2.43 -69.90
CA PRO H 143 37.62 -1.02 -70.11
C PRO H 143 36.98 -0.74 -71.45
N SER H 144 37.35 -1.49 -72.49
CA SER H 144 36.91 -1.21 -73.85
C SER H 144 35.53 -1.74 -74.18
N ASN H 145 35.00 -2.68 -73.40
CA ASN H 145 33.74 -3.32 -73.76
C ASN H 145 32.71 -3.21 -72.64
N ASP H 146 33.17 -3.18 -71.40
CA ASP H 146 32.25 -3.22 -70.26
C ASP H 146 31.88 -1.79 -69.87
N HIS H 147 30.79 -1.29 -70.45
CA HIS H 147 30.32 0.05 -70.19
C HIS H 147 29.17 0.08 -69.19
N ILE H 148 28.45 -1.02 -69.05
CA ILE H 148 27.43 -1.11 -68.03
C ILE H 148 27.80 -2.32 -67.20
N VAL H 149 28.03 -2.11 -65.91
CA VAL H 149 28.49 -3.17 -65.03
C VAL H 149 27.61 -3.21 -63.79
N SER H 150 27.71 -4.30 -63.05
CA SER H 150 27.01 -4.47 -61.78
C SER H 150 28.04 -4.73 -60.70
N ASN H 151 27.83 -4.14 -59.52
CA ASN H 151 28.65 -4.40 -58.34
C ASN H 151 28.07 -5.52 -57.47
N ALA H 152 27.18 -6.34 -58.03
CA ALA H 152 26.54 -7.46 -57.35
C ALA H 152 25.69 -6.97 -56.19
N SER H 153 25.42 -7.84 -55.21
CA SER H 153 24.61 -7.46 -54.07
C SER H 153 25.48 -7.33 -52.82
N THR H 155 24.96 -9.07 -50.05
CA THR H 155 25.21 -10.44 -49.66
C THR H 155 26.28 -11.14 -50.49
N THR H 156 26.22 -10.99 -51.81
CA THR H 156 27.26 -11.58 -52.64
C THR H 156 28.64 -11.03 -52.24
N ASN H 157 28.73 -9.71 -52.00
CA ASN H 157 30.00 -9.10 -51.59
C ASN H 157 30.50 -9.61 -50.23
N CYS H 158 29.62 -10.09 -49.37
CA CYS H 158 30.11 -10.71 -48.14
C CYS H 158 30.53 -12.16 -48.40
N LEU H 159 29.77 -12.91 -49.20
CA LEU H 159 30.00 -14.34 -49.33
C LEU H 159 31.24 -14.65 -50.18
N ALA H 160 31.45 -13.93 -51.27
CA ALA H 160 32.52 -14.29 -52.20
C ALA H 160 33.91 -14.29 -51.56
N PRO H 161 34.33 -13.27 -50.81
CA PRO H 161 35.68 -13.34 -50.21
C PRO H 161 35.87 -14.58 -49.33
N ILE H 162 34.83 -15.01 -48.60
CA ILE H 162 34.97 -16.23 -47.82
C ILE H 162 35.19 -17.43 -48.74
N VAL H 163 34.36 -17.53 -49.79
CA VAL H 163 34.44 -18.63 -50.76
C VAL H 163 35.80 -18.67 -51.43
N LYS H 164 36.35 -17.52 -51.78
CA LYS H 164 37.64 -17.52 -52.47
C LYS H 164 38.73 -18.12 -51.58
N VAL H 165 38.80 -17.70 -50.31
CA VAL H 165 39.84 -18.25 -49.44
C VAL H 165 39.66 -19.75 -49.24
N VAL H 166 38.43 -20.19 -48.96
CA VAL H 166 38.21 -21.62 -48.72
C VAL H 166 38.53 -22.41 -49.97
N LEU H 167 37.97 -21.99 -51.10
CA LEU H 167 38.18 -22.74 -52.33
C LEU H 167 39.66 -22.82 -52.67
N ASP H 168 40.37 -21.69 -52.54
CA ASP H 168 41.77 -21.64 -52.92
C ASP H 168 42.62 -22.57 -52.06
N ASN H 169 42.20 -22.86 -50.83
CA ASN H 169 43.02 -23.63 -49.91
C ASN H 169 42.58 -25.07 -49.69
N TRP H 170 41.28 -25.35 -49.70
CA TRP H 170 40.79 -26.69 -49.38
C TRP H 170 39.69 -27.16 -50.31
N GLY H 171 39.31 -26.37 -51.32
CA GLY H 171 38.29 -26.76 -52.26
C GLY H 171 36.91 -26.78 -51.65
N ILE H 172 35.90 -26.79 -52.51
CA ILE H 172 34.51 -26.83 -52.08
C ILE H 172 33.80 -27.92 -52.88
N GLU H 173 33.23 -28.89 -52.18
CA GLU H 173 32.35 -29.87 -52.80
C GLU H 173 30.91 -29.36 -52.87
N GLU H 174 30.39 -28.83 -51.77
CA GLU H 174 29.05 -28.28 -51.74
C GLU H 174 28.99 -27.23 -50.64
N GLY H 175 28.05 -26.31 -50.80
CA GLY H 175 27.91 -25.24 -49.84
C GLY H 175 26.53 -24.66 -49.87
N LEU H 176 25.92 -24.46 -48.69
CA LEU H 176 24.62 -23.83 -48.57
C LEU H 176 24.70 -22.66 -47.59
N MET H 177 24.25 -21.49 -48.05
CA MET H 177 24.36 -20.28 -47.27
C MET H 177 22.97 -19.83 -46.86
N THR H 178 22.88 -19.26 -45.66
CA THR H 178 21.73 -18.52 -45.19
C THR H 178 22.24 -17.16 -44.76
N THR H 179 21.59 -16.10 -45.21
CA THR H 179 21.92 -14.76 -44.72
C THR H 179 20.76 -14.33 -43.84
N ILE H 180 21.09 -13.91 -42.61
CA ILE H 180 20.16 -13.23 -41.73
C ILE H 180 20.36 -11.74 -42.00
N HIS H 181 19.40 -11.14 -42.72
CA HIS H 181 19.59 -9.86 -43.37
C HIS H 181 18.77 -8.78 -42.65
N ALA H 182 19.37 -7.61 -42.49
CA ALA H 182 18.65 -6.48 -41.94
C ALA H 182 17.50 -6.06 -42.87
N THR H 183 16.51 -5.40 -42.28
CA THR H 183 15.41 -4.84 -43.06
C THR H 183 15.95 -3.78 -44.02
N THR H 184 15.30 -3.65 -45.18
CA THR H 184 15.66 -2.65 -46.17
C THR H 184 14.42 -1.89 -46.62
N ALA H 185 14.65 -0.91 -47.50
CA ALA H 185 13.58 -0.04 -47.98
C ALA H 185 12.53 -0.80 -48.76
N THR H 186 12.85 -2.01 -49.22
CA THR H 186 11.89 -2.80 -49.99
C THR H 186 10.74 -3.31 -49.15
N GLN H 187 10.91 -3.38 -47.84
CA GLN H 187 9.87 -3.98 -47.02
C GLN H 187 9.01 -2.90 -46.38
N PRO H 188 7.71 -3.19 -46.23
CA PRO H 188 6.83 -2.25 -45.55
C PRO H 188 6.94 -2.37 -44.03
N THR H 189 6.44 -1.35 -43.36
CA THR H 189 6.37 -1.40 -41.91
C THR H 189 5.25 -2.31 -41.44
N VAL H 190 4.16 -2.42 -42.22
CA VAL H 190 2.99 -3.21 -41.85
C VAL H 190 2.56 -4.07 -43.04
N ASP H 191 1.76 -5.09 -42.75
CA ASP H 191 1.39 -6.04 -43.79
C ASP H 191 0.76 -5.31 -44.97
N GLY H 192 1.28 -5.57 -46.17
CA GLY H 192 0.80 -4.96 -47.39
C GLY H 192 1.01 -5.84 -48.61
N PRO H 193 0.52 -5.39 -49.76
CA PRO H 193 0.63 -6.20 -50.98
C PRO H 193 2.07 -6.31 -51.45
N SER H 194 2.35 -7.39 -52.18
CA SER H 194 3.64 -7.61 -52.82
C SER H 194 3.53 -8.73 -53.83
N LYS H 195 3.26 -8.39 -55.10
CA LYS H 195 2.98 -9.41 -56.10
C LYS H 195 4.17 -10.31 -56.38
N LYS H 196 5.39 -9.77 -56.23
CA LYS H 196 6.58 -10.51 -56.62
C LYS H 196 6.97 -11.52 -55.53
N ASP H 197 6.65 -11.24 -54.26
CA ASP H 197 6.85 -12.21 -53.18
C ASP H 197 5.93 -11.79 -52.03
N PHE H 198 4.90 -12.59 -51.78
CA PHE H 198 3.92 -12.27 -50.76
C PHE H 198 4.59 -12.01 -49.41
N ARG H 199 5.56 -12.84 -49.03
CA ARG H 199 6.24 -12.63 -47.76
C ARG H 199 6.89 -11.25 -47.70
N GLY H 200 7.41 -10.77 -48.83
CA GLY H 200 8.04 -9.46 -48.84
C GLY H 200 7.11 -8.32 -48.48
N GLY H 201 5.80 -8.52 -48.57
CA GLY H 201 4.89 -7.47 -48.16
C GLY H 201 4.51 -7.52 -46.70
N ARG H 202 4.94 -8.57 -46.00
CA ARG H 202 4.58 -8.69 -44.60
C ARG H 202 5.40 -7.71 -43.76
N GLY H 203 4.81 -7.31 -42.62
CA GLY H 203 5.39 -6.32 -41.76
C GLY H 203 6.80 -6.67 -41.32
N ALA H 204 7.73 -5.77 -41.61
CA ALA H 204 9.12 -5.97 -41.27
C ALA H 204 9.39 -5.75 -39.78
N MET H 205 8.56 -4.96 -39.10
CA MET H 205 8.83 -4.74 -37.68
C MET H 205 8.50 -5.95 -36.84
N GLN H 206 7.64 -6.82 -37.34
CA GLN H 206 7.09 -7.87 -36.54
C GLN H 206 7.71 -9.22 -36.80
N ASN H 207 8.27 -9.45 -37.98
CA ASN H 207 8.44 -10.82 -38.45
C ASN H 207 9.87 -11.22 -38.72
N ILE H 208 10.13 -12.52 -38.56
CA ILE H 208 11.18 -13.20 -39.30
C ILE H 208 10.58 -13.58 -40.65
N ILE H 209 11.22 -13.14 -41.72
CA ILE H 209 10.64 -13.25 -43.06
C ILE H 209 11.59 -13.99 -44.01
N PRO H 210 11.27 -15.22 -44.42
CA PRO H 210 12.11 -15.91 -45.40
C PRO H 210 12.12 -15.16 -46.72
N ALA H 211 13.27 -15.15 -47.37
CA ALA H 211 13.43 -14.48 -48.64
C ALA H 211 14.33 -15.31 -49.52
N SER H 212 14.14 -15.18 -50.83
CA SER H 212 15.04 -15.79 -51.80
C SER H 212 16.20 -14.86 -52.08
N THR H 213 17.34 -15.43 -52.41
CA THR H 213 18.52 -14.66 -52.76
C THR H 213 19.21 -15.27 -53.97
N GLY H 214 19.76 -14.44 -54.84
CA GLY H 214 20.63 -14.93 -55.88
C GLY H 214 22.09 -14.86 -55.50
N ALA H 215 22.38 -14.54 -54.23
CA ALA H 215 23.77 -14.30 -53.84
C ALA H 215 24.61 -15.54 -54.03
N ALA H 216 24.09 -16.72 -53.71
CA ALA H 216 24.86 -17.94 -53.90
C ALA H 216 25.14 -18.17 -55.38
N LYS H 217 24.10 -18.11 -56.22
CA LYS H 217 24.32 -18.23 -57.67
C LYS H 217 25.28 -17.16 -58.21
N ALA H 218 25.31 -15.98 -57.61
CA ALA H 218 26.18 -14.90 -58.16
C ALA H 218 27.65 -15.12 -57.80
N VAL H 219 27.93 -15.73 -56.67
CA VAL H 219 29.33 -16.07 -56.30
C VAL H 219 29.82 -17.10 -57.31
N GLY H 220 29.01 -18.11 -57.56
CA GLY H 220 29.35 -19.11 -58.58
C GLY H 220 29.71 -18.44 -59.89
N LEU H 221 29.06 -17.34 -60.20
CA LEU H 221 29.43 -16.63 -61.41
C LEU H 221 30.78 -15.93 -61.23
N CYS H 222 30.93 -15.21 -60.11
CA CYS H 222 32.16 -14.48 -59.85
C CYS H 222 33.31 -15.42 -59.56
N ILE H 223 33.01 -16.60 -59.03
CA ILE H 223 34.01 -17.62 -58.80
C ILE H 223 33.54 -18.84 -59.59
N PRO H 224 33.79 -18.89 -60.90
CA PRO H 224 33.23 -19.99 -61.71
C PRO H 224 33.61 -21.37 -61.22
N GLU H 225 34.78 -21.53 -60.59
CA GLU H 225 35.22 -22.85 -60.12
C GLU H 225 34.22 -23.47 -59.16
N VAL H 226 33.41 -22.65 -58.48
CA VAL H 226 32.45 -23.13 -57.49
C VAL H 226 31.02 -23.14 -58.04
N ASN H 227 30.83 -22.86 -59.33
CA ASN H 227 29.49 -22.82 -59.88
C ASN H 227 28.82 -24.20 -59.85
N GLY H 228 27.53 -24.18 -59.51
CA GLY H 228 26.71 -25.36 -59.34
C GLY H 228 26.84 -26.06 -58.00
N LYS H 229 27.78 -25.63 -57.14
CA LYS H 229 28.09 -26.28 -55.88
C LYS H 229 27.60 -25.55 -54.63
N LEU H 230 26.92 -24.41 -54.78
CA LEU H 230 26.43 -23.65 -53.66
C LEU H 230 25.05 -23.09 -53.96
N THR H 231 24.19 -23.10 -52.95
CA THR H 231 22.92 -22.40 -53.02
C THR H 231 22.68 -21.66 -51.69
N GLY H 232 21.58 -20.92 -51.61
CA GLY H 232 21.34 -20.15 -50.41
C GLY H 232 19.93 -19.63 -50.37
N MET H 233 19.59 -19.09 -49.20
CA MET H 233 18.31 -18.45 -48.93
C MET H 233 18.58 -17.33 -47.94
N SER H 234 17.51 -16.66 -47.51
CA SER H 234 17.67 -15.51 -46.63
C SER H 234 16.51 -15.43 -45.65
N PHE H 235 16.77 -14.83 -44.50
CA PHE H 235 15.75 -14.50 -43.52
C PHE H 235 15.93 -13.02 -43.19
N ARG H 236 14.94 -12.21 -43.55
CA ARG H 236 14.89 -10.81 -43.12
C ARG H 236 14.45 -10.72 -41.66
N VAL H 237 15.15 -9.91 -40.84
CA VAL H 237 14.79 -9.77 -39.44
C VAL H 237 14.66 -8.28 -39.10
N PRO H 238 14.00 -7.96 -38.01
CA PRO H 238 13.73 -6.54 -37.69
C PRO H 238 14.94 -5.78 -37.16
N THR H 239 15.97 -5.60 -37.98
CA THR H 239 16.99 -4.63 -37.58
C THR H 239 17.18 -3.65 -38.71
N PRO H 240 17.57 -2.40 -38.42
CA PRO H 240 17.70 -1.40 -39.47
C PRO H 240 18.97 -1.55 -40.33
N ASP H 241 19.99 -2.28 -39.89
CA ASP H 241 21.18 -2.39 -40.73
C ASP H 241 22.12 -3.44 -40.16
N VAL H 242 23.04 -3.89 -41.01
CA VAL H 242 24.05 -4.90 -40.70
C VAL H 242 23.46 -6.31 -40.81
N SER H 243 24.14 -7.19 -41.54
CA SER H 243 23.65 -8.53 -41.76
C SER H 243 24.76 -9.54 -41.48
N VAL H 244 24.40 -10.82 -41.53
CA VAL H 244 25.37 -11.88 -41.27
C VAL H 244 25.17 -13.02 -42.26
N VAL H 245 26.27 -13.57 -42.74
CA VAL H 245 26.22 -14.73 -43.63
C VAL H 245 26.56 -15.96 -42.81
N ASP H 246 25.84 -17.05 -43.08
CA ASP H 246 25.95 -18.30 -42.35
C ASP H 246 26.13 -19.41 -43.39
N LEU H 247 27.36 -19.91 -43.57
CA LEU H 247 27.69 -20.77 -44.70
C LEU H 247 28.12 -22.15 -44.21
N THR H 248 27.33 -23.18 -44.55
CA THR H 248 27.70 -24.57 -44.35
C THR H 248 28.46 -25.06 -45.59
N VAL H 249 29.70 -25.50 -45.39
CA VAL H 249 30.61 -25.86 -46.47
C VAL H 249 31.11 -27.27 -46.26
N ARG H 250 31.07 -28.08 -47.32
CA ARG H 250 31.75 -29.37 -47.38
C ARG H 250 32.97 -29.12 -48.25
N THR H 251 34.15 -29.20 -47.66
CA THR H 251 35.41 -28.95 -48.36
C THR H 251 35.93 -30.22 -49.04
N THR H 252 36.97 -30.06 -49.88
CA THR H 252 37.70 -31.16 -50.54
C THR H 252 38.89 -31.68 -49.72
N LYS H 253 39.71 -30.78 -49.19
CA LYS H 253 40.76 -31.26 -48.32
C LYS H 253 40.26 -31.26 -46.88
N GLU H 254 40.78 -32.19 -46.07
CA GLU H 254 40.51 -32.13 -44.63
C GLU H 254 41.25 -30.93 -44.02
N THR H 255 40.62 -30.26 -43.06
CA THR H 255 41.23 -29.08 -42.46
C THR H 255 40.65 -28.91 -41.06
N SER H 256 40.88 -27.74 -40.47
CA SER H 256 40.36 -27.44 -39.15
C SER H 256 40.01 -25.96 -39.07
N LEU H 257 39.18 -25.64 -38.08
CA LEU H 257 38.74 -24.28 -37.88
C LEU H 257 39.94 -23.37 -37.60
N LYS H 258 40.93 -23.88 -36.88
CA LYS H 258 42.12 -23.08 -36.60
C LYS H 258 42.85 -22.77 -37.91
N GLU H 259 42.96 -23.77 -38.79
CA GLU H 259 43.59 -23.54 -40.08
C GLU H 259 42.77 -22.58 -40.94
N ILE H 260 41.45 -22.74 -40.95
CA ILE H 260 40.62 -21.84 -41.75
C ILE H 260 40.80 -20.40 -41.27
N SER H 261 40.72 -20.21 -39.95
CA SER H 261 40.86 -18.89 -39.35
C SER H 261 42.22 -18.28 -39.69
N ALA H 262 43.27 -19.11 -39.67
CA ALA H 262 44.60 -18.60 -39.99
C ALA H 262 44.64 -18.04 -41.40
N LYS H 263 44.03 -18.75 -42.36
CA LYS H 263 44.05 -18.26 -43.74
C LYS H 263 43.18 -17.01 -43.88
N MET H 264 42.02 -16.98 -43.19
CA MET H 264 41.15 -15.79 -43.18
C MET H 264 41.92 -14.57 -42.68
N LYS H 265 42.60 -14.67 -41.54
CA LYS H 265 43.33 -13.52 -41.02
C LYS H 265 44.46 -13.12 -41.96
N ALA H 266 45.15 -14.11 -42.50
CA ALA H 266 46.19 -13.86 -43.47
C ALA H 266 45.65 -13.05 -44.64
N ALA H 267 44.49 -13.45 -45.16
CA ALA H 267 43.88 -12.67 -46.25
C ALA H 267 43.49 -11.27 -45.77
N SER H 268 42.93 -11.14 -44.57
CA SER H 268 42.45 -9.84 -44.10
C SER H 268 43.59 -8.82 -43.96
N GLU H 269 44.80 -9.29 -43.67
CA GLU H 269 45.99 -8.46 -43.49
C GLU H 269 46.78 -8.29 -44.78
N GLY H 270 46.50 -9.09 -45.82
CA GLY H 270 47.26 -9.07 -47.05
C GLY H 270 46.46 -8.71 -48.28
N ALA H 271 46.21 -9.71 -49.13
CA ALA H 271 45.63 -9.45 -50.45
C ALA H 271 44.21 -8.90 -50.38
N MET H 272 43.42 -9.36 -49.43
CA MET H 272 42.05 -8.89 -49.27
C MET H 272 41.92 -7.83 -48.19
N LYS H 273 43.02 -7.18 -47.85
CA LYS H 273 43.00 -6.09 -46.88
C LYS H 273 42.02 -5.00 -47.32
N GLY H 274 41.23 -4.49 -46.38
CA GLY H 274 40.21 -3.52 -46.68
C GLY H 274 38.94 -4.11 -47.26
N ILE H 275 38.97 -5.38 -47.64
CA ILE H 275 37.79 -6.08 -48.14
C ILE H 275 37.31 -7.11 -47.13
N LEU H 276 38.20 -8.02 -46.75
CA LEU H 276 37.91 -9.08 -45.79
C LEU H 276 38.47 -8.68 -44.43
N GLY H 277 37.61 -8.72 -43.41
CA GLY H 277 38.01 -8.43 -42.04
C GLY H 277 38.04 -9.71 -41.21
N TYR H 278 38.72 -9.68 -40.07
CA TYR H 278 38.86 -10.86 -39.23
C TYR H 278 38.76 -10.45 -37.76
N THR H 279 37.96 -11.20 -36.99
CA THR H 279 37.81 -10.91 -35.58
C THR H 279 37.68 -12.22 -34.83
N GLU H 280 38.15 -12.20 -33.58
CA GLU H 280 37.96 -13.27 -32.61
C GLU H 280 37.17 -12.81 -31.40
N ASP H 281 36.58 -11.62 -31.44
CA ASP H 281 35.83 -11.06 -30.33
C ASP H 281 34.37 -11.52 -30.37
N MET H 282 33.70 -11.37 -29.23
CA MET H 282 32.32 -11.80 -29.07
C MET H 282 31.37 -10.74 -29.68
N VAL H 283 31.46 -10.61 -31.00
CA VAL H 283 30.78 -9.50 -31.65
C VAL H 283 29.32 -9.82 -31.94
N VAL H 284 28.52 -8.76 -32.01
CA VAL H 284 27.13 -8.82 -32.43
C VAL H 284 26.93 -7.78 -33.51
N SER H 285 25.72 -7.72 -34.10
CA SER H 285 25.52 -6.99 -35.35
C SER H 285 25.91 -5.52 -35.22
N ASN H 286 25.51 -4.86 -34.13
CA ASN H 286 25.79 -3.43 -34.07
C ASN H 286 27.27 -3.12 -33.91
N ASP H 287 28.08 -4.10 -33.57
CA ASP H 287 29.51 -3.86 -33.56
C ASP H 287 30.08 -3.60 -34.94
N PHE H 288 29.28 -3.69 -36.00
CA PHE H 288 29.75 -3.45 -37.34
C PHE H 288 29.06 -2.28 -38.03
N VAL H 289 28.30 -1.47 -37.28
CA VAL H 289 27.63 -0.34 -37.90
C VAL H 289 28.63 0.64 -38.47
N SER H 290 28.49 0.94 -39.76
CA SER H 290 29.34 1.83 -40.55
C SER H 290 30.69 1.23 -40.89
N SER H 291 30.84 -0.09 -40.75
CA SER H 291 32.06 -0.73 -41.22
C SER H 291 32.12 -0.65 -42.74
N THR H 292 33.31 -0.37 -43.27
CA THR H 292 33.53 -0.30 -44.72
C THR H 292 33.97 -1.62 -45.32
N LEU H 293 34.08 -2.68 -44.53
CA LEU H 293 34.50 -3.97 -45.06
C LEU H 293 33.35 -4.68 -45.76
N SER H 294 33.70 -5.51 -46.76
CA SER H 294 32.68 -6.30 -47.43
C SER H 294 32.25 -7.47 -46.56
N SER H 295 33.16 -7.96 -45.73
CA SER H 295 32.98 -9.24 -45.07
C SER H 295 33.90 -9.26 -43.84
N ILE H 296 33.37 -9.70 -42.70
CA ILE H 296 34.17 -9.79 -41.47
C ILE H 296 34.00 -11.19 -40.93
N PHE H 297 35.06 -11.99 -41.03
CA PHE H 297 35.04 -13.37 -40.56
C PHE H 297 35.00 -13.41 -39.04
N ASP H 298 34.05 -14.14 -38.50
CA ASP H 298 33.78 -14.23 -37.06
C ASP H 298 34.25 -15.60 -36.59
N MET H 299 35.48 -15.66 -36.06
CA MET H 299 36.09 -16.93 -35.69
C MET H 299 35.28 -17.64 -34.61
N ASP H 300 34.86 -16.93 -33.55
CA ASP H 300 34.17 -17.61 -32.45
C ASP H 300 32.80 -18.18 -32.84
N ALA H 301 32.08 -17.53 -33.75
CA ALA H 301 30.78 -18.07 -34.13
C ALA H 301 30.88 -19.30 -35.05
N CYS H 302 32.01 -19.53 -35.71
CA CYS H 302 32.13 -20.70 -36.58
C CYS H 302 32.09 -21.98 -35.74
N ILE H 303 31.64 -23.07 -36.36
CA ILE H 303 31.61 -24.39 -35.76
C ILE H 303 32.12 -25.39 -36.80
N GLU H 304 32.80 -26.43 -36.32
CA GLU H 304 33.31 -27.51 -37.17
C GLU H 304 32.57 -28.79 -36.80
N LEU H 305 31.88 -29.37 -37.77
CA LEU H 305 31.32 -30.69 -37.53
C LEU H 305 32.40 -31.76 -37.63
N ASN H 306 33.25 -31.69 -38.66
CA ASN H 306 34.36 -32.61 -38.83
C ASN H 306 35.39 -31.93 -39.72
N SER H 307 36.44 -32.68 -40.10
CA SER H 307 37.56 -32.11 -40.85
C SER H 307 37.14 -31.66 -42.24
N ARG H 308 35.93 -31.96 -42.71
CA ARG H 308 35.51 -31.47 -44.02
C ARG H 308 34.17 -30.72 -44.00
N PHE H 309 33.53 -30.58 -42.85
CA PHE H 309 32.24 -29.89 -42.75
C PHE H 309 32.30 -28.75 -41.75
N PHE H 310 32.13 -27.53 -42.23
CA PHE H 310 32.21 -26.36 -41.38
C PHE H 310 30.99 -25.48 -41.60
N LYS H 311 30.72 -24.64 -40.61
CA LYS H 311 29.71 -23.61 -40.76
C LYS H 311 30.42 -22.32 -40.42
N LEU H 312 30.66 -21.49 -41.43
CA LEU H 312 31.45 -20.27 -41.29
C LEU H 312 30.51 -19.08 -41.26
N VAL H 313 30.83 -18.10 -40.40
CA VAL H 313 30.00 -16.93 -40.14
C VAL H 313 30.79 -15.69 -40.52
N SER H 314 30.17 -14.78 -41.25
CA SER H 314 30.85 -13.55 -41.62
C SER H 314 29.82 -12.44 -41.68
N TRP H 315 30.14 -11.30 -41.08
CA TRP H 315 29.29 -10.12 -40.97
C TRP H 315 29.49 -9.16 -42.13
N TYR H 316 28.50 -8.30 -42.33
CA TYR H 316 28.66 -7.18 -43.25
C TYR H 316 27.61 -6.12 -42.95
N ASP H 317 28.04 -4.87 -43.01
CA ASP H 317 27.13 -3.73 -42.99
C ASP H 317 26.59 -3.57 -44.41
N ASN H 318 25.42 -4.17 -44.67
CA ASN H 318 24.89 -4.22 -46.02
C ASN H 318 24.73 -2.85 -46.67
N GLU H 319 24.69 -1.78 -45.87
CA GLU H 319 24.63 -0.42 -46.39
C GLU H 319 26.03 0.15 -46.59
N MET H 320 26.82 0.23 -45.52
CA MET H 320 28.08 0.97 -45.63
C MET H 320 29.12 0.22 -46.45
N GLY H 321 29.25 -1.09 -46.23
CA GLY H 321 30.24 -1.85 -46.96
C GLY H 321 30.03 -1.81 -48.45
N TYR H 322 28.79 -2.01 -48.87
CA TYR H 322 28.49 -2.00 -50.29
C TYR H 322 28.76 -0.62 -50.89
N SER H 323 28.38 0.45 -50.20
CA SER H 323 28.58 1.78 -50.78
C SER H 323 30.05 2.00 -51.07
N ASN H 324 30.92 1.53 -50.18
CA ASN H 324 32.35 1.70 -50.40
C ASN H 324 32.84 0.84 -51.55
N ARG H 325 32.31 -0.38 -51.67
CA ARG H 325 32.72 -1.21 -52.78
C ARG H 325 32.35 -0.55 -54.10
N VAL H 326 31.19 0.11 -54.14
CA VAL H 326 30.79 0.84 -55.34
C VAL H 326 31.86 1.88 -55.70
N LEU H 327 32.34 2.62 -54.70
CA LEU H 327 33.40 3.61 -54.91
C LEU H 327 34.72 2.95 -55.30
N ASP H 328 35.10 1.88 -54.60
CA ASP H 328 36.35 1.19 -54.96
C ASP H 328 36.31 0.73 -56.41
N LEU H 329 35.18 0.15 -56.84
CA LEU H 329 35.03 -0.31 -58.22
C LEU H 329 35.13 0.83 -59.23
N ILE H 330 34.39 1.91 -58.98
CA ILE H 330 34.51 3.06 -59.87
C ILE H 330 35.96 3.51 -59.95
N ARG H 331 36.65 3.57 -58.80
CA ARG H 331 38.04 4.03 -58.79
C ARG H 331 38.92 3.11 -59.61
N TYR H 332 38.72 1.81 -59.46
CA TYR H 332 39.51 0.82 -60.24
C TYR H 332 39.25 1.01 -61.73
N MET H 333 38.00 1.22 -62.10
CA MET H 333 37.66 1.35 -63.54
C MET H 333 38.30 2.61 -64.09
N ALA H 334 38.43 3.65 -63.28
CA ALA H 334 38.96 4.93 -63.75
C ALA H 334 40.46 4.81 -64.02
N LYS H 335 41.17 4.00 -63.25
CA LYS H 335 42.61 3.79 -63.48
C LYS H 335 42.80 2.78 -64.62
#